data_2VAX
#
_entry.id   2VAX
#
_cell.length_a   121.357
_cell.length_b   109.288
_cell.length_c   195.388
_cell.angle_alpha   90.00
_cell.angle_beta   90.03
_cell.angle_gamma   90.00
#
_symmetry.space_group_name_H-M   'P 1 21 1'
#
loop_
_entity.id
_entity.type
_entity.pdbx_description
1 polymer 'ACETYL-COA--DEACETYLCEPHALOSPORIN C ACETYLTRANSFERASE'
2 non-polymer 4-(3-ACETOXYMETHYL-2-CARBOXY-8-OXO-5-THIA-1-AZA-BICYCLO[4.2.0]OCT-2-EN-7-YLCARBAMOYL)-1-CARBOXY-BUTYL-AMMONIUM
3 non-polymer 'ACETATE ION'
4 water water
#
_entity_poly.entity_id   1
_entity_poly.type   'polypeptide(L)'
_entity_poly.pdbx_seq_one_letter_code
;MLPSAQVARLKPDPFPPSLSPIPHGAVTFAALAPCHNLPIFSSRQMLRDSLTYSHTSPTMSPQIANRFEASLDAQDIARI
SLFTLESGVILRDVPVAYKSWGRMNVSRDNCVIVCHTLTSSAHVTSWWPTLFGQGRAFDTSRYFIICLNYLGSPFGSAGP
CSPDPDAEGQRPYGAKFPRTTIRDDVRIHRQVLDRLGVRQIAAVVGA(OAS)MGGMHTLEWAFFGPEYVRKIVPIATSCR
QSGWCAAWFETQRQCIYDDPKYLDGEYDVDDQPVRGLETARKIANLTYKSKPAMDERFHMAPGVQAGRNISSQDAKKEIN
GTDSGNSHRAGQPIEAVSSYLRYQAQKFAASFDANCYIAMTLKFDTHDISRGRAGSIPEALAMITQPALIICARSDGLYS
FDEHVEMGRSIPNSRLCVVDTNEGHDFFVMEADKVNDAVRGFLDQSLM
;
_entity_poly.pdbx_strand_id   A,B,C,D,E,F,G,H,I,J,K,L
#
# COMPACT_ATOMS: atom_id res chain seq x y z
N ASN A 66 14.55 -18.36 33.50
CA ASN A 66 14.96 -18.82 32.12
C ASN A 66 16.40 -19.38 32.10
N ARG A 67 16.51 -20.72 32.18
CA ARG A 67 17.82 -21.40 32.25
C ARG A 67 18.66 -21.27 30.98
N PHE A 68 18.01 -21.05 29.84
CA PHE A 68 18.72 -20.90 28.58
C PHE A 68 19.46 -19.58 28.51
N GLU A 69 18.77 -18.51 28.86
CA GLU A 69 19.37 -17.18 28.99
C GLU A 69 20.39 -17.16 30.11
N ALA A 70 20.07 -17.79 31.25
CA ALA A 70 21.01 -17.91 32.36
C ALA A 70 22.39 -18.50 31.99
N SER A 71 22.46 -19.37 30.98
CA SER A 71 23.73 -20.07 30.62
C SER A 71 24.70 -19.19 29.77
N LEU A 72 24.22 -18.02 29.37
CA LEU A 72 24.97 -17.11 28.53
C LEU A 72 25.96 -16.21 29.29
N ASP A 73 26.90 -15.59 28.57
CA ASP A 73 27.72 -14.58 29.17
C ASP A 73 26.86 -13.33 29.38
N ALA A 74 27.46 -12.29 29.95
CA ALA A 74 26.75 -11.06 30.24
C ALA A 74 26.26 -10.40 28.97
N GLN A 75 25.05 -9.82 29.04
CA GLN A 75 24.47 -9.07 27.93
C GLN A 75 23.49 -8.02 28.43
N ASP A 76 23.22 -7.03 27.60
CA ASP A 76 22.25 -5.99 27.93
C ASP A 76 20.85 -6.42 27.52
N ILE A 77 19.86 -5.81 28.19
CA ILE A 77 18.43 -6.02 27.91
C ILE A 77 17.79 -4.64 27.80
N ALA A 78 17.24 -4.30 26.64
CA ALA A 78 16.40 -3.11 26.54
C ALA A 78 14.92 -3.52 26.79
N ARG A 79 14.12 -2.67 27.41
CA ARG A 79 12.72 -3.04 27.60
C ARG A 79 11.84 -2.04 26.89
N ILE A 80 10.96 -2.56 26.03
CA ILE A 80 10.09 -1.70 25.25
C ILE A 80 8.74 -1.85 25.91
N SER A 81 8.13 -0.78 26.39
CA SER A 81 6.96 -1.02 27.24
C SER A 81 5.74 -1.46 26.43
N LEU A 82 5.65 -0.99 25.19
CA LEU A 82 4.58 -1.43 24.29
C LEU A 82 5.09 -1.59 22.89
N PHE A 83 4.82 -2.76 22.30
CA PHE A 83 5.19 -3.01 20.91
C PHE A 83 4.06 -3.68 20.16
N THR A 84 3.70 -3.09 19.03
CA THR A 84 2.64 -3.64 18.18
C THR A 84 3.21 -4.51 17.07
N LEU A 85 3.01 -5.82 17.19
CA LEU A 85 3.37 -6.77 16.13
C LEU A 85 2.55 -6.50 14.88
N GLU A 86 3.08 -6.88 13.72
CA GLU A 86 2.34 -6.54 12.52
C GLU A 86 1.05 -7.31 12.39
N SER A 87 0.90 -8.41 13.14
CA SER A 87 -0.39 -9.05 13.29
C SER A 87 -1.42 -8.09 13.92
N GLY A 88 -0.91 -7.11 14.69
CA GLY A 88 -1.77 -6.26 15.50
C GLY A 88 -1.78 -6.68 16.96
N VAL A 89 -1.09 -7.76 17.31
CA VAL A 89 -0.99 -8.15 18.69
C VAL A 89 -0.02 -7.18 19.40
N ILE A 90 -0.38 -6.79 20.61
CA ILE A 90 0.45 -5.89 21.36
C ILE A 90 1.22 -6.65 22.43
N LEU A 91 2.53 -6.57 22.36
CA LEU A 91 3.37 -7.09 23.44
C LEU A 91 3.66 -6.00 24.44
N ARG A 92 3.65 -6.38 25.72
CA ARG A 92 3.90 -5.40 26.78
C ARG A 92 5.18 -5.70 27.47
N ASP A 93 5.89 -4.62 27.82
CA ASP A 93 7.10 -4.67 28.65
C ASP A 93 8.04 -5.72 28.11
N VAL A 94 8.49 -5.51 26.89
CA VAL A 94 9.14 -6.51 26.04
C VAL A 94 10.66 -6.43 26.19
N PRO A 95 11.30 -7.50 26.68
CA PRO A 95 12.76 -7.48 26.66
C PRO A 95 13.34 -7.73 25.26
N VAL A 96 14.39 -7.01 24.93
CA VAL A 96 15.16 -7.25 23.75
C VAL A 96 16.63 -7.39 24.20
N ALA A 97 17.18 -8.60 24.18
CA ALA A 97 18.56 -8.81 24.60
C ALA A 97 19.47 -8.44 23.48
N TYR A 98 20.67 -8.01 23.83
CA TYR A 98 21.67 -7.73 22.81
C TYR A 98 23.06 -7.73 23.40
N LYS A 99 24.03 -7.61 22.51
CA LYS A 99 25.41 -7.67 22.87
C LYS A 99 26.12 -6.77 21.88
N SER A 100 27.02 -5.92 22.38
CA SER A 100 27.81 -5.09 21.47
C SER A 100 29.25 -5.09 21.86
N TRP A 101 30.09 -4.70 20.91
CA TRP A 101 31.50 -4.70 21.03
C TRP A 101 31.90 -3.42 20.36
N GLY A 102 32.92 -2.76 20.93
CA GLY A 102 33.49 -1.55 20.36
C GLY A 102 32.69 -0.34 20.82
N ARG A 103 32.98 0.82 20.23
CA ARG A 103 32.40 2.03 20.73
C ARG A 103 31.90 2.90 19.58
N MET A 104 30.81 3.62 19.83
CA MET A 104 30.27 4.46 18.78
C MET A 104 31.14 5.71 18.58
N ASN A 105 31.38 6.10 17.34
CA ASN A 105 32.11 7.34 17.15
C ASN A 105 31.19 8.55 17.48
N VAL A 106 31.73 9.75 17.34
CA VAL A 106 31.05 10.94 17.89
C VAL A 106 29.83 11.19 17.03
N SER A 107 30.01 10.88 15.75
CA SER A 107 28.99 10.99 14.73
C SER A 107 27.89 9.90 14.86
N ARG A 108 28.08 8.93 15.76
CA ARG A 108 27.21 7.77 15.93
C ARG A 108 26.74 7.09 14.62
N ASP A 109 27.69 6.89 13.69
CA ASP A 109 27.43 6.38 12.34
C ASP A 109 28.42 5.26 11.89
N ASN A 110 29.12 4.69 12.85
CA ASN A 110 30.01 3.57 12.58
C ASN A 110 29.43 2.27 13.14
N CYS A 111 28.09 2.16 13.14
CA CYS A 111 27.41 0.99 13.69
C CYS A 111 27.30 -0.11 12.64
N VAL A 112 27.68 -1.32 13.07
CA VAL A 112 27.60 -2.51 12.23
C VAL A 112 26.71 -3.49 12.99
N ILE A 113 25.60 -3.87 12.34
CA ILE A 113 24.62 -4.82 12.90
C ILE A 113 24.92 -6.19 12.34
N VAL A 114 25.10 -7.15 13.24
CA VAL A 114 25.20 -8.55 12.82
C VAL A 114 23.89 -9.24 13.21
N CYS A 115 23.24 -9.90 12.25
CA CYS A 115 22.00 -10.63 12.52
C CYS A 115 22.31 -12.12 12.71
N HIS A 116 21.93 -12.68 13.86
CA HIS A 116 22.42 -14.04 14.16
C HIS A 116 21.65 -15.15 13.40
N THR A 117 22.03 -16.41 13.61
CA THR A 117 21.39 -17.54 12.95
C THR A 117 20.23 -18.06 13.81
N LEU A 118 19.46 -18.97 13.24
CA LEU A 118 18.26 -19.49 13.84
C LEU A 118 18.35 -19.84 15.31
N THR A 119 19.34 -20.64 15.70
CA THR A 119 19.39 -21.13 17.07
C THR A 119 20.47 -20.50 17.96
N SER A 120 21.18 -19.46 17.48
CA SER A 120 22.22 -18.88 18.31
C SER A 120 21.62 -17.79 19.21
N SER A 121 22.44 -17.31 20.15
CA SER A 121 22.11 -16.15 20.96
C SER A 121 22.72 -14.95 20.24
N ALA A 122 22.74 -13.82 20.92
CA ALA A 122 23.32 -12.59 20.39
C ALA A 122 24.86 -12.61 20.43
N HIS A 123 25.43 -13.62 21.11
CA HIS A 123 26.88 -13.72 21.30
C HIS A 123 27.58 -14.33 20.09
N VAL A 124 27.65 -13.51 19.06
CA VAL A 124 28.19 -13.87 17.76
C VAL A 124 29.61 -14.43 17.85
N THR A 125 30.36 -13.92 18.84
CA THR A 125 31.74 -14.33 19.09
C THR A 125 31.83 -15.81 19.32
N SER A 126 30.75 -16.44 19.77
CA SER A 126 30.87 -17.86 20.08
C SER A 126 30.83 -18.79 18.84
N TRP A 127 30.28 -18.32 17.71
CA TRP A 127 30.26 -19.15 16.50
C TRP A 127 30.93 -18.43 15.35
N TRP A 128 31.21 -17.15 15.54
CA TRP A 128 32.00 -16.42 14.56
C TRP A 128 33.26 -15.76 15.19
N PRO A 129 34.01 -16.50 16.04
CA PRO A 129 35.06 -15.80 16.83
C PRO A 129 36.12 -15.10 15.97
N THR A 130 36.48 -15.69 14.84
CA THR A 130 37.57 -15.13 14.05
C THR A 130 37.16 -13.94 13.22
N LEU A 131 35.89 -13.57 13.25
CA LEU A 131 35.47 -12.37 12.50
C LEU A 131 35.73 -11.09 13.31
N PHE A 132 36.06 -11.27 14.59
CA PHE A 132 36.29 -10.18 15.53
C PHE A 132 37.76 -9.84 15.73
N GLY A 133 38.03 -8.55 15.87
CA GLY A 133 39.37 -8.08 16.25
C GLY A 133 39.95 -7.08 15.27
N GLN A 134 41.14 -6.58 15.62
CA GLN A 134 41.89 -5.62 14.81
C GLN A 134 42.06 -6.13 13.39
N GLY A 135 41.75 -5.33 12.36
CA GLY A 135 41.95 -5.75 10.97
C GLY A 135 41.06 -6.93 10.53
N ARG A 136 40.19 -7.42 11.45
CA ARG A 136 39.20 -8.43 11.08
C ARG A 136 37.95 -7.71 10.60
N ALA A 137 36.94 -8.46 10.14
CA ALA A 137 35.73 -7.84 9.55
C ALA A 137 34.98 -6.98 10.57
N PHE A 138 34.80 -7.55 11.77
CA PHE A 138 34.12 -6.86 12.84
C PHE A 138 35.20 -6.23 13.70
N ASP A 139 35.78 -5.16 13.18
CA ASP A 139 36.90 -4.47 13.77
C ASP A 139 36.43 -3.54 14.91
N THR A 140 36.58 -3.99 16.15
CA THR A 140 36.11 -3.25 17.32
C THR A 140 36.84 -1.92 17.52
N SER A 141 37.90 -1.67 16.73
CA SER A 141 38.63 -0.39 16.76
C SER A 141 38.00 0.64 15.85
N ARG A 142 37.25 0.21 14.84
CA ARG A 142 36.64 1.15 13.90
C ARG A 142 35.12 1.24 14.09
N TYR A 143 34.51 0.18 14.66
CA TYR A 143 33.06 0.04 14.61
C TYR A 143 32.49 -0.30 15.95
N PHE A 144 31.24 0.13 16.10
CA PHE A 144 30.38 -0.36 17.17
C PHE A 144 29.57 -1.52 16.55
N ILE A 145 29.78 -2.73 17.07
CA ILE A 145 29.20 -3.90 16.48
C ILE A 145 28.13 -4.32 17.44
N ILE A 146 26.92 -4.52 16.90
CA ILE A 146 25.83 -4.98 17.74
C ILE A 146 25.04 -6.13 17.09
N CYS A 147 24.61 -7.04 17.96
CA CYS A 147 23.70 -8.12 17.62
C CYS A 147 22.55 -8.16 18.62
N LEU A 148 21.32 -8.12 18.11
CA LEU A 148 20.17 -8.16 19.00
C LEU A 148 19.45 -9.51 18.86
N ASN A 149 19.01 -10.10 19.96
CA ASN A 149 18.38 -11.42 19.94
C ASN A 149 16.96 -11.33 19.36
N TYR A 150 16.55 -12.30 18.53
CA TYR A 150 15.23 -12.20 17.85
C TYR A 150 14.11 -12.51 18.83
N LEU A 151 12.93 -11.95 18.60
CA LEU A 151 11.75 -12.34 19.38
C LEU A 151 11.48 -13.81 19.12
N GLY A 152 11.11 -14.57 20.11
CA GLY A 152 10.84 -15.99 19.93
C GLY A 152 12.00 -16.85 20.35
N SER A 153 13.18 -16.23 20.52
CA SER A 153 14.40 -16.95 20.91
C SER A 153 14.47 -17.24 22.44
N PRO A 154 15.15 -18.33 22.87
CA PRO A 154 15.25 -18.52 24.35
C PRO A 154 16.31 -17.66 25.06
N PHE A 155 17.02 -16.82 24.33
CA PHE A 155 18.22 -16.21 24.84
C PHE A 155 18.08 -14.72 25.13
N GLY A 156 16.93 -14.31 25.65
CA GLY A 156 16.82 -13.00 26.28
C GLY A 156 15.73 -12.10 25.75
N SER A 157 15.55 -12.04 24.41
CA SER A 157 14.40 -11.29 23.89
C SER A 157 13.08 -11.99 24.19
N ALA A 158 11.97 -11.28 24.05
CA ALA A 158 10.64 -11.86 24.35
C ALA A 158 10.42 -13.15 23.54
N GLY A 159 9.98 -14.21 24.20
CA GLY A 159 9.63 -15.43 23.52
C GLY A 159 8.94 -16.37 24.47
N PRO A 160 8.72 -17.63 24.04
CA PRO A 160 8.08 -18.63 24.91
C PRO A 160 8.69 -18.74 26.31
N CYS A 161 9.95 -18.38 26.47
CA CYS A 161 10.65 -18.59 27.73
C CYS A 161 10.63 -17.39 28.64
N SER A 162 10.23 -16.24 28.12
CA SER A 162 10.24 -15.07 28.93
C SER A 162 8.89 -14.87 29.69
N PRO A 163 8.90 -14.13 30.81
CA PRO A 163 7.68 -13.89 31.61
C PRO A 163 6.51 -13.25 30.87
N ASP A 164 5.32 -13.80 31.03
CA ASP A 164 4.12 -13.24 30.46
C ASP A 164 3.63 -12.14 31.39
N PRO A 165 3.66 -10.88 30.93
CA PRO A 165 3.20 -9.80 31.80
C PRO A 165 1.73 -9.97 32.28
N ASP A 166 1.00 -11.00 31.83
CA ASP A 166 -0.33 -11.34 32.40
C ASP A 166 -0.27 -12.57 33.32
N ALA A 167 0.62 -12.48 34.34
CA ALA A 167 0.79 -13.41 35.52
C ALA A 167 2.15 -13.23 36.26
N ARG A 171 4.81 -16.96 35.59
CA ARG A 171 4.50 -17.76 34.40
C ARG A 171 5.02 -17.12 33.12
N PRO A 172 5.85 -17.87 32.35
CA PRO A 172 6.35 -17.57 31.00
C PRO A 172 5.24 -17.68 29.97
N TYR A 173 5.40 -17.02 28.83
CA TYR A 173 4.48 -17.12 27.71
C TYR A 173 4.17 -18.57 27.32
N GLY A 174 5.21 -19.40 27.27
CA GLY A 174 5.09 -20.80 26.88
C GLY A 174 4.55 -20.92 25.49
N ALA A 175 3.57 -21.80 25.34
CA ALA A 175 3.01 -22.11 24.02
C ALA A 175 2.19 -20.96 23.42
N LYS A 176 1.87 -19.96 24.24
CA LYS A 176 1.00 -18.88 23.81
C LYS A 176 1.72 -17.64 23.28
N PHE A 177 3.03 -17.72 23.06
CA PHE A 177 3.79 -16.58 22.53
C PHE A 177 3.33 -16.28 21.11
N PRO A 178 2.96 -15.03 20.84
CA PRO A 178 2.36 -14.73 19.53
C PRO A 178 3.33 -15.00 18.40
N ARG A 179 2.78 -15.21 17.21
CA ARG A 179 3.56 -15.26 16.00
C ARG A 179 4.26 -13.94 15.73
N THR A 180 5.55 -14.01 15.46
CA THR A 180 6.34 -12.81 15.07
C THR A 180 6.96 -13.01 13.68
N THR A 181 7.25 -11.92 12.98
CA THR A 181 7.78 -11.99 11.63
C THR A 181 9.20 -11.45 11.61
N ILE A 182 9.93 -11.68 10.51
CA ILE A 182 11.23 -11.05 10.34
C ILE A 182 11.08 -9.50 10.53
N ARG A 183 10.08 -8.94 9.88
CA ARG A 183 9.82 -7.51 9.94
C ARG A 183 9.56 -7.01 11.36
N ASP A 184 8.96 -7.84 12.20
CA ASP A 184 8.74 -7.47 13.60
C ASP A 184 10.13 -7.28 14.31
N ASP A 185 11.00 -8.29 14.20
CA ASP A 185 12.31 -8.23 14.76
C ASP A 185 13.04 -6.95 14.31
N VAL A 186 13.00 -6.66 13.02
CA VAL A 186 13.72 -5.53 12.50
C VAL A 186 13.19 -4.23 13.11
N ARG A 187 11.87 -4.12 13.23
CA ARG A 187 11.23 -2.94 13.78
C ARG A 187 11.64 -2.79 15.24
N ILE A 188 11.56 -3.87 16.00
CA ILE A 188 11.84 -3.74 17.41
C ILE A 188 13.34 -3.48 17.63
N HIS A 189 14.18 -4.13 16.83
CA HIS A 189 15.61 -3.91 16.91
C HIS A 189 15.97 -2.49 16.54
N ARG A 190 15.31 -1.90 15.54
CA ARG A 190 15.64 -0.53 15.22
CA ARG A 190 15.54 -0.50 15.17
C ARG A 190 15.18 0.41 16.34
N GLN A 191 14.13 0.05 17.09
CA GLN A 191 13.72 0.84 18.24
C GLN A 191 14.85 0.90 19.27
N VAL A 192 15.48 -0.25 19.50
CA VAL A 192 16.58 -0.35 20.44
C VAL A 192 17.73 0.48 19.90
N LEU A 193 18.11 0.30 18.65
CA LEU A 193 19.17 1.14 18.13
C LEU A 193 18.91 2.64 18.32
N ASP A 194 17.64 3.06 18.14
CA ASP A 194 17.23 4.47 18.34
C ASP A 194 17.51 4.96 19.76
N ARG A 195 17.20 4.11 20.74
CA ARG A 195 17.49 4.37 22.12
C ARG A 195 18.97 4.47 22.38
N LEU A 196 19.77 3.65 21.71
CA LEU A 196 21.20 3.71 21.89
C LEU A 196 21.77 4.91 21.16
N GLY A 197 20.96 5.59 20.34
CA GLY A 197 21.42 6.83 19.70
C GLY A 197 22.16 6.64 18.40
N VAL A 198 22.06 5.44 17.82
CA VAL A 198 22.69 5.15 16.52
C VAL A 198 22.05 6.04 15.47
N ARG A 199 22.84 6.70 14.65
CA ARG A 199 22.26 7.68 13.73
C ARG A 199 22.35 7.17 12.29
N GLN A 200 23.31 6.28 12.05
CA GLN A 200 23.46 5.63 10.78
C GLN A 200 24.17 4.29 10.97
N ILE A 201 23.86 3.33 10.08
CA ILE A 201 24.40 1.99 10.11
C ILE A 201 25.35 1.85 8.95
N ALA A 202 26.60 1.52 9.25
CA ALA A 202 27.63 1.36 8.22
C ALA A 202 27.36 0.10 7.39
N ALA A 203 26.81 -0.92 8.05
CA ALA A 203 26.56 -2.19 7.38
C ALA A 203 25.68 -3.08 8.22
N VAL A 204 24.83 -3.84 7.54
CA VAL A 204 24.22 -5.01 8.19
C VAL A 204 24.63 -6.30 7.54
N VAL A 205 25.00 -7.27 8.36
CA VAL A 205 25.68 -8.48 7.93
C VAL A 205 24.95 -9.61 8.62
N GLY A 206 24.50 -10.64 7.86
CA GLY A 206 23.70 -11.73 8.43
C GLY A 206 23.62 -12.97 7.56
N ALA A 207 23.70 -14.12 8.20
CA ALA A 207 23.67 -15.41 7.45
C ALA A 207 22.44 -16.24 7.82
N MET A 209 19.00 -17.23 8.57
CA MET A 209 17.92 -16.34 9.08
C MET A 209 18.40 -14.88 9.16
N GLY A 210 19.66 -14.72 9.56
CA GLY A 210 20.26 -13.41 9.58
C GLY A 210 20.21 -12.65 8.28
N GLY A 211 20.38 -13.36 7.15
CA GLY A 211 20.37 -12.76 5.82
C GLY A 211 18.98 -12.27 5.43
N MET A 212 17.98 -12.85 6.09
CA MET A 212 16.60 -12.47 5.84
C MET A 212 16.31 -11.13 6.53
N HIS A 213 16.72 -11.04 7.80
CA HIS A 213 16.72 -9.74 8.50
C HIS A 213 17.55 -8.69 7.75
N THR A 214 18.76 -9.07 7.35
CA THR A 214 19.63 -8.16 6.60
C THR A 214 18.95 -7.57 5.38
N LEU A 215 18.42 -8.43 4.52
CA LEU A 215 17.61 -7.95 3.41
C LEU A 215 16.49 -6.99 3.85
N GLU A 216 15.79 -7.32 4.95
CA GLU A 216 14.73 -6.45 5.43
C GLU A 216 15.24 -5.11 5.95
N TRP A 217 16.38 -5.12 6.65
CA TRP A 217 17.03 -3.86 7.10
C TRP A 217 17.23 -2.90 5.94
N ALA A 218 17.65 -3.44 4.79
CA ALA A 218 17.98 -2.61 3.64
C ALA A 218 16.83 -1.71 3.26
N PHE A 219 15.62 -2.10 3.58
CA PHE A 219 14.50 -1.31 3.12
C PHE A 219 14.38 0.05 3.77
N PHE A 220 15.02 0.24 4.94
CA PHE A 220 15.13 1.55 5.57
C PHE A 220 15.74 2.63 4.64
N GLY A 221 16.37 2.19 3.55
CA GLY A 221 16.96 3.10 2.61
C GLY A 221 18.43 3.30 2.90
N PRO A 222 19.19 3.78 1.90
CA PRO A 222 20.65 3.98 1.96
C PRO A 222 21.09 5.10 2.91
N GLU A 223 20.18 6.01 3.22
CA GLU A 223 20.50 7.08 4.14
C GLU A 223 20.66 6.52 5.59
N TYR A 224 19.85 5.57 6.03
CA TYR A 224 20.05 4.94 7.35
C TYR A 224 20.97 3.67 7.34
N VAL A 225 20.90 2.86 6.28
CA VAL A 225 21.62 1.58 6.22
C VAL A 225 22.50 1.66 5.02
N ARG A 226 23.81 1.84 5.24
CA ARG A 226 24.67 2.20 4.12
C ARG A 226 25.02 1.03 3.17
N LYS A 227 25.18 -0.17 3.76
CA LYS A 227 25.56 -1.38 3.01
C LYS A 227 24.92 -2.58 3.64
N ILE A 228 24.68 -3.60 2.81
CA ILE A 228 24.25 -4.92 3.32
C ILE A 228 25.14 -6.11 2.89
N VAL A 229 25.24 -7.10 3.78
CA VAL A 229 25.93 -8.36 3.45
C VAL A 229 24.99 -9.52 3.82
N PRO A 230 24.05 -9.84 2.89
CA PRO A 230 23.24 -11.04 3.08
C PRO A 230 24.06 -12.27 2.69
N ILE A 231 24.03 -13.30 3.52
CA ILE A 231 24.85 -14.49 3.35
C ILE A 231 23.95 -15.73 3.39
N ALA A 232 24.15 -16.67 2.46
CA ALA A 232 23.50 -17.98 2.55
C ALA A 232 22.03 -17.85 2.99
N THR A 233 21.16 -17.30 2.13
CA THR A 233 19.84 -16.89 2.60
C THR A 233 18.82 -16.77 1.45
N SER A 234 17.60 -16.34 1.73
CA SER A 234 16.67 -16.02 0.65
C SER A 234 15.77 -14.82 0.87
N CYS A 235 15.16 -14.39 -0.23
CA CYS A 235 14.23 -13.29 -0.30
C CYS A 235 12.84 -13.63 0.17
N ARG A 236 12.55 -14.93 0.27
CA ARG A 236 11.20 -15.35 0.56
C ARG A 236 11.15 -16.82 0.97
N GLN A 237 10.23 -17.21 1.83
CA GLN A 237 9.99 -18.66 2.09
C GLN A 237 9.81 -19.48 0.76
N SER A 238 10.50 -20.61 0.67
CA SER A 238 10.32 -21.50 -0.46
C SER A 238 9.58 -22.74 0.02
N GLY A 239 8.94 -23.47 -0.90
CA GLY A 239 8.33 -24.79 -0.57
C GLY A 239 9.35 -25.77 0.00
N TRP A 240 10.56 -25.76 -0.55
CA TRP A 240 11.63 -26.65 -0.07
C TRP A 240 11.86 -26.46 1.42
N CYS A 241 12.16 -25.21 1.80
CA CYS A 241 12.52 -24.93 3.19
C CYS A 241 11.33 -25.09 4.10
N ALA A 242 10.17 -24.61 3.66
CA ALA A 242 8.95 -24.80 4.46
C ALA A 242 8.83 -26.27 4.82
N ALA A 243 9.14 -27.16 3.86
CA ALA A 243 8.93 -28.59 4.07
C ALA A 243 9.91 -29.16 5.08
N TRP A 244 11.15 -28.71 5.01
CA TRP A 244 12.18 -29.17 5.93
C TRP A 244 11.94 -28.71 7.35
N PHE A 245 11.52 -27.47 7.50
CA PHE A 245 11.28 -27.02 8.85
C PHE A 245 9.96 -27.51 9.42
N GLU A 246 8.94 -27.62 8.57
CA GLU A 246 7.68 -28.25 9.02
C GLU A 246 7.97 -29.68 9.46
N THR A 247 8.78 -30.40 8.68
CA THR A 247 9.13 -31.79 9.08
C THR A 247 9.70 -31.77 10.46
N GLN A 248 10.63 -30.84 10.70
CA GLN A 248 11.31 -30.72 12.00
C GLN A 248 10.32 -30.41 13.10
N ARG A 249 9.41 -29.46 12.88
CA ARG A 249 8.40 -29.17 13.91
C ARG A 249 7.53 -30.37 14.19
N GLN A 250 7.16 -31.12 13.14
CA GLN A 250 6.33 -32.31 13.35
C GLN A 250 6.99 -33.31 14.29
N CYS A 251 8.32 -33.39 14.27
CA CYS A 251 9.02 -34.32 15.21
C CYS A 251 8.74 -33.93 16.64
N ILE A 252 8.67 -32.62 16.86
CA ILE A 252 8.32 -32.08 18.16
C ILE A 252 6.85 -32.29 18.47
N TYR A 253 5.97 -31.96 17.53
CA TYR A 253 4.55 -32.11 17.75
C TYR A 253 4.19 -33.56 18.11
N ASP A 254 4.89 -34.53 17.48
CA ASP A 254 4.59 -35.94 17.67
C ASP A 254 5.22 -36.54 18.93
N ASP A 255 6.03 -35.76 19.64
CA ASP A 255 6.69 -36.26 20.83
C ASP A 255 5.67 -36.16 21.94
N PRO A 256 5.32 -37.29 22.58
CA PRO A 256 4.26 -37.29 23.59
C PRO A 256 4.55 -36.41 24.82
N LYS A 257 5.81 -36.02 24.99
CA LYS A 257 6.20 -35.12 26.06
C LYS A 257 5.86 -33.66 25.76
N TYR A 258 5.48 -33.38 24.53
CA TYR A 258 5.22 -32.03 24.09
C TYR A 258 3.96 -31.47 24.73
N LEU A 259 2.93 -32.31 24.85
CA LEU A 259 1.73 -31.95 25.53
C LEU A 259 1.19 -30.63 24.98
N ASP A 260 1.25 -30.46 23.67
CA ASP A 260 0.65 -29.28 23.03
C ASP A 260 1.34 -27.98 23.34
N GLY A 261 2.58 -28.07 23.81
CA GLY A 261 3.36 -26.90 24.14
C GLY A 261 3.29 -26.59 25.61
N GLU A 262 2.58 -27.44 26.37
CA GLU A 262 2.34 -27.24 27.80
C GLU A 262 3.32 -28.02 28.65
N TYR A 263 4.30 -28.66 28.02
CA TYR A 263 5.30 -29.39 28.75
C TYR A 263 5.90 -28.56 29.89
N ASP A 264 6.27 -29.22 30.98
CA ASP A 264 7.02 -28.54 32.04
C ASP A 264 8.43 -28.33 31.55
N VAL A 265 8.97 -27.13 31.80
CA VAL A 265 10.27 -26.67 31.31
C VAL A 265 11.48 -27.61 31.56
N ASP A 266 11.38 -28.46 32.58
CA ASP A 266 12.49 -29.38 32.85
C ASP A 266 12.09 -30.82 32.48
N ASP A 267 11.10 -30.92 31.59
CA ASP A 267 10.69 -32.20 31.03
C ASP A 267 10.30 -31.97 29.54
N GLN A 268 11.28 -31.45 28.78
CA GLN A 268 11.12 -31.06 27.37
C GLN A 268 10.83 -32.29 26.49
N PRO A 269 10.17 -32.08 25.31
CA PRO A 269 10.08 -33.13 24.31
C PRO A 269 11.44 -33.37 23.66
N VAL A 270 12.34 -33.99 24.42
CA VAL A 270 13.75 -34.07 24.07
C VAL A 270 14.02 -34.91 22.80
N ARG A 271 13.29 -36.00 22.64
CA ARG A 271 13.44 -36.81 21.43
C ARG A 271 13.04 -36.07 20.18
N GLY A 272 11.93 -35.34 20.26
CA GLY A 272 11.43 -34.52 19.17
C GLY A 272 12.47 -33.51 18.79
N LEU A 273 12.99 -32.81 19.80
CA LEU A 273 14.02 -31.80 19.57
C LEU A 273 15.28 -32.32 18.95
N GLU A 274 15.81 -33.39 19.52
CA GLU A 274 16.95 -34.06 18.95
C GLU A 274 16.76 -34.36 17.50
N THR A 275 15.61 -34.96 17.20
CA THR A 275 15.36 -35.44 15.86
C THR A 275 15.25 -34.27 14.92
N ALA A 276 14.54 -33.25 15.34
CA ALA A 276 14.47 -31.99 14.59
C ALA A 276 15.88 -31.51 14.30
N ARG A 277 16.77 -31.61 15.29
CA ARG A 277 18.15 -31.10 15.06
C ARG A 277 19.05 -31.97 14.21
N LYS A 278 18.95 -33.29 14.34
CA LYS A 278 19.66 -34.15 13.42
C LYS A 278 19.29 -33.80 11.98
N ILE A 279 17.99 -33.67 11.70
CA ILE A 279 17.56 -33.34 10.36
C ILE A 279 18.16 -31.99 9.95
N ALA A 280 17.91 -30.96 10.73
CA ALA A 280 18.42 -29.64 10.41
C ALA A 280 19.93 -29.69 10.18
N ASN A 281 20.66 -30.36 11.08
CA ASN A 281 22.12 -30.41 10.96
C ASN A 281 22.55 -31.02 9.64
N LEU A 282 21.87 -32.04 9.17
CA LEU A 282 22.19 -32.65 7.90
C LEU A 282 21.85 -31.74 6.72
N THR A 283 20.73 -31.02 6.79
CA THR A 283 20.40 -30.10 5.70
C THR A 283 21.45 -29.00 5.62
N TYR A 284 22.19 -28.78 6.69
CA TYR A 284 23.22 -27.76 6.71
C TYR A 284 24.52 -28.22 6.06
N LYS A 285 24.63 -29.54 5.83
CA LYS A 285 25.85 -30.15 5.29
C LYS A 285 25.72 -30.35 3.77
N SER A 286 26.83 -30.70 3.13
CA SER A 286 26.81 -31.10 1.73
C SER A 286 27.20 -32.58 1.69
N LYS A 287 26.97 -33.21 0.52
CA LYS A 287 27.33 -34.59 0.34
C LYS A 287 28.86 -34.74 0.41
N PRO A 288 29.62 -33.91 -0.34
CA PRO A 288 31.08 -34.02 -0.20
C PRO A 288 31.57 -33.88 1.25
N ALA A 289 30.98 -32.96 2.00
CA ALA A 289 31.45 -32.71 3.36
C ALA A 289 31.26 -33.91 4.26
N MET A 290 30.11 -34.59 4.16
CA MET A 290 29.87 -35.78 5.01
C MET A 290 30.65 -36.94 4.47
N ASP A 291 30.88 -36.96 3.16
CA ASP A 291 31.68 -38.03 2.55
C ASP A 291 33.12 -37.99 2.99
N GLU A 292 33.69 -36.81 3.16
CA GLU A 292 35.09 -36.68 3.65
C GLU A 292 35.17 -37.09 5.09
N ARG A 293 34.13 -36.82 5.83
CA ARG A 293 34.13 -37.06 7.27
C ARG A 293 33.87 -38.51 7.66
N PHE A 294 33.06 -39.20 6.88
CA PHE A 294 32.73 -40.62 7.09
C PHE A 294 32.81 -41.42 5.78
N HIS A 295 33.63 -42.48 5.77
CA HIS A 295 33.82 -43.29 4.57
C HIS A 295 34.27 -44.68 4.94
N MET A 296 34.20 -45.59 3.98
CA MET A 296 34.54 -47.00 4.18
C MET A 296 36.02 -47.23 3.95
N ALA A 297 36.55 -48.31 4.56
CA ALA A 297 37.94 -48.73 4.32
C ALA A 297 38.09 -49.13 2.83
N PRO A 298 39.27 -48.93 2.21
CA PRO A 298 39.50 -49.35 0.79
C PRO A 298 38.95 -50.73 0.38
N GLY A 299 38.78 -50.96 -0.94
CA GLY A 299 38.38 -52.26 -1.49
C GLY A 299 39.11 -53.47 -0.92
N VAL A 300 40.37 -53.65 -1.34
CA VAL A 300 41.24 -54.67 -0.71
C VAL A 300 42.52 -54.02 -0.14
N GLY A 327 33.91 -39.56 14.52
CA GLY A 327 34.95 -40.48 14.10
C GLY A 327 35.27 -40.20 12.63
N GLN A 328 35.48 -41.29 11.87
CA GLN A 328 35.74 -41.29 10.39
C GLN A 328 35.26 -42.59 9.65
N PRO A 329 35.25 -43.79 10.30
CA PRO A 329 34.54 -44.91 9.62
C PRO A 329 33.01 -44.76 9.67
N ILE A 330 32.32 -45.49 8.81
CA ILE A 330 30.85 -45.42 8.74
C ILE A 330 30.13 -45.84 10.05
N GLU A 331 30.76 -46.72 10.83
CA GLU A 331 30.25 -47.09 12.17
C GLU A 331 29.96 -45.87 13.07
N ALA A 332 30.79 -44.83 12.89
CA ALA A 332 30.87 -43.66 13.77
C ALA A 332 29.77 -42.64 13.53
N VAL A 333 29.08 -42.76 12.39
CA VAL A 333 27.97 -41.89 12.01
C VAL A 333 26.90 -41.91 13.10
N SER A 334 26.60 -43.08 13.58
CA SER A 334 25.53 -43.21 14.55
C SER A 334 25.71 -42.27 15.74
N SER A 335 26.86 -42.34 16.39
CA SER A 335 27.06 -41.53 17.57
C SER A 335 27.36 -40.06 17.25
N TYR A 336 27.94 -39.78 16.09
CA TYR A 336 28.05 -38.40 15.65
C TYR A 336 26.66 -37.73 15.59
N LEU A 337 25.67 -38.44 15.06
CA LEU A 337 24.36 -37.88 14.94
C LEU A 337 23.74 -37.67 16.30
N ARG A 338 23.98 -38.61 17.23
CA ARG A 338 23.35 -38.57 18.53
C ARG A 338 23.92 -37.48 19.43
N TYR A 339 25.26 -37.34 19.39
CA TYR A 339 25.98 -36.56 20.37
C TYR A 339 25.55 -35.10 20.30
N GLN A 340 25.58 -34.58 19.10
CA GLN A 340 25.35 -33.19 18.81
C GLN A 340 23.88 -32.77 18.98
N ALA A 341 22.99 -33.61 18.48
CA ALA A 341 21.58 -33.38 18.59
C ALA A 341 21.16 -33.44 20.06
N GLN A 342 21.75 -34.36 20.82
CA GLN A 342 21.52 -34.41 22.25
C GLN A 342 21.98 -33.15 22.98
N LYS A 343 23.18 -32.68 22.69
CA LYS A 343 23.64 -31.52 23.47
C LYS A 343 22.72 -30.32 23.19
N PHE A 344 22.28 -30.19 21.93
CA PHE A 344 21.35 -29.15 21.55
C PHE A 344 19.96 -29.25 22.20
N ALA A 345 19.39 -30.45 22.20
CA ALA A 345 18.08 -30.66 22.84
C ALA A 345 18.12 -30.37 24.34
N ALA A 346 19.29 -30.52 24.94
CA ALA A 346 19.47 -30.30 26.37
C ALA A 346 19.56 -28.79 26.63
N SER A 347 19.93 -28.01 25.62
CA SER A 347 20.09 -26.61 25.84
C SER A 347 19.33 -25.69 24.86
N PHE A 348 18.13 -26.11 24.42
CA PHE A 348 17.24 -25.25 23.65
C PHE A 348 15.83 -25.60 24.05
N ASP A 349 14.89 -24.71 23.76
CA ASP A 349 13.48 -24.91 24.16
C ASP A 349 12.60 -25.28 22.96
N ALA A 350 11.72 -26.27 23.15
CA ALA A 350 10.88 -26.78 22.09
C ALA A 350 9.98 -25.70 21.55
N ASN A 351 9.26 -25.02 22.43
CA ASN A 351 8.37 -23.95 21.99
C ASN A 351 9.13 -22.87 21.23
N CYS A 352 10.31 -22.51 21.68
CA CYS A 352 11.10 -21.52 20.91
C CYS A 352 11.51 -22.06 19.54
N TYR A 353 11.80 -23.37 19.45
CA TYR A 353 12.12 -23.94 18.16
C TYR A 353 10.96 -23.78 17.15
N ILE A 354 9.76 -24.09 17.61
CA ILE A 354 8.55 -23.88 16.83
C ILE A 354 8.35 -22.42 16.44
N ALA A 355 8.40 -21.52 17.41
CA ALA A 355 8.22 -20.08 17.16
C ALA A 355 9.25 -19.50 16.20
N MET A 356 10.51 -19.90 16.33
CA MET A 356 11.60 -19.41 15.51
C MET A 356 11.47 -19.90 14.06
N THR A 357 11.25 -21.21 13.90
CA THR A 357 11.11 -21.76 12.54
C THR A 357 9.87 -21.20 11.82
N LEU A 358 8.80 -20.95 12.57
CA LEU A 358 7.62 -20.38 11.94
C LEU A 358 7.93 -18.98 11.36
N LYS A 359 8.90 -18.25 11.91
CA LYS A 359 9.24 -16.94 11.35
C LYS A 359 9.55 -17.06 9.87
N PHE A 360 10.26 -18.13 9.51
CA PHE A 360 10.57 -18.42 8.11
C PHE A 360 9.35 -18.36 7.19
N ASP A 361 8.21 -18.86 7.66
CA ASP A 361 6.99 -18.84 6.84
C ASP A 361 6.41 -17.45 6.50
N THR A 362 6.79 -16.43 7.28
CA THR A 362 6.33 -15.05 7.10
C THR A 362 7.27 -14.31 6.12
N HIS A 363 8.41 -14.92 5.81
CA HIS A 363 9.46 -14.15 5.17
C HIS A 363 9.13 -13.93 3.72
N ASP A 364 9.10 -12.67 3.29
CA ASP A 364 8.90 -12.30 1.90
C ASP A 364 9.25 -10.83 1.79
N ILE A 365 10.34 -10.48 1.15
CA ILE A 365 10.70 -9.08 1.09
C ILE A 365 9.78 -8.24 0.23
N SER A 366 8.96 -8.87 -0.60
CA SER A 366 8.05 -8.17 -1.53
C SER A 366 6.67 -7.93 -0.93
N ARG A 367 6.26 -8.69 0.08
CA ARG A 367 4.84 -8.62 0.49
C ARG A 367 4.53 -7.23 1.00
N GLY A 368 3.47 -6.66 0.42
CA GLY A 368 3.02 -5.28 0.63
C GLY A 368 3.85 -4.20 -0.05
N ARG A 369 4.91 -4.58 -0.78
CA ARG A 369 5.86 -3.59 -1.32
C ARG A 369 5.94 -3.59 -2.84
N ALA A 370 5.88 -4.76 -3.45
CA ALA A 370 6.11 -4.91 -4.89
C ALA A 370 5.39 -6.14 -5.39
N GLY A 371 5.17 -6.20 -6.70
CA GLY A 371 4.42 -7.30 -7.31
C GLY A 371 5.22 -8.58 -7.45
N SER A 372 6.55 -8.49 -7.30
CA SER A 372 7.40 -9.66 -7.45
C SER A 372 8.71 -9.47 -6.68
N ILE A 373 9.42 -10.57 -6.47
CA ILE A 373 10.72 -10.53 -5.79
C ILE A 373 11.73 -9.66 -6.56
N PRO A 374 11.87 -9.85 -7.89
CA PRO A 374 12.87 -8.97 -8.55
C PRO A 374 12.52 -7.49 -8.41
N GLU A 375 11.25 -7.14 -8.49
CA GLU A 375 10.86 -5.75 -8.28
C GLU A 375 11.20 -5.25 -6.90
N ALA A 376 10.99 -6.08 -5.87
CA ALA A 376 11.35 -5.71 -4.51
C ALA A 376 12.87 -5.61 -4.36
N LEU A 377 13.63 -6.52 -4.93
CA LEU A 377 15.10 -6.41 -4.87
C LEU A 377 15.63 -5.10 -5.50
N ALA A 378 14.94 -4.62 -6.54
CA ALA A 378 15.35 -3.42 -7.23
C ALA A 378 15.19 -2.17 -6.37
N MET A 379 14.32 -2.27 -5.37
CA MET A 379 14.16 -1.22 -4.40
C MET A 379 15.30 -1.17 -3.39
N ILE A 380 16.24 -2.11 -3.46
CA ILE A 380 17.40 -2.06 -2.57
C ILE A 380 18.52 -1.25 -3.25
N THR A 381 18.78 -0.07 -2.72
CA THR A 381 19.67 0.92 -3.33
C THR A 381 21.09 0.86 -2.81
N GLN A 382 21.28 0.25 -1.63
CA GLN A 382 22.58 0.26 -0.94
C GLN A 382 23.49 -0.65 -1.72
N PRO A 383 24.83 -0.43 -1.61
CA PRO A 383 25.78 -1.50 -1.99
C PRO A 383 25.51 -2.79 -1.20
N ALA A 384 25.55 -3.92 -1.91
CA ALA A 384 25.27 -5.21 -1.32
C ALA A 384 26.37 -6.20 -1.74
N LEU A 385 26.85 -6.97 -0.76
CA LEU A 385 27.68 -8.10 -1.06
C LEU A 385 26.92 -9.37 -0.69
N ILE A 386 26.63 -10.20 -1.71
CA ILE A 386 25.88 -11.45 -1.50
C ILE A 386 26.86 -12.61 -1.43
N ILE A 387 26.93 -13.30 -0.29
CA ILE A 387 27.92 -14.35 -0.14
C ILE A 387 27.20 -15.71 -0.12
N CYS A 388 27.63 -16.62 -0.98
CA CYS A 388 27.01 -17.94 -1.06
C CYS A 388 27.99 -19.03 -1.37
N ALA A 389 27.55 -20.28 -1.23
CA ALA A 389 28.31 -21.46 -1.70
C ALA A 389 27.44 -22.23 -2.70
N ARG A 390 28.03 -22.55 -3.85
CA ARG A 390 27.47 -23.51 -4.82
C ARG A 390 26.69 -24.65 -4.19
N SER A 391 27.22 -25.20 -3.09
CA SER A 391 26.75 -26.47 -2.57
C SER A 391 25.80 -26.38 -1.38
N ASP A 392 25.28 -25.18 -1.14
CA ASP A 392 24.26 -24.92 -0.09
C ASP A 392 23.01 -25.64 -0.50
N GLY A 393 22.56 -26.57 0.34
CA GLY A 393 21.36 -27.37 0.05
C GLY A 393 20.05 -26.75 0.48
N LEU A 394 20.10 -25.61 1.18
CA LEU A 394 18.91 -24.99 1.64
C LEU A 394 18.69 -23.73 0.82
N TYR A 395 19.71 -22.90 0.68
CA TYR A 395 19.52 -21.65 -0.06
C TYR A 395 20.35 -21.73 -1.30
N SER A 396 19.69 -21.73 -2.45
CA SER A 396 20.33 -22.21 -3.66
C SER A 396 21.24 -21.15 -4.25
N PHE A 397 22.31 -21.62 -4.88
CA PHE A 397 23.14 -20.75 -5.64
C PHE A 397 22.30 -19.87 -6.55
N ASP A 398 21.33 -20.45 -7.25
CA ASP A 398 20.56 -19.68 -8.23
C ASP A 398 19.80 -18.51 -7.63
N GLU A 399 19.28 -18.68 -6.40
CA GLU A 399 18.52 -17.59 -5.75
C GLU A 399 19.40 -16.47 -5.31
N HIS A 400 20.68 -16.75 -5.02
CA HIS A 400 21.63 -15.70 -4.79
C HIS A 400 21.99 -14.98 -6.09
N VAL A 401 22.19 -15.77 -7.17
CA VAL A 401 22.45 -15.19 -8.48
C VAL A 401 21.32 -14.24 -8.86
N GLU A 402 20.09 -14.63 -8.54
CA GLU A 402 18.93 -13.77 -8.74
C GLU A 402 19.04 -12.48 -7.93
N MET A 403 19.39 -12.57 -6.64
CA MET A 403 19.58 -11.38 -5.83
C MET A 403 20.56 -10.41 -6.51
N GLY A 404 21.74 -10.93 -6.86
CA GLY A 404 22.81 -10.11 -7.46
C GLY A 404 22.40 -9.46 -8.78
N ARG A 405 21.46 -10.08 -9.47
CA ARG A 405 21.02 -9.64 -10.77
C ARG A 405 19.99 -8.51 -10.65
N SER A 406 19.19 -8.51 -9.56
CA SER A 406 18.14 -7.47 -9.37
C SER A 406 18.46 -6.35 -8.35
N ILE A 407 19.40 -6.60 -7.44
CA ILE A 407 19.92 -5.51 -6.59
C ILE A 407 20.92 -4.74 -7.44
N PRO A 408 20.61 -3.48 -7.75
CA PRO A 408 21.40 -2.68 -8.72
C PRO A 408 22.88 -2.49 -8.37
N ASN A 409 23.23 -2.23 -7.12
CA ASN A 409 24.64 -2.12 -6.76
C ASN A 409 25.11 -3.32 -5.95
N SER A 410 25.26 -4.48 -6.61
CA SER A 410 25.58 -5.74 -5.87
C SER A 410 26.72 -6.52 -6.46
N ARG A 411 27.49 -7.14 -5.59
CA ARG A 411 28.52 -8.05 -6.01
C ARG A 411 28.21 -9.40 -5.41
N LEU A 412 28.25 -10.43 -6.25
CA LEU A 412 28.11 -11.82 -5.79
C LEU A 412 29.46 -12.41 -5.41
N CYS A 413 29.55 -12.97 -4.22
CA CYS A 413 30.78 -13.56 -3.77
C CYS A 413 30.52 -15.02 -3.50
N VAL A 414 31.16 -15.87 -4.32
CA VAL A 414 31.00 -17.31 -4.20
C VAL A 414 32.19 -17.85 -3.46
N VAL A 415 31.94 -18.40 -2.28
CA VAL A 415 33.02 -18.97 -1.49
C VAL A 415 33.48 -20.26 -2.13
N ASP A 416 34.78 -20.32 -2.39
CA ASP A 416 35.45 -21.53 -2.92
C ASP A 416 35.56 -22.57 -1.82
N THR A 417 34.57 -23.47 -1.82
CA THR A 417 34.45 -24.46 -0.75
C THR A 417 33.58 -25.57 -1.29
N ASN A 418 33.65 -26.74 -0.66
CA ASN A 418 32.69 -27.81 -0.95
C ASN A 418 31.76 -28.05 0.23
N GLU A 419 31.65 -27.08 1.13
CA GLU A 419 30.96 -27.28 2.36
C GLU A 419 29.44 -27.23 2.41
N GLY A 420 28.66 -26.61 1.60
CA GLY A 420 27.23 -26.68 2.02
C GLY A 420 26.81 -25.56 2.94
N HIS A 421 25.56 -25.59 3.43
CA HIS A 421 25.01 -24.38 4.04
C HIS A 421 25.86 -23.78 5.19
N ASP A 422 26.44 -24.61 6.05
CA ASP A 422 27.21 -24.09 7.17
C ASP A 422 28.64 -23.66 6.74
N PHE A 423 28.85 -23.43 5.45
CA PHE A 423 30.14 -22.95 5.02
C PHE A 423 30.53 -21.65 5.75
N PHE A 424 29.54 -20.82 6.12
CA PHE A 424 29.86 -19.46 6.59
C PHE A 424 30.46 -19.58 7.98
N VAL A 425 30.39 -20.78 8.55
CA VAL A 425 30.99 -21.06 9.84
C VAL A 425 32.24 -21.88 9.59
N MET A 426 32.19 -22.85 8.67
CA MET A 426 33.32 -23.76 8.50
C MET A 426 34.44 -23.03 7.75
N GLU A 427 34.06 -22.10 6.88
CA GLU A 427 35.04 -21.28 6.14
C GLU A 427 35.01 -19.82 6.62
N ALA A 428 34.95 -19.64 7.94
CA ALA A 428 34.79 -18.32 8.56
C ALA A 428 35.83 -17.35 8.08
N ASP A 429 37.09 -17.82 7.93
CA ASP A 429 38.16 -16.94 7.48
C ASP A 429 37.91 -16.36 6.10
N LYS A 430 37.34 -17.16 5.20
CA LYS A 430 37.06 -16.64 3.87
C LYS A 430 35.92 -15.63 3.90
N VAL A 431 35.01 -15.82 4.85
CA VAL A 431 33.88 -14.93 4.95
C VAL A 431 34.40 -13.65 5.55
N ASN A 432 35.26 -13.79 6.53
CA ASN A 432 35.89 -12.62 7.12
C ASN A 432 36.58 -11.71 6.09
N ASP A 433 37.44 -12.32 5.27
CA ASP A 433 38.12 -11.57 4.23
C ASP A 433 37.16 -10.88 3.30
N ALA A 434 36.11 -11.57 2.89
CA ALA A 434 35.17 -10.99 1.92
C ALA A 434 34.47 -9.83 2.55
N VAL A 435 34.04 -9.99 3.80
CA VAL A 435 33.30 -8.93 4.51
C VAL A 435 34.24 -7.75 4.74
N ARG A 436 35.40 -7.99 5.35
CA ARG A 436 36.38 -6.93 5.52
C ARG A 436 36.70 -6.14 4.24
N GLY A 437 36.97 -6.85 3.14
CA GLY A 437 37.27 -6.18 1.87
C GLY A 437 36.15 -5.23 1.46
N PHE A 438 34.91 -5.68 1.64
CA PHE A 438 33.73 -4.93 1.23
C PHE A 438 33.54 -3.68 2.10
N LEU A 439 33.75 -3.86 3.41
CA LEU A 439 33.61 -2.78 4.36
C LEU A 439 34.71 -1.75 4.23
N ASP A 440 35.86 -2.15 3.66
CA ASP A 440 36.98 -1.25 3.42
C ASP A 440 36.82 -0.28 2.22
N GLN A 441 36.00 -0.56 1.22
CA GLN A 441 35.82 0.43 0.12
C GLN A 441 35.23 1.77 0.63
N ALA B 65 4.05 23.69 -2.09
CA ALA B 65 2.85 24.43 -1.61
C ALA B 65 1.73 23.42 -1.45
N ASN B 66 1.38 23.12 -0.21
CA ASN B 66 0.10 22.47 0.06
C ASN B 66 -0.90 23.54 0.51
N ARG B 67 -1.82 23.91 -0.39
CA ARG B 67 -2.73 25.01 -0.15
C ARG B 67 -3.79 24.63 0.86
N PHE B 68 -4.03 23.34 1.03
CA PHE B 68 -5.04 22.87 2.03
C PHE B 68 -4.55 23.07 3.45
N GLU B 69 -3.32 22.63 3.71
CA GLU B 69 -2.63 22.87 4.94
C GLU B 69 -2.44 24.39 5.17
N ALA B 70 -2.08 25.11 4.11
CA ALA B 70 -1.86 26.55 4.19
C ALA B 70 -3.08 27.36 4.72
N SER B 71 -4.27 26.81 4.54
CA SER B 71 -5.49 27.53 4.89
C SER B 71 -5.87 27.36 6.37
N LEU B 72 -5.08 26.57 7.10
CA LEU B 72 -5.31 26.27 8.52
C LEU B 72 -4.69 27.30 9.47
N ASP B 73 -5.18 27.38 10.71
CA ASP B 73 -4.47 28.11 11.73
C ASP B 73 -3.12 27.42 11.99
N ALA B 74 -2.27 28.03 12.81
CA ALA B 74 -0.97 27.49 13.15
C ALA B 74 -1.14 26.13 13.84
N GLN B 75 -0.20 25.23 13.55
CA GLN B 75 -0.14 23.90 14.19
C GLN B 75 1.30 23.36 14.23
N ASP B 76 1.55 22.36 15.04
CA ASP B 76 2.88 21.76 15.09
C ASP B 76 2.99 20.61 14.11
N ILE B 77 4.23 20.30 13.75
CA ILE B 77 4.55 19.20 12.84
C ILE B 77 5.65 18.40 13.50
N ALA B 78 5.39 17.16 13.87
CA ALA B 78 6.49 16.25 14.22
C ALA B 78 7.07 15.56 12.96
N ARG B 79 8.37 15.36 12.95
CA ARG B 79 9.00 14.72 11.83
C ARG B 79 9.58 13.33 12.18
N ILE B 80 9.05 12.26 11.61
CA ILE B 80 9.54 10.90 11.92
C ILE B 80 10.39 10.52 10.74
N SER B 81 11.68 10.26 10.95
CA SER B 81 12.57 10.09 9.82
C SER B 81 12.32 8.80 9.05
N LEU B 82 11.90 7.74 9.77
CA LEU B 82 11.55 6.46 9.15
C LEU B 82 10.37 5.84 9.82
N PHE B 83 9.38 5.42 9.02
CA PHE B 83 8.19 4.76 9.56
C PHE B 83 7.77 3.61 8.67
N THR B 84 7.64 2.43 9.26
CA THR B 84 7.27 1.23 8.53
C THR B 84 5.75 1.04 8.62
N LEU B 85 5.07 1.23 7.48
CA LEU B 85 3.66 0.88 7.42
C LEU B 85 3.48 -0.61 7.61
N GLU B 86 2.29 -1.00 8.08
CA GLU B 86 2.06 -2.43 8.30
C GLU B 86 2.00 -3.23 7.02
N SER B 87 1.82 -2.55 5.87
CA SER B 87 2.10 -3.16 4.58
C SER B 87 3.58 -3.61 4.44
N GLY B 88 4.49 -2.95 5.18
CA GLY B 88 5.92 -3.15 4.98
C GLY B 88 6.54 -1.99 4.20
N VAL B 89 5.72 -1.10 3.65
CA VAL B 89 6.21 0.06 2.94
C VAL B 89 6.83 1.04 3.95
N ILE B 90 7.98 1.60 3.60
CA ILE B 90 8.68 2.51 4.48
C ILE B 90 8.49 3.95 4.06
N LEU B 91 7.85 4.73 4.92
CA LEU B 91 7.79 6.15 4.71
C LEU B 91 9.00 6.81 5.31
N ARG B 92 9.48 7.83 4.62
CA ARG B 92 10.70 8.53 5.03
C ARG B 92 10.35 9.97 5.28
N ASP B 93 11.01 10.54 6.29
CA ASP B 93 10.95 11.96 6.56
C ASP B 93 9.50 12.41 6.72
N VAL B 94 8.79 11.77 7.66
CA VAL B 94 7.34 11.74 7.68
C VAL B 94 6.81 12.87 8.57
N PRO B 95 6.09 13.83 7.98
CA PRO B 95 5.45 14.80 8.85
C PRO B 95 4.18 14.23 9.52
N VAL B 96 4.00 14.55 10.80
CA VAL B 96 2.75 14.28 11.46
C VAL B 96 2.28 15.61 12.02
N ALA B 97 1.20 16.17 11.48
CA ALA B 97 0.67 17.42 11.98
C ALA B 97 -0.23 17.19 13.17
N TYR B 98 -0.26 18.14 14.09
CA TYR B 98 -1.13 18.03 15.26
C TYR B 98 -1.42 19.40 15.87
N LYS B 99 -2.36 19.40 16.77
CA LYS B 99 -2.73 20.60 17.42
C LYS B 99 -3.08 20.18 18.83
N SER B 100 -2.64 20.96 19.82
CA SER B 100 -3.04 20.70 21.22
C SER B 100 -3.56 21.94 21.88
N TRP B 101 -4.24 21.73 22.99
CA TRP B 101 -4.74 22.80 23.79
C TRP B 101 -4.48 22.36 25.20
N GLY B 102 -4.14 23.34 26.05
CA GLY B 102 -3.96 23.06 27.47
C GLY B 102 -2.54 22.65 27.71
N ARG B 103 -2.25 22.22 28.92
CA ARG B 103 -0.88 21.91 29.31
C ARG B 103 -0.86 20.59 30.05
N MET B 104 0.22 19.84 29.85
CA MET B 104 0.40 18.61 30.56
C MET B 104 0.67 18.92 32.02
N ASN B 105 0.10 18.14 32.93
CA ASN B 105 0.51 18.21 34.32
C ASN B 105 1.92 17.60 34.52
N VAL B 106 2.41 17.64 35.77
CA VAL B 106 3.80 17.27 36.11
C VAL B 106 4.01 15.80 35.89
N SER B 107 2.95 15.07 36.16
CA SER B 107 2.92 13.65 36.01
C SER B 107 2.76 13.19 34.55
N ARG B 108 2.45 14.13 33.66
CA ARG B 108 2.20 13.89 32.23
C ARG B 108 1.22 12.78 31.92
N ASP B 109 0.07 12.83 32.61
CA ASP B 109 -0.92 11.78 32.58
C ASP B 109 -2.35 12.32 32.48
N ASN B 110 -2.47 13.60 32.12
CA ASN B 110 -3.75 14.21 31.92
C ASN B 110 -3.96 14.48 30.40
N CYS B 111 -3.42 13.59 29.57
CA CYS B 111 -3.58 13.71 28.13
C CYS B 111 -4.91 13.13 27.61
N VAL B 112 -5.69 13.97 26.92
CA VAL B 112 -6.89 13.53 26.19
C VAL B 112 -6.65 13.61 24.71
N ILE B 113 -6.74 12.47 24.04
CA ILE B 113 -6.61 12.39 22.56
C ILE B 113 -7.99 12.52 21.94
N VAL B 114 -8.13 13.46 21.01
CA VAL B 114 -9.34 13.50 20.20
C VAL B 114 -9.01 13.02 18.78
N CYS B 115 -9.74 12.03 18.29
CA CYS B 115 -9.49 11.53 16.93
C CYS B 115 -10.46 12.17 15.93
N HIS B 116 -9.94 12.83 14.89
CA HIS B 116 -10.84 13.61 14.04
C HIS B 116 -11.66 12.78 13.03
N THR B 117 -12.57 13.43 12.30
CA THR B 117 -13.43 12.75 11.34
C THR B 117 -12.73 12.65 10.00
N LEU B 118 -13.30 11.87 9.10
CA LEU B 118 -12.72 11.63 7.79
C LEU B 118 -12.07 12.86 7.10
N THR B 119 -12.82 13.96 6.98
CA THR B 119 -12.40 15.08 6.15
C THR B 119 -11.95 16.34 6.90
N SER B 120 -11.87 16.31 8.22
CA SER B 120 -11.45 17.50 8.96
C SER B 120 -9.93 17.50 9.14
N SER B 121 -9.43 18.62 9.67
CA SER B 121 -8.02 18.74 10.05
C SER B 121 -7.96 18.41 11.51
N ALA B 122 -6.79 18.56 12.09
CA ALA B 122 -6.64 18.34 13.52
C ALA B 122 -7.33 19.44 14.36
N HIS B 123 -7.83 20.49 13.72
CA HIS B 123 -8.37 21.66 14.45
C HIS B 123 -9.80 21.42 14.83
N VAL B 124 -9.94 20.64 15.89
CA VAL B 124 -11.21 20.12 16.37
C VAL B 124 -12.18 21.25 16.76
N THR B 125 -11.59 22.33 17.26
CA THR B 125 -12.30 23.54 17.65
C THR B 125 -13.17 24.07 16.54
N SER B 126 -12.84 23.74 15.30
CA SER B 126 -13.62 24.31 14.18
C SER B 126 -14.92 23.57 13.86
N TRP B 127 -15.03 22.31 14.28
CA TRP B 127 -16.32 21.59 14.15
C TRP B 127 -16.92 21.15 15.48
N TRP B 128 -16.09 21.16 16.53
CA TRP B 128 -16.54 20.87 17.89
C TRP B 128 -16.28 22.06 18.87
N PRO B 129 -16.59 23.31 18.45
CA PRO B 129 -16.13 24.42 19.32
C PRO B 129 -16.70 24.36 20.74
N THR B 130 -17.93 23.91 20.91
CA THR B 130 -18.54 23.97 22.22
C THR B 130 -18.08 22.86 23.18
N LEU B 131 -17.28 21.92 22.69
CA LEU B 131 -16.73 20.90 23.57
C LEU B 131 -15.52 21.40 24.37
N PHE B 132 -15.00 22.56 23.99
CA PHE B 132 -13.81 23.16 24.60
C PHE B 132 -14.10 24.23 25.61
N GLY B 133 -13.27 24.28 26.66
CA GLY B 133 -13.41 25.33 27.68
C GLY B 133 -13.61 24.79 29.07
N GLN B 134 -13.57 25.68 30.05
CA GLN B 134 -13.59 25.34 31.47
C GLN B 134 -14.97 24.72 31.72
N GLY B 135 -15.01 23.60 32.44
CA GLY B 135 -16.30 22.92 32.72
C GLY B 135 -16.90 22.20 31.51
N ARG B 136 -16.25 22.31 30.34
CA ARG B 136 -16.68 21.57 29.14
C ARG B 136 -15.95 20.23 29.10
N ALA B 137 -16.26 19.40 28.11
CA ALA B 137 -15.65 18.06 28.02
C ALA B 137 -14.14 18.13 27.82
N PHE B 138 -13.70 19.02 26.93
CA PHE B 138 -12.30 19.16 26.67
C PHE B 138 -11.87 20.35 27.45
N ASP B 139 -11.67 20.13 28.74
CA ASP B 139 -11.41 21.17 29.72
C ASP B 139 -9.91 21.46 29.76
N THR B 140 -9.52 22.54 29.09
CA THR B 140 -8.12 22.94 28.95
C THR B 140 -7.47 23.39 30.25
N SER B 141 -8.27 23.49 31.33
CA SER B 141 -7.79 23.69 32.70
C SER B 141 -7.36 22.40 33.34
N ARG B 142 -7.94 21.28 32.93
CA ARG B 142 -7.61 20.01 33.58
C ARG B 142 -6.70 19.13 32.71
N TYR B 143 -6.77 19.31 31.40
CA TYR B 143 -6.24 18.30 30.47
C TYR B 143 -5.41 18.94 29.43
N PHE B 144 -4.48 18.14 28.92
CA PHE B 144 -3.74 18.40 27.71
C PHE B 144 -4.51 17.65 26.59
N ILE B 145 -5.14 18.43 25.74
CA ILE B 145 -5.97 17.88 24.67
C ILE B 145 -5.16 17.92 23.41
N ILE B 146 -5.02 16.77 22.75
CA ILE B 146 -4.29 16.74 21.47
C ILE B 146 -5.05 15.97 20.36
N CYS B 147 -4.97 16.48 19.13
CA CYS B 147 -5.52 15.83 17.97
C CYS B 147 -4.45 15.80 16.93
N LEU B 148 -4.14 14.61 16.43
CA LEU B 148 -3.09 14.45 15.37
C LEU B 148 -3.76 14.13 14.02
N ASN B 149 -3.25 14.72 12.96
CA ASN B 149 -3.85 14.58 11.63
C ASN B 149 -3.48 13.18 11.10
N TYR B 150 -4.45 12.48 10.50
CA TYR B 150 -4.22 11.12 9.98
C TYR B 150 -3.30 11.14 8.79
N LEU B 151 -2.58 10.05 8.58
CA LEU B 151 -1.86 9.90 7.31
C LEU B 151 -2.89 9.87 6.15
N GLY B 152 -2.56 10.51 5.03
CA GLY B 152 -3.40 10.49 3.85
C GLY B 152 -4.27 11.74 3.75
N SER B 153 -4.31 12.52 4.82
CA SER B 153 -5.09 13.75 4.88
C SER B 153 -4.38 14.92 4.16
N PRO B 154 -5.14 15.88 3.63
CA PRO B 154 -4.42 17.00 3.06
C PRO B 154 -3.93 18.08 4.05
N PHE B 155 -4.17 17.87 5.36
CA PHE B 155 -3.98 18.92 6.37
C PHE B 155 -2.72 18.82 7.22
N GLY B 156 -1.62 18.32 6.64
CA GLY B 156 -0.36 18.38 7.35
C GLY B 156 0.38 17.09 7.54
N SER B 157 -0.30 16.02 7.96
CA SER B 157 0.40 14.71 8.00
C SER B 157 0.76 14.18 6.60
N ALA B 158 1.61 13.16 6.52
CA ALA B 158 2.02 12.67 5.21
C ALA B 158 0.78 12.21 4.42
N GLY B 159 0.72 12.61 3.16
CA GLY B 159 -0.38 12.23 2.29
C GLY B 159 -0.11 12.57 0.83
N PRO B 160 -1.10 12.31 -0.03
CA PRO B 160 -0.92 12.68 -1.43
C PRO B 160 -0.42 14.12 -1.65
N CYS B 161 -0.73 15.03 -0.73
CA CYS B 161 -0.37 16.42 -0.87
C CYS B 161 1.00 16.79 -0.34
N SER B 162 1.64 15.90 0.40
CA SER B 162 2.91 16.25 1.02
C SER B 162 4.10 15.83 0.14
N PRO B 163 5.25 16.50 0.31
CA PRO B 163 6.42 16.20 -0.53
C PRO B 163 6.87 14.76 -0.48
N ASP B 164 7.14 14.17 -1.65
CA ASP B 164 7.73 12.87 -1.76
C ASP B 164 9.23 12.98 -1.59
N PRO B 165 9.81 12.39 -0.51
CA PRO B 165 11.27 12.49 -0.30
C PRO B 165 12.12 11.92 -1.45
N ASP B 166 11.51 11.29 -2.46
CA ASP B 166 12.22 10.87 -3.69
C ASP B 166 11.93 11.81 -4.88
N ALA B 167 12.36 13.07 -4.77
CA ALA B 167 12.11 14.14 -5.73
C ALA B 167 12.52 15.47 -5.08
N ARG B 171 8.01 18.08 -5.89
CA ARG B 171 6.98 17.05 -6.16
C ARG B 171 6.43 16.22 -4.97
N PRO B 172 5.12 16.36 -4.74
CA PRO B 172 4.27 15.64 -3.80
C PRO B 172 4.07 14.16 -4.18
N TYR B 173 3.72 13.33 -3.20
CA TYR B 173 3.36 11.92 -3.43
C TYR B 173 2.31 11.76 -4.53
N GLY B 174 1.35 12.68 -4.59
CA GLY B 174 0.22 12.58 -5.50
C GLY B 174 -0.47 11.22 -5.42
N ALA B 175 -0.70 10.63 -6.59
CA ALA B 175 -1.41 9.35 -6.67
C ALA B 175 -0.62 8.15 -6.12
N LYS B 176 0.65 8.36 -5.83
CA LYS B 176 1.52 7.28 -5.39
C LYS B 176 1.68 7.14 -3.87
N PHE B 177 0.90 7.89 -3.10
CA PHE B 177 0.91 7.72 -1.65
C PHE B 177 0.45 6.28 -1.26
N PRO B 178 1.27 5.57 -0.45
CA PRO B 178 0.97 4.20 -0.07
C PRO B 178 -0.33 4.04 0.70
N ARG B 179 -0.95 2.86 0.62
CA ARG B 179 -2.07 2.53 1.49
C ARG B 179 -1.63 2.62 2.94
N THR B 180 -2.47 3.23 3.78
CA THR B 180 -2.24 3.27 5.22
C THR B 180 -3.49 2.81 5.89
N THR B 181 -3.34 2.28 7.10
CA THR B 181 -4.45 1.71 7.85
C THR B 181 -4.74 2.54 9.11
N ILE B 182 -5.87 2.25 9.77
CA ILE B 182 -6.19 2.85 11.05
C ILE B 182 -5.05 2.54 12.03
N ARG B 183 -4.58 1.29 12.02
CA ARG B 183 -3.49 0.90 12.88
C ARG B 183 -2.19 1.69 12.59
N ASP B 184 -1.92 2.03 11.33
CA ASP B 184 -0.74 2.82 11.03
C ASP B 184 -0.84 4.19 11.69
N ASP B 185 -2.00 4.83 11.59
CA ASP B 185 -2.22 6.13 12.20
C ASP B 185 -1.98 6.08 13.70
N VAL B 186 -2.56 5.09 14.36
CA VAL B 186 -2.43 4.93 15.80
C VAL B 186 -0.97 4.76 16.21
N ARG B 187 -0.20 3.99 15.44
CA ARG B 187 1.23 3.74 15.73
CA ARG B 187 1.22 3.73 15.74
C ARG B 187 2.10 4.99 15.61
N ILE B 188 1.97 5.69 14.50
CA ILE B 188 2.79 6.86 14.27
C ILE B 188 2.33 7.95 15.26
N HIS B 189 1.04 8.06 15.54
CA HIS B 189 0.58 8.99 16.54
C HIS B 189 1.13 8.71 17.91
N ARG B 190 1.18 7.44 18.32
CA ARG B 190 1.77 7.10 19.60
C ARG B 190 3.26 7.47 19.62
N GLN B 191 3.98 7.30 18.51
CA GLN B 191 5.37 7.75 18.49
C GLN B 191 5.50 9.26 18.83
N VAL B 192 4.58 10.06 18.29
CA VAL B 192 4.55 11.46 18.54
C VAL B 192 4.26 11.71 20.03
N LEU B 193 3.24 11.07 20.57
CA LEU B 193 2.96 11.23 21.97
C LEU B 193 4.15 10.87 22.85
N ASP B 194 4.97 9.92 22.41
CA ASP B 194 6.13 9.48 23.16
C ASP B 194 7.18 10.59 23.18
N ARG B 195 7.41 11.19 22.02
CA ARG B 195 8.26 12.34 21.96
C ARG B 195 7.77 13.51 22.79
N LEU B 196 6.46 13.65 22.92
CA LEU B 196 5.93 14.74 23.73
C LEU B 196 5.99 14.40 25.21
N GLY B 197 6.37 13.19 25.54
CA GLY B 197 6.55 12.79 26.92
C GLY B 197 5.28 12.37 27.63
N VAL B 198 4.22 12.06 26.89
CA VAL B 198 2.97 11.60 27.46
C VAL B 198 3.22 10.26 28.11
N ARG B 199 2.82 10.12 29.37
CA ARG B 199 3.06 8.89 30.13
C ARG B 199 1.79 8.10 30.33
N GLN B 200 0.68 8.79 30.20
CA GLN B 200 -0.58 8.12 30.25
C GLN B 200 -1.64 8.97 29.63
N ILE B 201 -2.63 8.31 29.04
CA ILE B 201 -3.73 8.97 28.40
C ILE B 201 -4.97 8.83 29.23
N ALA B 202 -5.55 9.95 29.62
CA ALA B 202 -6.74 9.94 30.46
C ALA B 202 -7.95 9.39 29.71
N ALA B 203 -8.04 9.73 28.44
CA ALA B 203 -9.13 9.29 27.57
C ALA B 203 -8.79 9.51 26.11
N VAL B 204 -9.36 8.65 25.27
CA VAL B 204 -9.36 8.84 23.81
C VAL B 204 -10.81 9.00 23.41
N VAL B 205 -11.09 10.05 22.65
CA VAL B 205 -12.47 10.39 22.25
C VAL B 205 -12.48 10.55 20.75
N GLY B 206 -13.45 9.97 20.05
CA GLY B 206 -13.47 10.07 18.58
C GLY B 206 -14.75 9.60 17.92
N ALA B 207 -15.13 10.30 16.86
CA ALA B 207 -16.39 10.01 16.17
C ALA B 207 -16.15 9.60 14.73
N MET B 209 -14.78 8.03 11.73
CA MET B 209 -13.43 7.44 11.56
C MET B 209 -12.66 7.53 12.87
N GLY B 210 -12.84 8.64 13.56
CA GLY B 210 -12.17 8.83 14.86
C GLY B 210 -12.49 7.74 15.87
N GLY B 211 -13.72 7.22 15.82
CA GLY B 211 -14.15 6.16 16.74
C GLY B 211 -13.46 4.86 16.42
N MET B 212 -12.97 4.74 15.18
CA MET B 212 -12.28 3.56 14.75
C MET B 212 -10.87 3.56 15.36
N HIS B 213 -10.18 4.70 15.23
CA HIS B 213 -8.89 4.92 15.89
C HIS B 213 -9.05 4.78 17.39
N THR B 214 -10.07 5.43 17.94
CA THR B 214 -10.37 5.29 19.38
C THR B 214 -10.34 3.82 19.80
N LEU B 215 -11.13 2.99 19.14
CA LEU B 215 -11.18 1.57 19.48
C LEU B 215 -9.80 0.93 19.38
N GLU B 216 -9.02 1.37 18.41
CA GLU B 216 -7.67 0.82 18.19
C GLU B 216 -6.70 1.26 19.27
N TRP B 217 -6.80 2.50 19.73
CA TRP B 217 -5.99 3.01 20.86
C TRP B 217 -6.16 2.13 22.09
N ALA B 218 -7.40 1.69 22.33
CA ALA B 218 -7.73 0.94 23.52
C ALA B 218 -6.90 -0.33 23.67
N PHE B 219 -6.46 -0.91 22.55
CA PHE B 219 -5.70 -2.17 22.65
C PHE B 219 -4.34 -2.02 23.31
N PHE B 220 -3.82 -0.78 23.43
CA PHE B 220 -2.58 -0.54 24.19
C PHE B 220 -2.74 -0.99 25.65
N GLY B 221 -3.98 -1.17 26.08
CA GLY B 221 -4.25 -1.62 27.42
C GLY B 221 -4.65 -0.48 28.36
N PRO B 222 -5.28 -0.83 29.49
CA PRO B 222 -5.75 0.12 30.49
C PRO B 222 -4.61 0.83 31.27
N GLU B 223 -3.38 0.34 31.18
CA GLU B 223 -2.28 1.06 31.81
C GLU B 223 -1.87 2.32 31.04
N TYR B 224 -1.86 2.28 29.71
CA TYR B 224 -1.54 3.45 28.93
C TYR B 224 -2.78 4.28 28.55
N VAL B 225 -3.90 3.61 28.24
CA VAL B 225 -5.14 4.28 27.82
C VAL B 225 -6.20 3.96 28.85
N ARG B 226 -6.54 4.95 29.69
CA ARG B 226 -7.42 4.73 30.84
C ARG B 226 -8.90 4.55 30.50
N LYS B 227 -9.38 5.28 29.51
CA LYS B 227 -10.79 5.30 29.13
C LYS B 227 -10.92 5.57 27.65
N ILE B 228 -12.04 5.10 27.07
CA ILE B 228 -12.36 5.38 25.67
C ILE B 228 -13.77 5.87 25.46
N VAL B 229 -13.94 6.78 24.50
CA VAL B 229 -15.26 7.26 24.11
C VAL B 229 -15.42 7.11 22.58
N PRO B 230 -15.79 5.89 22.12
CA PRO B 230 -16.07 5.72 20.70
C PRO B 230 -17.49 6.24 20.40
N ILE B 231 -17.60 7.04 19.33
CA ILE B 231 -18.85 7.71 18.99
C ILE B 231 -19.21 7.46 17.53
N ALA B 232 -20.45 7.00 17.29
CA ALA B 232 -20.97 6.89 15.94
C ALA B 232 -19.94 6.19 15.01
N THR B 233 -19.66 4.93 15.29
CA THR B 233 -18.56 4.29 14.60
C THR B 233 -18.80 2.75 14.49
N SER B 234 -17.79 2.01 13.99
CA SER B 234 -17.81 0.56 14.03
C SER B 234 -16.49 -0.10 14.28
N CYS B 235 -16.58 -1.38 14.63
CA CYS B 235 -15.47 -2.27 14.92
C CYS B 235 -14.73 -2.80 13.70
N ARG B 236 -15.35 -2.69 12.53
CA ARG B 236 -14.86 -3.33 11.29
C ARG B 236 -15.60 -2.73 10.06
N GLN B 237 -14.95 -2.71 8.92
CA GLN B 237 -15.62 -2.31 7.70
C GLN B 237 -16.82 -3.22 7.41
N SER B 238 -17.94 -2.63 7.03
CA SER B 238 -19.16 -3.38 6.69
C SER B 238 -19.41 -3.26 5.18
N GLY B 239 -20.17 -4.19 4.60
CA GLY B 239 -20.49 -4.12 3.18
C GLY B 239 -21.18 -2.81 2.86
N TRP B 240 -22.05 -2.39 3.77
CA TRP B 240 -22.85 -1.19 3.59
C TRP B 240 -21.96 0.01 3.36
N CYS B 241 -21.08 0.26 4.32
CA CYS B 241 -20.16 1.40 4.24
C CYS B 241 -19.18 1.25 3.11
N ALA B 242 -18.69 0.04 2.88
CA ALA B 242 -17.77 -0.13 1.76
C ALA B 242 -18.46 0.33 0.46
N ALA B 243 -19.72 -0.01 0.29
CA ALA B 243 -20.45 0.31 -0.91
C ALA B 243 -20.63 1.81 -1.07
N TRP B 244 -21.11 2.49 -0.04
CA TRP B 244 -21.25 3.96 -0.10
C TRP B 244 -19.94 4.71 -0.40
N PHE B 245 -18.83 4.30 0.21
CA PHE B 245 -17.58 5.01 -0.06
C PHE B 245 -16.94 4.66 -1.37
N GLU B 246 -17.09 3.39 -1.80
CA GLU B 246 -16.67 2.98 -3.13
C GLU B 246 -17.48 3.73 -4.19
N THR B 247 -18.78 3.83 -3.99
CA THR B 247 -19.62 4.66 -4.89
C THR B 247 -19.06 6.07 -4.93
N GLN B 248 -18.72 6.61 -3.77
CA GLN B 248 -18.16 7.97 -3.74
C GLN B 248 -16.87 8.06 -4.53
N ARG B 249 -15.97 7.09 -4.32
CA ARG B 249 -14.67 7.10 -5.06
C ARG B 249 -14.89 6.97 -6.55
N GLN B 250 -15.81 6.09 -6.94
CA GLN B 250 -16.08 5.95 -8.36
C GLN B 250 -16.51 7.28 -9.03
N CYS B 251 -17.28 8.12 -8.31
CA CYS B 251 -17.56 9.48 -8.85
C CYS B 251 -16.28 10.20 -9.24
N ILE B 252 -15.22 9.99 -8.46
CA ILE B 252 -13.96 10.66 -8.68
C ILE B 252 -13.23 9.96 -9.81
N TYR B 253 -13.15 8.63 -9.77
CA TYR B 253 -12.49 7.88 -10.83
C TYR B 253 -13.07 8.20 -12.21
N ASP B 254 -14.37 8.46 -12.27
CA ASP B 254 -15.05 8.63 -13.54
C ASP B 254 -15.00 10.06 -14.05
N ASP B 255 -14.43 10.96 -13.26
CA ASP B 255 -14.34 12.36 -13.65
C ASP B 255 -13.13 12.43 -14.56
N PRO B 256 -13.30 12.89 -15.81
CA PRO B 256 -12.20 12.89 -16.79
C PRO B 256 -11.02 13.81 -16.40
N LYS B 257 -11.23 14.70 -15.43
CA LYS B 257 -10.16 15.57 -14.92
C LYS B 257 -9.24 14.87 -13.93
N TYR B 258 -9.65 13.69 -13.47
CA TYR B 258 -8.91 12.89 -12.51
C TYR B 258 -7.60 12.39 -13.06
N LEU B 259 -7.59 11.99 -14.32
CA LEU B 259 -6.37 11.61 -15.00
C LEU B 259 -5.60 10.59 -14.19
N ASP B 260 -6.31 9.66 -13.57
CA ASP B 260 -5.68 8.54 -12.87
C ASP B 260 -4.91 8.95 -11.61
N GLY B 261 -5.27 10.12 -11.09
CA GLY B 261 -4.62 10.67 -9.92
C GLY B 261 -3.50 11.64 -10.24
N GLU B 262 -3.29 11.85 -11.54
CA GLU B 262 -2.18 12.67 -12.03
C GLU B 262 -2.63 14.09 -12.34
N TYR B 263 -3.86 14.43 -11.98
CA TYR B 263 -4.36 15.78 -12.18
C TYR B 263 -3.40 16.82 -11.61
N ASP B 264 -3.33 17.98 -12.24
CA ASP B 264 -2.57 19.08 -11.69
C ASP B 264 -3.38 19.65 -10.53
N VAL B 265 -2.69 19.99 -9.45
CA VAL B 265 -3.29 20.37 -8.17
C VAL B 265 -4.31 21.54 -8.22
N ASP B 266 -4.20 22.39 -9.24
CA ASP B 266 -5.16 23.50 -9.38
C ASP B 266 -6.12 23.24 -10.56
N ASP B 267 -6.23 21.97 -10.91
CA ASP B 267 -7.24 21.52 -11.86
C ASP B 267 -7.81 20.15 -11.39
N GLN B 268 -8.39 20.18 -10.20
CA GLN B 268 -8.94 19.00 -9.52
C GLN B 268 -10.14 18.39 -10.28
N PRO B 269 -10.40 17.08 -10.09
CA PRO B 269 -11.68 16.53 -10.54
C PRO B 269 -12.81 17.01 -9.62
N VAL B 270 -13.20 18.28 -9.83
CA VAL B 270 -14.12 18.99 -8.94
C VAL B 270 -15.54 18.44 -8.97
N ARG B 271 -16.00 18.00 -10.13
CA ARG B 271 -17.36 17.43 -10.25
C ARG B 271 -17.46 16.11 -9.53
N GLY B 272 -16.45 15.26 -9.71
CA GLY B 272 -16.35 14.00 -9.00
C GLY B 272 -16.39 14.24 -7.51
N LEU B 273 -15.53 15.14 -7.04
CA LEU B 273 -15.44 15.46 -5.61
C LEU B 273 -16.74 15.95 -5.04
N GLU B 274 -17.35 16.93 -5.72
CA GLU B 274 -18.66 17.45 -5.33
C GLU B 274 -19.66 16.34 -5.14
N THR B 275 -19.72 15.46 -6.13
CA THR B 275 -20.72 14.42 -6.16
C THR B 275 -20.46 13.43 -5.04
N ALA B 276 -19.20 13.01 -4.90
CA ALA B 276 -18.83 12.16 -3.78
C ALA B 276 -19.35 12.75 -2.47
N ARG B 277 -19.23 14.07 -2.35
CA ARG B 277 -19.60 14.81 -1.14
C ARG B 277 -21.11 14.98 -0.93
N LYS B 278 -21.90 15.28 -1.97
CA LYS B 278 -23.36 15.26 -1.88
C LYS B 278 -23.84 13.96 -1.29
N ILE B 279 -23.36 12.86 -1.84
CA ILE B 279 -23.78 11.52 -1.41
C ILE B 279 -23.42 11.34 0.07
N ALA B 280 -22.14 11.56 0.40
CA ALA B 280 -21.69 11.48 1.79
C ALA B 280 -22.54 12.30 2.69
N ASN B 281 -22.76 13.55 2.31
CA ASN B 281 -23.58 14.43 3.13
C ASN B 281 -24.95 13.88 3.39
N LEU B 282 -25.56 13.21 2.42
CA LEU B 282 -26.91 12.66 2.67
C LEU B 282 -26.86 11.45 3.55
N THR B 283 -25.86 10.57 3.35
CA THR B 283 -25.71 9.43 4.23
C THR B 283 -25.55 9.91 5.68
N TYR B 284 -25.10 11.16 5.91
CA TYR B 284 -24.89 11.64 7.27
C TYR B 284 -26.17 12.15 7.91
N LYS B 285 -27.22 12.27 7.10
CA LYS B 285 -28.52 12.73 7.56
C LYS B 285 -29.50 11.59 7.90
N SER B 286 -30.65 11.95 8.43
CA SER B 286 -31.69 11.01 8.70
C SER B 286 -32.93 11.50 7.95
N LYS B 287 -33.88 10.59 7.78
CA LYS B 287 -35.10 10.94 7.10
C LYS B 287 -35.81 12.02 7.90
N PRO B 288 -36.01 11.81 9.23
CA PRO B 288 -36.66 12.93 9.98
C PRO B 288 -35.94 14.29 9.88
N ALA B 289 -34.62 14.31 9.83
CA ALA B 289 -33.93 15.58 9.82
C ALA B 289 -34.16 16.24 8.47
N MET B 290 -34.09 15.48 7.37
CA MET B 290 -34.30 16.11 6.04
C MET B 290 -35.76 16.48 5.84
N ASP B 291 -36.65 15.69 6.42
CA ASP B 291 -38.08 16.02 6.35
C ASP B 291 -38.47 17.31 7.08
N GLU B 292 -37.85 17.58 8.24
CA GLU B 292 -38.11 18.84 8.96
C GLU B 292 -37.54 20.02 8.21
N ARG B 293 -36.48 19.80 7.48
CA ARG B 293 -35.79 20.89 6.85
C ARG B 293 -36.42 21.27 5.51
N PHE B 294 -36.98 20.29 4.80
CA PHE B 294 -37.62 20.51 3.50
C PHE B 294 -38.97 19.81 3.43
N HIS B 295 -40.03 20.57 3.19
CA HIS B 295 -41.32 19.93 2.97
C HIS B 295 -42.23 20.76 2.08
N MET B 296 -43.42 20.23 1.82
CA MET B 296 -44.37 20.90 0.93
C MET B 296 -45.36 21.81 1.70
N ALA B 297 -46.01 22.75 1.00
CA ALA B 297 -47.19 23.42 1.60
C ALA B 297 -48.23 22.33 2.03
N PRO B 298 -49.00 22.57 3.14
CA PRO B 298 -50.21 21.71 3.44
C PRO B 298 -51.26 21.57 2.27
N GLY B 299 -52.23 20.66 2.44
CA GLY B 299 -53.23 20.32 1.40
C GLY B 299 -54.00 21.44 0.68
N VAL B 300 -55.02 21.99 1.32
CA VAL B 300 -55.67 23.15 0.74
C VAL B 300 -55.85 24.26 1.78
N GLY B 327 -34.05 27.53 1.70
CA GLY B 327 -34.41 27.40 3.12
C GLY B 327 -35.14 26.12 3.54
N GLN B 328 -36.38 25.98 3.03
CA GLN B 328 -37.41 25.08 3.61
C GLN B 328 -38.50 24.48 2.65
N PRO B 329 -38.86 25.17 1.52
CA PRO B 329 -39.64 24.40 0.51
C PRO B 329 -38.79 23.36 -0.27
N ILE B 330 -39.46 22.38 -0.87
CA ILE B 330 -38.78 21.36 -1.65
C ILE B 330 -37.97 21.90 -2.84
N GLU B 331 -38.37 23.04 -3.42
CA GLU B 331 -37.60 23.75 -4.47
C GLU B 331 -36.14 24.01 -4.05
N ALA B 332 -35.94 24.20 -2.73
CA ALA B 332 -34.68 24.64 -2.14
C ALA B 332 -33.67 23.53 -1.98
N VAL B 333 -34.11 22.29 -2.13
CA VAL B 333 -33.25 21.11 -1.95
C VAL B 333 -32.08 21.15 -2.92
N SER B 334 -32.41 21.44 -4.15
CA SER B 334 -31.46 21.46 -5.21
C SER B 334 -30.19 22.27 -4.83
N SER B 335 -30.36 23.53 -4.41
CA SER B 335 -29.20 24.37 -4.16
C SER B 335 -28.59 24.06 -2.77
N TYR B 336 -29.39 23.56 -1.85
CA TYR B 336 -28.83 23.05 -0.59
C TYR B 336 -27.78 21.95 -0.86
N LEU B 337 -28.08 21.06 -1.80
CA LEU B 337 -27.19 19.98 -2.13
C LEU B 337 -25.94 20.47 -2.81
N ARG B 338 -26.08 21.41 -3.73
CA ARG B 338 -24.96 21.93 -4.50
C ARG B 338 -24.02 22.72 -3.59
N TYR B 339 -24.61 23.51 -2.69
CA TYR B 339 -23.87 24.55 -2.02
C TYR B 339 -22.64 24.08 -1.22
N GLN B 340 -22.86 23.28 -0.18
CA GLN B 340 -21.73 22.80 0.61
C GLN B 340 -20.85 21.80 -0.15
N ALA B 341 -21.43 21.05 -1.09
CA ALA B 341 -20.63 20.13 -1.89
C ALA B 341 -19.61 20.88 -2.73
N GLN B 342 -20.00 22.01 -3.33
CA GLN B 342 -19.09 22.89 -4.03
C GLN B 342 -18.00 23.46 -3.14
N LYS B 343 -18.39 24.04 -1.99
CA LYS B 343 -17.39 24.66 -1.13
C LYS B 343 -16.33 23.60 -0.69
N PHE B 344 -16.79 22.38 -0.44
CA PHE B 344 -15.91 21.29 -0.07
C PHE B 344 -14.95 20.88 -1.19
N ALA B 345 -15.47 20.68 -2.40
CA ALA B 345 -14.65 20.27 -3.56
C ALA B 345 -13.60 21.32 -3.92
N ALA B 346 -13.86 22.57 -3.54
CA ALA B 346 -12.92 23.66 -3.74
C ALA B 346 -11.81 23.59 -2.66
N SER B 347 -12.06 22.92 -1.55
CA SER B 347 -11.12 22.97 -0.46
C SER B 347 -10.75 21.61 0.12
N PHE B 348 -10.69 20.60 -0.75
CA PHE B 348 -10.19 19.28 -0.39
C PHE B 348 -9.53 18.67 -1.60
N ASP B 349 -8.70 17.65 -1.38
CA ASP B 349 -7.97 17.04 -2.50
C ASP B 349 -8.57 15.70 -2.88
N ALA B 350 -8.69 15.44 -4.18
CA ALA B 350 -9.30 14.21 -4.69
C ALA B 350 -8.54 13.00 -4.25
N ASN B 351 -7.23 12.99 -4.47
CA ASN B 351 -6.37 11.87 -4.05
C ASN B 351 -6.45 11.60 -2.55
N CYS B 352 -6.43 12.64 -1.75
CA CYS B 352 -6.65 12.46 -0.31
C CYS B 352 -8.02 11.85 -0.02
N TYR B 353 -9.06 12.24 -0.76
CA TYR B 353 -10.37 11.66 -0.53
C TYR B 353 -10.33 10.15 -0.74
N ILE B 354 -9.65 9.75 -1.80
CA ILE B 354 -9.49 8.34 -2.10
C ILE B 354 -8.67 7.63 -1.03
N ALA B 355 -7.49 8.17 -0.70
CA ALA B 355 -6.63 7.56 0.30
C ALA B 355 -7.32 7.44 1.67
N MET B 356 -8.04 8.49 2.09
CA MET B 356 -8.75 8.50 3.36
C MET B 356 -9.89 7.47 3.40
N THR B 357 -10.69 7.42 2.32
CA THR B 357 -11.82 6.54 2.38
C THR B 357 -11.37 5.09 2.33
N LEU B 358 -10.25 4.84 1.67
CA LEU B 358 -9.70 3.48 1.60
C LEU B 358 -9.24 2.96 2.95
N LYS B 359 -8.87 3.86 3.86
CA LYS B 359 -8.55 3.47 5.22
C LYS B 359 -9.66 2.66 5.82
N PHE B 360 -10.90 3.05 5.54
CA PHE B 360 -12.06 2.36 6.09
C PHE B 360 -12.07 0.89 5.75
N ASP B 361 -11.54 0.52 4.58
CA ASP B 361 -11.49 -0.87 4.14
C ASP B 361 -10.58 -1.78 4.96
N THR B 362 -9.54 -1.20 5.57
CA THR B 362 -8.54 -1.90 6.38
C THR B 362 -9.03 -2.13 7.83
N HIS B 363 -10.11 -1.44 8.21
CA HIS B 363 -10.47 -1.37 9.62
C HIS B 363 -11.03 -2.67 10.07
N ASP B 364 -10.46 -3.28 11.09
CA ASP B 364 -11.03 -4.48 11.73
C ASP B 364 -10.33 -4.65 13.04
N ILE B 365 -10.98 -4.39 14.17
CA ILE B 365 -10.25 -4.48 15.45
C ILE B 365 -9.76 -5.91 15.79
N SER B 366 -10.32 -6.92 15.12
CA SER B 366 -10.04 -8.33 15.44
C SER B 366 -8.95 -8.94 14.59
N ARG B 367 -8.69 -8.34 13.45
CA ARG B 367 -7.73 -8.96 12.56
C ARG B 367 -6.40 -9.12 13.26
N GLY B 368 -5.86 -10.34 13.21
CA GLY B 368 -4.63 -10.73 13.88
C GLY B 368 -4.72 -10.92 15.39
N ARG B 369 -5.89 -10.69 16.00
CA ARG B 369 -5.98 -10.60 17.46
C ARG B 369 -6.99 -11.56 18.03
N ALA B 370 -8.11 -11.77 17.35
CA ALA B 370 -9.14 -12.67 17.84
C ALA B 370 -9.89 -13.26 16.66
N GLY B 371 -10.69 -14.29 16.94
CA GLY B 371 -11.44 -15.01 15.94
C GLY B 371 -12.70 -14.28 15.52
N SER B 372 -13.15 -13.33 16.31
CA SER B 372 -14.39 -12.62 15.99
C SER B 372 -14.41 -11.24 16.62
N ILE B 373 -15.33 -10.39 16.17
CA ILE B 373 -15.50 -9.05 16.72
C ILE B 373 -15.86 -9.08 18.20
N PRO B 374 -16.84 -9.90 18.62
CA PRO B 374 -17.11 -9.92 20.07
C PRO B 374 -15.93 -10.36 20.94
N GLU B 375 -15.11 -11.27 20.47
CA GLU B 375 -13.93 -11.69 21.20
C GLU B 375 -12.91 -10.57 21.30
N ALA B 376 -12.74 -9.82 20.21
CA ALA B 376 -11.84 -8.67 20.20
C ALA B 376 -12.35 -7.56 21.13
N LEU B 377 -13.64 -7.25 21.09
CA LEU B 377 -14.20 -6.29 22.01
C LEU B 377 -13.99 -6.65 23.51
N ALA B 378 -13.99 -7.94 23.80
CA ALA B 378 -13.85 -8.40 25.17
C ALA B 378 -12.42 -8.20 25.67
N MET B 379 -11.49 -7.98 24.75
CA MET B 379 -10.13 -7.65 25.11
C MET B 379 -9.96 -6.17 25.50
N ILE B 380 -11.03 -5.39 25.42
CA ILE B 380 -10.99 -3.98 25.80
C ILE B 380 -11.40 -3.83 27.25
N THR B 381 -10.42 -3.54 28.10
CA THR B 381 -10.57 -3.57 29.56
C THR B 381 -10.94 -2.21 30.15
N GLN B 382 -10.60 -1.13 29.44
CA GLN B 382 -10.86 0.21 29.92
C GLN B 382 -12.35 0.44 30.05
N PRO B 383 -12.74 1.33 30.96
CA PRO B 383 -14.07 1.90 30.87
C PRO B 383 -14.30 2.55 29.49
N ALA B 384 -15.50 2.36 28.92
CA ALA B 384 -15.85 2.83 27.59
C ALA B 384 -17.21 3.45 27.63
N LEU B 385 -17.35 4.62 27.00
CA LEU B 385 -18.65 5.23 26.82
C LEU B 385 -18.91 5.20 25.32
N ILE B 386 -19.96 4.48 24.90
CA ILE B 386 -20.31 4.36 23.48
C ILE B 386 -21.45 5.31 23.21
N ILE B 387 -21.21 6.28 22.35
CA ILE B 387 -22.23 7.26 22.06
C ILE B 387 -22.73 7.03 20.63
N CYS B 388 -24.06 6.98 20.46
CA CYS B 388 -24.67 6.77 19.15
C CYS B 388 -26.02 7.44 19.04
N ALA B 389 -26.60 7.42 17.83
CA ALA B 389 -27.99 7.81 17.59
C ALA B 389 -28.70 6.69 16.85
N ARG B 390 -29.98 6.50 17.21
CA ARG B 390 -30.83 5.50 16.61
C ARG B 390 -30.87 5.62 15.09
N SER B 391 -30.84 6.86 14.60
CA SER B 391 -31.12 7.12 13.20
C SER B 391 -29.86 7.29 12.36
N ASP B 392 -28.72 6.85 12.88
CA ASP B 392 -27.46 6.88 12.14
C ASP B 392 -27.64 5.92 11.00
N GLY B 393 -27.48 6.37 9.78
CA GLY B 393 -27.63 5.49 8.61
C GLY B 393 -26.37 4.76 8.21
N LEU B 394 -25.23 5.13 8.78
CA LEU B 394 -23.98 4.50 8.40
C LEU B 394 -23.51 3.51 9.45
N TYR B 395 -23.57 3.89 10.72
CA TYR B 395 -23.15 2.99 11.78
C TYR B 395 -24.34 2.73 12.64
N SER B 396 -24.78 1.50 12.66
CA SER B 396 -26.13 1.20 13.08
C SER B 396 -26.21 1.19 14.58
N PHE B 397 -27.37 1.58 15.09
CA PHE B 397 -27.67 1.42 16.49
C PHE B 397 -27.29 0.03 17.02
N ASP B 398 -27.68 -1.01 16.30
CA ASP B 398 -27.38 -2.39 16.70
C ASP B 398 -25.91 -2.70 16.90
N GLU B 399 -25.03 -2.18 16.04
CA GLU B 399 -23.59 -2.45 16.21
C GLU B 399 -23.01 -1.75 17.45
N HIS B 400 -23.63 -0.64 17.87
CA HIS B 400 -23.20 0.04 19.09
C HIS B 400 -23.69 -0.76 20.27
N VAL B 401 -24.91 -1.29 20.15
CA VAL B 401 -25.50 -2.17 21.18
C VAL B 401 -24.59 -3.37 21.39
N GLU B 402 -24.09 -3.93 20.28
CA GLU B 402 -23.14 -5.04 20.33
C GLU B 402 -21.87 -4.64 21.05
N MET B 403 -21.33 -3.46 20.73
CA MET B 403 -20.15 -2.96 21.42
C MET B 403 -20.36 -2.97 22.93
N GLY B 404 -21.45 -2.33 23.36
CA GLY B 404 -21.78 -2.23 24.76
C GLY B 404 -21.95 -3.56 25.47
N ARG B 405 -22.20 -4.61 24.70
CA ARG B 405 -22.46 -5.95 25.20
C ARG B 405 -21.21 -6.77 25.31
N SER B 406 -20.27 -6.56 24.41
CA SER B 406 -19.02 -7.32 24.50
C SER B 406 -17.84 -6.62 25.20
N ILE B 407 -17.87 -5.29 25.30
CA ILE B 407 -16.88 -4.56 26.04
C ILE B 407 -17.33 -4.66 27.49
N PRO B 408 -16.53 -5.34 28.33
CA PRO B 408 -16.92 -5.65 29.70
C PRO B 408 -17.25 -4.43 30.58
N ASN B 409 -16.48 -3.34 30.53
CA ASN B 409 -16.85 -2.17 31.35
C ASN B 409 -17.33 -1.02 30.49
N SER B 410 -18.56 -1.11 29.96
CA SER B 410 -19.06 -0.13 29.00
C SER B 410 -20.44 0.41 29.34
N ARG B 411 -20.68 1.66 29.00
CA ARG B 411 -22.01 2.23 29.09
C ARG B 411 -22.40 2.71 27.71
N LEU B 412 -23.60 2.34 27.28
CA LEU B 412 -24.14 2.83 26.02
C LEU B 412 -24.90 4.12 26.24
N CYS B 413 -24.55 5.17 25.49
CA CYS B 413 -25.26 6.41 25.60
C CYS B 413 -25.95 6.73 24.26
N VAL B 414 -27.28 6.72 24.27
CA VAL B 414 -28.05 6.93 23.07
C VAL B 414 -28.55 8.33 23.13
N VAL B 415 -28.06 9.18 22.21
CA VAL B 415 -28.42 10.60 22.24
C VAL B 415 -29.87 10.77 21.80
N ASP B 416 -30.63 11.49 22.60
CA ASP B 416 -32.01 11.80 22.30
C ASP B 416 -32.04 12.84 21.19
N THR B 417 -32.18 12.34 19.97
CA THR B 417 -32.15 13.18 18.78
C THR B 417 -32.85 12.43 17.64
N ASN B 418 -33.24 13.17 16.60
CA ASN B 418 -33.71 12.54 15.37
C ASN B 418 -32.70 12.75 14.24
N GLU B 419 -31.52 13.29 14.55
CA GLU B 419 -30.53 13.69 13.54
C GLU B 419 -29.90 12.43 13.00
N GLY B 420 -29.18 12.26 11.94
CA GLY B 420 -28.63 10.93 11.69
C GLY B 420 -27.19 10.98 12.11
N HIS B 421 -26.31 10.46 11.27
CA HIS B 421 -24.94 10.25 11.63
C HIS B 421 -24.25 11.52 12.13
N ASP B 422 -24.53 12.66 11.52
CA ASP B 422 -23.91 13.89 11.94
C ASP B 422 -24.47 14.50 13.26
N PHE B 423 -25.24 13.71 14.00
CA PHE B 423 -25.75 14.14 15.29
C PHE B 423 -24.65 14.64 16.20
N PHE B 424 -23.43 14.10 16.07
CA PHE B 424 -22.41 14.36 17.08
C PHE B 424 -21.92 15.77 16.90
N VAL B 425 -22.25 16.34 15.74
CA VAL B 425 -21.98 17.72 15.44
C VAL B 425 -23.23 18.58 15.65
N MET B 426 -24.41 18.07 15.26
CA MET B 426 -25.66 18.86 15.34
C MET B 426 -26.15 18.96 16.77
N GLU B 427 -25.83 17.95 17.59
CA GLU B 427 -26.22 17.91 18.99
C GLU B 427 -24.96 17.93 19.84
N ALA B 428 -24.00 18.79 19.47
CA ALA B 428 -22.68 18.83 20.14
C ALA B 428 -22.78 19.01 21.67
N ASP B 429 -23.76 19.79 22.12
CA ASP B 429 -23.94 20.05 23.53
C ASP B 429 -24.29 18.80 24.26
N LYS B 430 -25.14 17.96 23.68
CA LYS B 430 -25.46 16.69 24.31
C LYS B 430 -24.29 15.71 24.36
N VAL B 431 -23.42 15.78 23.37
CA VAL B 431 -22.27 14.91 23.33
C VAL B 431 -21.28 15.43 24.36
N ASN B 432 -21.20 16.76 24.50
CA ASN B 432 -20.33 17.40 25.47
C ASN B 432 -20.65 16.92 26.88
N ASP B 433 -21.95 16.97 27.22
CA ASP B 433 -22.40 16.63 28.55
C ASP B 433 -22.09 15.18 28.81
N ALA B 434 -22.32 14.34 27.82
CA ALA B 434 -22.10 12.90 28.00
C ALA B 434 -20.63 12.63 28.24
N VAL B 435 -19.78 13.22 27.40
CA VAL B 435 -18.34 13.07 27.53
C VAL B 435 -17.84 13.62 28.86
N ARG B 436 -18.15 14.86 29.17
CA ARG B 436 -17.74 15.44 30.46
C ARG B 436 -18.16 14.54 31.64
N GLY B 437 -19.42 14.12 31.65
CA GLY B 437 -19.95 13.25 32.72
C GLY B 437 -19.11 11.99 32.97
N PHE B 438 -18.68 11.39 31.86
CA PHE B 438 -17.86 10.19 31.85
C PHE B 438 -16.42 10.47 32.31
N LEU B 439 -15.86 11.57 31.86
CA LEU B 439 -14.53 11.96 32.26
C LEU B 439 -14.42 12.37 33.73
N ASP B 440 -15.54 12.83 34.29
CA ASP B 440 -15.60 13.24 35.69
C ASP B 440 -15.70 12.06 36.64
N GLN B 441 -16.11 10.93 36.11
CA GLN B 441 -16.08 9.70 36.85
C GLN B 441 -14.72 9.29 37.41
N SER B 442 -14.76 8.64 38.56
CA SER B 442 -13.60 7.88 39.07
C SER B 442 -13.23 6.74 38.11
N GLN C 63 7.10 12.51 38.02
CA GLN C 63 6.25 12.90 39.21
C GLN C 63 6.80 14.03 40.16
N ILE C 64 8.11 14.12 40.42
CA ILE C 64 8.57 15.28 41.26
C ILE C 64 8.62 16.68 40.56
N ALA C 65 8.00 17.67 41.20
CA ALA C 65 7.97 19.09 40.78
C ALA C 65 9.29 19.87 41.04
N ASN C 66 9.65 20.71 40.07
CA ASN C 66 10.81 21.61 40.03
C ASN C 66 10.30 23.05 39.94
N ARG C 67 10.40 23.82 41.03
CA ARG C 67 9.83 25.17 41.06
C ARG C 67 10.55 26.15 40.15
N PHE C 68 11.82 25.89 39.85
CA PHE C 68 12.63 26.79 39.02
C PHE C 68 12.20 26.74 37.55
N GLU C 69 12.04 25.52 37.04
CA GLU C 69 11.44 25.27 35.73
C GLU C 69 9.98 25.76 35.66
N ALA C 70 9.20 25.50 36.69
CA ALA C 70 7.82 25.94 36.79
C ALA C 70 7.62 27.46 36.64
N SER C 71 8.61 28.28 36.98
CA SER C 71 8.50 29.73 36.92
C SER C 71 8.70 30.28 35.50
N LEU C 72 9.05 29.41 34.56
CA LEU C 72 9.38 29.83 33.20
C LEU C 72 8.16 29.93 32.29
N ASP C 73 8.27 30.64 31.18
CA ASP C 73 7.21 30.57 30.16
C ASP C 73 7.24 29.17 29.58
N ALA C 74 6.33 28.90 28.65
CA ALA C 74 6.26 27.60 28.02
C ALA C 74 7.52 27.31 27.22
N GLN C 75 7.91 26.05 27.24
CA GLN C 75 9.03 25.53 26.47
C GLN C 75 8.84 24.05 26.14
N ASP C 76 9.63 23.54 25.22
CA ASP C 76 9.54 22.19 24.86
C ASP C 76 10.56 21.37 25.67
N ILE C 77 10.31 20.08 25.79
CA ILE C 77 11.23 19.12 26.40
C ILE C 77 11.39 17.92 25.47
N ALA C 78 12.60 17.64 25.01
CA ALA C 78 12.85 16.41 24.30
C ALA C 78 13.32 15.38 25.33
N ARG C 79 13.00 14.10 25.08
CA ARG C 79 13.42 13.03 25.97
CA ARG C 79 13.41 13.02 25.97
C ARG C 79 14.38 12.06 25.28
N ILE C 80 15.59 11.97 25.78
CA ILE C 80 16.57 11.02 25.22
C ILE C 80 16.54 9.86 26.18
N SER C 81 16.18 8.67 25.71
CA SER C 81 16.06 7.54 26.65
C SER C 81 17.38 7.07 27.24
N LEU C 82 18.46 7.17 26.47
CA LEU C 82 19.78 6.83 26.97
C LEU C 82 20.83 7.77 26.43
N PHE C 83 21.68 8.27 27.32
CA PHE C 83 22.78 9.13 26.91
C PHE C 83 24.04 8.81 27.72
N THR C 84 25.13 8.56 27.01
CA THR C 84 26.36 8.23 27.66
C THR C 84 27.25 9.46 27.78
N LEU C 85 27.43 9.92 29.03
CA LEU C 85 28.31 11.04 29.31
C LEU C 85 29.73 10.67 28.91
N GLU C 86 30.59 11.64 28.65
CA GLU C 86 31.95 11.29 28.30
C GLU C 86 32.78 10.69 29.47
N SER C 87 32.25 10.81 30.69
CA SER C 87 32.82 10.09 31.81
C SER C 87 32.56 8.57 31.68
N GLY C 88 31.57 8.19 30.85
CA GLY C 88 31.08 6.81 30.79
C GLY C 88 29.85 6.57 31.64
N VAL C 89 29.44 7.57 32.42
CA VAL C 89 28.20 7.46 33.15
C VAL C 89 27.01 7.54 32.16
N ILE C 90 26.00 6.72 32.39
CA ILE C 90 24.83 6.66 31.55
C ILE C 90 23.63 7.34 32.22
N LEU C 91 23.08 8.33 31.53
CA LEU C 91 21.87 8.96 32.00
C LEU C 91 20.72 8.29 31.28
N ARG C 92 19.62 8.12 31.99
CA ARG C 92 18.47 7.48 31.40
C ARG C 92 17.28 8.42 31.44
N ASP C 93 16.40 8.29 30.45
CA ASP C 93 15.19 9.09 30.38
C ASP C 93 15.39 10.58 30.68
N VAL C 94 16.17 11.21 29.82
CA VAL C 94 16.81 12.48 30.06
C VAL C 94 16.04 13.63 29.43
N PRO C 95 15.48 14.53 30.25
CA PRO C 95 14.84 15.66 29.65
C PRO C 95 15.84 16.66 29.12
N VAL C 96 15.55 17.22 27.95
CA VAL C 96 16.33 18.34 27.45
C VAL C 96 15.35 19.47 27.14
N ALA C 97 15.39 20.55 27.90
CA ALA C 97 14.45 21.64 27.71
C ALA C 97 14.97 22.53 26.62
N TYR C 98 14.06 23.13 25.83
CA TYR C 98 14.46 24.10 24.81
C TYR C 98 13.35 25.07 24.42
N LYS C 99 13.75 26.11 23.73
CA LYS C 99 12.84 27.09 23.29
C LYS C 99 13.30 27.44 21.91
N SER C 100 12.36 27.61 21.00
CA SER C 100 12.67 28.11 19.69
C SER C 100 11.74 29.24 19.28
N TRP C 101 12.17 29.99 18.27
CA TRP C 101 11.43 31.08 17.69
C TRP C 101 11.59 30.97 16.20
N GLY C 102 10.54 31.28 15.48
CA GLY C 102 10.59 31.23 14.03
C GLY C 102 10.35 29.83 13.53
N ARG C 103 10.55 29.63 12.24
CA ARG C 103 10.15 28.40 11.61
C ARG C 103 11.27 27.92 10.70
N MET C 104 11.45 26.60 10.66
CA MET C 104 12.39 25.98 9.74
C MET C 104 11.93 26.14 8.30
N ASN C 105 12.87 26.38 7.38
CA ASN C 105 12.53 26.41 5.96
C ASN C 105 12.38 24.98 5.45
N VAL C 106 12.04 24.84 4.18
CA VAL C 106 11.74 23.53 3.61
C VAL C 106 12.99 22.66 3.63
N SER C 107 14.10 23.33 3.41
CA SER C 107 15.39 22.69 3.34
C SER C 107 15.93 22.30 4.73
N ARG C 108 15.28 22.83 5.78
CA ARG C 108 15.65 22.68 7.18
C ARG C 108 17.13 23.01 7.46
N ASP C 109 17.58 24.15 6.93
CA ASP C 109 18.98 24.53 7.01
C ASP C 109 19.20 25.97 7.46
N ASN C 110 18.13 26.58 7.99
CA ASN C 110 18.14 27.99 8.44
C ASN C 110 18.13 28.04 9.96
N CYS C 111 18.68 27.00 10.57
CA CYS C 111 18.69 26.91 12.02
C CYS C 111 19.83 27.73 12.64
N VAL C 112 19.47 28.61 13.57
CA VAL C 112 20.46 29.32 14.36
C VAL C 112 20.39 28.85 15.81
N ILE C 113 21.51 28.33 16.35
CA ILE C 113 21.59 27.89 17.74
C ILE C 113 22.19 28.99 18.61
N VAL C 114 21.46 29.36 19.66
CA VAL C 114 21.99 30.29 20.61
C VAL C 114 22.32 29.51 21.86
N CYS C 115 23.56 29.62 22.32
CA CYS C 115 23.98 28.95 23.56
C CYS C 115 23.92 29.89 24.74
N HIS C 116 23.14 29.53 25.74
CA HIS C 116 22.90 30.47 26.82
C HIS C 116 24.05 30.61 27.83
N THR C 117 23.91 31.53 28.81
CA THR C 117 24.97 31.80 29.77
C THR C 117 24.84 30.85 30.96
N LEU C 118 25.85 30.86 31.81
CA LEU C 118 25.90 30.01 33.00
C LEU C 118 24.60 29.87 33.78
N THR C 119 23.91 30.96 34.11
CA THR C 119 22.74 30.88 35.02
C THR C 119 21.38 31.11 34.35
N SER C 120 21.34 31.31 33.04
CA SER C 120 20.08 31.58 32.40
C SER C 120 19.37 30.31 32.01
N SER C 121 18.12 30.48 31.59
CA SER C 121 17.36 29.41 31.04
C SER C 121 17.58 29.43 29.53
N ALA C 122 16.82 28.59 28.83
CA ALA C 122 16.78 28.64 27.39
C ALA C 122 16.14 29.92 26.83
N HIS C 123 15.45 30.69 27.67
CA HIS C 123 14.66 31.85 27.22
C HIS C 123 15.51 33.08 27.02
N VAL C 124 16.18 33.07 25.89
CA VAL C 124 17.20 34.04 25.55
C VAL C 124 16.63 35.45 25.42
N THR C 125 15.36 35.52 25.05
CA THR C 125 14.60 36.75 24.94
C THR C 125 14.65 37.51 26.24
N SER C 126 14.83 36.84 27.36
CA SER C 126 14.70 37.53 28.62
C SER C 126 15.96 38.32 28.98
N TRP C 127 17.10 37.99 28.38
CA TRP C 127 18.32 38.78 28.66
C TRP C 127 18.89 39.36 27.40
N TRP C 128 18.49 38.81 26.26
CA TRP C 128 18.86 39.38 24.94
C TRP C 128 17.66 39.85 24.10
N PRO C 129 16.69 40.59 24.72
CA PRO C 129 15.45 40.81 23.97
C PRO C 129 15.65 41.56 22.68
N THR C 130 16.58 42.48 22.63
CA THR C 130 16.70 43.31 21.41
C THR C 130 17.45 42.61 20.27
N LEU C 131 17.96 41.39 20.50
CA LEU C 131 18.59 40.64 19.41
C LEU C 131 17.57 39.93 18.53
N PHE C 132 16.31 39.91 18.97
CA PHE C 132 15.22 39.23 18.28
C PHE C 132 14.33 40.14 17.45
N GLY C 133 13.96 39.69 16.25
CA GLY C 133 12.98 40.39 15.48
C GLY C 133 13.45 40.54 14.07
N GLN C 134 12.61 41.04 13.19
CA GLN C 134 13.07 41.20 11.79
CA GLN C 134 13.02 41.20 11.79
C GLN C 134 14.06 42.32 11.70
N GLY C 135 15.03 42.09 10.82
CA GLY C 135 16.17 42.97 10.67
C GLY C 135 17.11 42.94 11.87
N ARG C 136 16.79 42.18 12.91
CA ARG C 136 17.68 42.03 14.06
C ARG C 136 18.56 40.78 13.80
N ALA C 137 19.48 40.47 14.73
CA ALA C 137 20.44 39.36 14.55
C ALA C 137 19.75 38.00 14.55
N PHE C 138 18.85 37.83 15.50
CA PHE C 138 18.02 36.64 15.49
C PHE C 138 16.71 36.95 14.80
N ASP C 139 16.78 36.91 13.48
CA ASP C 139 15.67 37.27 12.62
C ASP C 139 14.70 36.09 12.47
N THR C 140 13.61 36.13 13.24
CA THR C 140 12.59 35.11 13.22
C THR C 140 11.80 34.99 11.88
N SER C 141 12.07 35.89 10.94
CA SER C 141 11.59 35.84 9.55
C SER C 141 12.43 35.00 8.64
N ARG C 142 13.73 34.90 8.95
CA ARG C 142 14.65 34.20 8.08
C ARG C 142 15.03 32.86 8.69
N TYR C 143 15.05 32.79 10.01
CA TYR C 143 15.71 31.69 10.70
C TYR C 143 14.83 30.98 11.70
N PHE C 144 15.21 29.74 11.97
CA PHE C 144 14.69 28.97 13.08
C PHE C 144 15.71 29.04 14.21
N ILE C 145 15.39 29.80 15.24
CA ILE C 145 16.31 30.09 16.30
C ILE C 145 16.01 29.15 17.46
N ILE C 146 17.02 28.40 17.92
CA ILE C 146 16.79 27.51 19.03
C ILE C 146 17.87 27.65 20.11
N CYS C 147 17.42 27.64 21.36
CA CYS C 147 18.31 27.54 22.52
C CYS C 147 17.89 26.35 23.37
N LEU C 148 18.85 25.47 23.66
CA LEU C 148 18.59 24.29 24.48
C LEU C 148 19.27 24.49 25.84
N ASN C 149 18.58 24.11 26.89
CA ASN C 149 19.07 24.25 28.24
C ASN C 149 20.17 23.18 28.51
N TYR C 150 21.27 23.59 29.18
CA TYR C 150 22.40 22.70 29.47
C TYR C 150 22.06 21.66 30.50
N LEU C 151 22.67 20.49 30.41
CA LEU C 151 22.57 19.55 31.51
C LEU C 151 23.12 20.19 32.80
N GLY C 152 22.50 19.96 33.95
CA GLY C 152 22.99 20.51 35.19
C GLY C 152 22.28 21.78 35.64
N SER C 153 21.46 22.33 34.75
CA SER C 153 20.76 23.58 34.97
C SER C 153 19.43 23.27 35.68
N PRO C 154 18.90 24.23 36.45
CA PRO C 154 17.59 24.02 37.07
C PRO C 154 16.36 24.26 36.18
N PHE C 155 16.58 24.58 34.92
CA PHE C 155 15.55 25.10 34.05
C PHE C 155 15.02 24.16 33.01
N GLY C 156 14.96 22.87 33.32
CA GLY C 156 14.33 21.91 32.45
C GLY C 156 15.14 20.72 31.98
N SER C 157 16.36 20.93 31.48
CA SER C 157 17.24 19.80 31.16
C SER C 157 17.63 19.00 32.40
N ALA C 158 18.10 17.78 32.21
CA ALA C 158 18.52 16.95 33.37
C ALA C 158 19.55 17.65 34.22
N GLY C 159 19.34 17.59 35.52
CA GLY C 159 20.27 18.10 36.48
C GLY C 159 19.85 17.77 37.89
N PRO C 160 20.52 18.36 38.89
CA PRO C 160 20.19 18.15 40.29
C PRO C 160 18.70 18.33 40.64
N CYS C 161 17.99 19.16 39.89
CA CYS C 161 16.57 19.41 40.18
C CYS C 161 15.60 18.44 39.49
N SER C 162 16.06 17.66 38.52
CA SER C 162 15.13 16.83 37.80
C SER C 162 15.02 15.42 38.41
N PRO C 163 13.87 14.74 38.14
CA PRO C 163 13.61 13.43 38.76
C PRO C 163 14.68 12.40 38.46
N ASP C 164 15.10 11.67 39.48
CA ASP C 164 16.05 10.59 39.33
C ASP C 164 15.23 9.37 38.90
N PRO C 165 15.49 8.85 37.69
CA PRO C 165 14.77 7.64 37.28
C PRO C 165 14.94 6.40 38.20
N ASP C 166 15.88 6.42 39.14
CA ASP C 166 16.00 5.37 40.17
C ASP C 166 15.35 5.79 41.45
N ALA C 167 14.06 6.01 41.29
CA ALA C 167 13.19 6.45 42.31
C ALA C 167 11.97 6.72 41.45
N GLU C 168 11.98 6.17 40.24
CA GLU C 168 10.89 6.35 39.27
C GLU C 168 10.43 7.79 39.30
N GLY C 169 11.39 8.73 39.23
CA GLY C 169 11.09 10.15 39.25
C GLY C 169 10.27 10.73 40.40
N GLN C 170 10.26 10.02 41.53
CA GLN C 170 9.56 10.43 42.76
C GLN C 170 10.42 11.40 43.56
N ARG C 171 11.72 11.38 43.28
CA ARG C 171 12.72 12.18 43.96
C ARG C 171 13.75 12.58 42.94
N PRO C 172 14.32 13.78 43.11
CA PRO C 172 15.32 14.42 42.26
C PRO C 172 16.73 13.86 42.41
N TYR C 173 17.55 13.97 41.36
CA TYR C 173 18.96 13.63 41.45
C TYR C 173 19.64 14.27 42.65
N GLY C 174 19.32 15.53 42.93
CA GLY C 174 19.98 16.26 44.01
C GLY C 174 21.49 16.29 43.88
N ALA C 175 22.17 15.95 44.98
CA ALA C 175 23.65 16.06 45.03
C ALA C 175 24.33 15.00 44.18
N LYS C 176 23.55 14.02 43.71
CA LYS C 176 24.10 12.87 43.01
C LYS C 176 24.07 12.95 41.48
N PHE C 177 23.74 14.12 40.93
CA PHE C 177 23.80 14.34 39.50
C PHE C 177 25.22 14.24 38.98
N PRO C 178 25.46 13.39 37.99
CA PRO C 178 26.81 13.12 37.51
C PRO C 178 27.45 14.34 36.91
N ARG C 179 28.78 14.36 36.88
CA ARG C 179 29.50 15.41 36.20
CA ARG C 179 29.52 15.41 36.18
C ARG C 179 29.24 15.35 34.70
N THR C 180 28.91 16.50 34.12
CA THR C 180 28.71 16.63 32.68
C THR C 180 29.66 17.63 32.10
N THR C 181 29.99 17.50 30.81
CA THR C 181 31.00 18.39 30.21
C THR C 181 30.35 19.27 29.14
N ILE C 182 31.04 20.31 28.66
CA ILE C 182 30.55 21.09 27.56
C ILE C 182 30.26 20.15 26.38
N ARG C 183 31.21 19.24 26.11
CA ARG C 183 31.00 18.25 25.02
C ARG C 183 29.72 17.40 25.19
N ASP C 184 29.38 17.01 26.42
CA ASP C 184 28.20 16.25 26.69
C ASP C 184 26.95 17.08 26.27
N ASP C 185 26.93 18.38 26.60
CA ASP C 185 25.83 19.22 26.22
C ASP C 185 25.67 19.26 24.74
N VAL C 186 26.78 19.44 24.03
CA VAL C 186 26.75 19.64 22.62
C VAL C 186 26.21 18.36 21.97
N ARG C 187 26.61 17.23 22.52
CA ARG C 187 26.25 15.96 21.94
C ARG C 187 24.79 15.63 22.18
N ILE C 188 24.28 15.77 23.40
CA ILE C 188 22.88 15.51 23.62
C ILE C 188 21.97 16.56 22.90
N HIS C 189 22.41 17.81 22.82
CA HIS C 189 21.69 18.82 22.05
C HIS C 189 21.60 18.45 20.56
N ARG C 190 22.70 18.00 19.98
CA ARG C 190 22.67 17.50 18.61
C ARG C 190 21.61 16.41 18.43
N GLN C 191 21.46 15.53 19.42
CA GLN C 191 20.47 14.48 19.29
C GLN C 191 19.06 15.02 19.21
N VAL C 192 18.77 16.00 20.05
CA VAL C 192 17.50 16.70 20.01
C VAL C 192 17.29 17.38 18.66
N LEU C 193 18.27 18.09 18.13
CA LEU C 193 18.13 18.76 16.86
C LEU C 193 17.84 17.78 15.72
N ASP C 194 18.48 16.61 15.80
CA ASP C 194 18.23 15.53 14.88
C ASP C 194 16.77 15.06 14.91
N ARG C 195 16.22 14.85 16.10
CA ARG C 195 14.80 14.59 16.24
C ARG C 195 13.88 15.69 15.73
N LEU C 196 14.31 16.93 15.79
CA LEU C 196 13.50 18.00 15.25
C LEU C 196 13.62 18.06 13.73
N GLY C 197 14.54 17.31 13.15
CA GLY C 197 14.72 17.29 11.72
C GLY C 197 15.60 18.37 11.17
N VAL C 198 16.37 19.04 12.04
CA VAL C 198 17.33 20.05 11.57
C VAL C 198 18.37 19.37 10.71
N ARG C 199 18.75 19.97 9.60
CA ARG C 199 19.66 19.33 8.68
C ARG C 199 21.01 20.03 8.60
N GLN C 200 21.04 21.32 8.92
CA GLN C 200 22.23 22.11 8.89
C GLN C 200 22.01 23.35 9.73
N ILE C 201 23.10 23.81 10.36
CA ILE C 201 23.04 24.97 11.22
C ILE C 201 23.68 26.16 10.55
N ALA C 202 22.91 27.23 10.35
CA ALA C 202 23.42 28.43 9.69
C ALA C 202 24.47 29.13 10.54
N ALA C 203 24.26 29.14 11.88
CA ALA C 203 25.17 29.81 12.81
C ALA C 203 24.95 29.34 14.23
N VAL C 204 26.06 29.31 14.99
CA VAL C 204 26.02 29.10 16.44
C VAL C 204 26.59 30.35 17.11
N VAL C 205 25.84 30.87 18.07
CA VAL C 205 26.13 32.18 18.67
C VAL C 205 26.05 31.96 20.16
N GLY C 206 27.04 32.42 20.91
CA GLY C 206 27.02 32.23 22.37
C GLY C 206 28.03 33.08 23.10
N ALA C 207 27.69 33.48 24.31
CA ALA C 207 28.55 34.34 25.10
C ALA C 207 28.90 33.67 26.40
N MET C 209 29.82 31.21 28.93
CA MET C 209 29.76 29.77 28.83
C MET C 209 29.24 29.39 27.46
N GLY C 210 28.31 30.15 26.94
CA GLY C 210 27.81 29.87 25.60
C GLY C 210 28.84 29.91 24.50
N GLY C 211 29.89 30.67 24.70
CA GLY C 211 30.95 30.78 23.69
C GLY C 211 31.80 29.52 23.69
N MET C 212 31.78 28.82 24.82
CA MET C 212 32.53 27.62 24.99
C MET C 212 31.80 26.51 24.27
N HIS C 213 30.50 26.40 24.47
CA HIS C 213 29.68 25.51 23.64
C HIS C 213 29.81 25.81 22.15
N THR C 214 29.71 27.10 21.80
CA THR C 214 29.82 27.57 20.43
C THR C 214 31.07 27.02 19.80
N LEU C 215 32.21 27.24 20.46
CA LEU C 215 33.49 26.72 19.95
C LEU C 215 33.42 25.19 19.72
N GLU C 216 32.78 24.47 20.66
CA GLU C 216 32.67 23.02 20.57
C GLU C 216 31.71 22.60 19.44
N TRP C 217 30.67 23.38 19.19
CA TRP C 217 29.77 23.06 18.09
C TRP C 217 30.51 23.07 16.78
N ALA C 218 31.47 23.99 16.64
CA ALA C 218 32.22 24.12 15.39
C ALA C 218 32.91 22.78 15.00
N PHE C 219 33.23 21.97 16.02
CA PHE C 219 33.91 20.70 15.76
C PHE C 219 33.10 19.59 15.13
N PHE C 220 31.93 19.94 14.63
CA PHE C 220 31.20 19.10 13.71
C PHE C 220 31.56 19.38 12.26
N GLY C 221 32.29 20.46 12.00
CA GLY C 221 32.80 20.73 10.66
C GLY C 221 31.87 21.69 9.95
N PRO C 222 32.39 22.31 8.87
CA PRO C 222 31.70 23.39 8.16
C PRO C 222 30.50 22.87 7.38
N GLU C 223 30.38 21.54 7.31
CA GLU C 223 29.28 20.92 6.60
C GLU C 223 28.00 21.05 7.37
N TYR C 224 28.11 20.76 8.66
CA TYR C 224 26.97 20.82 9.54
C TYR C 224 26.76 22.17 10.25
N VAL C 225 27.86 22.82 10.66
CA VAL C 225 27.86 24.14 11.29
C VAL C 225 28.56 25.13 10.36
N ARG C 226 27.80 26.01 9.73
CA ARG C 226 28.34 26.90 8.74
C ARG C 226 29.17 28.06 9.28
N LYS C 227 28.76 28.65 10.40
CA LYS C 227 29.41 29.84 10.98
C LYS C 227 29.32 29.75 12.48
N ILE C 228 30.30 30.33 13.16
CA ILE C 228 30.23 30.50 14.59
C ILE C 228 30.44 31.94 15.10
N VAL C 229 29.83 32.26 16.25
CA VAL C 229 29.97 33.59 16.83
C VAL C 229 30.20 33.39 18.29
N PRO C 230 31.48 33.07 18.66
CA PRO C 230 31.84 32.99 20.08
C PRO C 230 32.03 34.40 20.68
N ILE C 231 31.44 34.64 21.85
CA ILE C 231 31.41 35.98 22.43
C ILE C 231 31.88 35.90 23.87
N ALA C 232 32.85 36.74 24.23
CA ALA C 232 33.23 36.91 25.65
C ALA C 232 33.49 35.58 26.36
N THR C 233 34.48 34.84 25.90
CA THR C 233 34.64 33.43 26.28
C THR C 233 36.08 32.94 26.23
N SER C 234 36.31 31.64 26.42
CA SER C 234 37.63 31.09 26.19
C SER C 234 37.66 29.69 25.60
N CYS C 235 38.83 29.34 25.05
CA CYS C 235 39.11 28.01 24.50
C CYS C 235 39.35 26.92 25.51
N ARG C 236 39.61 27.30 26.76
CA ARG C 236 40.02 26.34 27.80
C ARG C 236 39.95 26.98 29.19
N GLN C 237 39.71 26.19 30.24
CA GLN C 237 39.72 26.69 31.61
C GLN C 237 41.09 27.34 31.91
N SER C 238 41.06 28.51 32.56
CA SER C 238 42.29 29.18 32.97
C SER C 238 42.33 29.13 34.47
N GLY C 239 43.51 29.33 35.04
CA GLY C 239 43.67 29.37 36.52
C GLY C 239 42.87 30.48 37.18
N TRP C 240 42.87 31.65 36.56
CA TRP C 240 42.05 32.79 36.97
C TRP C 240 40.55 32.48 37.13
N CYS C 241 39.87 32.06 36.06
CA CYS C 241 38.47 31.60 36.19
C CYS C 241 38.28 30.46 37.17
N ALA C 242 39.13 29.45 37.14
CA ALA C 242 38.99 28.35 38.07
C ALA C 242 38.91 28.86 39.49
N ALA C 243 39.79 29.80 39.83
CA ALA C 243 39.87 30.33 41.19
C ALA C 243 38.59 31.10 41.58
N TRP C 244 38.11 31.95 40.65
CA TRP C 244 36.91 32.71 40.92
C TRP C 244 35.70 31.86 41.13
N PHE C 245 35.51 30.80 40.33
CA PHE C 245 34.31 29.98 40.52
C PHE C 245 34.46 29.00 41.61
N GLU C 246 35.68 28.53 41.88
CA GLU C 246 35.94 27.68 43.05
C GLU C 246 35.68 28.48 44.31
N THR C 247 36.09 29.73 44.30
CA THR C 247 35.79 30.60 45.46
C THR C 247 34.30 30.69 45.68
N GLN C 248 33.56 30.93 44.59
CA GLN C 248 32.10 30.94 44.66
C GLN C 248 31.52 29.63 45.15
N ARG C 249 32.00 28.48 44.67
CA ARG C 249 31.49 27.21 45.19
C ARG C 249 31.79 27.01 46.68
N GLN C 250 33.00 27.38 47.11
CA GLN C 250 33.32 27.32 48.54
C GLN C 250 32.32 28.11 49.44
N CYS C 251 31.85 29.27 48.98
CA CYS C 251 30.86 29.97 49.76
C CYS C 251 29.69 29.07 50.01
N ILE C 252 29.36 28.22 49.04
CA ILE C 252 28.21 27.33 49.17
C ILE C 252 28.58 26.18 50.07
N TYR C 253 29.76 25.59 49.84
CA TYR C 253 30.20 24.47 50.67
C TYR C 253 30.24 24.86 52.14
N ASP C 254 30.62 26.10 52.43
CA ASP C 254 30.79 26.52 53.81
C ASP C 254 29.50 26.95 54.48
N ASP C 255 28.41 27.01 53.73
CA ASP C 255 27.13 27.35 54.30
C ASP C 255 26.57 26.12 55.04
N PRO C 256 26.35 26.22 56.38
CA PRO C 256 25.96 25.05 57.16
C PRO C 256 24.60 24.50 56.72
N LYS C 257 23.87 25.24 55.88
CA LYS C 257 22.57 24.77 55.39
C LYS C 257 22.72 23.85 54.20
N TYR C 258 23.93 23.80 53.64
CA TYR C 258 24.25 23.00 52.46
C TYR C 258 24.19 21.49 52.72
N LEU C 259 24.66 21.08 53.90
CA LEU C 259 24.52 19.69 54.35
C LEU C 259 25.03 18.78 53.28
N ASP C 260 26.15 19.14 52.68
CA ASP C 260 26.80 18.25 51.71
C ASP C 260 26.00 18.01 50.43
N GLY C 261 25.12 18.95 50.10
CA GLY C 261 24.26 18.81 48.94
C GLY C 261 22.91 18.16 49.22
N GLU C 262 22.69 17.75 50.48
CA GLU C 262 21.50 17.03 50.87
C GLU C 262 20.43 17.96 51.42
N TYR C 263 20.66 19.27 51.33
CA TYR C 263 19.69 20.25 51.83
C TYR C 263 18.29 19.94 51.30
N ASP C 264 17.26 20.23 52.09
CA ASP C 264 15.90 20.12 51.57
C ASP C 264 15.67 21.30 50.61
N VAL C 265 14.97 21.05 49.50
CA VAL C 265 14.83 22.01 48.40
C VAL C 265 14.23 23.39 48.79
N ASP C 266 13.48 23.45 49.88
CA ASP C 266 12.90 24.71 50.32
C ASP C 266 13.63 25.26 51.55
N ASP C 267 14.84 24.75 51.77
CA ASP C 267 15.76 25.22 52.79
C ASP C 267 17.19 25.23 52.22
N GLN C 268 17.37 26.03 51.16
CA GLN C 268 18.61 26.13 50.41
C GLN C 268 19.70 26.78 51.27
N PRO C 269 20.99 26.55 50.92
CA PRO C 269 22.07 27.37 51.45
C PRO C 269 22.06 28.74 50.78
N VAL C 270 21.09 29.54 51.16
CA VAL C 270 20.82 30.85 50.57
C VAL C 270 21.95 31.88 50.76
N ARG C 271 22.57 31.92 51.94
CA ARG C 271 23.69 32.84 52.18
C ARG C 271 24.85 32.53 51.26
N GLY C 272 25.22 31.24 51.24
CA GLY C 272 26.24 30.76 50.34
C GLY C 272 25.98 31.19 48.91
N LEU C 273 24.76 30.92 48.44
CA LEU C 273 24.36 31.25 47.08
C LEU C 273 24.44 32.72 46.78
N GLU C 274 23.83 33.54 47.62
CA GLU C 274 23.94 35.01 47.53
C GLU C 274 25.39 35.45 47.40
N THR C 275 26.23 34.97 48.29
CA THR C 275 27.62 35.39 48.32
C THR C 275 28.29 34.98 47.00
N ALA C 276 28.12 33.72 46.66
CA ALA C 276 28.58 33.25 45.34
C ALA C 276 28.18 34.22 44.24
N ARG C 277 26.90 34.58 44.21
CA ARG C 277 26.41 35.47 43.17
C ARG C 277 26.95 36.91 43.25
N LYS C 278 27.02 37.48 44.43
CA LYS C 278 27.63 38.82 44.58
C LYS C 278 29.04 38.81 43.98
N ILE C 279 29.84 37.81 44.34
CA ILE C 279 31.19 37.68 43.77
C ILE C 279 31.11 37.62 42.22
N ALA C 280 30.29 36.69 41.70
CA ALA C 280 30.19 36.57 40.25
C ALA C 280 29.74 37.88 39.60
N ASN C 281 28.70 38.49 40.17
CA ASN C 281 28.21 39.74 39.59
C ASN C 281 29.28 40.80 39.50
N LEU C 282 30.16 40.87 40.50
CA LEU C 282 31.21 41.86 40.44
C LEU C 282 32.28 41.52 39.43
N THR C 283 32.66 40.23 39.36
CA THR C 283 33.61 39.83 38.30
C THR C 283 33.08 40.18 36.92
N TYR C 284 31.75 40.27 36.76
CA TYR C 284 31.16 40.64 35.44
C TYR C 284 31.22 42.14 35.11
N LYS C 285 31.63 42.93 36.10
CA LYS C 285 31.66 44.40 35.98
C LYS C 285 33.06 44.87 35.69
N SER C 286 33.20 46.16 35.37
CA SER C 286 34.49 46.77 35.20
C SER C 286 34.58 47.86 36.25
N LYS C 287 35.80 48.34 36.50
CA LYS C 287 36.00 49.41 37.46
C LYS C 287 35.26 50.66 36.94
N PRO C 288 35.51 51.08 35.69
CA PRO C 288 34.78 52.27 35.24
C PRO C 288 33.28 52.14 35.37
N ALA C 289 32.72 50.97 35.09
CA ALA C 289 31.28 50.79 35.22
C ALA C 289 30.80 50.97 36.62
N MET C 290 31.47 50.37 37.59
CA MET C 290 31.00 50.55 39.00
C MET C 290 31.29 51.95 39.50
N ASP C 291 32.33 52.57 38.99
CA ASP C 291 32.67 53.94 39.38
C ASP C 291 31.61 54.94 38.93
N GLU C 292 31.09 54.78 37.72
CA GLU C 292 30.04 55.66 37.22
C GLU C 292 28.78 55.45 38.01
N ARG C 293 28.57 54.24 38.49
CA ARG C 293 27.31 53.94 39.12
C ARG C 293 27.26 54.35 40.59
N PHE C 294 28.42 54.34 41.24
CA PHE C 294 28.51 54.71 42.64
C PHE C 294 29.73 55.60 42.84
N HIS C 295 29.51 56.84 43.28
CA HIS C 295 30.64 57.66 43.74
C HIS C 295 30.30 58.61 44.88
N MET C 296 31.29 59.41 45.25
CA MET C 296 31.17 60.35 46.38
C MET C 296 30.72 61.75 45.93
N GLN C 328 23.16 55.67 43.62
CA GLN C 328 24.33 56.42 43.08
C GLN C 328 25.37 56.92 44.11
N PRO C 329 24.95 57.29 45.35
CA PRO C 329 26.03 57.49 46.35
C PRO C 329 26.63 56.14 46.87
N ILE C 330 27.85 56.21 47.42
CA ILE C 330 28.50 55.01 47.96
C ILE C 330 27.71 54.27 49.09
N GLU C 331 26.84 54.98 49.79
CA GLU C 331 25.92 54.37 50.79
C GLU C 331 25.06 53.25 50.18
N ALA C 332 24.72 53.44 48.90
CA ALA C 332 23.76 52.61 48.18
C ALA C 332 24.35 51.28 47.68
N VAL C 333 25.67 51.16 47.65
CA VAL C 333 26.37 49.94 47.25
C VAL C 333 25.87 48.72 48.03
N SER C 334 25.77 48.92 49.33
CA SER C 334 25.38 47.86 50.20
C SER C 334 24.11 47.15 49.71
N SER C 335 23.03 47.89 49.51
CA SER C 335 21.78 47.24 49.16
C SER C 335 21.71 46.90 47.66
N TYR C 336 22.47 47.57 46.81
CA TYR C 336 22.61 47.12 45.44
C TYR C 336 23.16 45.67 45.38
N LEU C 337 24.17 45.37 46.22
CA LEU C 337 24.77 44.08 46.24
C LEU C 337 23.79 43.04 46.78
N ARG C 338 23.04 43.38 47.83
CA ARG C 338 22.13 42.44 48.48
C ARG C 338 20.93 42.07 47.61
N TYR C 339 20.27 43.07 47.02
CA TYR C 339 18.96 42.86 46.39
C TYR C 339 19.12 41.85 45.25
N GLN C 340 19.91 42.21 44.26
CA GLN C 340 20.28 41.36 43.13
C GLN C 340 20.65 39.89 43.48
N ALA C 341 21.63 39.76 44.38
CA ALA C 341 22.09 38.47 44.88
C ALA C 341 20.98 37.71 45.63
N GLN C 342 20.15 38.44 46.39
CA GLN C 342 19.04 37.82 47.09
C GLN C 342 17.99 37.30 46.12
N LYS C 343 17.65 38.10 45.12
CA LYS C 343 16.61 37.66 44.19
C LYS C 343 17.08 36.42 43.42
N PHE C 344 18.39 36.36 43.12
CA PHE C 344 18.96 35.19 42.47
C PHE C 344 18.99 33.95 43.34
N ALA C 345 19.45 34.07 44.59
CA ALA C 345 19.52 32.93 45.48
C ALA C 345 18.13 32.37 45.78
N ALA C 346 17.10 33.20 45.61
CA ALA C 346 15.74 32.77 45.84
C ALA C 346 15.21 31.99 44.62
N SER C 347 15.86 32.17 43.48
CA SER C 347 15.35 31.53 42.28
C SER C 347 16.40 30.74 41.47
N PHE C 348 17.37 30.16 42.19
CA PHE C 348 18.34 29.26 41.58
C PHE C 348 18.68 28.14 42.60
N ASP C 349 19.18 27.01 42.12
CA ASP C 349 19.48 25.87 42.97
C ASP C 349 20.98 25.78 43.26
N ALA C 350 21.32 25.55 44.52
CA ALA C 350 22.71 25.47 44.93
C ALA C 350 23.48 24.33 44.24
N ASN C 351 22.94 23.10 44.29
CA ASN C 351 23.53 21.98 43.56
C ASN C 351 23.73 22.27 42.08
N CYS C 352 22.76 22.93 41.44
CA CYS C 352 22.92 23.28 40.02
C CYS C 352 24.04 24.27 39.81
N TYR C 353 24.14 25.23 40.72
CA TYR C 353 25.23 26.19 40.63
C TYR C 353 26.57 25.46 40.63
N ILE C 354 26.73 24.50 41.53
CA ILE C 354 27.94 23.70 41.60
C ILE C 354 28.15 22.91 40.31
N ALA C 355 27.15 22.15 39.88
CA ALA C 355 27.25 21.36 38.66
C ALA C 355 27.55 22.21 37.41
N MET C 356 26.87 23.35 37.27
CA MET C 356 27.14 24.25 36.17
C MET C 356 28.55 24.82 36.14
N THR C 357 28.99 25.40 37.25
CA THR C 357 30.34 25.97 37.29
C THR C 357 31.43 24.92 37.09
N LEU C 358 31.20 23.68 37.56
CA LEU C 358 32.17 22.62 37.34
C LEU C 358 32.38 22.33 35.87
N LYS C 359 31.34 22.51 35.05
CA LYS C 359 31.50 22.38 33.60
C LYS C 359 32.71 23.15 33.10
N PHE C 360 32.93 24.36 33.62
CA PHE C 360 34.08 25.19 33.23
C PHE C 360 35.41 24.45 33.35
N ASP C 361 35.55 23.60 34.35
CA ASP C 361 36.79 22.88 34.58
C ASP C 361 37.16 21.84 33.53
N THR C 362 36.17 21.29 32.83
CA THR C 362 36.30 20.27 31.78
C THR C 362 36.60 20.92 30.44
N HIS C 363 36.45 22.24 30.33
CA HIS C 363 36.47 22.91 29.01
C HIS C 363 37.87 22.98 28.50
N ASP C 364 38.08 22.44 27.30
CA ASP C 364 39.37 22.55 26.58
C ASP C 364 39.13 22.12 25.16
N ILE C 365 39.15 23.02 24.20
CA ILE C 365 38.81 22.62 22.87
C ILE C 365 39.87 21.72 22.22
N SER C 366 41.07 21.66 22.81
CA SER C 366 42.16 20.88 22.24
C SER C 366 42.20 19.45 22.78
N ARG C 367 41.57 19.18 23.90
CA ARG C 367 41.81 17.88 24.48
C ARG C 367 41.25 16.76 23.63
N GLY C 368 42.13 15.78 23.43
CA GLY C 368 41.90 14.65 22.53
C GLY C 368 41.91 15.03 21.06
N ARG C 369 42.31 16.25 20.71
CA ARG C 369 42.23 16.70 19.31
C ARG C 369 43.52 17.26 18.73
N ALA C 370 44.31 17.96 19.55
CA ALA C 370 45.50 18.62 19.08
C ALA C 370 46.42 18.84 20.27
N GLY C 371 47.68 19.17 19.95
CA GLY C 371 48.71 19.28 20.96
C GLY C 371 48.66 20.59 21.71
N SER C 372 48.00 21.59 21.10
CA SER C 372 47.89 22.91 21.71
C SER C 372 46.60 23.64 21.29
N ILE C 373 46.24 24.68 22.04
CA ILE C 373 45.09 25.53 21.71
C ILE C 373 45.20 26.17 20.31
N PRO C 374 46.34 26.80 19.95
CA PRO C 374 46.38 27.31 18.58
C PRO C 374 46.19 26.23 17.50
N GLU C 375 46.69 25.02 17.73
CA GLU C 375 46.51 23.97 16.73
C GLU C 375 45.05 23.56 16.64
N ALA C 376 44.38 23.50 17.79
CA ALA C 376 42.95 23.16 17.83
C ALA C 376 42.14 24.28 17.16
N LEU C 377 42.47 25.53 17.44
CA LEU C 377 41.78 26.62 16.79
C LEU C 377 41.92 26.59 15.28
N ALA C 378 43.06 26.13 14.78
CA ALA C 378 43.31 26.07 13.33
C ALA C 378 42.43 25.04 12.66
N MET C 379 41.93 24.07 13.43
CA MET C 379 40.97 23.09 12.91
C MET C 379 39.56 23.64 12.73
N ILE C 380 39.33 24.89 13.12
CA ILE C 380 38.03 25.52 12.90
C ILE C 380 38.00 26.20 11.53
N THR C 381 37.24 25.59 10.63
CA THR C 381 37.16 26.00 9.22
C THR C 381 36.07 27.02 8.86
N GLN C 382 35.01 27.06 9.68
CA GLN C 382 33.89 27.98 9.47
C GLN C 382 34.32 29.41 9.58
N PRO C 383 33.66 30.32 8.84
CA PRO C 383 33.77 31.73 9.24
C PRO C 383 33.37 31.93 10.72
N ALA C 384 34.16 32.76 11.41
CA ALA C 384 33.98 33.04 12.84
C ALA C 384 34.02 34.55 13.10
N LEU C 385 33.13 35.01 13.95
CA LEU C 385 33.13 36.38 14.38
C LEU C 385 33.36 36.29 15.88
N ILE C 386 34.47 36.83 16.33
CA ILE C 386 34.81 36.80 17.73
C ILE C 386 34.50 38.16 18.30
N ILE C 387 33.59 38.20 19.29
CA ILE C 387 33.17 39.45 19.92
C ILE C 387 33.71 39.53 21.37
N CYS C 388 34.39 40.64 21.66
CA CYS C 388 34.90 40.87 23.01
C CYS C 388 34.90 42.33 23.40
N ALA C 389 35.27 42.58 24.66
CA ALA C 389 35.52 43.93 25.17
C ALA C 389 36.91 43.96 25.81
N ARG C 390 37.67 45.04 25.56
CA ARG C 390 38.99 45.21 26.18
C ARG C 390 38.90 45.08 27.69
N SER C 391 37.76 45.42 28.25
CA SER C 391 37.71 45.52 29.71
C SER C 391 37.09 44.34 30.44
N ASP C 392 36.89 43.24 29.73
CA ASP C 392 36.43 41.97 30.29
C ASP C 392 37.47 41.47 31.29
N GLY C 393 37.05 41.33 32.55
CA GLY C 393 37.96 40.88 33.60
C GLY C 393 38.04 39.37 33.76
N LEU C 394 37.25 38.63 33.01
CA LEU C 394 37.29 37.18 33.13
C LEU C 394 37.92 36.58 31.90
N TYR C 395 37.45 37.01 30.73
CA TYR C 395 38.02 36.47 29.50
C TYR C 395 38.75 37.56 28.76
N SER C 396 40.05 37.41 28.68
CA SER C 396 40.90 38.52 28.34
C SER C 396 40.80 38.88 26.87
N PHE C 397 41.01 40.15 26.61
CA PHE C 397 41.19 40.63 25.26
C PHE C 397 42.26 39.80 24.51
N ASP C 398 43.37 39.49 25.18
CA ASP C 398 44.45 38.74 24.53
C ASP C 398 44.06 37.36 24.02
N GLU C 399 43.31 36.63 24.84
CA GLU C 399 42.88 35.31 24.44
C GLU C 399 41.89 35.33 23.27
N HIS C 400 41.12 36.42 23.11
CA HIS C 400 40.27 36.60 21.94
C HIS C 400 41.08 36.92 20.71
N VAL C 401 42.12 37.73 20.91
CA VAL C 401 43.09 38.06 19.85
C VAL C 401 43.77 36.79 19.38
N GLU C 402 44.18 35.93 20.32
CA GLU C 402 44.70 34.62 19.98
C GLU C 402 43.70 33.81 19.12
N MET C 403 42.43 33.73 19.53
CA MET C 403 41.43 33.01 18.75
C MET C 403 41.42 33.52 17.33
N GLY C 404 41.32 34.83 17.18
CA GLY C 404 41.25 35.46 15.88
C GLY C 404 42.46 35.20 15.04
N ARG C 405 43.57 34.92 15.70
CA ARG C 405 44.81 34.73 15.01
C ARG C 405 44.94 33.29 14.52
N SER C 406 44.51 32.31 15.30
CA SER C 406 44.64 30.92 14.88
C SER C 406 43.45 30.36 14.06
N ILE C 407 42.28 31.00 14.13
CA ILE C 407 41.12 30.52 13.39
C ILE C 407 41.31 31.16 12.03
N PRO C 408 41.49 30.33 10.99
CA PRO C 408 41.86 30.84 9.67
C PRO C 408 40.91 31.84 9.04
N ASN C 409 39.61 31.62 9.06
CA ASN C 409 38.69 32.63 8.52
C ASN C 409 37.92 33.36 9.63
N SER C 410 38.58 34.24 10.37
CA SER C 410 37.94 34.89 11.52
C SER C 410 38.07 36.39 11.45
N ARG C 411 37.09 37.09 11.98
CA ARG C 411 37.21 38.53 12.20
C ARG C 411 37.01 38.78 13.70
N LEU C 412 37.88 39.60 14.29
CA LEU C 412 37.76 40.04 15.69
C LEU C 412 36.90 41.29 15.76
N CYS C 413 35.90 41.29 16.61
CA CYS C 413 35.08 42.49 16.77
C CYS C 413 35.18 42.96 18.19
N VAL C 414 35.81 44.11 18.37
CA VAL C 414 36.01 44.70 19.70
C VAL C 414 34.93 45.77 19.92
N VAL C 415 34.10 45.54 20.92
CA VAL C 415 32.98 46.41 21.16
C VAL C 415 33.54 47.62 21.89
N ASP C 416 33.18 48.79 21.34
CA ASP C 416 33.58 50.07 21.89
C ASP C 416 32.72 50.34 23.11
N THR C 417 33.25 49.99 24.27
CA THR C 417 32.53 50.08 25.54
C THR C 417 33.57 50.14 26.65
N ASN C 418 33.17 50.55 27.84
CA ASN C 418 34.04 50.44 28.99
C ASN C 418 33.44 49.47 30.00
N GLU C 419 32.52 48.65 29.50
CA GLU C 419 31.73 47.79 30.35
C GLU C 419 32.31 46.54 30.96
N GLY C 420 33.33 45.86 30.56
CA GLY C 420 33.51 44.60 31.36
C GLY C 420 32.66 43.42 30.90
N HIS C 421 32.74 42.28 31.60
CA HIS C 421 32.33 41.02 30.99
C HIS C 421 30.89 41.03 30.53
N ASP C 422 30.03 41.67 31.29
CA ASP C 422 28.62 41.65 30.90
C ASP C 422 28.32 42.67 29.81
N PHE C 423 29.33 43.14 29.09
CA PHE C 423 29.10 44.09 27.99
C PHE C 423 28.12 43.52 26.96
N PHE C 424 28.09 42.20 26.80
CA PHE C 424 27.30 41.60 25.75
C PHE C 424 25.81 41.75 26.07
N VAL C 425 25.52 42.04 27.34
CA VAL C 425 24.15 42.34 27.77
C VAL C 425 23.92 43.83 27.87
N MET C 426 24.89 44.56 28.42
CA MET C 426 24.76 46.01 28.63
C MET C 426 24.78 46.74 27.30
N GLU C 427 25.53 46.22 26.33
CA GLU C 427 25.67 46.82 25.00
C GLU C 427 25.02 45.91 23.94
N ALA C 428 23.86 45.36 24.28
CA ALA C 428 23.22 44.37 23.42
C ALA C 428 23.04 44.87 21.98
N ASP C 429 22.78 46.17 21.82
CA ASP C 429 22.52 46.70 20.47
C ASP C 429 23.75 46.61 19.62
N LYS C 430 24.91 46.84 20.22
CA LYS C 430 26.16 46.78 19.48
C LYS C 430 26.51 45.35 19.09
N VAL C 431 26.16 44.43 19.96
CA VAL C 431 26.32 43.03 19.69
C VAL C 431 25.38 42.60 18.56
N ASN C 432 24.12 43.00 18.66
CA ASN C 432 23.12 42.77 17.65
C ASN C 432 23.59 43.17 16.26
N ASP C 433 24.10 44.40 16.13
CA ASP C 433 24.54 44.90 14.85
C ASP C 433 25.70 44.09 14.36
N ALA C 434 26.62 43.78 15.25
CA ALA C 434 27.77 42.97 14.83
C ALA C 434 27.35 41.59 14.31
N VAL C 435 26.47 40.92 15.04
CA VAL C 435 26.00 39.59 14.66
C VAL C 435 25.18 39.66 13.35
N ARG C 436 24.19 40.56 13.27
CA ARG C 436 23.42 40.73 12.06
C ARG C 436 24.29 41.00 10.83
N GLY C 437 25.27 41.92 10.97
CA GLY C 437 26.23 42.19 9.89
C GLY C 437 26.92 40.92 9.38
N PHE C 438 27.39 40.11 10.31
CA PHE C 438 28.11 38.89 9.99
C PHE C 438 27.21 37.85 9.31
N LEU C 439 26.02 37.65 9.85
CA LEU C 439 25.06 36.71 9.31
C LEU C 439 24.56 37.13 7.94
N ASP C 440 24.56 38.43 7.64
CA ASP C 440 24.09 38.95 6.33
C ASP C 440 25.11 38.79 5.20
N GLN C 441 26.41 38.83 5.54
CA GLN C 441 27.45 39.09 4.53
C GLN C 441 28.49 37.97 4.43
N ILE D 64 26.75 -45.38 -79.04
CA ILE D 64 27.93 -44.83 -78.25
C ILE D 64 28.25 -45.63 -76.98
N ALA D 65 29.55 -45.79 -76.72
CA ALA D 65 30.09 -46.37 -75.50
C ALA D 65 29.97 -45.41 -74.29
N ASN D 66 29.78 -46.04 -73.14
CA ASN D 66 29.77 -45.47 -71.80
C ASN D 66 30.90 -46.16 -71.03
N ARG D 67 31.99 -45.45 -70.77
CA ARG D 67 33.18 -46.07 -70.12
C ARG D 67 32.92 -46.48 -68.68
N PHE D 68 31.98 -45.80 -68.02
CA PHE D 68 31.66 -46.07 -66.60
C PHE D 68 30.95 -47.42 -66.43
N GLU D 69 29.97 -47.67 -67.27
CA GLU D 69 29.31 -48.97 -67.36
C GLU D 69 30.27 -50.07 -67.85
N ALA D 70 31.10 -49.74 -68.83
CA ALA D 70 32.08 -50.65 -69.37
C ALA D 70 33.07 -51.21 -68.32
N SER D 71 33.32 -50.48 -67.23
CA SER D 71 34.29 -50.90 -66.23
C SER D 71 33.73 -51.91 -65.25
N LEU D 72 32.44 -52.21 -65.36
CA LEU D 72 31.73 -53.08 -64.40
C LEU D 72 31.85 -54.55 -64.77
N ASP D 73 31.60 -55.44 -63.82
CA ASP D 73 31.43 -56.85 -64.17
C ASP D 73 30.17 -56.98 -64.99
N ALA D 74 29.87 -58.19 -65.44
CA ALA D 74 28.68 -58.45 -66.23
C ALA D 74 27.42 -58.15 -65.42
N GLN D 75 26.41 -57.63 -66.12
CA GLN D 75 25.10 -57.38 -65.59
C GLN D 75 24.03 -57.45 -66.68
N ASP D 76 22.78 -57.45 -66.28
CA ASP D 76 21.73 -57.54 -67.22
C ASP D 76 21.20 -56.14 -67.49
N ILE D 77 20.54 -55.96 -68.61
CA ILE D 77 19.85 -54.73 -68.97
C ILE D 77 18.43 -55.06 -69.45
N ALA D 78 17.40 -54.52 -68.79
CA ALA D 78 16.08 -54.66 -69.31
C ALA D 78 15.79 -53.40 -70.12
N ARG D 79 14.96 -53.53 -71.16
CA ARG D 79 14.59 -52.41 -72.01
CA ARG D 79 14.61 -52.38 -72.01
C ARG D 79 13.11 -52.09 -71.92
N ILE D 80 12.77 -50.92 -71.41
CA ILE D 80 11.35 -50.52 -71.34
C ILE D 80 11.19 -49.59 -72.53
N SER D 81 10.29 -49.91 -73.45
CA SER D 81 10.21 -49.09 -74.67
C SER D 81 9.63 -47.71 -74.42
N LEU D 82 8.71 -47.58 -73.46
CA LEU D 82 8.16 -46.29 -73.09
C LEU D 82 7.96 -46.21 -71.58
N PHE D 83 8.41 -45.11 -70.99
CA PHE D 83 8.19 -44.86 -69.58
C PHE D 83 7.85 -43.38 -69.32
N THR D 84 6.76 -43.15 -68.63
CA THR D 84 6.35 -41.82 -68.33
C THR D 84 6.80 -41.40 -66.95
N LEU D 85 7.75 -40.45 -66.91
CA LEU D 85 8.24 -39.90 -65.66
C LEU D 85 7.08 -39.21 -64.96
N GLU D 86 7.18 -38.98 -63.65
CA GLU D 86 6.07 -38.32 -62.97
C GLU D 86 6.00 -36.81 -63.30
N SER D 87 7.04 -36.28 -63.91
CA SER D 87 6.99 -34.94 -64.47
C SER D 87 6.05 -34.91 -65.70
N GLY D 88 5.78 -36.08 -66.31
CA GLY D 88 5.06 -36.17 -67.58
C GLY D 88 5.99 -36.31 -68.79
N VAL D 89 7.30 -36.17 -68.56
CA VAL D 89 8.25 -36.43 -69.61
C VAL D 89 8.29 -37.94 -69.90
N ILE D 90 8.37 -38.26 -71.19
CA ILE D 90 8.39 -39.63 -71.66
C ILE D 90 9.79 -40.04 -72.09
N LEU D 91 10.29 -41.09 -71.47
CA LEU D 91 11.54 -41.68 -71.88
C LEU D 91 11.24 -42.82 -72.82
N ARG D 92 12.08 -42.99 -73.82
CA ARG D 92 11.87 -44.01 -74.81
CA ARG D 92 11.87 -44.04 -74.80
C ARG D 92 13.07 -44.97 -74.86
N ASP D 93 12.82 -46.23 -75.18
CA ASP D 93 13.85 -47.25 -75.27
C ASP D 93 14.91 -47.19 -74.14
N VAL D 94 14.41 -47.41 -72.94
CA VAL D 94 15.08 -47.08 -71.71
C VAL D 94 15.82 -48.27 -71.12
N PRO D 95 17.15 -48.22 -71.06
CA PRO D 95 17.84 -49.30 -70.42
C PRO D 95 17.69 -49.24 -68.90
N VAL D 96 17.48 -50.39 -68.27
CA VAL D 96 17.55 -50.48 -66.84
C VAL D 96 18.56 -51.57 -66.50
N ALA D 97 19.70 -51.20 -65.91
CA ALA D 97 20.72 -52.15 -65.60
C ALA D 97 20.39 -52.83 -64.29
N TYR D 98 20.78 -54.10 -64.14
CA TYR D 98 20.62 -54.79 -62.87
C TYR D 98 21.53 -55.99 -62.66
N LYS D 99 21.58 -56.45 -61.44
CA LYS D 99 22.41 -57.55 -61.12
C LYS D 99 21.60 -58.34 -60.15
N SER D 100 21.63 -59.65 -60.29
CA SER D 100 21.01 -60.52 -59.31
C SER D 100 21.94 -61.62 -58.89
N TRP D 101 21.61 -62.24 -57.76
CA TRP D 101 22.32 -63.37 -57.22
C TRP D 101 21.27 -64.34 -56.74
N GLY D 102 21.54 -65.62 -56.90
CA GLY D 102 20.61 -66.63 -56.43
C GLY D 102 19.54 -66.89 -57.45
N ARG D 103 18.56 -67.67 -57.06
CA ARG D 103 17.56 -68.15 -57.99
C ARG D 103 16.17 -68.00 -57.38
N MET D 104 15.21 -67.64 -58.22
CA MET D 104 13.82 -67.58 -57.83
C MET D 104 13.29 -68.96 -57.52
N ASN D 105 12.46 -69.09 -56.49
CA ASN D 105 11.79 -70.35 -56.22
C ASN D 105 10.63 -70.54 -57.21
N VAL D 106 9.93 -71.65 -57.09
CA VAL D 106 8.88 -72.01 -58.04
C VAL D 106 7.75 -71.00 -57.94
N SER D 107 7.51 -70.59 -56.73
CA SER D 107 6.46 -69.67 -56.39
C SER D 107 6.79 -68.21 -56.79
N ARG D 108 8.07 -67.99 -57.11
CA ARG D 108 8.65 -66.67 -57.44
C ARG D 108 8.30 -65.60 -56.44
N ASP D 109 8.51 -65.92 -55.17
CA ASP D 109 8.12 -65.03 -54.09
C ASP D 109 9.22 -64.84 -53.05
N ASN D 110 10.44 -65.25 -53.41
CA ASN D 110 11.61 -65.21 -52.52
C ASN D 110 12.56 -64.11 -52.97
N CYS D 111 11.99 -63.09 -53.60
CA CYS D 111 12.79 -62.00 -54.12
C CYS D 111 13.15 -60.98 -53.05
N VAL D 112 14.45 -60.69 -52.94
CA VAL D 112 14.90 -59.61 -52.07
C VAL D 112 15.49 -58.49 -52.93
N ILE D 113 14.95 -57.27 -52.79
CA ILE D 113 15.44 -56.12 -53.54
C ILE D 113 16.40 -55.32 -52.65
N VAL D 114 17.59 -55.06 -53.18
CA VAL D 114 18.52 -54.22 -52.48
C VAL D 114 18.62 -52.93 -53.23
N CYS D 115 18.34 -51.81 -52.57
CA CYS D 115 18.44 -50.50 -53.21
C CYS D 115 19.79 -49.87 -52.95
N HIS D 116 20.52 -49.54 -54.01
CA HIS D 116 21.90 -49.11 -53.81
C HIS D 116 22.06 -47.66 -53.33
N THR D 117 23.30 -47.23 -53.06
CA THR D 117 23.54 -45.88 -52.56
C THR D 117 23.72 -44.90 -53.72
N LEU D 118 23.72 -43.61 -53.36
CA LEU D 118 23.85 -42.54 -54.35
C LEU D 118 24.83 -42.79 -55.49
N THR D 119 26.04 -43.28 -55.22
CA THR D 119 27.07 -43.30 -56.27
C THR D 119 27.52 -44.68 -56.67
N SER D 120 26.92 -45.73 -56.13
CA SER D 120 27.31 -47.07 -56.47
C SER D 120 26.58 -47.57 -57.72
N SER D 121 27.04 -48.72 -58.20
CA SER D 121 26.37 -49.42 -59.28
C SER D 121 25.39 -50.39 -58.63
N ALA D 122 24.80 -51.24 -59.45
CA ALA D 122 23.96 -52.31 -58.96
C ALA D 122 24.76 -53.42 -58.22
N HIS D 123 26.09 -53.39 -58.32
CA HIS D 123 26.94 -54.48 -57.82
C HIS D 123 27.23 -54.30 -56.35
N VAL D 124 26.24 -54.68 -55.58
CA VAL D 124 26.17 -54.46 -54.17
C VAL D 124 27.28 -55.23 -53.43
N THR D 125 27.69 -56.34 -54.01
CA THR D 125 28.79 -57.15 -53.54
C THR D 125 30.06 -56.33 -53.37
N SER D 126 30.20 -55.24 -54.10
CA SER D 126 31.47 -54.54 -54.08
C SER D 126 31.59 -53.63 -52.88
N TRP D 127 30.49 -53.25 -52.25
CA TRP D 127 30.57 -52.42 -51.02
C TRP D 127 29.92 -53.10 -49.85
N TRP D 128 29.09 -54.09 -50.12
CA TRP D 128 28.48 -54.92 -49.07
C TRP D 128 28.87 -56.42 -49.17
N PRO D 129 30.16 -56.74 -49.42
CA PRO D 129 30.46 -58.14 -49.74
C PRO D 129 30.08 -59.09 -48.64
N THR D 130 30.24 -58.72 -47.39
CA THR D 130 29.97 -59.70 -46.32
C THR D 130 28.48 -59.91 -46.02
N LEU D 131 27.59 -59.17 -46.69
CA LEU D 131 26.15 -59.41 -46.50
C LEU D 131 25.64 -60.58 -47.34
N PHE D 132 26.49 -61.05 -48.25
CA PHE D 132 26.15 -62.14 -49.19
C PHE D 132 26.66 -63.51 -48.78
N GLY D 133 25.82 -64.53 -48.93
CA GLY D 133 26.25 -65.88 -48.77
C GLY D 133 25.31 -66.64 -47.88
N GLN D 134 25.55 -67.94 -47.75
CA GLN D 134 24.63 -68.72 -46.95
C GLN D 134 24.80 -68.37 -45.47
N GLY D 135 23.67 -68.37 -44.78
CA GLY D 135 23.59 -67.87 -43.43
C GLY D 135 23.85 -66.38 -43.26
N ARG D 136 24.12 -65.66 -44.34
CA ARG D 136 24.28 -64.21 -44.26
C ARG D 136 22.89 -63.59 -44.58
N ALA D 137 22.80 -62.25 -44.56
CA ALA D 137 21.53 -61.51 -44.76
C ALA D 137 20.98 -61.69 -46.16
N PHE D 138 21.86 -61.56 -47.14
CA PHE D 138 21.47 -61.85 -48.50
C PHE D 138 21.87 -63.27 -48.83
N ASP D 139 21.03 -64.19 -48.39
CA ASP D 139 21.28 -65.61 -48.51
C ASP D 139 20.89 -66.10 -49.91
N THR D 140 21.90 -66.26 -50.76
CA THR D 140 21.70 -66.74 -52.11
C THR D 140 21.21 -68.21 -52.25
N SER D 141 21.10 -68.91 -51.11
CA SER D 141 20.46 -70.23 -51.01
C SER D 141 18.98 -70.18 -50.81
N ARG D 142 18.49 -69.09 -50.22
CA ARG D 142 17.07 -68.99 -49.88
C ARG D 142 16.37 -68.02 -50.83
N TYR D 143 17.11 -67.02 -51.31
CA TYR D 143 16.51 -65.87 -51.95
C TYR D 143 17.07 -65.58 -53.32
N PHE D 144 16.25 -64.89 -54.11
CA PHE D 144 16.66 -64.25 -55.34
C PHE D 144 16.89 -62.78 -55.05
N ILE D 145 18.15 -62.39 -55.02
CA ILE D 145 18.51 -61.07 -54.61
C ILE D 145 18.75 -60.22 -55.84
N ILE D 146 18.06 -59.09 -55.95
CA ILE D 146 18.25 -58.22 -57.09
C ILE D 146 18.48 -56.76 -56.69
N CYS D 147 19.42 -56.13 -57.38
CA CYS D 147 19.63 -54.68 -57.31
C CYS D 147 19.56 -54.09 -58.70
N LEU D 148 18.72 -53.07 -58.86
CA LEU D 148 18.56 -52.41 -60.13
C LEU D 148 19.19 -51.01 -60.01
N ASN D 149 19.87 -50.60 -61.06
CA ASN D 149 20.54 -49.32 -61.10
C ASN D 149 19.48 -48.20 -61.31
N TYR D 150 19.60 -47.09 -60.55
CA TYR D 150 18.70 -45.95 -60.66
C TYR D 150 18.81 -45.19 -61.96
N LEU D 151 17.70 -44.63 -62.43
CA LEU D 151 17.79 -43.71 -63.55
C LEU D 151 18.71 -42.53 -63.18
N GLY D 152 19.54 -42.07 -64.08
CA GLY D 152 20.40 -40.92 -63.81
C GLY D 152 21.82 -41.28 -63.44
N SER D 153 22.05 -42.57 -63.20
CA SER D 153 23.32 -43.14 -62.80
C SER D 153 24.16 -43.40 -64.04
N PRO D 154 25.50 -43.39 -63.91
CA PRO D 154 26.36 -43.74 -65.05
C PRO D 154 26.56 -45.24 -65.29
N PHE D 155 25.90 -46.08 -64.52
CA PHE D 155 26.22 -47.49 -64.47
C PHE D 155 25.22 -48.41 -65.13
N GLY D 156 24.60 -47.95 -66.21
CA GLY D 156 23.77 -48.82 -67.03
C GLY D 156 22.33 -48.41 -67.26
N SER D 157 21.61 -48.02 -66.22
CA SER D 157 20.26 -47.46 -66.42
C SER D 157 20.28 -46.13 -67.17
N ALA D 158 19.15 -45.72 -67.74
CA ALA D 158 19.11 -44.43 -68.48
C ALA D 158 19.60 -43.28 -67.64
N GLY D 159 20.46 -42.46 -68.22
CA GLY D 159 20.92 -41.25 -67.59
C GLY D 159 21.73 -40.42 -68.55
N PRO D 160 22.38 -39.37 -68.03
CA PRO D 160 23.24 -38.52 -68.84
C PRO D 160 24.26 -39.26 -69.71
N CYS D 161 24.70 -40.44 -69.29
CA CYS D 161 25.70 -41.19 -70.05
C CYS D 161 25.12 -42.13 -71.11
N SER D 162 23.82 -42.40 -71.08
CA SER D 162 23.28 -43.35 -72.02
C SER D 162 22.80 -42.72 -73.33
N PRO D 163 22.73 -43.51 -74.42
CA PRO D 163 22.38 -42.95 -75.73
C PRO D 163 21.03 -42.27 -75.73
N ASP D 164 20.97 -41.10 -76.38
CA ASP D 164 19.72 -40.39 -76.54
C ASP D 164 19.07 -40.99 -77.78
N PRO D 165 17.88 -41.60 -77.62
CA PRO D 165 17.18 -42.12 -78.80
C PRO D 165 16.85 -41.09 -79.91
N ASP D 166 17.00 -39.79 -79.64
CA ASP D 166 16.89 -38.79 -80.70
C ASP D 166 18.27 -38.43 -81.20
N ALA D 167 18.90 -39.52 -81.68
CA ALA D 167 20.22 -39.59 -82.28
C ALA D 167 20.62 -41.02 -82.73
N GLN D 170 22.97 -43.08 -80.17
CA GLN D 170 24.14 -42.65 -81.00
C GLN D 170 24.95 -41.39 -80.55
N ARG D 171 24.30 -40.56 -79.72
CA ARG D 171 24.95 -39.56 -78.88
C ARG D 171 24.21 -39.66 -77.58
N PRO D 172 24.88 -39.37 -76.47
CA PRO D 172 24.31 -39.46 -75.12
C PRO D 172 23.36 -38.33 -74.74
N TYR D 173 22.41 -38.60 -73.84
CA TYR D 173 21.58 -37.55 -73.26
C TYR D 173 22.37 -36.35 -72.78
N GLY D 174 23.52 -36.60 -72.16
CA GLY D 174 24.33 -35.54 -71.56
C GLY D 174 23.56 -34.67 -70.59
N ALA D 175 23.67 -33.35 -70.78
CA ALA D 175 23.07 -32.37 -69.86
C ALA D 175 21.55 -32.34 -69.95
N LYS D 176 21.01 -32.99 -70.98
CA LYS D 176 19.58 -32.92 -71.27
C LYS D 176 18.76 -34.08 -70.73
N PHE D 177 19.35 -34.94 -69.90
CA PHE D 177 18.58 -36.00 -69.23
C PHE D 177 17.53 -35.43 -68.28
N PRO D 178 16.27 -35.85 -68.43
CA PRO D 178 15.19 -35.27 -67.67
C PRO D 178 15.32 -35.51 -66.20
N ARG D 179 14.69 -34.69 -65.38
CA ARG D 179 14.63 -34.94 -63.95
C ARG D 179 13.81 -36.18 -63.67
N THR D 180 14.36 -37.05 -62.85
CA THR D 180 13.67 -38.26 -62.39
C THR D 180 13.51 -38.28 -60.90
N THR D 181 12.50 -38.96 -60.39
CA THR D 181 12.25 -38.96 -58.95
C THR D 181 12.52 -40.33 -58.36
N ILE D 182 12.57 -40.44 -57.03
CA ILE D 182 12.64 -41.74 -56.39
C ILE D 182 11.46 -42.60 -56.87
N ARG D 183 10.26 -42.02 -56.88
CA ARG D 183 9.07 -42.75 -57.37
C ARG D 183 9.23 -43.28 -58.81
N ASP D 184 9.88 -42.52 -59.69
CA ASP D 184 10.11 -42.94 -61.03
C ASP D 184 10.99 -44.21 -61.03
N ASP D 185 12.01 -44.26 -60.18
CA ASP D 185 12.87 -45.41 -60.12
C ASP D 185 12.10 -46.61 -59.70
N VAL D 186 11.30 -46.47 -58.67
CA VAL D 186 10.57 -47.56 -58.10
C VAL D 186 9.59 -48.10 -59.15
N ARG D 187 8.96 -47.20 -59.89
CA ARG D 187 7.99 -47.60 -60.88
C ARG D 187 8.62 -48.34 -62.06
N ILE D 188 9.69 -47.82 -62.68
CA ILE D 188 10.33 -48.50 -63.77
C ILE D 188 10.99 -49.83 -63.32
N HIS D 189 11.54 -49.85 -62.11
CA HIS D 189 12.10 -51.07 -61.56
C HIS D 189 11.04 -52.15 -61.38
N ARG D 190 9.88 -51.78 -60.87
CA ARG D 190 8.76 -52.71 -60.80
C ARG D 190 8.43 -53.29 -62.18
N GLN D 191 8.51 -52.50 -63.24
CA GLN D 191 8.22 -53.02 -64.55
C GLN D 191 9.18 -54.11 -64.96
N VAL D 192 10.45 -53.88 -64.66
CA VAL D 192 11.49 -54.85 -64.92
C VAL D 192 11.23 -56.13 -64.13
N LEU D 193 10.90 -56.04 -62.84
CA LEU D 193 10.65 -57.19 -62.01
C LEU D 193 9.47 -58.01 -62.52
N ASP D 194 8.47 -57.31 -63.03
CA ASP D 194 7.32 -57.92 -63.67
C ASP D 194 7.72 -58.75 -64.87
N ARG D 195 8.56 -58.21 -65.74
CA ARG D 195 9.14 -58.96 -66.85
C ARG D 195 9.98 -60.15 -66.43
N LEU D 196 10.61 -60.09 -65.27
CA LEU D 196 11.39 -61.20 -64.81
C LEU D 196 10.48 -62.27 -64.18
N GLY D 197 9.21 -61.95 -64.00
CA GLY D 197 8.25 -62.87 -63.43
C GLY D 197 8.22 -62.92 -61.93
N VAL D 198 8.78 -61.91 -61.27
CA VAL D 198 8.72 -61.84 -59.81
C VAL D 198 7.26 -61.63 -59.41
N ARG D 199 6.80 -62.31 -58.39
CA ARG D 199 5.42 -62.26 -58.02
C ARG D 199 5.17 -61.64 -56.65
N GLN D 200 6.20 -61.65 -55.79
CA GLN D 200 6.13 -61.05 -54.50
C GLN D 200 7.53 -60.82 -54.00
N ILE D 201 7.69 -59.74 -53.24
CA ILE D 201 8.98 -59.40 -52.69
C ILE D 201 9.04 -59.70 -51.22
N ALA D 202 9.99 -60.55 -50.82
CA ALA D 202 10.13 -60.98 -49.43
C ALA D 202 10.59 -59.82 -48.58
N ALA D 203 11.49 -58.97 -49.11
CA ALA D 203 12.04 -57.81 -48.38
C ALA D 203 12.69 -56.81 -49.33
N VAL D 204 12.58 -55.53 -48.94
CA VAL D 204 13.34 -54.44 -49.58
C VAL D 204 14.28 -53.85 -48.54
N VAL D 205 15.56 -53.73 -48.90
CA VAL D 205 16.62 -53.38 -47.97
C VAL D 205 17.42 -52.30 -48.65
N GLY D 206 17.68 -51.18 -47.98
CA GLY D 206 18.41 -50.09 -48.63
C GLY D 206 18.94 -49.07 -47.63
N ALA D 207 20.11 -48.51 -47.92
CA ALA D 207 20.73 -47.52 -47.04
C ALA D 207 20.89 -46.20 -47.74
N MET D 209 20.35 -43.27 -49.82
CA MET D 209 19.39 -43.08 -50.88
C MET D 209 18.56 -44.33 -51.03
N GLY D 210 19.20 -45.48 -50.85
CA GLY D 210 18.49 -46.75 -50.92
C GLY D 210 17.37 -46.87 -49.92
N GLY D 211 17.51 -46.24 -48.78
CA GLY D 211 16.44 -46.26 -47.76
C GLY D 211 15.22 -45.45 -48.18
N MET D 212 15.43 -44.53 -49.11
CA MET D 212 14.41 -43.67 -49.57
C MET D 212 13.61 -44.47 -50.57
N HIS D 213 14.28 -45.16 -51.50
CA HIS D 213 13.60 -46.08 -52.38
C HIS D 213 12.83 -47.15 -51.59
N THR D 214 13.50 -47.73 -50.58
CA THR D 214 12.94 -48.75 -49.73
C THR D 214 11.62 -48.28 -49.18
N LEU D 215 11.61 -47.11 -48.57
CA LEU D 215 10.36 -46.55 -48.02
C LEU D 215 9.26 -46.46 -49.11
N GLU D 216 9.66 -46.06 -50.33
CA GLU D 216 8.73 -45.90 -51.43
C GLU D 216 8.25 -47.26 -51.95
N TRP D 217 9.09 -48.28 -51.94
CA TRP D 217 8.65 -49.61 -52.33
C TRP D 217 7.50 -50.06 -51.45
N ALA D 218 7.57 -49.76 -50.16
CA ALA D 218 6.56 -50.20 -49.22
C ALA D 218 5.13 -49.77 -49.66
N PHE D 219 5.06 -48.65 -50.39
CA PHE D 219 3.78 -48.13 -50.85
C PHE D 219 3.07 -48.90 -51.97
N PHE D 220 3.54 -50.13 -52.21
CA PHE D 220 2.81 -51.12 -52.97
C PHE D 220 1.95 -52.01 -52.09
N GLY D 221 2.15 -51.95 -50.77
CA GLY D 221 1.28 -52.63 -49.83
C GLY D 221 1.90 -53.95 -49.45
N PRO D 222 1.42 -54.53 -48.34
CA PRO D 222 2.01 -55.74 -47.70
C PRO D 222 1.78 -56.98 -48.54
N GLU D 223 0.94 -56.85 -49.56
CA GLU D 223 0.63 -57.92 -50.49
C GLU D 223 1.80 -58.22 -51.38
N TYR D 224 2.32 -57.17 -51.98
CA TYR D 224 3.42 -57.26 -52.88
C TYR D 224 4.82 -57.15 -52.24
N VAL D 225 4.97 -56.30 -51.21
CA VAL D 225 6.20 -56.10 -50.47
C VAL D 225 5.95 -56.47 -49.04
N ARG D 226 6.52 -57.59 -48.61
CA ARG D 226 6.22 -58.17 -47.32
C ARG D 226 6.91 -57.48 -46.15
N LYS D 227 8.16 -57.04 -46.34
CA LYS D 227 8.98 -56.42 -45.28
C LYS D 227 9.86 -55.37 -45.89
N ILE D 228 10.18 -54.36 -45.08
CA ILE D 228 11.17 -53.37 -45.46
C ILE D 228 12.29 -53.16 -44.43
N VAL D 229 13.46 -52.78 -44.93
CA VAL D 229 14.62 -52.51 -44.07
C VAL D 229 15.25 -51.24 -44.55
N PRO D 230 14.67 -50.09 -44.14
CA PRO D 230 15.28 -48.78 -44.46
C PRO D 230 16.45 -48.51 -43.49
N ILE D 231 17.58 -48.06 -44.04
CA ILE D 231 18.80 -47.95 -43.27
C ILE D 231 19.38 -46.56 -43.52
N ALA D 232 19.73 -45.86 -42.45
CA ALA D 232 20.50 -44.59 -42.57
C ALA D 232 19.93 -43.65 -43.61
N THR D 233 18.69 -43.21 -43.42
CA THR D 233 17.93 -42.52 -44.49
C THR D 233 16.90 -41.53 -43.95
N SER D 234 16.06 -40.96 -44.83
CA SER D 234 14.94 -40.18 -44.37
C SER D 234 13.67 -40.30 -45.20
N CYS D 235 12.55 -39.90 -44.58
CA CYS D 235 11.24 -39.84 -45.21
C CYS D 235 11.02 -38.71 -46.19
N ARG D 236 11.89 -37.70 -46.17
CA ARG D 236 11.70 -36.49 -46.97
C ARG D 236 12.97 -35.65 -46.99
N GLN D 237 13.21 -34.90 -48.06
CA GLN D 237 14.32 -33.96 -48.13
C GLN D 237 14.27 -32.99 -46.92
N SER D 238 15.43 -32.76 -46.30
CA SER D 238 15.53 -31.80 -45.21
C SER D 238 16.37 -30.66 -45.71
N GLY D 239 16.28 -29.51 -45.04
CA GLY D 239 17.12 -28.34 -45.42
C GLY D 239 18.60 -28.59 -45.27
N TRP D 240 18.99 -29.29 -44.21
CA TRP D 240 20.36 -29.75 -43.98
C TRP D 240 20.99 -30.53 -45.16
N CYS D 241 20.39 -31.66 -45.54
CA CYS D 241 20.83 -32.39 -46.73
C CYS D 241 20.75 -31.57 -48.00
N ALA D 242 19.67 -30.83 -48.21
CA ALA D 242 19.56 -30.02 -49.42
C ALA D 242 20.80 -29.13 -49.56
N ALA D 243 21.20 -28.50 -48.47
CA ALA D 243 22.32 -27.55 -48.45
C ALA D 243 23.65 -28.26 -48.79
N TRP D 244 23.87 -29.42 -48.16
CA TRP D 244 25.11 -30.16 -48.38
C TRP D 244 25.26 -30.61 -49.81
N PHE D 245 24.20 -31.13 -50.42
CA PHE D 245 24.34 -31.58 -51.81
C PHE D 245 24.30 -30.47 -52.80
N GLU D 246 23.56 -29.38 -52.50
CA GLU D 246 23.60 -28.19 -53.34
C GLU D 246 24.98 -27.59 -53.32
N THR D 247 25.61 -27.60 -52.16
CA THR D 247 26.99 -27.12 -52.07
C THR D 247 27.90 -27.94 -52.96
N GLN D 248 27.75 -29.27 -52.87
CA GLN D 248 28.49 -30.17 -53.76
C GLN D 248 28.21 -29.90 -55.24
N ARG D 249 26.94 -29.72 -55.64
CA ARG D 249 26.67 -29.41 -57.05
C ARG D 249 27.28 -28.10 -57.48
N GLN D 250 27.21 -27.07 -56.64
CA GLN D 250 27.86 -25.79 -56.97
C GLN D 250 29.39 -25.93 -57.25
N CYS D 251 30.07 -26.81 -56.54
CA CYS D 251 31.47 -27.04 -56.86
C CYS D 251 31.60 -27.43 -58.31
N ILE D 252 30.63 -28.22 -58.81
CA ILE D 252 30.65 -28.65 -60.20
C ILE D 252 30.27 -27.52 -61.11
N TYR D 253 29.20 -26.80 -60.76
CA TYR D 253 28.77 -25.69 -61.61
C TYR D 253 29.89 -24.66 -61.77
N ASP D 254 30.67 -24.44 -60.73
CA ASP D 254 31.69 -23.39 -60.77
C ASP D 254 32.99 -23.82 -61.43
N ASP D 255 33.12 -25.09 -61.75
CA ASP D 255 34.28 -25.58 -62.47
C ASP D 255 34.19 -25.16 -63.94
N PRO D 256 35.15 -24.34 -64.43
CA PRO D 256 35.05 -23.78 -65.80
C PRO D 256 35.05 -24.85 -66.88
N LYS D 257 35.38 -26.09 -66.49
CA LYS D 257 35.40 -27.21 -67.44
C LYS D 257 34.02 -27.80 -67.67
N TYR D 258 33.09 -27.41 -66.80
CA TYR D 258 31.71 -27.92 -66.81
C TYR D 258 30.91 -27.47 -68.04
N LEU D 259 31.13 -26.21 -68.44
CA LEU D 259 30.57 -25.69 -69.69
C LEU D 259 29.10 -25.97 -69.72
N ASP D 260 28.44 -25.81 -68.58
CA ASP D 260 26.97 -25.89 -68.53
C ASP D 260 26.43 -27.29 -68.77
N GLY D 261 27.27 -28.30 -68.53
CA GLY D 261 26.90 -29.68 -68.74
C GLY D 261 27.29 -30.22 -70.10
N GLU D 262 27.88 -29.36 -70.94
CA GLU D 262 28.20 -29.69 -72.31
C GLU D 262 29.64 -30.17 -72.44
N TYR D 263 30.33 -30.33 -71.32
CA TYR D 263 31.71 -30.80 -71.35
C TYR D 263 31.86 -32.04 -72.25
N ASP D 264 33.02 -32.20 -72.89
CA ASP D 264 33.28 -33.43 -73.62
C ASP D 264 33.60 -34.51 -72.57
N VAL D 265 33.10 -35.72 -72.81
CA VAL D 265 33.14 -36.83 -71.81
C VAL D 265 34.54 -37.21 -71.29
N ASP D 266 35.58 -36.90 -72.05
CA ASP D 266 36.93 -37.21 -71.61
C ASP D 266 37.66 -35.93 -71.17
N ASP D 267 36.87 -34.89 -70.90
CA ASP D 267 37.38 -33.63 -70.34
C ASP D 267 36.36 -33.14 -69.28
N GLN D 268 36.16 -33.97 -68.25
CA GLN D 268 35.20 -33.71 -67.18
C GLN D 268 35.62 -32.52 -66.33
N PRO D 269 34.64 -31.87 -65.64
CA PRO D 269 34.97 -30.96 -64.56
C PRO D 269 35.46 -31.74 -63.35
N VAL D 270 36.68 -32.22 -63.47
CA VAL D 270 37.30 -33.09 -62.48
C VAL D 270 37.54 -32.44 -61.11
N ARG D 271 37.96 -31.18 -61.08
CA ARG D 271 38.18 -30.47 -59.82
C ARG D 271 36.87 -30.33 -59.06
N GLY D 272 35.86 -29.87 -59.78
CA GLY D 272 34.53 -29.74 -59.22
C GLY D 272 34.07 -31.06 -58.59
N LEU D 273 34.20 -32.14 -59.36
CA LEU D 273 33.80 -33.47 -58.91
C LEU D 273 34.53 -33.95 -57.69
N GLU D 274 35.85 -33.90 -57.73
CA GLU D 274 36.69 -34.16 -56.55
C GLU D 274 36.21 -33.41 -55.32
N THR D 275 35.99 -32.12 -55.48
CA THR D 275 35.65 -31.28 -54.36
C THR D 275 34.31 -31.73 -53.82
N ALA D 276 33.36 -31.85 -54.73
CA ALA D 276 32.06 -32.41 -54.38
C ALA D 276 32.21 -33.69 -53.56
N ARG D 277 33.02 -34.61 -54.05
CA ARG D 277 33.22 -35.85 -53.33
C ARG D 277 33.96 -35.73 -52.00
N LYS D 278 35.00 -34.90 -51.93
CA LYS D 278 35.66 -34.68 -50.62
C LYS D 278 34.64 -34.22 -49.59
N ILE D 279 33.79 -33.27 -49.96
CA ILE D 279 32.77 -32.79 -49.04
C ILE D 279 31.84 -33.94 -48.63
N ALA D 280 31.32 -34.67 -49.63
CA ALA D 280 30.41 -35.76 -49.32
C ALA D 280 31.08 -36.78 -48.42
N ASN D 281 32.30 -37.18 -48.77
CA ASN D 281 32.99 -38.19 -47.97
C ASN D 281 33.13 -37.76 -46.52
N LEU D 282 33.35 -36.47 -46.27
CA LEU D 282 33.47 -36.03 -44.89
C LEU D 282 32.11 -36.01 -44.18
N THR D 283 31.06 -35.58 -44.88
CA THR D 283 29.72 -35.65 -44.26
C THR D 283 29.39 -37.09 -43.87
N TYR D 284 29.97 -38.08 -44.56
CA TYR D 284 29.72 -39.50 -44.21
C TYR D 284 30.46 -40.01 -42.98
N LYS D 285 31.39 -39.19 -42.46
CA LYS D 285 32.24 -39.54 -41.33
C LYS D 285 31.73 -38.94 -40.04
N SER D 286 32.28 -39.37 -38.91
CA SER D 286 31.99 -38.77 -37.64
C SER D 286 33.28 -38.18 -37.11
N LYS D 287 33.15 -37.26 -36.15
CA LYS D 287 34.31 -36.65 -35.55
C LYS D 287 35.16 -37.77 -34.89
N PRO D 288 34.55 -38.60 -34.03
CA PRO D 288 35.40 -39.67 -33.46
C PRO D 288 36.11 -40.49 -34.50
N ALA D 289 35.43 -40.86 -35.59
CA ALA D 289 36.08 -41.64 -36.64
C ALA D 289 37.28 -40.96 -37.22
N MET D 290 37.17 -39.69 -37.60
CA MET D 290 38.34 -39.01 -38.18
C MET D 290 39.42 -38.73 -37.13
N ASP D 291 38.99 -38.54 -35.89
CA ASP D 291 39.96 -38.32 -34.81
C ASP D 291 40.86 -39.53 -34.55
N GLU D 292 40.28 -40.74 -34.62
CA GLU D 292 41.04 -41.96 -34.43
C GLU D 292 41.98 -42.15 -35.59
N ARG D 293 41.57 -41.72 -36.75
CA ARG D 293 42.36 -41.98 -37.93
C ARG D 293 43.53 -41.01 -38.11
N PHE D 294 43.35 -39.78 -37.65
CA PHE D 294 44.38 -38.75 -37.78
C PHE D 294 44.50 -38.00 -36.47
N HIS D 295 45.70 -38.00 -35.88
CA HIS D 295 45.95 -37.11 -34.74
C HIS D 295 47.41 -36.66 -34.62
N MET D 296 47.71 -36.02 -33.49
CA MET D 296 49.05 -35.45 -33.24
C MET D 296 49.91 -36.35 -32.35
N GLN D 328 48.17 -41.70 -40.59
CA GLN D 328 47.76 -41.51 -39.16
C GLN D 328 48.20 -40.17 -38.51
N PRO D 329 49.37 -39.61 -38.89
CA PRO D 329 49.60 -38.22 -38.42
C PRO D 329 48.75 -37.17 -39.20
N ILE D 330 48.54 -35.99 -38.62
CA ILE D 330 47.78 -34.93 -39.28
C ILE D 330 48.34 -34.47 -40.67
N GLU D 331 49.63 -34.65 -40.90
CA GLU D 331 50.27 -34.38 -42.22
C GLU D 331 49.59 -35.17 -43.36
N ALA D 332 49.11 -36.36 -43.02
CA ALA D 332 48.59 -37.34 -43.95
C ALA D 332 47.15 -37.07 -44.43
N VAL D 333 46.43 -36.19 -43.72
CA VAL D 333 45.07 -35.81 -44.04
C VAL D 333 44.98 -35.29 -45.49
N SER D 334 45.92 -34.42 -45.80
CA SER D 334 45.94 -33.84 -47.10
C SER D 334 45.80 -34.88 -48.22
N SER D 335 46.67 -35.89 -48.25
CA SER D 335 46.65 -36.82 -49.37
C SER D 335 45.56 -37.90 -49.18
N TYR D 336 45.14 -38.18 -47.97
CA TYR D 336 43.95 -39.01 -47.77
C TYR D 336 42.72 -38.39 -48.48
N LEU D 337 42.56 -37.07 -48.39
CA LEU D 337 41.43 -36.41 -48.97
C LEU D 337 41.54 -36.43 -50.49
N ARG D 338 42.73 -36.20 -51.02
CA ARG D 338 42.93 -36.13 -52.47
C ARG D 338 42.76 -37.46 -53.18
N TYR D 339 43.39 -38.52 -52.65
CA TYR D 339 43.49 -39.79 -53.37
C TYR D 339 42.08 -40.32 -53.65
N GLN D 340 41.32 -40.54 -52.60
CA GLN D 340 39.95 -41.04 -52.69
C GLN D 340 39.04 -40.22 -53.64
N ALA D 341 39.00 -38.92 -53.43
CA ALA D 341 38.25 -37.99 -54.27
C ALA D 341 38.74 -38.00 -55.74
N GLN D 342 40.05 -38.12 -55.94
CA GLN D 342 40.60 -38.21 -57.28
C GLN D 342 40.17 -39.49 -57.98
N LYS D 343 40.25 -40.61 -57.27
CA LYS D 343 39.91 -41.88 -57.91
C LYS D 343 38.42 -41.90 -58.29
N PHE D 344 37.58 -41.24 -57.47
CA PHE D 344 36.17 -41.13 -57.77
C PHE D 344 35.88 -40.21 -58.95
N ALA D 345 36.48 -39.02 -58.98
CA ALA D 345 36.23 -38.09 -60.08
C ALA D 345 36.71 -38.67 -61.40
N ALA D 346 37.63 -39.63 -61.34
CA ALA D 346 38.14 -40.26 -62.54
C ALA D 346 37.15 -41.32 -63.03
N SER D 347 36.29 -41.80 -62.15
CA SER D 347 35.40 -42.88 -62.52
C SER D 347 33.91 -42.63 -62.23
N PHE D 348 33.49 -41.37 -62.33
CA PHE D 348 32.09 -41.00 -62.20
C PHE D 348 31.80 -39.80 -63.13
N ASP D 349 30.55 -39.60 -63.50
CA ASP D 349 30.19 -38.56 -64.47
C ASP D 349 29.58 -37.35 -63.75
N ALA D 350 30.03 -36.17 -64.12
CA ALA D 350 29.56 -34.94 -63.49
C ALA D 350 28.04 -34.72 -63.62
N ASN D 351 27.53 -34.79 -64.86
CA ASN D 351 26.09 -34.72 -65.10
C ASN D 351 25.31 -35.74 -64.30
N CYS D 352 25.80 -36.97 -64.20
CA CYS D 352 25.12 -37.98 -63.37
C CYS D 352 25.11 -37.60 -61.91
N TYR D 353 26.22 -37.08 -61.42
CA TYR D 353 26.26 -36.61 -60.04
C TYR D 353 25.16 -35.60 -59.78
N ILE D 354 24.98 -34.65 -60.68
CA ILE D 354 23.93 -33.65 -60.57
C ILE D 354 22.55 -34.30 -60.61
N ALA D 355 22.30 -35.11 -61.62
CA ALA D 355 21.01 -35.78 -61.77
C ALA D 355 20.67 -36.67 -60.55
N MET D 356 21.65 -37.41 -60.04
CA MET D 356 21.45 -38.26 -58.88
C MET D 356 21.12 -37.49 -57.61
N THR D 357 21.93 -36.49 -57.27
CA THR D 357 21.69 -35.69 -56.07
C THR D 357 20.36 -34.93 -56.15
N LEU D 358 19.96 -34.49 -57.34
CA LEU D 358 18.68 -33.82 -57.48
C LEU D 358 17.51 -34.70 -57.09
N LYS D 359 17.63 -36.01 -57.30
CA LYS D 359 16.61 -36.96 -56.81
C LYS D 359 16.24 -36.70 -55.35
N PHE D 360 17.24 -36.39 -54.52
CA PHE D 360 17.00 -36.12 -53.10
C PHE D 360 15.97 -35.01 -52.87
N ASP D 361 15.94 -34.03 -53.75
CA ASP D 361 15.04 -32.90 -53.61
C ASP D 361 13.56 -33.24 -53.82
N THR D 362 13.25 -34.27 -54.60
CA THR D 362 11.89 -34.75 -54.94
C THR D 362 11.37 -35.68 -53.82
N HIS D 363 12.23 -36.12 -52.90
CA HIS D 363 11.87 -37.22 -52.00
C HIS D 363 10.97 -36.71 -50.94
N ASP D 364 9.80 -37.32 -50.82
CA ASP D 364 8.82 -37.04 -49.74
C ASP D 364 7.82 -38.15 -49.74
N ILE D 365 7.83 -39.03 -48.76
CA ILE D 365 6.92 -40.14 -48.83
C ILE D 365 5.44 -39.74 -48.64
N SER D 366 5.19 -38.53 -48.17
CA SER D 366 3.83 -38.09 -47.90
C SER D 366 3.21 -37.39 -49.10
N ARG D 367 4.01 -36.96 -50.07
CA ARG D 367 3.39 -36.12 -51.06
C ARG D 367 2.40 -36.86 -51.93
N GLY D 368 1.24 -36.22 -52.06
CA GLY D 368 0.09 -36.81 -52.72
C GLY D 368 -0.55 -37.95 -51.94
N ARG D 369 -0.14 -38.19 -50.70
CA ARG D 369 -0.69 -39.34 -49.97
C ARG D 369 -1.27 -39.04 -48.59
N ALA D 370 -0.70 -38.08 -47.88
CA ALA D 370 -1.09 -37.79 -46.52
C ALA D 370 -0.69 -36.37 -46.18
N GLY D 371 -1.26 -35.86 -45.07
CA GLY D 371 -1.09 -34.46 -44.70
C GLY D 371 0.24 -34.21 -44.02
N SER D 372 0.87 -35.29 -43.51
CA SER D 372 2.12 -35.17 -42.80
C SER D 372 2.96 -36.47 -42.90
N ILE D 373 4.25 -36.35 -42.59
CA ILE D 373 5.14 -37.51 -42.54
C ILE D 373 4.66 -38.60 -41.56
N PRO D 374 4.32 -38.26 -40.30
CA PRO D 374 3.82 -39.34 -39.46
C PRO D 374 2.56 -40.04 -40.01
N GLU D 375 1.66 -39.30 -40.65
CA GLU D 375 0.48 -39.94 -41.23
C GLU D 375 0.86 -40.88 -42.37
N ALA D 376 1.82 -40.46 -43.18
CA ALA D 376 2.30 -41.29 -44.28
C ALA D 376 3.01 -42.54 -43.75
N LEU D 377 3.85 -42.38 -42.73
CA LEU D 377 4.48 -43.51 -42.12
C LEU D 377 3.50 -44.53 -41.58
N ALA D 378 2.36 -44.05 -41.06
CA ALA D 378 1.35 -44.95 -40.49
C ALA D 378 0.71 -45.79 -41.58
N MET D 379 0.77 -45.33 -42.82
CA MET D 379 0.28 -46.14 -43.95
C MET D 379 1.19 -47.32 -44.32
N ILE D 380 2.33 -47.44 -43.66
CA ILE D 380 3.22 -48.57 -43.91
C ILE D 380 2.88 -49.72 -42.98
N THR D 381 2.31 -50.77 -43.58
CA THR D 381 1.76 -51.93 -42.86
C THR D 381 2.73 -53.11 -42.67
N GLN D 382 3.74 -53.21 -43.53
CA GLN D 382 4.73 -54.27 -43.46
C GLN D 382 5.54 -54.20 -42.19
N PRO D 383 6.01 -55.35 -41.69
CA PRO D 383 7.12 -55.28 -40.71
C PRO D 383 8.30 -54.47 -41.28
N ALA D 384 8.87 -53.62 -40.41
CA ALA D 384 9.98 -52.73 -40.76
C ALA D 384 11.11 -52.82 -39.73
N LEU D 385 12.34 -52.88 -40.20
CA LEU D 385 13.46 -52.84 -39.32
C LEU D 385 14.20 -51.59 -39.77
N ILE D 386 14.30 -50.63 -38.87
CA ILE D 386 14.95 -49.39 -39.13
C ILE D 386 16.32 -49.44 -38.49
N ILE D 387 17.37 -49.29 -39.32
CA ILE D 387 18.74 -49.36 -38.85
C ILE D 387 19.41 -47.98 -38.92
N CYS D 388 19.99 -47.55 -37.82
CA CYS D 388 20.69 -46.27 -37.79
C CYS D 388 21.88 -46.27 -36.84
N ALA D 389 22.61 -45.16 -36.85
CA ALA D 389 23.67 -44.90 -35.88
C ALA D 389 23.41 -43.56 -35.22
N ARG D 390 23.64 -43.47 -33.90
CA ARG D 390 23.48 -42.17 -33.21
C ARG D 390 24.33 -41.10 -33.84
N SER D 391 25.44 -41.47 -34.44
CA SER D 391 26.37 -40.45 -34.86
C SER D 391 26.34 -40.05 -36.33
N ASP D 392 25.30 -40.48 -37.03
CA ASP D 392 25.02 -40.11 -38.43
C ASP D 392 24.82 -38.61 -38.50
N GLY D 393 25.67 -37.92 -39.25
CA GLY D 393 25.58 -36.48 -39.39
C GLY D 393 24.63 -36.01 -40.48
N LEU D 394 24.08 -36.94 -41.26
CA LEU D 394 23.20 -36.52 -42.34
C LEU D 394 21.78 -36.88 -42.02
N TYR D 395 21.57 -38.13 -41.59
CA TYR D 395 20.22 -38.56 -41.27
C TYR D 395 20.15 -38.85 -39.79
N SER D 396 19.37 -38.06 -39.09
CA SER D 396 19.50 -38.00 -37.67
C SER D 396 18.88 -39.19 -36.98
N PHE D 397 19.46 -39.51 -35.83
CA PHE D 397 18.89 -40.47 -34.93
C PHE D 397 17.39 -40.17 -34.69
N ASP D 398 17.06 -38.89 -34.46
CA ASP D 398 15.67 -38.53 -34.13
C ASP D 398 14.67 -38.88 -35.22
N GLU D 399 15.04 -38.60 -36.49
CA GLU D 399 14.14 -38.91 -37.60
C GLU D 399 13.93 -40.42 -37.78
N HIS D 400 14.90 -41.24 -37.35
CA HIS D 400 14.73 -42.69 -37.36
C HIS D 400 13.82 -43.14 -36.26
N VAL D 401 13.98 -42.50 -35.10
CA VAL D 401 13.11 -42.71 -33.94
C VAL D 401 11.68 -42.35 -34.32
N GLU D 402 11.50 -41.22 -35.01
CA GLU D 402 10.20 -40.86 -35.55
C GLU D 402 9.63 -41.97 -36.45
N MET D 403 10.43 -42.49 -37.40
CA MET D 403 9.96 -43.55 -38.28
C MET D 403 9.45 -44.72 -37.45
N GLY D 404 10.25 -45.14 -36.49
CA GLY D 404 9.92 -46.28 -35.67
C GLY D 404 8.68 -46.06 -34.86
N ARG D 405 8.35 -44.80 -34.63
CA ARG D 405 7.23 -44.49 -33.79
C ARG D 405 5.94 -44.46 -34.61
N SER D 406 5.99 -43.97 -35.84
CA SER D 406 4.77 -43.94 -36.64
C SER D 406 4.50 -45.18 -37.50
N ILE D 407 5.52 -46.00 -37.77
CA ILE D 407 5.32 -47.22 -38.54
C ILE D 407 4.83 -48.22 -37.51
N PRO D 408 3.59 -48.71 -37.68
CA PRO D 408 2.94 -49.54 -36.65
C PRO D 408 3.66 -50.82 -36.27
N ASN D 409 4.14 -51.61 -37.21
CA ASN D 409 4.92 -52.80 -36.85
C ASN D 409 6.43 -52.62 -37.12
N SER D 410 7.14 -51.86 -36.31
CA SER D 410 8.53 -51.53 -36.59
C SER D 410 9.40 -51.79 -35.39
N ARG D 411 10.65 -52.17 -35.66
CA ARG D 411 11.65 -52.22 -34.60
C ARG D 411 12.80 -51.31 -35.01
N LEU D 412 13.27 -50.49 -34.07
CA LEU D 412 14.44 -49.61 -34.28
C LEU D 412 15.70 -50.37 -33.90
N CYS D 413 16.68 -50.39 -34.79
CA CYS D 413 17.94 -51.03 -34.45
C CYS D 413 19.03 -50.00 -34.52
N VAL D 414 19.61 -49.70 -33.36
CA VAL D 414 20.68 -48.71 -33.23
C VAL D 414 22.01 -49.45 -33.16
N VAL D 415 22.84 -49.26 -34.16
CA VAL D 415 24.10 -49.97 -34.25
C VAL D 415 25.03 -49.32 -33.25
N ASP D 416 25.62 -50.17 -32.43
CA ASP D 416 26.60 -49.77 -31.45
C ASP D 416 27.91 -49.48 -32.16
N THR D 417 28.13 -48.21 -32.48
CA THR D 417 29.29 -47.78 -33.24
C THR D 417 29.51 -46.31 -32.95
N ASN D 418 30.68 -45.78 -33.27
CA ASN D 418 30.88 -44.34 -33.20
C ASN D 418 31.11 -43.78 -34.61
N GLU D 419 30.72 -44.58 -35.60
CA GLU D 419 31.04 -44.30 -36.97
C GLU D 419 30.32 -43.23 -37.74
N GLY D 420 29.14 -42.73 -37.51
CA GLY D 420 28.72 -41.76 -38.58
C GLY D 420 28.09 -42.41 -39.80
N HIS D 421 27.76 -41.64 -40.83
CA HIS D 421 26.76 -42.08 -41.79
C HIS D 421 27.18 -43.35 -42.50
N ASP D 422 28.44 -43.47 -42.82
CA ASP D 422 28.87 -44.67 -43.53
C ASP D 422 29.05 -45.87 -42.60
N PHE D 423 28.46 -45.85 -41.41
CA PHE D 423 28.53 -46.99 -40.50
C PHE D 423 27.99 -48.26 -41.17
N PHE D 424 27.06 -48.13 -42.11
CA PHE D 424 26.40 -49.31 -42.66
C PHE D 424 27.41 -50.09 -43.55
N VAL D 425 28.49 -49.40 -43.92
CA VAL D 425 29.58 -50.02 -44.65
C VAL D 425 30.72 -50.39 -43.72
N MET D 426 31.06 -49.49 -42.80
CA MET D 426 32.17 -49.71 -41.89
C MET D 426 31.85 -50.84 -40.90
N GLU D 427 30.58 -50.95 -40.52
CA GLU D 427 30.12 -51.97 -39.56
C GLU D 427 29.20 -52.98 -40.28
N ALA D 428 29.59 -53.37 -41.48
CA ALA D 428 28.74 -54.22 -42.30
C ALA D 428 28.30 -55.50 -41.57
N ASP D 429 29.17 -56.06 -40.74
CA ASP D 429 28.83 -57.32 -40.06
C ASP D 429 27.70 -57.13 -39.10
N LYS D 430 27.65 -55.97 -38.44
CA LYS D 430 26.58 -55.71 -37.50
C LYS D 430 25.26 -55.47 -38.20
N VAL D 431 25.35 -54.85 -39.37
CA VAL D 431 24.20 -54.68 -40.22
C VAL D 431 23.70 -56.03 -40.75
N ASN D 432 24.62 -56.85 -41.23
CA ASN D 432 24.33 -58.20 -41.66
C ASN D 432 23.55 -58.99 -40.63
N ASP D 433 24.01 -59.00 -39.39
CA ASP D 433 23.38 -59.76 -38.33
C ASP D 433 22.01 -59.23 -38.06
N ALA D 434 21.88 -57.91 -38.02
CA ALA D 434 20.56 -57.30 -37.79
C ALA D 434 19.57 -57.67 -38.91
N VAL D 435 20.00 -57.58 -40.17
CA VAL D 435 19.13 -57.90 -41.29
C VAL D 435 18.77 -59.41 -41.31
N ARG D 436 19.79 -60.28 -41.21
CA ARG D 436 19.53 -61.71 -41.17
C ARG D 436 18.56 -62.09 -40.05
N GLY D 437 18.78 -61.56 -38.83
CA GLY D 437 17.86 -61.77 -37.70
C GLY D 437 16.41 -61.44 -38.05
N PHE D 438 16.21 -60.29 -38.65
CA PHE D 438 14.90 -59.83 -39.03
C PHE D 438 14.25 -60.69 -40.11
N LEU D 439 15.02 -61.03 -41.13
CA LEU D 439 14.54 -61.86 -42.22
C LEU D 439 14.21 -63.28 -41.75
N ASP D 440 14.86 -63.76 -40.68
CA ASP D 440 14.66 -65.12 -40.15
C ASP D 440 13.39 -65.28 -39.32
N GLN D 441 12.93 -64.20 -38.63
CA GLN D 441 11.69 -64.25 -37.82
C GLN D 441 10.45 -64.79 -38.57
N ASN E 66 -37.93 4.07 -31.06
CA ASN E 66 -37.70 3.90 -29.58
C ASN E 66 -37.14 2.51 -29.23
N ARG E 67 -35.81 2.45 -29.07
CA ARG E 67 -35.10 1.18 -28.78
C ARG E 67 -35.41 0.56 -27.43
N PHE E 68 -35.83 1.38 -26.47
CA PHE E 68 -36.18 0.88 -25.15
C PHE E 68 -37.48 0.11 -25.18
N GLU E 69 -38.48 0.67 -25.82
CA GLU E 69 -39.76 -0.01 -26.06
C GLU E 69 -39.57 -1.20 -26.99
N ALA E 70 -38.76 -1.05 -28.03
CA ALA E 70 -38.44 -2.15 -28.92
C ALA E 70 -37.91 -3.42 -28.23
N SER E 71 -37.20 -3.28 -27.09
CA SER E 71 -36.55 -4.44 -26.42
C SER E 71 -37.54 -5.29 -25.58
N LEU E 72 -38.77 -4.82 -25.47
CA LEU E 72 -39.80 -5.46 -24.67
C LEU E 72 -40.55 -6.59 -25.39
N ASP E 73 -41.25 -7.42 -24.62
CA ASP E 73 -42.13 -8.40 -25.21
C ASP E 73 -43.34 -7.63 -25.77
N ALA E 74 -44.26 -8.36 -26.41
CA ALA E 74 -45.42 -7.77 -27.02
C ALA E 74 -46.30 -7.11 -25.98
N GLN E 75 -46.87 -5.96 -26.36
CA GLN E 75 -47.83 -5.25 -25.51
C GLN E 75 -48.79 -4.43 -26.33
N ASP E 76 -49.90 -4.06 -25.71
CA ASP E 76 -50.90 -3.23 -26.36
C ASP E 76 -50.61 -1.75 -26.15
N ILE E 77 -51.11 -0.92 -27.06
CA ILE E 77 -50.97 0.55 -27.02
C ILE E 77 -52.34 1.15 -27.25
N ALA E 78 -52.90 1.86 -26.27
CA ALA E 78 -54.10 2.63 -26.51
C ALA E 78 -53.67 4.07 -26.94
N ARG E 79 -54.44 4.71 -27.81
CA ARG E 79 -54.08 6.08 -28.19
C ARG E 79 -55.20 7.02 -27.81
N ILE E 80 -54.86 8.04 -27.04
CA ILE E 80 -55.85 8.99 -26.57
C ILE E 80 -55.60 10.23 -27.42
N SER E 81 -56.59 10.68 -28.18
CA SER E 81 -56.25 11.72 -29.16
C SER E 81 -55.98 13.06 -28.50
N LEU E 82 -56.66 13.35 -27.40
CA LEU E 82 -56.40 14.56 -26.64
C LEU E 82 -56.45 14.30 -25.16
N PHE E 83 -55.41 14.73 -24.44
CA PHE E 83 -55.40 14.60 -22.99
C PHE E 83 -54.90 15.86 -22.33
N THR E 84 -55.70 16.40 -21.42
CA THR E 84 -55.32 17.59 -20.68
C THR E 84 -54.61 17.25 -19.37
N LEU E 85 -53.30 17.51 -19.30
CA LEU E 85 -52.54 17.36 -18.04
C LEU E 85 -53.03 18.35 -17.02
N GLU E 86 -52.86 18.04 -15.74
CA GLU E 86 -53.41 18.96 -14.74
C GLU E 86 -52.71 20.31 -14.72
N SER E 87 -51.51 20.38 -15.28
CA SER E 87 -50.87 21.66 -15.55
C SER E 87 -51.74 22.52 -16.50
N GLY E 88 -52.53 21.85 -17.34
CA GLY E 88 -53.25 22.52 -18.41
C GLY E 88 -52.59 22.30 -19.76
N VAL E 89 -51.47 21.61 -19.79
CA VAL E 89 -50.83 21.30 -21.05
C VAL E 89 -51.63 20.18 -21.73
N ILE E 90 -51.82 20.31 -23.04
CA ILE E 90 -52.59 19.33 -23.76
C ILE E 90 -51.65 18.43 -24.54
N LEU E 91 -51.69 17.14 -24.25
CA LEU E 91 -50.99 16.16 -25.07
C LEU E 91 -51.89 15.66 -26.20
N ARG E 92 -51.33 15.49 -27.37
CA ARG E 92 -52.13 15.05 -28.52
C ARG E 92 -51.65 13.68 -28.95
N ASP E 93 -52.62 12.86 -29.38
CA ASP E 93 -52.38 11.53 -29.95
C ASP E 93 -51.40 10.75 -29.09
N VAL E 94 -51.82 10.46 -27.86
CA VAL E 94 -50.98 10.01 -26.76
C VAL E 94 -51.00 8.49 -26.64
N PRO E 95 -49.86 7.83 -26.81
CA PRO E 95 -49.85 6.39 -26.57
C PRO E 95 -49.83 6.08 -25.07
N VAL E 96 -50.57 5.05 -24.68
CA VAL E 96 -50.50 4.51 -23.36
C VAL E 96 -50.27 2.99 -23.52
N ALA E 97 -49.05 2.53 -23.21
CA ALA E 97 -48.76 1.10 -23.32
C ALA E 97 -49.32 0.37 -22.14
N TYR E 98 -49.72 -0.88 -22.37
CA TYR E 98 -50.13 -1.72 -21.25
C TYR E 98 -49.96 -3.18 -21.57
N LYS E 99 -50.17 -4.00 -20.55
CA LYS E 99 -50.06 -5.42 -20.66
C LYS E 99 -51.11 -5.98 -19.72
N SER E 100 -51.85 -6.98 -20.18
CA SER E 100 -52.80 -7.66 -19.31
C SER E 100 -52.68 -9.16 -19.42
N TRP E 101 -53.25 -9.83 -18.44
CA TRP E 101 -53.19 -11.25 -18.30
C TRP E 101 -54.55 -11.61 -17.79
N GLY E 102 -55.07 -12.74 -18.30
CA GLY E 102 -56.36 -13.27 -17.82
C GLY E 102 -57.48 -12.62 -18.60
N ARG E 103 -58.72 -12.84 -18.17
CA ARG E 103 -59.84 -12.42 -18.96
C ARG E 103 -60.91 -11.76 -18.08
N MET E 104 -61.60 -10.77 -18.63
CA MET E 104 -62.61 -10.12 -17.85
C MET E 104 -63.85 -11.01 -17.72
N ASN E 105 -64.45 -11.05 -16.54
CA ASN E 105 -65.67 -11.81 -16.43
C ASN E 105 -66.84 -11.02 -17.11
N VAL E 106 -68.05 -11.60 -17.10
CA VAL E 106 -69.14 -11.08 -17.94
C VAL E 106 -69.55 -9.74 -17.36
N SER E 107 -69.44 -9.67 -16.03
CA SER E 107 -69.76 -8.51 -15.24
C SER E 107 -68.68 -7.41 -15.35
N ARG E 108 -67.56 -7.69 -16.04
CA ARG E 108 -66.46 -6.74 -16.21
C ARG E 108 -66.00 -6.07 -14.88
N ASP E 109 -65.92 -6.86 -13.79
CA ASP E 109 -65.66 -6.35 -12.43
C ASP E 109 -64.61 -7.18 -11.63
N ASN E 110 -63.87 -8.01 -12.35
CA ASN E 110 -62.80 -8.79 -11.75
C ASN E 110 -61.42 -8.24 -12.19
N CYS E 111 -61.36 -6.91 -12.41
CA CYS E 111 -60.13 -6.26 -12.86
C CYS E 111 -59.21 -5.95 -11.67
N VAL E 112 -57.94 -6.31 -11.83
CA VAL E 112 -56.92 -6.04 -10.82
C VAL E 112 -55.86 -5.23 -11.52
N ILE E 113 -55.61 -4.03 -10.99
CA ILE E 113 -54.60 -3.10 -11.55
C ILE E 113 -53.33 -3.24 -10.75
N VAL E 114 -52.25 -3.52 -11.43
CA VAL E 114 -50.94 -3.49 -10.79
C VAL E 114 -50.20 -2.25 -11.28
N CYS E 115 -49.74 -1.41 -10.35
CA CYS E 115 -49.01 -0.20 -10.71
C CYS E 115 -47.50 -0.46 -10.61
N HIS E 116 -46.76 -0.26 -11.68
CA HIS E 116 -45.35 -0.71 -11.66
C HIS E 116 -44.41 0.23 -10.86
N THR E 117 -43.11 -0.12 -10.79
CA THR E 117 -42.12 0.68 -10.07
C THR E 117 -41.50 1.71 -11.02
N LEU E 118 -40.71 2.61 -10.45
CA LEU E 118 -40.12 3.72 -11.16
C LEU E 118 -39.51 3.40 -12.50
N THR E 119 -38.62 2.41 -12.59
CA THR E 119 -37.89 2.15 -13.83
C THR E 119 -38.36 0.90 -14.61
N SER E 120 -39.47 0.25 -14.21
CA SER E 120 -39.84 -0.94 -14.93
C SER E 120 -40.78 -0.59 -16.09
N SER E 121 -41.09 -1.58 -16.92
CA SER E 121 -42.10 -1.41 -17.95
C SER E 121 -43.40 -1.95 -17.34
N ALA E 122 -44.40 -2.14 -18.20
CA ALA E 122 -45.68 -2.69 -17.77
C ALA E 122 -45.61 -4.20 -17.54
N HIS E 123 -44.50 -4.83 -17.96
CA HIS E 123 -44.34 -6.29 -17.88
C HIS E 123 -43.93 -6.76 -16.48
N VAL E 124 -44.91 -6.67 -15.59
CA VAL E 124 -44.76 -6.99 -14.19
C VAL E 124 -44.17 -8.39 -13.94
N THR E 125 -44.52 -9.32 -14.83
CA THR E 125 -44.02 -10.69 -14.79
C THR E 125 -42.51 -10.76 -14.77
N SER E 126 -41.84 -9.73 -15.26
CA SER E 126 -40.38 -9.85 -15.32
C SER E 126 -39.67 -9.53 -13.97
N TRP E 127 -40.35 -8.85 -13.03
CA TRP E 127 -39.73 -8.57 -11.71
C TRP E 127 -40.64 -9.07 -10.60
N TRP E 128 -41.85 -9.45 -10.96
CA TRP E 128 -42.72 -10.10 -9.99
C TRP E 128 -43.24 -11.48 -10.49
N PRO E 129 -42.36 -12.32 -11.09
CA PRO E 129 -42.89 -13.51 -11.78
C PRO E 129 -43.70 -14.44 -10.87
N THR E 130 -43.31 -14.58 -9.62
CA THR E 130 -43.97 -15.56 -8.76
C THR E 130 -45.30 -15.08 -8.22
N LEU E 131 -45.69 -13.85 -8.54
CA LEU E 131 -47.01 -13.37 -8.07
C LEU E 131 -48.13 -13.82 -9.03
N PHE E 132 -47.71 -14.35 -10.19
CA PHE E 132 -48.63 -14.78 -11.24
C PHE E 132 -48.87 -16.28 -11.24
N GLY E 133 -50.13 -16.65 -11.52
CA GLY E 133 -50.50 -18.04 -11.74
C GLY E 133 -51.64 -18.50 -10.85
N GLN E 134 -52.06 -19.74 -11.08
CA GLN E 134 -53.12 -20.39 -10.32
C GLN E 134 -52.87 -20.31 -8.83
N GLY E 135 -53.85 -19.87 -8.03
CA GLY E 135 -53.68 -19.79 -6.58
C GLY E 135 -52.59 -18.82 -6.10
N ARG E 136 -51.96 -18.10 -7.04
CA ARG E 136 -51.05 -17.00 -6.70
C ARG E 136 -51.87 -15.72 -6.58
N ALA E 137 -51.23 -14.61 -6.17
CA ALA E 137 -51.97 -13.36 -5.91
C ALA E 137 -52.65 -12.83 -7.19
N PHE E 138 -51.89 -12.83 -8.29
CA PHE E 138 -52.40 -12.36 -9.55
C PHE E 138 -52.83 -13.59 -10.32
N ASP E 139 -53.98 -14.12 -9.89
CA ASP E 139 -54.53 -15.38 -10.37
C ASP E 139 -55.26 -15.17 -11.69
N THR E 140 -54.59 -15.50 -12.80
CA THR E 140 -55.15 -15.25 -14.14
C THR E 140 -56.39 -16.09 -14.45
N SER E 141 -56.75 -16.98 -13.53
CA SER E 141 -57.99 -17.78 -13.64
C SER E 141 -59.18 -17.07 -13.05
N ARG E 142 -58.95 -16.13 -12.14
CA ARG E 142 -60.06 -15.41 -11.48
C ARG E 142 -60.14 -13.95 -11.94
N TYR E 143 -59.01 -13.40 -12.41
CA TYR E 143 -58.90 -11.95 -12.58
C TYR E 143 -58.36 -11.58 -13.91
N PHE E 144 -58.78 -10.40 -14.35
CA PHE E 144 -58.14 -9.71 -15.46
C PHE E 144 -57.12 -8.74 -14.80
N ILE E 145 -55.85 -9.00 -15.05
CA ILE E 145 -54.80 -8.26 -14.40
C ILE E 145 -54.22 -7.34 -15.45
N ILE E 146 -54.15 -6.05 -15.12
CA ILE E 146 -53.58 -5.11 -16.05
C ILE E 146 -52.57 -4.18 -15.38
N CYS E 147 -51.52 -3.85 -16.14
CA CYS E 147 -50.52 -2.84 -15.79
C CYS E 147 -50.34 -1.86 -16.93
N LEU E 148 -50.50 -0.58 -16.66
CA LEU E 148 -50.33 0.42 -17.70
C LEU E 148 -49.05 1.21 -17.45
N ASN E 149 -48.30 1.51 -18.50
CA ASN E 149 -47.02 2.20 -18.37
C ASN E 149 -47.24 3.69 -18.08
N TYR E 150 -46.41 4.29 -17.21
CA TYR E 150 -46.66 5.67 -16.77
C TYR E 150 -46.20 6.64 -17.85
N LEU E 151 -46.82 7.83 -17.92
CA LEU E 151 -46.33 8.87 -18.82
C LEU E 151 -44.93 9.25 -18.37
N GLY E 152 -44.03 9.54 -19.28
CA GLY E 152 -42.66 9.86 -18.94
C GLY E 152 -41.72 8.66 -18.99
N SER E 153 -42.28 7.46 -19.06
CA SER E 153 -41.48 6.22 -19.10
C SER E 153 -40.91 5.92 -20.51
N PRO E 154 -39.77 5.22 -20.63
CA PRO E 154 -39.33 4.90 -22.01
C PRO E 154 -40.03 3.71 -22.68
N PHE E 155 -40.97 3.08 -21.98
CA PHE E 155 -41.45 1.78 -22.38
C PHE E 155 -42.87 1.77 -22.94
N GLY E 156 -43.20 2.79 -23.73
CA GLY E 156 -44.40 2.74 -24.56
C GLY E 156 -45.40 3.87 -24.37
N SER E 157 -45.67 4.27 -23.12
CA SER E 157 -46.55 5.46 -22.94
C SER E 157 -45.82 6.73 -23.35
N ALA E 158 -46.56 7.83 -23.53
CA ALA E 158 -45.96 9.11 -23.94
C ALA E 158 -44.84 9.52 -22.98
N GLY E 159 -43.69 9.90 -23.51
CA GLY E 159 -42.61 10.39 -22.70
C GLY E 159 -41.54 10.98 -23.59
N PRO E 160 -40.37 11.33 -23.01
CA PRO E 160 -39.25 11.85 -23.79
C PRO E 160 -38.86 11.02 -25.03
N CYS E 161 -39.18 9.74 -25.02
CA CYS E 161 -38.75 8.84 -26.09
C CYS E 161 -39.79 8.66 -27.18
N SER E 162 -41.02 9.07 -26.92
CA SER E 162 -42.04 8.90 -27.92
C SER E 162 -42.13 10.09 -28.93
N PRO E 163 -42.67 9.85 -30.14
CA PRO E 163 -42.77 10.92 -31.15
C PRO E 163 -43.56 12.16 -30.73
N ASP E 164 -43.02 13.33 -31.02
CA ASP E 164 -43.70 14.58 -30.76
C ASP E 164 -44.64 14.86 -31.93
N PRO E 165 -45.96 14.83 -31.69
CA PRO E 165 -46.88 15.08 -32.80
C PRO E 165 -46.67 16.47 -33.49
N ASP E 166 -45.74 17.30 -33.00
CA ASP E 166 -45.34 18.53 -33.73
C ASP E 166 -43.96 18.37 -34.41
N ALA E 167 -43.86 17.32 -35.26
CA ALA E 167 -42.76 17.06 -36.25
C ALA E 167 -42.79 15.62 -36.85
N PRO E 172 -38.87 12.79 -31.56
CA PRO E 172 -39.33 12.51 -30.20
C PRO E 172 -39.40 13.77 -29.35
N TYR E 173 -40.25 13.77 -28.33
CA TYR E 173 -40.34 14.87 -27.38
C TYR E 173 -38.99 15.31 -26.83
N GLY E 174 -38.14 14.32 -26.50
CA GLY E 174 -36.84 14.58 -25.90
C GLY E 174 -36.97 15.35 -24.60
N ALA E 175 -36.17 16.40 -24.49
CA ALA E 175 -36.10 17.17 -23.23
C ALA E 175 -37.34 18.03 -22.99
N LYS E 176 -38.20 18.14 -23.99
CA LYS E 176 -39.37 19.03 -23.91
C LYS E 176 -40.65 18.32 -23.50
N PHE E 177 -40.58 17.09 -23.03
CA PHE E 177 -41.77 16.38 -22.57
C PHE E 177 -42.32 17.07 -21.32
N PRO E 178 -43.61 17.41 -21.32
CA PRO E 178 -44.15 18.19 -20.21
C PRO E 178 -44.05 17.45 -18.89
N ARG E 179 -44.06 18.20 -17.79
CA ARG E 179 -44.17 17.60 -16.48
C ARG E 179 -45.52 16.91 -16.33
N THR E 180 -45.48 15.69 -15.82
CA THR E 180 -46.72 14.93 -15.49
C THR E 180 -46.75 14.58 -14.00
N THR E 181 -47.93 14.35 -13.46
CA THR E 181 -48.09 14.04 -12.04
C THR E 181 -48.61 12.61 -11.87
N ILE E 182 -48.55 12.09 -10.64
CA ILE E 182 -49.15 10.79 -10.36
C ILE E 182 -50.64 10.84 -10.81
N ARG E 183 -51.36 11.90 -10.45
CA ARG E 183 -52.74 12.07 -10.78
C ARG E 183 -52.99 12.09 -12.31
N ASP E 184 -52.04 12.58 -13.09
CA ASP E 184 -52.18 12.53 -14.56
C ASP E 184 -52.20 11.05 -15.02
N ASP E 185 -51.24 10.25 -14.57
CA ASP E 185 -51.17 8.87 -14.92
C ASP E 185 -52.47 8.16 -14.58
N VAL E 186 -52.99 8.41 -13.37
CA VAL E 186 -54.18 7.73 -12.92
C VAL E 186 -55.35 8.08 -13.83
N ARG E 187 -55.44 9.35 -14.21
CA ARG E 187 -56.53 9.85 -14.99
C ARG E 187 -56.47 9.21 -16.38
N ILE E 188 -55.27 9.18 -16.96
CA ILE E 188 -55.16 8.68 -18.31
C ILE E 188 -55.34 7.15 -18.32
N HIS E 189 -54.81 6.49 -17.31
CA HIS E 189 -54.99 5.05 -17.16
C HIS E 189 -56.44 4.68 -16.97
N ARG E 190 -57.21 5.47 -16.22
CA ARG E 190 -58.63 5.18 -16.05
CA ARG E 190 -58.62 5.16 -16.05
C ARG E 190 -59.36 5.33 -17.39
N GLN E 191 -58.92 6.28 -18.23
CA GLN E 191 -59.50 6.44 -19.54
C GLN E 191 -59.34 5.17 -20.37
N VAL E 192 -58.16 4.57 -20.29
CA VAL E 192 -57.88 3.35 -21.01
C VAL E 192 -58.76 2.25 -20.44
N LEU E 193 -58.80 2.10 -19.13
CA LEU E 193 -59.70 1.10 -18.58
C LEU E 193 -61.16 1.26 -19.05
N ASP E 194 -61.62 2.51 -19.20
CA ASP E 194 -62.99 2.82 -19.68
C ASP E 194 -63.21 2.29 -21.12
N ARG E 195 -62.21 2.48 -21.97
CA ARG E 195 -62.22 1.96 -23.30
C ARG E 195 -62.23 0.45 -23.34
N LEU E 196 -61.54 -0.20 -22.40
CA LEU E 196 -61.55 -1.65 -22.34
C LEU E 196 -62.85 -2.13 -21.71
N GLY E 197 -63.67 -1.22 -21.19
CA GLY E 197 -64.99 -1.63 -20.69
C GLY E 197 -65.00 -2.16 -19.27
N VAL E 198 -63.94 -1.89 -18.51
CA VAL E 198 -63.84 -2.31 -17.10
C VAL E 198 -64.91 -1.53 -16.34
N ARG E 199 -65.68 -2.21 -15.49
CA ARG E 199 -66.80 -1.51 -14.87
C ARG E 199 -66.55 -1.34 -13.38
N GLN E 200 -65.72 -2.23 -12.83
CA GLN E 200 -65.27 -2.14 -11.49
C GLN E 200 -63.90 -2.80 -11.35
N ILE E 201 -63.12 -2.32 -10.36
CA ILE E 201 -61.77 -2.79 -10.08
C ILE E 201 -61.80 -3.50 -8.76
N ALA E 202 -61.37 -4.76 -8.78
CA ALA E 202 -61.41 -5.60 -7.58
C ALA E 202 -60.33 -5.14 -6.59
N ALA E 203 -59.24 -4.62 -7.15
CA ALA E 203 -58.09 -4.21 -6.34
C ALA E 203 -57.07 -3.47 -7.19
N VAL E 204 -56.41 -2.51 -6.54
CA VAL E 204 -55.22 -1.86 -7.10
C VAL E 204 -54.06 -2.18 -6.17
N VAL E 205 -52.95 -2.65 -6.73
CA VAL E 205 -51.83 -3.18 -5.97
C VAL E 205 -50.62 -2.51 -6.56
N GLY E 206 -49.74 -1.90 -5.72
CA GLY E 206 -48.58 -1.14 -6.24
C GLY E 206 -47.53 -0.84 -5.21
N ALA E 207 -46.26 -0.96 -5.62
CA ALA E 207 -45.13 -0.75 -4.68
C ALA E 207 -44.26 0.46 -5.12
N MET E 209 -43.26 3.72 -6.31
CA MET E 209 -44.04 4.68 -7.11
C MET E 209 -45.45 4.13 -7.35
N GLY E 210 -45.51 2.83 -7.59
CA GLY E 210 -46.78 2.14 -7.71
C GLY E 210 -47.74 2.37 -6.57
N GLY E 211 -47.23 2.46 -5.33
CA GLY E 211 -48.08 2.62 -4.13
C GLY E 211 -48.65 4.03 -4.07
N MET E 212 -47.97 4.94 -4.77
CA MET E 212 -48.43 6.32 -4.84
C MET E 212 -49.63 6.43 -5.80
N HIS E 213 -49.51 5.78 -6.96
CA HIS E 213 -50.66 5.64 -7.85
C HIS E 213 -51.80 4.88 -7.18
N THR E 214 -51.46 3.79 -6.50
CA THR E 214 -52.47 3.01 -5.78
C THR E 214 -53.28 3.87 -4.83
N LEU E 215 -52.61 4.57 -3.95
CA LEU E 215 -53.28 5.53 -3.06
C LEU E 215 -54.15 6.51 -3.84
N GLU E 216 -53.68 7.00 -5.00
CA GLU E 216 -54.46 7.93 -5.79
C GLU E 216 -55.69 7.30 -6.42
N TRP E 217 -55.56 6.04 -6.86
CA TRP E 217 -56.70 5.29 -7.42
C TRP E 217 -57.84 5.25 -6.41
N ALA E 218 -57.49 5.05 -5.14
CA ALA E 218 -58.49 4.88 -4.10
C ALA E 218 -59.48 6.02 -4.08
N PHE E 219 -59.07 7.17 -4.57
CA PHE E 219 -59.95 8.30 -4.43
C PHE E 219 -61.17 8.25 -5.30
N PHE E 220 -61.14 7.40 -6.35
CA PHE E 220 -62.32 7.14 -7.16
C PHE E 220 -63.51 6.63 -6.33
N GLY E 221 -63.24 6.22 -5.10
CA GLY E 221 -64.29 5.76 -4.22
C GLY E 221 -64.42 4.24 -4.29
N PRO E 222 -65.06 3.65 -3.26
CA PRO E 222 -65.22 2.19 -3.12
C PRO E 222 -66.15 1.55 -4.14
N GLU E 223 -67.03 2.33 -4.76
CA GLU E 223 -67.90 1.78 -5.78
C GLU E 223 -67.09 1.42 -7.06
N TYR E 224 -66.11 2.21 -7.50
CA TYR E 224 -65.25 1.82 -8.62
C TYR E 224 -64.00 0.98 -8.24
N VAL E 225 -63.38 1.25 -7.09
CA VAL E 225 -62.11 0.60 -6.71
C VAL E 225 -62.38 -0.04 -5.39
N ARG E 226 -62.47 -1.37 -5.39
CA ARG E 226 -63.02 -2.07 -4.21
C ARG E 226 -62.01 -2.21 -3.06
N LYS E 227 -60.74 -2.40 -3.40
CA LYS E 227 -59.66 -2.58 -2.41
C LYS E 227 -58.40 -2.00 -2.92
N ILE E 228 -57.54 -1.57 -1.99
CA ILE E 228 -56.16 -1.17 -2.35
C ILE E 228 -55.03 -1.92 -1.57
N VAL E 229 -53.91 -2.12 -2.26
CA VAL E 229 -52.71 -2.68 -1.61
C VAL E 229 -51.53 -1.75 -1.92
N PRO E 230 -51.38 -0.67 -1.12
CA PRO E 230 -50.18 0.17 -1.25
C PRO E 230 -49.02 -0.52 -0.53
N ILE E 231 -47.87 -0.63 -1.18
CA ILE E 231 -46.70 -1.32 -0.66
C ILE E 231 -45.51 -0.36 -0.68
N ALA E 232 -44.73 -0.32 0.42
CA ALA E 232 -43.44 0.35 0.44
C ALA E 232 -43.52 1.72 -0.26
N THR E 233 -44.22 2.69 0.34
CA THR E 233 -44.55 3.90 -0.41
C THR E 233 -44.90 5.06 0.52
N SER E 234 -45.31 6.21 -0.03
CA SER E 234 -45.82 7.30 0.81
C SER E 234 -46.99 8.08 0.24
N CYS E 235 -47.62 8.84 1.13
CA CYS E 235 -48.75 9.72 0.84
C CYS E 235 -48.35 11.02 0.22
N ARG E 236 -47.07 11.37 0.31
CA ARG E 236 -46.60 12.67 -0.15
C ARG E 236 -45.08 12.71 -0.31
N GLN E 237 -44.56 13.52 -1.21
CA GLN E 237 -43.11 13.76 -1.28
C GLN E 237 -42.53 14.19 0.11
N SER E 238 -41.42 13.58 0.51
CA SER E 238 -40.75 13.99 1.73
C SER E 238 -39.46 14.70 1.33
N GLY E 239 -38.89 15.49 2.26
CA GLY E 239 -37.57 16.13 2.03
C GLY E 239 -36.48 15.08 1.79
N TRP E 240 -36.55 13.97 2.52
CA TRP E 240 -35.56 12.89 2.40
C TRP E 240 -35.49 12.39 0.96
N CYS E 241 -36.63 11.95 0.44
CA CYS E 241 -36.68 11.37 -0.91
C CYS E 241 -36.40 12.41 -1.95
N ALA E 242 -36.97 13.60 -1.77
CA ALA E 242 -36.69 14.68 -2.74
C ALA E 242 -35.18 14.80 -2.87
N ALA E 243 -34.46 14.70 -1.74
CA ALA E 243 -33.02 14.95 -1.74
C ALA E 243 -32.28 13.85 -2.47
N TRP E 244 -32.72 12.61 -2.26
CA TRP E 244 -32.07 11.46 -2.89
C TRP E 244 -32.27 11.45 -4.38
N PHE E 245 -33.47 11.77 -4.82
CA PHE E 245 -33.67 11.77 -6.25
C PHE E 245 -33.12 13.01 -6.93
N GLU E 246 -33.16 14.15 -6.26
CA GLU E 246 -32.51 15.35 -6.81
C GLU E 246 -31.02 15.07 -6.96
N THR E 247 -30.41 14.46 -5.95
CA THR E 247 -28.98 14.08 -6.05
C THR E 247 -28.75 13.28 -7.30
N GLN E 248 -29.60 12.28 -7.52
CA GLN E 248 -29.50 11.40 -8.68
C GLN E 248 -29.63 12.18 -9.95
N ARG E 249 -30.62 13.07 -10.06
CA ARG E 249 -30.76 13.88 -11.29
C ARG E 249 -29.54 14.75 -11.51
N GLN E 250 -29.01 15.31 -10.43
CA GLN E 250 -27.80 16.15 -10.58
C GLN E 250 -26.64 15.42 -11.21
N CYS E 251 -26.52 14.10 -10.94
CA CYS E 251 -25.44 13.30 -11.59
C CYS E 251 -25.57 13.31 -13.09
N ILE E 252 -26.83 13.28 -13.55
CA ILE E 252 -27.14 13.37 -14.96
C ILE E 252 -26.91 14.77 -15.47
N TYR E 253 -27.44 15.78 -14.76
CA TYR E 253 -27.26 17.17 -15.20
C TYR E 253 -25.79 17.51 -15.36
N ASP E 254 -24.94 16.99 -14.46
CA ASP E 254 -23.51 17.34 -14.48
C ASP E 254 -22.69 16.52 -15.50
N ASP E 255 -23.32 15.56 -16.16
CA ASP E 255 -22.63 14.73 -17.12
C ASP E 255 -22.54 15.56 -18.38
N PRO E 256 -21.33 15.84 -18.89
CA PRO E 256 -21.17 16.73 -20.05
C PRO E 256 -21.82 16.21 -21.33
N LYS E 257 -22.18 14.92 -21.33
CA LYS E 257 -22.84 14.33 -22.48
C LYS E 257 -24.33 14.62 -22.48
N TYR E 258 -24.82 15.18 -21.39
CA TYR E 258 -26.23 15.44 -21.24
C TYR E 258 -26.71 16.55 -22.18
N LEU E 259 -25.87 17.58 -22.31
CA LEU E 259 -26.14 18.65 -23.24
C LEU E 259 -27.55 19.21 -23.04
N ASP E 260 -27.94 19.37 -21.78
CA ASP E 260 -29.22 20.01 -21.47
C ASP E 260 -30.45 19.22 -21.88
N GLY E 261 -30.25 17.92 -22.11
CA GLY E 261 -31.33 17.03 -22.48
C GLY E 261 -31.39 16.85 -23.97
N GLU E 262 -30.44 17.47 -24.68
CA GLU E 262 -30.39 17.44 -26.16
C GLU E 262 -29.43 16.37 -26.67
N TYR E 263 -28.92 15.54 -25.77
CA TYR E 263 -28.03 14.46 -26.21
C TYR E 263 -28.66 13.66 -27.35
N ASP E 264 -27.82 13.15 -28.25
CA ASP E 264 -28.29 12.20 -29.25
C ASP E 264 -28.55 10.88 -28.54
N VAL E 265 -29.67 10.25 -28.90
CA VAL E 265 -30.18 9.02 -28.29
C VAL E 265 -29.19 7.85 -28.16
N ASP E 266 -28.19 7.81 -29.03
CA ASP E 266 -27.21 6.73 -28.96
C ASP E 266 -25.86 7.24 -28.44
N ASP E 267 -25.92 8.37 -27.72
CA ASP E 267 -24.77 8.92 -27.03
C ASP E 267 -25.26 9.55 -25.69
N GLN E 268 -25.88 8.69 -24.87
CA GLN E 268 -26.51 9.06 -23.59
C GLN E 268 -25.47 9.55 -22.58
N PRO E 269 -25.89 10.40 -21.59
CA PRO E 269 -25.04 10.68 -20.45
C PRO E 269 -24.89 9.45 -19.55
N VAL E 270 -24.12 8.48 -20.02
CA VAL E 270 -24.07 7.15 -19.43
C VAL E 270 -23.46 7.15 -18.01
N ARG E 271 -22.42 7.93 -17.80
CA ARG E 271 -21.83 8.02 -16.45
C ARG E 271 -22.79 8.58 -15.43
N GLY E 272 -23.49 9.64 -15.81
CA GLY E 272 -24.50 10.27 -14.97
C GLY E 272 -25.55 9.27 -14.60
N LEU E 273 -26.07 8.57 -15.61
CA LEU E 273 -27.09 7.54 -15.39
C LEU E 273 -26.64 6.42 -14.49
N GLU E 274 -25.48 5.85 -14.78
CA GLU E 274 -24.90 4.86 -13.93
C GLU E 274 -24.85 5.31 -12.50
N THR E 275 -24.35 6.52 -12.30
CA THR E 275 -24.10 7.00 -10.96
C THR E 275 -25.43 7.20 -10.26
N ALA E 276 -26.37 7.77 -10.98
CA ALA E 276 -27.74 7.92 -10.45
C ALA E 276 -28.24 6.56 -10.02
N ARG E 277 -27.93 5.52 -10.79
CA ARG E 277 -28.43 4.17 -10.41
C ARG E 277 -27.69 3.46 -9.29
N LYS E 278 -26.38 3.60 -9.24
CA LYS E 278 -25.69 3.08 -8.07
C LYS E 278 -26.29 3.67 -6.81
N ILE E 279 -26.51 4.98 -6.79
CA ILE E 279 -27.06 5.64 -5.61
C ILE E 279 -28.44 5.04 -5.32
N ALA E 280 -29.33 5.08 -6.31
CA ALA E 280 -30.67 4.59 -6.11
C ALA E 280 -30.66 3.16 -5.64
N ASN E 281 -29.84 2.32 -6.26
CA ASN E 281 -29.76 0.92 -5.87
C ASN E 281 -29.38 0.74 -4.41
N LEU E 282 -28.45 1.56 -3.92
CA LEU E 282 -28.06 1.46 -2.52
C LEU E 282 -29.15 1.95 -1.58
N THR E 283 -29.87 3.01 -1.96
CA THR E 283 -30.97 3.47 -1.10
C THR E 283 -32.05 2.41 -1.03
N TYR E 284 -32.06 1.47 -1.96
CA TYR E 284 -33.07 0.42 -1.98
C TYR E 284 -32.70 -0.73 -1.04
N LYS E 285 -31.44 -0.73 -0.58
CA LYS E 285 -30.91 -1.81 0.25
C LYS E 285 -30.95 -1.43 1.73
N SER E 286 -30.67 -2.41 2.59
CA SER E 286 -30.54 -2.12 4.01
C SER E 286 -29.10 -2.43 4.38
N LYS E 287 -28.69 -1.96 5.57
CA LYS E 287 -27.33 -2.24 6.05
C LYS E 287 -27.16 -3.75 6.27
N PRO E 288 -28.09 -4.42 6.98
CA PRO E 288 -27.91 -5.87 7.11
C PRO E 288 -27.80 -6.60 5.76
N ALA E 289 -28.61 -6.19 4.78
CA ALA E 289 -28.60 -6.89 3.51
C ALA E 289 -27.26 -6.79 2.79
N MET E 290 -26.65 -5.61 2.78
CA MET E 290 -25.34 -5.46 2.13
C MET E 290 -24.26 -6.07 2.98
N ASP E 291 -24.45 -6.06 4.30
CA ASP E 291 -23.50 -6.72 5.20
C ASP E 291 -23.43 -8.23 4.99
N GLU E 292 -24.58 -8.88 4.75
CA GLU E 292 -24.58 -10.34 4.50
C GLU E 292 -23.94 -10.65 3.19
N ARG E 293 -24.10 -9.75 2.23
CA ARG E 293 -23.61 -9.98 0.88
C ARG E 293 -22.13 -9.73 0.70
N PHE E 294 -21.59 -8.75 1.42
CA PHE E 294 -20.16 -8.41 1.39
C PHE E 294 -19.58 -8.24 2.81
N HIS E 295 -18.55 -9.01 3.15
CA HIS E 295 -17.93 -8.92 4.48
C HIS E 295 -16.48 -9.29 4.42
N MET E 296 -15.79 -9.11 5.55
CA MET E 296 -14.35 -9.39 5.63
C MET E 296 -14.12 -10.79 6.13
N ALA E 297 -12.95 -11.35 5.80
CA ALA E 297 -12.51 -12.64 6.33
C ALA E 297 -12.35 -12.51 7.86
N PRO E 298 -12.62 -13.58 8.65
CA PRO E 298 -12.50 -13.50 10.14
C PRO E 298 -11.20 -12.87 10.66
N GLY E 299 -11.18 -12.49 11.94
CA GLY E 299 -9.98 -11.97 12.62
C GLY E 299 -8.67 -12.71 12.33
N VAL E 300 -8.52 -13.89 12.92
CA VAL E 300 -7.41 -14.80 12.56
C VAL E 300 -7.91 -16.18 12.08
N GLY E 327 -19.99 -10.87 -5.80
CA GLY E 327 -19.11 -11.74 -5.03
C GLY E 327 -19.60 -11.87 -3.59
N GLN E 328 -18.66 -11.83 -2.64
CA GLN E 328 -18.89 -11.87 -1.17
C GLN E 328 -17.74 -11.22 -0.32
N PRO E 329 -16.45 -11.28 -0.76
CA PRO E 329 -15.48 -10.40 -0.03
C PRO E 329 -15.64 -8.91 -0.38
N ILE E 330 -15.07 -8.05 0.47
CA ILE E 330 -15.18 -6.59 0.28
C ILE E 330 -14.56 -6.08 -1.07
N GLU E 331 -13.56 -6.79 -1.58
CA GLU E 331 -12.97 -6.48 -2.90
C GLU E 331 -14.02 -6.43 -4.01
N ALA E 332 -15.06 -7.25 -3.87
CA ALA E 332 -16.05 -7.53 -4.91
C ALA E 332 -17.11 -6.43 -5.03
N VAL E 333 -17.19 -5.55 -4.05
CA VAL E 333 -18.15 -4.45 -4.01
C VAL E 333 -17.99 -3.57 -5.24
N SER E 334 -16.75 -3.29 -5.56
CA SER E 334 -16.47 -2.42 -6.66
C SER E 334 -17.19 -2.84 -7.94
N SER E 335 -17.01 -4.09 -8.34
CA SER E 335 -17.60 -4.51 -9.61
C SER E 335 -19.10 -4.82 -9.48
N TYR E 336 -19.55 -5.20 -8.30
CA TYR E 336 -20.98 -5.30 -8.08
C TYR E 336 -21.67 -3.96 -8.39
N LEU E 337 -21.09 -2.87 -7.93
CA LEU E 337 -21.70 -1.59 -8.12
C LEU E 337 -21.66 -1.18 -9.58
N ARG E 338 -20.57 -1.52 -10.27
CA ARG E 338 -20.40 -1.13 -11.66
C ARG E 338 -21.33 -1.89 -12.60
N TYR E 339 -21.48 -3.20 -12.32
CA TYR E 339 -22.09 -4.11 -13.25
C TYR E 339 -23.56 -3.79 -13.46
N GLN E 340 -24.30 -3.74 -12.37
CA GLN E 340 -25.72 -3.45 -12.42
C GLN E 340 -26.07 -2.06 -12.93
N ALA E 341 -25.30 -1.07 -12.47
CA ALA E 341 -25.54 0.31 -12.87
C ALA E 341 -25.25 0.48 -14.36
N GLN E 342 -24.21 -0.19 -14.85
CA GLN E 342 -23.90 -0.18 -16.26
C GLN E 342 -24.99 -0.82 -17.11
N LYS E 343 -25.49 -1.97 -16.71
CA LYS E 343 -26.48 -2.61 -17.57
C LYS E 343 -27.75 -1.71 -17.66
N PHE E 344 -28.08 -1.08 -16.55
CA PHE E 344 -29.22 -0.15 -16.50
C PHE E 344 -29.01 1.11 -17.34
N ALA E 345 -27.85 1.74 -17.24
CA ALA E 345 -27.56 2.93 -18.06
C ALA E 345 -27.57 2.64 -19.57
N ALA E 346 -27.34 1.38 -19.92
CA ALA E 346 -27.29 0.98 -21.31
C ALA E 346 -28.72 0.75 -21.80
N SER E 347 -29.64 0.54 -20.87
CA SER E 347 -31.00 0.27 -21.30
C SER E 347 -32.08 1.14 -20.61
N PHE E 348 -31.76 2.41 -20.35
CA PHE E 348 -32.76 3.37 -19.89
C PHE E 348 -32.38 4.71 -20.46
N ASP E 349 -33.32 5.65 -20.49
CA ASP E 349 -33.08 6.96 -21.08
C ASP E 349 -32.96 8.05 -20.01
N ALA E 350 -31.95 8.92 -20.18
CA ALA E 350 -31.66 9.96 -19.21
C ALA E 350 -32.84 10.87 -19.02
N ASN E 351 -33.38 11.41 -20.11
CA ASN E 351 -34.50 12.31 -20.01
C ASN E 351 -35.69 11.65 -19.33
N CYS E 352 -35.92 10.37 -19.60
CA CYS E 352 -37.03 9.68 -18.90
C CYS E 352 -36.73 9.52 -17.41
N TYR E 353 -35.46 9.31 -17.05
CA TYR E 353 -35.11 9.23 -15.63
C TYR E 353 -35.45 10.55 -14.90
N ILE E 354 -35.09 11.67 -15.51
CA ILE E 354 -35.45 12.97 -14.99
C ILE E 354 -36.97 13.16 -14.88
N ALA E 355 -37.69 12.92 -15.98
CA ALA E 355 -39.15 13.05 -16.01
C ALA E 355 -39.87 12.18 -14.97
N MET E 356 -39.43 10.94 -14.82
CA MET E 356 -40.04 9.98 -13.91
C MET E 356 -39.81 10.40 -12.45
N THR E 357 -38.54 10.68 -12.11
CA THR E 357 -38.24 11.07 -10.74
C THR E 357 -38.94 12.38 -10.36
N LEU E 358 -39.08 13.31 -11.30
CA LEU E 358 -39.78 14.54 -11.00
C LEU E 358 -41.25 14.27 -10.63
N LYS E 359 -41.85 13.19 -11.11
CA LYS E 359 -43.22 12.86 -10.71
C LYS E 359 -43.33 12.81 -9.20
N PHE E 360 -42.33 12.25 -8.54
CA PHE E 360 -42.30 12.18 -7.07
C PHE E 360 -42.56 13.53 -6.40
N ASP E 361 -42.00 14.60 -6.95
CA ASP E 361 -42.19 15.94 -6.38
C ASP E 361 -43.62 16.49 -6.39
N THR E 362 -44.47 15.95 -7.27
CA THR E 362 -45.88 16.34 -7.40
C THR E 362 -46.75 15.54 -6.44
N HIS E 363 -46.19 14.49 -5.85
CA HIS E 363 -47.04 13.54 -5.14
C HIS E 363 -47.51 14.10 -3.83
N ASP E 364 -48.82 14.14 -3.62
CA ASP E 364 -49.43 14.55 -2.36
C ASP E 364 -50.89 14.15 -2.45
N ILE E 365 -51.31 13.16 -1.67
CA ILE E 365 -52.70 12.75 -1.80
C ILE E 365 -53.70 13.75 -1.26
N SER E 366 -53.23 14.73 -0.50
CA SER E 366 -54.10 15.74 0.14
C SER E 366 -54.26 17.01 -0.70
N ARG E 367 -53.32 17.32 -1.60
CA ARG E 367 -53.37 18.62 -2.26
C ARG E 367 -54.67 18.73 -3.04
N GLY E 368 -55.37 19.85 -2.78
CA GLY E 368 -56.68 20.18 -3.32
C GLY E 368 -57.85 19.46 -2.68
N ARG E 369 -57.58 18.53 -1.75
CA ARG E 369 -58.63 17.65 -1.21
C ARG E 369 -58.88 17.85 0.28
N ALA E 370 -57.81 18.06 1.04
CA ALA E 370 -57.91 18.08 2.50
C ALA E 370 -56.81 18.94 3.08
N GLY E 371 -56.99 19.34 4.35
CA GLY E 371 -56.03 20.23 5.00
C GLY E 371 -54.77 19.52 5.43
N SER E 372 -54.83 18.19 5.52
CA SER E 372 -53.67 17.44 5.99
C SER E 372 -53.68 16.03 5.44
N ILE E 373 -52.55 15.34 5.54
CA ILE E 373 -52.44 13.95 5.13
C ILE E 373 -53.42 13.03 5.90
N PRO E 374 -53.46 13.12 7.24
CA PRO E 374 -54.42 12.20 7.90
C PRO E 374 -55.87 12.44 7.47
N GLU E 375 -56.26 13.70 7.26
CA GLU E 375 -57.60 13.98 6.76
C GLU E 375 -57.84 13.39 5.39
N ALA E 376 -56.86 13.47 4.49
CA ALA E 376 -56.97 12.87 3.17
C ALA E 376 -57.01 11.35 3.26
N LEU E 377 -56.19 10.75 4.10
CA LEU E 377 -56.27 9.28 4.28
C LEU E 377 -57.66 8.80 4.76
N ALA E 378 -58.32 9.62 5.57
CA ALA E 378 -59.63 9.29 6.12
C ALA E 378 -60.71 9.26 5.04
N MET E 379 -60.45 9.94 3.94
CA MET E 379 -61.31 9.88 2.79
C MET E 379 -61.16 8.58 2.00
N ILE E 380 -60.26 7.71 2.39
CA ILE E 380 -60.13 6.40 1.71
C ILE E 380 -61.00 5.39 2.42
N THR E 381 -62.07 4.98 1.75
CA THR E 381 -63.13 4.15 2.34
C THR E 381 -62.96 2.67 2.10
N GLN E 382 -62.15 2.31 1.09
CA GLN E 382 -61.99 0.93 0.64
C GLN E 382 -61.23 0.19 1.71
N PRO E 383 -61.39 -1.16 1.77
CA PRO E 383 -60.39 -1.97 2.51
C PRO E 383 -58.99 -1.78 1.93
N ALA E 384 -58.02 -1.62 2.82
CA ALA E 384 -56.63 -1.39 2.41
C ALA E 384 -55.72 -2.36 3.13
N LEU E 385 -54.79 -2.95 2.41
CA LEU E 385 -53.73 -3.68 3.03
C LEU E 385 -52.42 -2.92 2.76
N ILE E 386 -51.79 -2.42 3.82
CA ILE E 386 -50.52 -1.65 3.72
C ILE E 386 -49.35 -2.58 4.02
N ILE E 387 -48.47 -2.81 3.05
CA ILE E 387 -47.38 -3.75 3.25
C ILE E 387 -46.07 -2.96 3.30
N CYS E 388 -45.29 -3.20 4.36
CA CYS E 388 -44.01 -2.50 4.54
C CYS E 388 -42.97 -3.39 5.20
N ALA E 389 -41.73 -2.90 5.23
CA ALA E 389 -40.63 -3.51 6.00
C ALA E 389 -40.04 -2.45 6.95
N ARG E 390 -39.86 -2.83 8.23
CA ARG E 390 -39.10 -2.04 9.24
C ARG E 390 -37.90 -1.31 8.66
N SER E 391 -37.13 -2.03 7.84
CA SER E 391 -35.83 -1.59 7.40
C SER E 391 -35.77 -0.83 6.08
N ASP E 392 -36.94 -0.43 5.57
CA ASP E 392 -37.05 0.37 4.33
C ASP E 392 -36.43 1.72 4.61
N GLY E 393 -35.38 2.07 3.87
CA GLY E 393 -34.67 3.32 4.10
C GLY E 393 -35.19 4.52 3.32
N LEU E 394 -36.19 4.28 2.47
CA LEU E 394 -36.75 5.36 1.73
C LEU E 394 -38.14 5.66 2.29
N TYR E 395 -38.96 4.64 2.49
CA TYR E 395 -40.32 4.90 2.94
C TYR E 395 -40.45 4.29 4.29
N SER E 396 -40.66 5.14 5.29
CA SER E 396 -40.38 4.73 6.66
C SER E 396 -41.51 3.87 7.21
N PHE E 397 -41.15 2.96 8.10
CA PHE E 397 -42.12 2.21 8.81
C PHE E 397 -43.16 3.15 9.40
N ASP E 398 -42.72 4.26 9.98
CA ASP E 398 -43.65 5.15 10.70
C ASP E 398 -44.72 5.74 9.81
N GLU E 399 -44.36 6.02 8.54
CA GLU E 399 -45.32 6.63 7.62
C GLU E 399 -46.36 5.64 7.14
N HIS E 400 -45.99 4.35 7.10
CA HIS E 400 -46.98 3.31 6.88
C HIS E 400 -47.89 3.16 8.09
N VAL E 401 -47.30 3.20 9.30
CA VAL E 401 -48.09 3.12 10.52
C VAL E 401 -49.12 4.25 10.54
N GLU E 402 -48.69 5.42 10.08
CA GLU E 402 -49.60 6.55 9.94
C GLU E 402 -50.72 6.25 8.94
N MET E 403 -50.39 5.69 7.79
CA MET E 403 -51.42 5.30 6.82
C MET E 403 -52.47 4.41 7.49
N GLY E 404 -52.01 3.33 8.13
CA GLY E 404 -52.89 2.34 8.77
C GLY E 404 -53.77 2.95 9.85
N ARG E 405 -53.29 4.02 10.45
CA ARG E 405 -53.96 4.64 11.56
C ARG E 405 -55.07 5.56 11.08
N SER E 406 -54.87 6.19 9.91
CA SER E 406 -55.90 7.12 9.37
C SER E 406 -56.82 6.57 8.26
N ILE E 407 -56.41 5.51 7.56
CA ILE E 407 -57.32 4.81 6.64
C ILE E 407 -58.22 3.92 7.52
N PRO E 408 -59.52 4.22 7.56
CA PRO E 408 -60.46 3.58 8.50
C PRO E 408 -60.54 2.04 8.40
N ASN E 409 -60.62 1.47 7.21
CA ASN E 409 -60.63 0.02 7.07
C ASN E 409 -59.29 -0.53 6.57
N SER E 410 -58.25 -0.50 7.42
CA SER E 410 -56.88 -0.87 6.97
C SER E 410 -56.20 -1.87 7.87
N ARG E 411 -55.43 -2.76 7.25
CA ARG E 411 -54.57 -3.64 7.99
C ARG E 411 -53.14 -3.36 7.58
N LEU E 412 -52.27 -3.21 8.57
CA LEU E 412 -50.83 -3.10 8.33
C LEU E 412 -50.16 -4.46 8.30
N CYS E 413 -49.41 -4.73 7.25
CA CYS E 413 -48.71 -5.99 7.13
C CYS E 413 -47.22 -5.70 7.07
N VAL E 414 -46.52 -6.14 8.12
CA VAL E 414 -45.08 -5.94 8.20
C VAL E 414 -44.41 -7.21 7.76
N VAL E 415 -43.63 -7.13 6.70
CA VAL E 415 -42.94 -8.30 6.19
C VAL E 415 -41.77 -8.59 7.10
N ASP E 416 -41.70 -9.86 7.54
CA ASP E 416 -40.63 -10.33 8.41
C ASP E 416 -39.41 -10.57 7.54
N THR E 417 -38.55 -9.56 7.50
CA THR E 417 -37.39 -9.58 6.61
C THR E 417 -36.41 -8.58 7.18
N ASN E 418 -35.14 -8.69 6.78
CA ASN E 418 -34.17 -7.65 7.08
C ASN E 418 -33.75 -6.89 5.81
N GLU E 419 -34.54 -7.00 4.76
CA GLU E 419 -34.14 -6.53 3.48
C GLU E 419 -34.21 -5.04 3.17
N GLY E 420 -34.99 -4.16 3.70
CA GLY E 420 -34.85 -2.83 3.04
C GLY E 420 -35.81 -2.62 1.88
N HIS E 421 -35.72 -1.48 1.18
CA HIS E 421 -36.82 -1.08 0.31
C HIS E 421 -37.22 -2.14 -0.77
N ASP E 422 -36.24 -2.80 -1.38
CA ASP E 422 -36.55 -3.79 -2.40
C ASP E 422 -37.01 -5.15 -1.81
N PHE E 423 -37.45 -5.15 -0.54
CA PHE E 423 -37.96 -6.38 0.02
C PHE E 423 -39.12 -6.94 -0.83
N PHE E 424 -39.89 -6.07 -1.50
CA PHE E 424 -41.12 -6.53 -2.12
C PHE E 424 -40.78 -7.34 -3.33
N VAL E 425 -39.50 -7.30 -3.71
CA VAL E 425 -39.01 -8.10 -4.81
C VAL E 425 -38.21 -9.25 -4.22
N MET E 426 -37.40 -8.98 -3.19
CA MET E 426 -36.52 -10.03 -2.66
C MET E 426 -37.34 -11.03 -1.86
N GLU E 427 -38.42 -10.56 -1.24
CA GLU E 427 -39.33 -11.44 -0.48
C GLU E 427 -40.70 -11.57 -1.19
N ALA E 428 -40.65 -11.76 -2.52
CA ALA E 428 -41.85 -11.75 -3.36
C ALA E 428 -42.88 -12.75 -2.87
N ASP E 429 -42.42 -13.94 -2.42
CA ASP E 429 -43.34 -14.97 -1.96
C ASP E 429 -44.14 -14.51 -0.76
N LYS E 430 -43.51 -13.80 0.15
CA LYS E 430 -44.24 -13.30 1.30
C LYS E 430 -45.24 -12.22 0.92
N VAL E 431 -44.94 -11.51 -0.15
CA VAL E 431 -45.81 -10.43 -0.58
C VAL E 431 -46.97 -11.10 -1.26
N ASN E 432 -46.65 -12.10 -2.05
CA ASN E 432 -47.69 -12.87 -2.71
C ASN E 432 -48.74 -13.43 -1.75
N ASP E 433 -48.27 -14.11 -0.71
CA ASP E 433 -49.18 -14.66 0.29
C ASP E 433 -50.02 -13.57 0.91
N ALA E 434 -49.44 -12.43 1.22
CA ALA E 434 -50.19 -11.38 1.93
C ALA E 434 -51.25 -10.86 1.01
N VAL E 435 -50.88 -10.64 -0.25
CA VAL E 435 -51.81 -10.08 -1.23
C VAL E 435 -52.92 -11.10 -1.48
N ARG E 436 -52.56 -12.33 -1.86
CA ARG E 436 -53.55 -13.37 -2.02
C ARG E 436 -54.54 -13.52 -0.84
N GLY E 437 -54.01 -13.57 0.38
CA GLY E 437 -54.87 -13.66 1.55
C GLY E 437 -55.91 -12.55 1.60
N PHE E 438 -55.47 -11.33 1.28
CA PHE E 438 -56.29 -10.13 1.36
C PHE E 438 -57.38 -10.15 0.28
N LEU E 439 -57.00 -10.55 -0.92
CA LEU E 439 -57.90 -10.62 -2.05
C LEU E 439 -58.91 -11.75 -1.90
N ASP E 440 -58.59 -12.75 -1.08
CA ASP E 440 -59.50 -13.88 -0.80
C ASP E 440 -60.65 -13.57 0.18
N GLN E 441 -60.55 -12.60 1.10
CA GLN E 441 -61.74 -12.31 1.97
C GLN E 441 -62.97 -11.87 1.15
N ASN F 66 -7.31 36.43 37.68
CA ASN F 66 -7.99 37.42 36.80
C ASN F 66 -9.25 36.82 36.15
N ARG F 67 -10.42 37.11 36.73
CA ARG F 67 -11.70 36.52 36.26
C ARG F 67 -12.16 37.07 34.92
N PHE F 68 -11.67 38.24 34.55
CA PHE F 68 -12.04 38.88 33.26
C PHE F 68 -11.35 38.15 32.10
N GLU F 69 -10.03 37.99 32.23
CA GLU F 69 -9.26 37.18 31.28
C GLU F 69 -9.73 35.69 31.28
N ALA F 70 -10.04 35.15 32.45
CA ALA F 70 -10.56 33.78 32.56
C ALA F 70 -11.83 33.51 31.72
N SER F 71 -12.66 34.55 31.52
CA SER F 71 -13.94 34.38 30.78
C SER F 71 -13.77 34.28 29.23
N LEU F 72 -12.54 34.54 28.75
CA LEU F 72 -12.23 34.62 27.31
C LEU F 72 -12.01 33.26 26.68
N ASP F 73 -12.11 33.19 25.36
CA ASP F 73 -11.64 31.96 24.69
C ASP F 73 -10.12 31.93 24.83
N ALA F 74 -9.52 30.87 24.28
CA ALA F 74 -8.09 30.65 24.39
C ALA F 74 -7.40 31.73 23.59
N GLN F 75 -6.23 32.13 24.10
CA GLN F 75 -5.39 33.12 23.45
C GLN F 75 -3.96 32.93 23.89
N ASP F 76 -3.02 33.52 23.14
CA ASP F 76 -1.62 33.43 23.48
C ASP F 76 -1.22 34.61 24.35
N ILE F 77 -0.11 34.47 25.08
CA ILE F 77 0.47 35.48 25.95
C ILE F 77 1.95 35.48 25.67
N ALA F 78 2.51 36.59 25.20
CA ALA F 78 3.96 36.75 25.14
C ALA F 78 4.42 37.45 26.44
N ARG F 79 5.66 37.21 26.87
CA ARG F 79 6.09 37.82 28.10
C ARG F 79 7.37 38.54 27.78
N ILE F 80 7.35 39.84 28.03
CA ILE F 80 8.51 40.73 27.83
C ILE F 80 9.09 40.93 29.23
N SER F 81 10.36 40.57 29.41
CA SER F 81 10.86 40.51 30.79
C SER F 81 11.09 41.93 31.27
N LEU F 82 11.52 42.82 30.38
CA LEU F 82 11.69 44.21 30.79
C LEU F 82 11.21 45.15 29.70
N PHE F 83 10.37 46.14 30.10
CA PHE F 83 9.82 47.13 29.15
C PHE F 83 9.78 48.51 29.75
N THR F 84 10.40 49.47 29.06
CA THR F 84 10.49 50.82 29.57
C THR F 84 9.40 51.70 28.94
N LEU F 85 8.37 52.00 29.73
CA LEU F 85 7.33 52.98 29.34
C LEU F 85 7.95 54.31 28.98
N GLU F 86 7.26 55.13 28.19
CA GLU F 86 7.92 56.39 27.79
C GLU F 86 7.92 57.38 28.94
N SER F 87 7.21 57.04 30.01
CA SER F 87 7.34 57.80 31.23
C SER F 87 8.73 57.57 31.81
N GLY F 88 9.32 56.42 31.50
CA GLY F 88 10.61 55.97 32.07
C GLY F 88 10.37 54.90 33.13
N VAL F 89 9.12 54.64 33.49
CA VAL F 89 8.82 53.57 34.40
C VAL F 89 9.12 52.25 33.68
N ILE F 90 9.66 51.28 34.43
CA ILE F 90 10.03 50.01 33.89
C ILE F 90 9.08 48.93 34.38
N LEU F 91 8.40 48.31 33.43
CA LEU F 91 7.59 47.16 33.74
C LEU F 91 8.44 45.89 33.58
N ARG F 92 8.17 44.92 34.44
CA ARG F 92 8.96 43.74 34.52
C ARG F 92 7.99 42.59 34.28
N ASP F 93 8.47 41.52 33.67
CA ASP F 93 7.67 40.30 33.43
CA ASP F 93 7.65 40.30 33.49
C ASP F 93 6.32 40.66 32.82
N VAL F 94 6.39 41.38 31.70
CA VAL F 94 5.20 41.98 31.11
C VAL F 94 4.42 41.02 30.18
N PRO F 95 3.25 40.57 30.61
CA PRO F 95 2.46 39.76 29.67
C PRO F 95 1.78 40.62 28.60
N VAL F 96 1.72 40.14 27.37
CA VAL F 96 1.03 40.80 26.25
C VAL F 96 0.16 39.72 25.65
N ALA F 97 -1.13 39.72 25.94
CA ALA F 97 -2.08 38.79 25.35
C ALA F 97 -2.36 39.12 23.90
N TYR F 98 -2.66 38.10 23.10
CA TYR F 98 -3.04 38.34 21.73
C TYR F 98 -3.76 37.14 21.17
N LYS F 99 -4.42 37.38 20.07
CA LYS F 99 -5.18 36.38 19.41
C LYS F 99 -4.89 36.55 17.94
N SER F 100 -4.69 35.43 17.25
CA SER F 100 -4.51 35.48 15.79
C SER F 100 -5.34 34.45 15.09
N TRP F 101 -5.51 34.67 13.81
CA TRP F 101 -6.30 33.84 12.96
C TRP F 101 -5.54 33.75 11.65
N GLY F 102 -5.51 32.53 11.08
CA GLY F 102 -4.91 32.30 9.77
C GLY F 102 -3.44 32.07 10.00
N ARG F 103 -2.69 32.09 8.90
CA ARG F 103 -1.33 31.67 8.95
C ARG F 103 -0.47 32.62 8.14
N MET F 104 0.75 32.82 8.60
CA MET F 104 1.69 33.66 7.87
C MET F 104 2.17 32.97 6.61
N ASN F 105 2.32 33.71 5.52
CA ASN F 105 2.89 33.13 4.31
C ASN F 105 4.41 32.95 4.46
N VAL F 106 5.08 32.48 3.43
CA VAL F 106 6.50 32.07 3.53
C VAL F 106 7.36 33.30 3.75
N SER F 107 6.86 34.36 3.14
CA SER F 107 7.51 35.66 3.12
C SER F 107 7.20 36.46 4.41
N ARG F 108 6.25 35.96 5.21
CA ARG F 108 5.87 36.54 6.49
C ARG F 108 5.53 38.05 6.35
N ASP F 109 4.77 38.39 5.30
CA ASP F 109 4.44 39.77 4.98
C ASP F 109 2.94 39.92 4.60
N ASN F 110 2.12 38.94 5.00
CA ASN F 110 0.68 39.03 4.84
C ASN F 110 0.01 39.26 6.20
N CYS F 111 0.72 39.93 7.12
CA CYS F 111 0.17 40.21 8.43
C CYS F 111 -0.77 41.41 8.43
N VAL F 112 -1.97 41.21 9.00
CA VAL F 112 -2.95 42.27 9.22
C VAL F 112 -3.19 42.46 10.71
N ILE F 113 -2.89 43.67 11.19
CA ILE F 113 -3.08 43.98 12.59
C ILE F 113 -4.38 44.68 12.80
N VAL F 114 -5.19 44.18 13.72
CA VAL F 114 -6.44 44.83 14.05
C VAL F 114 -6.25 45.37 15.45
N CYS F 115 -6.45 46.67 15.62
CA CYS F 115 -6.36 47.27 16.95
C CYS F 115 -7.73 47.40 17.61
N HIS F 116 -7.92 46.79 18.77
CA HIS F 116 -9.26 46.74 19.33
C HIS F 116 -9.80 48.06 19.95
N THR F 117 -11.02 48.00 20.51
CA THR F 117 -11.64 49.20 21.05
C THR F 117 -11.33 49.29 22.52
N LEU F 118 -11.69 50.44 23.11
CA LEU F 118 -11.42 50.75 24.49
C LEU F 118 -11.71 49.60 25.44
N THR F 119 -12.91 49.04 25.35
CA THR F 119 -13.31 48.04 26.34
C THR F 119 -13.38 46.61 25.82
N SER F 120 -12.86 46.35 24.63
CA SER F 120 -12.94 44.97 24.14
C SER F 120 -11.70 44.20 24.54
N SER F 121 -11.75 42.88 24.36
CA SER F 121 -10.52 42.04 24.42
C SER F 121 -9.94 41.99 23.03
N ALA F 122 -8.89 41.18 22.90
CA ALA F 122 -8.25 40.92 21.59
C ALA F 122 -9.16 40.10 20.66
N HIS F 123 -10.27 39.56 21.17
CA HIS F 123 -11.14 38.67 20.38
C HIS F 123 -12.11 39.40 19.48
N VAL F 124 -11.55 39.89 18.38
CA VAL F 124 -12.21 40.82 17.46
C VAL F 124 -13.44 40.19 16.85
N THR F 125 -13.39 38.87 16.70
CA THR F 125 -14.51 38.08 16.24
C THR F 125 -15.79 38.29 17.06
N SER F 126 -15.67 38.72 18.30
CA SER F 126 -16.86 38.81 19.11
C SER F 126 -17.66 40.11 18.90
N TRP F 127 -17.05 41.15 18.33
CA TRP F 127 -17.78 42.39 18.01
C TRP F 127 -17.70 42.77 16.55
N TRP F 128 -16.75 42.19 15.84
CA TRP F 128 -16.66 42.31 14.38
C TRP F 128 -16.77 40.95 13.63
N PRO F 129 -17.73 40.06 14.02
CA PRO F 129 -17.69 38.70 13.47
C PRO F 129 -17.80 38.68 11.95
N THR F 130 -18.59 39.56 11.36
CA THR F 130 -18.79 39.52 9.91
C THR F 130 -17.64 40.07 9.09
N LEU F 131 -16.59 40.58 9.73
CA LEU F 131 -15.41 41.01 9.00
C LEU F 131 -14.45 39.84 8.68
N PHE F 132 -14.70 38.69 9.34
CA PHE F 132 -13.88 37.49 9.19
C PHE F 132 -14.43 36.49 8.19
N GLY F 133 -13.56 35.86 7.41
CA GLY F 133 -13.98 34.74 6.56
C GLY F 133 -13.53 34.92 5.13
N GLN F 134 -13.76 33.90 4.31
CA GLN F 134 -13.31 33.91 2.90
C GLN F 134 -14.00 35.04 2.17
N GLY F 135 -13.25 35.85 1.41
CA GLY F 135 -13.86 36.96 0.68
C GLY F 135 -14.26 38.14 1.56
N ARG F 136 -14.11 37.99 2.89
CA ARG F 136 -14.35 39.09 3.82
C ARG F 136 -13.07 39.91 3.99
N ALA F 137 -13.17 41.04 4.70
CA ALA F 137 -12.00 41.93 4.88
C ALA F 137 -10.80 41.21 5.55
N PHE F 138 -11.11 40.51 6.64
CA PHE F 138 -10.11 39.76 7.39
C PHE F 138 -10.19 38.32 6.88
N ASP F 139 -9.59 38.11 5.73
CA ASP F 139 -9.66 36.85 5.02
C ASP F 139 -8.54 35.92 5.52
N THR F 140 -8.93 34.96 6.35
CA THR F 140 -7.99 34.02 6.96
C THR F 140 -7.33 33.07 5.95
N SER F 141 -7.73 33.16 4.68
CA SER F 141 -7.08 32.45 3.57
C SER F 141 -5.97 33.25 2.97
N ARG F 142 -6.00 34.56 3.14
CA ARG F 142 -4.94 35.35 2.51
C ARG F 142 -3.97 35.91 3.53
N TYR F 143 -4.44 36.08 4.77
CA TYR F 143 -3.73 36.90 5.74
C TYR F 143 -3.61 36.22 7.06
N PHE F 144 -2.55 36.59 7.77
CA PHE F 144 -2.40 36.31 9.18
C PHE F 144 -2.91 37.57 9.91
N ILE F 145 -4.03 37.40 10.59
CA ILE F 145 -4.71 38.48 11.28
C ILE F 145 -4.35 38.38 12.73
N ILE F 146 -3.79 39.46 13.29
CA ILE F 146 -3.52 39.45 14.73
C ILE F 146 -4.06 40.68 15.45
N CYS F 147 -4.56 40.47 16.67
CA CYS F 147 -4.97 41.56 17.54
C CYS F 147 -4.32 41.34 18.89
N LEU F 148 -3.57 42.33 19.35
CA LEU F 148 -2.92 42.29 20.66
C LEU F 148 -3.61 43.20 21.71
N ASN F 149 -3.78 42.70 22.93
CA ASN F 149 -4.51 43.42 23.96
C ASN F 149 -3.66 44.57 24.49
N TYR F 150 -4.29 45.72 24.73
CA TYR F 150 -3.57 46.90 25.20
C TYR F 150 -3.12 46.75 26.65
N LEU F 151 -1.99 47.39 26.98
CA LEU F 151 -1.59 47.54 28.39
C LEU F 151 -2.70 48.32 29.11
N GLY F 152 -3.08 47.92 30.30
CA GLY F 152 -4.10 48.64 31.05
C GLY F 152 -5.42 47.91 31.00
N SER F 153 -5.52 46.96 30.07
CA SER F 153 -6.78 46.25 29.83
C SER F 153 -6.97 45.08 30.79
N PRO F 154 -8.24 44.70 31.07
CA PRO F 154 -8.36 43.56 31.96
C PRO F 154 -8.22 42.17 31.28
N PHE F 155 -7.97 42.13 29.99
CA PHE F 155 -8.12 40.89 29.24
C PHE F 155 -6.82 40.21 28.83
N GLY F 156 -5.79 40.29 29.67
CA GLY F 156 -4.57 39.56 29.41
C GLY F 156 -3.27 40.32 29.47
N SER F 157 -3.11 41.39 28.68
CA SER F 157 -1.90 42.19 28.79
C SER F 157 -1.75 42.84 30.18
N ALA F 158 -0.55 43.38 30.46
CA ALA F 158 -0.27 43.95 31.76
C ALA F 158 -1.28 45.10 32.03
N GLY F 159 -1.84 45.13 33.25
CA GLY F 159 -2.68 46.19 33.71
C GLY F 159 -3.08 46.00 35.17
N PRO F 160 -3.98 46.85 35.65
CA PRO F 160 -4.39 46.76 37.04
C PRO F 160 -4.76 45.34 37.51
N CYS F 161 -5.22 44.51 36.60
CA CYS F 161 -5.66 43.18 36.96
C CYS F 161 -4.55 42.11 37.03
N SER F 162 -3.39 42.40 36.46
CA SER F 162 -2.38 41.39 36.35
C SER F 162 -1.42 41.42 37.56
N PRO F 163 -0.76 40.27 37.85
CA PRO F 163 0.16 40.17 38.99
C PRO F 163 1.27 41.24 38.97
N ASP F 164 1.42 41.93 40.10
CA ASP F 164 2.57 42.81 40.28
C ASP F 164 3.79 41.97 40.61
N PRO F 165 4.84 42.00 39.72
CA PRO F 165 6.06 41.20 39.99
C PRO F 165 6.79 41.59 41.33
N ASP F 166 6.33 42.66 42.00
CA ASP F 166 6.79 42.96 43.35
C ASP F 166 5.82 42.49 44.45
N ALA F 167 5.52 41.17 44.43
CA ALA F 167 4.70 40.40 45.43
C ALA F 167 4.09 39.07 44.89
N PRO F 172 -1.97 41.67 42.50
CA PRO F 172 -2.15 42.43 41.24
C PRO F 172 -1.74 43.89 41.39
N TYR F 173 -1.35 44.51 40.28
CA TYR F 173 -0.96 45.93 40.29
C TYR F 173 -2.01 46.79 40.95
N GLY F 174 -3.29 46.46 40.74
CA GLY F 174 -4.42 47.30 41.19
C GLY F 174 -4.30 48.77 40.78
N ALA F 175 -4.40 49.64 41.78
CA ALA F 175 -4.44 51.08 41.50
C ALA F 175 -3.07 51.63 41.13
N LYS F 176 -2.03 50.80 41.25
CA LYS F 176 -0.68 51.28 41.11
C LYS F 176 -0.12 51.03 39.74
N PHE F 177 -0.95 50.57 38.82
CA PHE F 177 -0.48 50.33 37.45
C PHE F 177 -0.05 51.61 36.76
N PRO F 178 1.21 51.65 36.26
CA PRO F 178 1.74 52.92 35.69
C PRO F 178 0.93 53.42 34.51
N ARG F 179 0.93 54.73 34.29
CA ARG F 179 0.24 55.28 33.14
C ARG F 179 1.01 54.80 31.91
N THR F 180 0.28 54.39 30.88
CA THR F 180 0.87 53.95 29.61
C THR F 180 0.31 54.81 28.51
N THR F 181 1.00 54.89 27.38
CA THR F 181 0.56 55.70 26.24
C THR F 181 0.23 54.85 25.01
N ILE F 182 -0.33 55.47 24.01
CA ILE F 182 -0.67 54.75 22.80
C ILE F 182 0.63 54.19 22.24
N ARG F 183 1.64 55.07 22.17
CA ARG F 183 2.99 54.68 21.71
C ARG F 183 3.62 53.53 22.49
N ASP F 184 3.35 53.42 23.80
CA ASP F 184 3.82 52.29 24.56
C ASP F 184 3.18 51.02 24.05
N ASP F 185 1.86 51.03 23.84
CA ASP F 185 1.21 49.85 23.29
C ASP F 185 1.85 49.41 21.97
N VAL F 186 2.12 50.37 21.11
CA VAL F 186 2.52 50.06 19.77
C VAL F 186 3.89 49.44 19.87
N ARG F 187 4.73 49.97 20.78
CA ARG F 187 6.12 49.55 20.89
C ARG F 187 6.15 48.18 21.43
N ILE F 188 5.39 47.95 22.47
CA ILE F 188 5.49 46.64 23.03
C ILE F 188 4.85 45.60 22.11
N HIS F 189 3.76 45.96 21.43
CA HIS F 189 3.17 45.07 20.44
C HIS F 189 4.16 44.74 19.35
N ARG F 190 4.86 45.71 18.81
CA ARG F 190 5.80 45.39 17.80
C ARG F 190 6.82 44.37 18.33
N GLN F 191 7.26 44.52 19.57
CA GLN F 191 8.24 43.58 20.06
C GLN F 191 7.71 42.18 19.96
N VAL F 192 6.47 41.98 20.41
CA VAL F 192 5.85 40.68 20.26
C VAL F 192 5.85 40.22 18.78
N LEU F 193 5.42 41.08 17.85
CA LEU F 193 5.43 40.68 16.45
C LEU F 193 6.81 40.21 16.02
N ASP F 194 7.85 40.90 16.49
CA ASP F 194 9.24 40.56 16.16
C ASP F 194 9.64 39.15 16.64
N ARG F 195 9.23 38.81 17.86
CA ARG F 195 9.39 37.47 18.34
C ARG F 195 8.61 36.44 17.54
N LEU F 196 7.45 36.82 16.97
CA LEU F 196 6.65 35.85 16.22
C LEU F 196 7.25 35.68 14.83
N GLY F 197 8.18 36.55 14.46
CA GLY F 197 8.82 36.42 13.19
C GLY F 197 8.14 37.14 12.06
N VAL F 198 7.22 38.04 12.39
CA VAL F 198 6.55 38.87 11.35
C VAL F 198 7.57 39.79 10.65
N ARG F 199 7.46 39.89 9.32
CA ARG F 199 8.43 40.62 8.45
C ARG F 199 7.89 41.96 7.91
N GLN F 200 6.60 42.00 7.66
CA GLN F 200 5.97 43.20 7.09
C GLN F 200 4.49 43.08 7.34
N ILE F 201 3.86 44.23 7.52
CA ILE F 201 2.42 44.34 7.80
C ILE F 201 1.68 44.84 6.60
N ALA F 202 0.76 44.03 6.08
CA ALA F 202 -0.01 44.39 4.88
C ALA F 202 -0.94 45.58 5.17
N ALA F 203 -1.53 45.63 6.36
CA ALA F 203 -2.44 46.70 6.78
C ALA F 203 -2.63 46.67 8.28
N VAL F 204 -2.84 47.86 8.83
CA VAL F 204 -3.28 48.02 10.22
C VAL F 204 -4.65 48.69 10.19
N VAL F 205 -5.60 48.10 10.89
CA VAL F 205 -6.99 48.51 10.82
C VAL F 205 -7.44 48.70 12.26
N GLY F 206 -8.15 49.81 12.55
CA GLY F 206 -8.62 50.06 13.91
C GLY F 206 -9.61 51.19 14.06
N ALA F 207 -10.57 51.01 14.96
CA ALA F 207 -11.62 52.00 15.20
C ALA F 207 -11.56 52.53 16.62
N MET F 209 -10.36 53.91 19.79
CA MET F 209 -8.99 53.82 20.34
C MET F 209 -8.06 53.08 19.37
N GLY F 210 -8.58 52.03 18.76
CA GLY F 210 -7.84 51.33 17.72
C GLY F 210 -7.29 52.21 16.60
N GLY F 211 -8.00 53.30 16.28
CA GLY F 211 -7.61 54.16 15.17
C GLY F 211 -6.42 55.05 15.57
N MET F 212 -6.27 55.21 16.86
CA MET F 212 -5.21 55.98 17.44
C MET F 212 -3.91 55.19 17.42
N HIS F 213 -3.96 53.93 17.84
CA HIS F 213 -2.87 53.01 17.57
C HIS F 213 -2.58 52.87 16.08
N THR F 214 -3.62 52.72 15.27
CA THR F 214 -3.43 52.58 13.84
C THR F 214 -2.56 53.72 13.31
N LEU F 215 -2.96 54.95 13.56
CA LEU F 215 -2.16 56.11 13.17
C LEU F 215 -0.70 56.00 13.72
N GLU F 216 -0.54 55.61 14.96
CA GLU F 216 0.80 55.43 15.49
C GLU F 216 1.62 54.33 14.78
N TRP F 217 0.99 53.22 14.39
CA TRP F 217 1.68 52.16 13.68
C TRP F 217 2.27 52.68 12.39
N ALA F 218 1.55 53.58 11.73
CA ALA F 218 2.01 54.14 10.46
C ALA F 218 3.40 54.75 10.58
N PHE F 219 3.80 55.10 11.80
CA PHE F 219 5.06 55.81 11.96
C PHE F 219 6.33 54.95 11.92
N PHE F 220 6.14 53.63 11.80
CA PHE F 220 7.25 52.71 11.46
C PHE F 220 7.64 52.80 9.97
N GLY F 221 6.89 53.53 9.15
CA GLY F 221 7.29 53.75 7.76
C GLY F 221 6.64 52.73 6.88
N PRO F 222 6.57 53.03 5.57
CA PRO F 222 5.89 52.21 4.54
C PRO F 222 6.60 50.90 4.25
N GLU F 223 7.83 50.77 4.75
CA GLU F 223 8.57 49.55 4.58
C GLU F 223 8.02 48.48 5.50
N TYR F 224 7.66 48.84 6.72
CA TYR F 224 7.18 47.82 7.65
C TYR F 224 5.65 47.76 7.70
N VAL F 225 5.00 48.90 7.56
CA VAL F 225 3.54 48.97 7.55
C VAL F 225 3.13 49.47 6.18
N ARG F 226 2.55 48.61 5.36
CA ARG F 226 2.23 48.97 4.01
C ARG F 226 0.99 49.85 3.83
N LYS F 227 -0.03 49.66 4.68
CA LYS F 227 -1.30 50.40 4.57
C LYS F 227 -1.91 50.56 5.94
N ILE F 228 -2.67 51.65 6.12
CA ILE F 228 -3.48 51.86 7.31
C ILE F 228 -4.96 52.17 7.07
N VAL F 229 -5.80 51.73 7.98
CA VAL F 229 -7.22 51.98 7.91
C VAL F 229 -7.68 52.49 9.29
N PRO F 230 -7.44 53.79 9.58
CA PRO F 230 -7.95 54.40 10.77
C PRO F 230 -9.48 54.66 10.64
N ILE F 231 -10.23 54.20 11.65
CA ILE F 231 -11.66 54.28 11.61
C ILE F 231 -12.18 55.03 12.83
N ALA F 232 -13.03 56.04 12.62
CA ALA F 232 -13.76 56.68 13.73
C ALA F 232 -12.85 57.07 14.89
N THR F 233 -11.94 58.00 14.66
CA THR F 233 -10.83 58.17 15.58
C THR F 233 -10.25 59.57 15.47
N SER F 234 -9.19 59.88 16.23
CA SER F 234 -8.48 61.13 16.04
C SER F 234 -6.98 61.08 16.14
N CYS F 235 -6.34 62.14 15.66
CA CYS F 235 -4.89 62.33 15.74
C CYS F 235 -4.36 62.78 17.07
N ARG F 236 -5.22 63.23 17.97
CA ARG F 236 -4.80 63.77 19.26
C ARG F 236 -5.98 63.89 20.20
N GLN F 237 -5.75 63.80 21.50
CA GLN F 237 -6.79 64.11 22.48
C GLN F 237 -7.44 65.49 22.24
N SER F 238 -8.77 65.53 22.29
CA SER F 238 -9.50 66.80 22.17
C SER F 238 -10.10 67.15 23.54
N GLY F 239 -10.34 68.45 23.79
CA GLY F 239 -11.03 68.90 25.02
C GLY F 239 -12.35 68.17 25.19
N TRP F 240 -13.08 68.03 24.07
CA TRP F 240 -14.39 67.35 24.05
C TRP F 240 -14.32 65.94 24.62
N CYS F 241 -13.46 65.11 24.03
CA CYS F 241 -13.28 63.72 24.53
C CYS F 241 -12.69 63.66 25.90
N ALA F 242 -11.71 64.52 26.19
CA ALA F 242 -11.18 64.49 27.55
C ALA F 242 -12.28 64.67 28.59
N ALA F 243 -13.22 65.60 28.29
CA ALA F 243 -14.29 65.96 29.24
C ALA F 243 -15.24 64.81 29.41
N TRP F 244 -15.60 64.18 28.28
CA TRP F 244 -16.49 63.01 28.38
C TRP F 244 -15.91 61.84 29.19
N PHE F 245 -14.64 61.50 28.98
CA PHE F 245 -14.06 60.37 29.72
C PHE F 245 -13.67 60.70 31.14
N GLU F 246 -13.28 61.96 31.37
CA GLU F 246 -13.07 62.45 32.73
C GLU F 246 -14.38 62.40 33.49
N THR F 247 -15.45 62.87 32.85
CA THR F 247 -16.77 62.73 33.50
C THR F 247 -17.02 61.29 33.91
N GLN F 248 -16.78 60.38 32.99
CA GLN F 248 -16.98 58.96 33.26
C GLN F 248 -16.09 58.47 34.39
N ARG F 249 -14.81 58.83 34.40
CA ARG F 249 -13.98 58.42 35.51
C ARG F 249 -14.45 58.97 36.85
N GLN F 250 -14.86 60.24 36.85
CA GLN F 250 -15.34 60.83 38.10
C GLN F 250 -16.53 60.08 38.65
N CYS F 251 -17.39 59.52 37.80
CA CYS F 251 -18.44 58.62 38.31
C CYS F 251 -17.89 57.52 39.17
N ILE F 252 -16.74 56.99 38.76
CA ILE F 252 -16.12 55.89 39.48
C ILE F 252 -15.40 56.44 40.73
N TYR F 253 -14.65 57.51 40.58
CA TYR F 253 -13.98 58.12 41.72
C TYR F 253 -14.94 58.43 42.87
N ASP F 254 -16.14 58.89 42.53
CA ASP F 254 -17.11 59.28 43.54
C ASP F 254 -17.86 58.10 44.13
N ASP F 255 -17.70 56.91 43.59
CA ASP F 255 -18.43 55.77 44.11
C ASP F 255 -17.70 55.37 45.40
N PRO F 256 -18.40 55.37 46.56
CA PRO F 256 -17.72 55.09 47.83
C PRO F 256 -17.13 53.69 47.94
N LYS F 257 -17.51 52.77 47.04
CA LYS F 257 -16.93 51.42 47.00
C LYS F 257 -15.58 51.37 46.29
N TYR F 258 -15.22 52.45 45.59
CA TYR F 258 -13.96 52.55 44.88
C TYR F 258 -12.76 52.53 45.83
N LEU F 259 -12.88 53.20 46.96
CA LEU F 259 -11.86 53.15 47.99
C LEU F 259 -10.50 53.51 47.40
N ASP F 260 -10.47 54.45 46.49
CA ASP F 260 -9.21 54.94 45.98
C ASP F 260 -8.48 53.94 45.09
N GLY F 261 -9.24 52.97 44.59
CA GLY F 261 -8.67 51.96 43.73
C GLY F 261 -8.37 50.67 44.46
N GLU F 262 -8.59 50.67 45.77
CA GLU F 262 -8.17 49.57 46.64
C GLU F 262 -9.34 48.65 46.90
N TYR F 263 -10.45 48.84 46.19
CA TYR F 263 -11.61 47.98 46.33
C TYR F 263 -11.19 46.52 46.16
N ASP F 264 -11.91 45.63 46.84
CA ASP F 264 -11.67 44.20 46.69
C ASP F 264 -12.32 43.81 45.37
N VAL F 265 -11.64 42.94 44.61
CA VAL F 265 -12.02 42.58 43.24
C VAL F 265 -13.47 42.04 43.05
N ASP F 266 -14.07 41.48 44.11
CA ASP F 266 -15.46 41.02 44.00
C ASP F 266 -16.44 41.94 44.76
N ASP F 267 -16.00 43.19 44.94
CA ASP F 267 -16.85 44.24 45.49
C ASP F 267 -16.51 45.55 44.77
N GLN F 268 -16.66 45.52 43.44
CA GLN F 268 -16.31 46.63 42.54
C GLN F 268 -17.17 47.86 42.86
N PRO F 269 -16.69 49.07 42.47
CA PRO F 269 -17.58 50.23 42.39
C PRO F 269 -18.55 50.11 41.20
N VAL F 270 -19.56 49.26 41.38
CA VAL F 270 -20.44 48.86 40.30
C VAL F 270 -21.36 49.97 39.80
N ARG F 271 -21.89 50.80 40.70
CA ARG F 271 -22.72 51.96 40.32
C ARG F 271 -21.93 52.94 39.49
N GLY F 272 -20.74 53.28 39.95
CA GLY F 272 -19.87 54.17 39.20
C GLY F 272 -19.59 53.65 37.80
N LEU F 273 -19.25 52.36 37.71
CA LEU F 273 -18.94 51.76 36.44
C LEU F 273 -20.11 51.77 35.50
N GLU F 274 -21.26 51.30 35.99
CA GLU F 274 -22.55 51.43 35.27
C GLU F 274 -22.75 52.79 34.68
N THR F 275 -22.65 53.79 35.56
CA THR F 275 -22.90 55.16 35.19
C THR F 275 -21.91 55.60 34.14
N ALA F 276 -20.63 55.34 34.35
CA ALA F 276 -19.63 55.62 33.35
C ALA F 276 -20.03 55.04 32.01
N ARG F 277 -20.52 53.81 32.01
CA ARG F 277 -20.85 53.16 30.75
C ARG F 277 -22.17 53.57 30.08
N LYS F 278 -23.24 53.91 30.84
CA LYS F 278 -24.44 54.59 30.25
C LYS F 278 -24.04 55.83 29.45
N ILE F 279 -23.20 56.69 30.07
CA ILE F 279 -22.77 57.92 29.46
C ILE F 279 -22.03 57.55 28.20
N ALA F 280 -21.02 56.67 28.32
CA ALA F 280 -20.22 56.31 27.13
C ALA F 280 -21.11 55.76 26.04
N ASN F 281 -22.03 54.83 26.39
CA ASN F 281 -22.96 54.29 25.42
C ASN F 281 -23.77 55.32 24.65
N LEU F 282 -24.23 56.37 25.33
CA LEU F 282 -24.96 57.40 24.67
C LEU F 282 -24.07 58.25 23.78
N THR F 283 -22.85 58.56 24.21
CA THR F 283 -21.95 59.33 23.35
C THR F 283 -21.67 58.57 22.08
N TYR F 284 -21.88 57.27 22.08
CA TYR F 284 -21.63 56.46 20.90
C TYR F 284 -22.80 56.48 19.91
N LYS F 285 -23.91 57.07 20.32
CA LYS F 285 -25.12 57.07 19.52
C LYS F 285 -25.30 58.41 18.85
N SER F 286 -26.30 58.51 17.99
CA SER F 286 -26.63 59.78 17.33
C SER F 286 -28.06 60.11 17.67
N LYS F 287 -28.43 61.35 17.41
CA LYS F 287 -29.80 61.78 17.66
C LYS F 287 -30.76 60.98 16.78
N PRO F 288 -30.51 60.93 15.46
CA PRO F 288 -31.44 60.12 14.63
C PRO F 288 -31.52 58.66 15.06
N ALA F 289 -30.41 58.03 15.42
CA ALA F 289 -30.47 56.65 15.86
C ALA F 289 -31.33 56.44 17.10
N MET F 290 -31.15 57.25 18.12
CA MET F 290 -31.99 57.14 19.31
C MET F 290 -33.45 57.55 19.07
N ASP F 291 -33.68 58.48 18.15
CA ASP F 291 -35.03 58.88 17.82
C ASP F 291 -35.80 57.80 17.08
N GLU F 292 -35.14 57.01 16.22
CA GLU F 292 -35.82 55.91 15.53
C GLU F 292 -36.13 54.80 16.50
N ARG F 293 -35.27 54.63 17.49
CA ARG F 293 -35.42 53.53 18.43
C ARG F 293 -36.47 53.78 19.49
N PHE F 294 -36.63 55.04 19.90
CA PHE F 294 -37.57 55.41 20.95
C PHE F 294 -38.35 56.65 20.54
N HIS F 295 -39.67 56.55 20.45
CA HIS F 295 -40.54 57.71 20.22
C HIS F 295 -41.90 57.60 20.92
N MET F 296 -42.70 58.68 20.85
CA MET F 296 -44.04 58.72 21.45
C MET F 296 -45.13 58.22 20.47
N GLN F 328 -39.41 50.37 22.22
CA GLN F 328 -39.69 51.43 21.24
C GLN F 328 -40.54 52.63 21.76
N PRO F 329 -41.42 52.42 22.78
CA PRO F 329 -41.96 53.61 23.45
C PRO F 329 -40.96 54.28 24.42
N ILE F 330 -41.19 55.55 24.76
CA ILE F 330 -40.27 56.31 25.63
C ILE F 330 -40.14 55.72 27.07
N GLU F 331 -41.16 55.01 27.53
CA GLU F 331 -41.10 54.23 28.79
C GLU F 331 -39.89 53.26 28.86
N ALA F 332 -39.50 52.74 27.67
CA ALA F 332 -38.50 51.65 27.49
C ALA F 332 -37.06 52.12 27.56
N VAL F 333 -36.84 53.43 27.47
CA VAL F 333 -35.52 54.02 27.54
C VAL F 333 -34.82 53.65 28.85
N SER F 334 -35.57 53.76 29.93
CA SER F 334 -35.01 53.53 31.20
C SER F 334 -34.29 52.19 31.25
N SER F 335 -35.00 51.11 30.95
CA SER F 335 -34.39 49.79 31.06
C SER F 335 -33.41 49.47 29.90
N TYR F 336 -33.56 50.11 28.75
CA TYR F 336 -32.53 50.04 27.72
C TYR F 336 -31.18 50.58 28.23
N LEU F 337 -31.21 51.66 29.01
CA LEU F 337 -29.97 52.26 29.52
C LEU F 337 -29.35 51.38 30.62
N ARG F 338 -30.19 50.79 31.48
CA ARG F 338 -29.73 49.98 32.59
C ARG F 338 -29.11 48.65 32.19
N TYR F 339 -29.89 47.81 31.49
CA TYR F 339 -29.51 46.45 31.10
C TYR F 339 -28.07 46.30 30.62
N GLN F 340 -27.76 46.98 29.53
CA GLN F 340 -26.41 47.09 28.91
C GLN F 340 -25.28 47.49 29.87
N ALA F 341 -25.49 48.61 30.56
CA ALA F 341 -24.55 49.14 31.54
C ALA F 341 -24.32 48.18 32.72
N GLN F 342 -25.37 47.54 33.23
CA GLN F 342 -25.24 46.56 34.29
C GLN F 342 -24.44 45.35 33.88
N LYS F 343 -24.72 44.78 32.71
CA LYS F 343 -23.96 43.60 32.27
C LYS F 343 -22.46 43.93 32.08
N PHE F 344 -22.18 45.12 31.58
CA PHE F 344 -20.80 45.60 31.44
C PHE F 344 -20.08 45.79 32.80
N ALA F 345 -20.75 46.39 33.77
CA ALA F 345 -20.14 46.71 35.05
C ALA F 345 -19.88 45.44 35.84
N ALA F 346 -20.63 44.39 35.51
CA ALA F 346 -20.46 43.07 36.11
C ALA F 346 -19.26 42.36 35.49
N SER F 347 -18.81 42.82 34.32
CA SER F 347 -17.78 42.06 33.64
C SER F 347 -16.66 42.93 33.11
N PHE F 348 -16.34 44.00 33.84
CA PHE F 348 -15.17 44.83 33.51
C PHE F 348 -14.61 45.36 34.82
N ASP F 349 -13.39 45.86 34.82
CA ASP F 349 -12.77 46.27 36.07
C ASP F 349 -12.63 47.80 36.13
N ALA F 350 -12.95 48.36 37.30
CA ALA F 350 -12.97 49.83 37.46
C ALA F 350 -11.61 50.43 37.24
N ASN F 351 -10.59 49.90 37.92
CA ASN F 351 -9.22 50.37 37.70
C ASN F 351 -8.76 50.28 36.23
N CYS F 352 -9.15 49.24 35.51
CA CYS F 352 -8.78 49.16 34.10
C CYS F 352 -9.52 50.22 33.29
N TYR F 353 -10.75 50.55 33.72
CA TYR F 353 -11.50 51.57 33.00
C TYR F 353 -10.79 52.89 33.12
N ILE F 354 -10.28 53.15 34.30
CA ILE F 354 -9.54 54.37 34.55
C ILE F 354 -8.27 54.38 33.74
N ALA F 355 -7.46 53.30 33.87
CA ALA F 355 -6.18 53.19 33.13
C ALA F 355 -6.36 53.31 31.61
N MET F 356 -7.39 52.66 31.08
CA MET F 356 -7.66 52.62 29.63
C MET F 356 -8.05 53.97 29.10
N THR F 357 -9.02 54.63 29.77
CA THR F 357 -9.47 55.97 29.33
C THR F 357 -8.35 57.02 29.46
N LEU F 358 -7.51 56.91 30.47
CA LEU F 358 -6.36 57.82 30.61
C LEU F 358 -5.40 57.73 29.45
N LYS F 359 -5.23 56.56 28.86
CA LYS F 359 -4.45 56.44 27.61
C LYS F 359 -4.82 57.48 26.58
N PHE F 360 -6.12 57.78 26.47
CA PHE F 360 -6.60 58.80 25.52
C PHE F 360 -5.87 60.10 25.72
N ASP F 361 -5.60 60.47 26.99
CA ASP F 361 -4.97 61.79 27.29
C ASP F 361 -3.54 61.95 26.75
N THR F 362 -2.87 60.82 26.53
CA THR F 362 -1.51 60.77 26.04
C THR F 362 -1.46 60.84 24.53
N HIS F 363 -2.60 60.70 23.87
CA HIS F 363 -2.56 60.51 22.43
C HIS F 363 -2.27 61.78 21.74
N ASP F 364 -1.26 61.78 20.87
CA ASP F 364 -0.94 62.93 20.02
C ASP F 364 0.07 62.42 19.04
N ILE F 365 -0.28 62.32 17.76
CA ILE F 365 0.68 61.75 16.82
C ILE F 365 1.85 62.68 16.53
N SER F 366 1.70 63.97 16.87
CA SER F 366 2.76 64.99 16.58
C SER F 366 3.79 65.21 17.68
N ARG F 367 3.49 64.83 18.93
CA ARG F 367 4.44 64.97 20.00
C ARG F 367 5.78 64.41 19.57
N GLY F 368 6.80 65.26 19.71
CA GLY F 368 8.17 64.85 19.49
C GLY F 368 8.51 64.65 18.02
N ARG F 369 7.55 64.94 17.13
CA ARG F 369 7.74 64.61 15.70
C ARG F 369 7.54 65.79 14.75
N ALA F 370 6.57 66.64 15.05
CA ALA F 370 6.29 67.78 14.17
C ALA F 370 5.69 68.89 14.98
N GLY F 371 5.65 70.08 14.39
CA GLY F 371 5.13 71.26 15.07
C GLY F 371 3.60 71.34 15.14
N SER F 372 2.92 70.57 14.30
CA SER F 372 1.45 70.58 14.26
C SER F 372 0.90 69.24 13.77
N ILE F 373 -0.38 69.01 14.01
CA ILE F 373 -1.05 67.80 13.52
C ILE F 373 -0.98 67.67 11.98
N PRO F 374 -1.31 68.74 11.22
CA PRO F 374 -1.18 68.53 9.77
C PRO F 374 0.22 68.14 9.32
N GLU F 375 1.23 68.64 10.03
CA GLU F 375 2.63 68.36 9.64
C GLU F 375 2.94 66.92 9.95
N ALA F 376 2.48 66.46 11.10
CA ALA F 376 2.64 65.06 11.47
C ALA F 376 1.89 64.14 10.49
N LEU F 377 0.65 64.49 10.13
CA LEU F 377 -0.08 63.66 9.16
C LEU F 377 0.65 63.53 7.84
N ALA F 378 1.30 64.61 7.39
CA ALA F 378 2.00 64.61 6.09
C ALA F 378 3.18 63.62 6.09
N MET F 379 3.70 63.27 7.26
CA MET F 379 4.76 62.29 7.38
C MET F 379 4.23 60.86 7.22
N ILE F 380 2.91 60.70 7.01
CA ILE F 380 2.37 59.35 6.80
C ILE F 380 2.35 59.08 5.31
N THR F 381 3.18 58.14 4.88
CA THR F 381 3.41 57.90 3.45
C THR F 381 2.57 56.76 2.86
N GLN F 382 2.13 55.84 3.72
CA GLN F 382 1.33 54.70 3.30
C GLN F 382 0.01 55.16 2.69
N PRO F 383 -0.55 54.37 1.75
CA PRO F 383 -1.97 54.53 1.45
C PRO F 383 -2.81 54.40 2.73
N ALA F 384 -3.74 55.34 2.91
CA ALA F 384 -4.65 55.34 4.05
C ALA F 384 -6.11 55.38 3.60
N LEU F 385 -6.97 54.64 4.29
CA LEU F 385 -8.40 54.71 4.09
C LEU F 385 -8.96 55.13 5.41
N ILE F 386 -9.50 56.35 5.46
CA ILE F 386 -10.11 56.90 6.64
C ILE F 386 -11.63 56.67 6.56
N ILE F 387 -12.16 55.92 7.52
CA ILE F 387 -13.55 55.62 7.57
C ILE F 387 -14.21 56.36 8.74
N CYS F 388 -15.29 57.10 8.42
CA CYS F 388 -16.04 57.84 9.43
C CYS F 388 -17.56 57.91 9.16
N ALA F 389 -18.29 58.44 10.14
CA ALA F 389 -19.69 58.76 10.00
C ALA F 389 -19.93 60.24 10.35
N ARG F 390 -20.87 60.85 9.62
CA ARG F 390 -21.17 62.26 9.75
C ARG F 390 -21.65 62.58 11.12
N SER F 391 -22.27 61.62 11.77
CA SER F 391 -23.00 61.86 13.00
C SER F 391 -22.32 61.33 14.24
N ASP F 392 -21.01 61.05 14.12
CA ASP F 392 -20.16 60.65 15.23
C ASP F 392 -20.07 61.83 16.18
N GLY F 393 -20.55 61.66 17.40
CA GLY F 393 -20.48 62.72 18.36
C GLY F 393 -19.20 62.81 19.15
N LEU F 394 -18.27 61.86 18.95
CA LEU F 394 -17.02 61.88 19.68
C LEU F 394 -15.91 62.31 18.79
N TYR F 395 -15.77 61.66 17.64
CA TYR F 395 -14.69 62.01 16.72
C TYR F 395 -15.31 62.61 15.49
N SER F 396 -15.03 63.88 15.24
CA SER F 396 -15.88 64.66 14.36
C SER F 396 -15.59 64.35 12.92
N PHE F 397 -16.61 64.48 12.11
CA PHE F 397 -16.43 64.50 10.66
C PHE F 397 -15.27 65.39 10.22
N ASP F 398 -15.19 66.59 10.77
CA ASP F 398 -14.15 67.55 10.38
C ASP F 398 -12.75 67.09 10.64
N GLU F 399 -12.54 66.38 11.74
CA GLU F 399 -11.20 65.92 12.05
C GLU F 399 -10.76 64.80 11.13
N HIS F 400 -11.72 64.05 10.58
CA HIS F 400 -11.42 63.01 9.61
C HIS F 400 -11.13 63.65 8.28
N VAL F 401 -11.88 64.70 7.97
CA VAL F 401 -11.63 65.50 6.75
C VAL F 401 -10.21 66.06 6.80
N GLU F 402 -9.82 66.60 7.96
CA GLU F 402 -8.43 67.01 8.16
C GLU F 402 -7.44 65.87 7.92
N MET F 403 -7.70 64.68 8.47
CA MET F 403 -6.77 63.56 8.27
C MET F 403 -6.60 63.32 6.81
N GLY F 404 -7.71 63.19 6.11
CA GLY F 404 -7.68 62.91 4.70
C GLY F 404 -6.95 63.94 3.86
N ARG F 405 -6.99 65.19 4.26
CA ARG F 405 -6.37 66.20 3.47
C ARG F 405 -4.83 66.25 3.67
N SER F 406 -4.36 66.05 4.90
CA SER F 406 -2.92 66.11 5.18
C SER F 406 -2.14 64.80 5.00
N ILE F 407 -2.83 63.66 4.94
CA ILE F 407 -2.15 62.38 4.65
C ILE F 407 -2.09 62.31 3.14
N PRO F 408 -0.86 62.38 2.56
CA PRO F 408 -0.72 62.54 1.12
C PRO F 408 -1.43 61.47 0.25
N ASN F 409 -1.32 60.18 0.59
CA ASN F 409 -2.03 59.16 -0.21
C ASN F 409 -3.23 58.59 0.55
N SER F 410 -4.31 59.37 0.68
CA SER F 410 -5.43 58.96 1.51
C SER F 410 -6.75 59.07 0.79
N ARG F 411 -7.65 58.15 1.08
CA ARG F 411 -9.02 58.28 0.61
C ARG F 411 -9.93 58.40 1.84
N LEU F 412 -10.86 59.34 1.82
CA LEU F 412 -11.86 59.47 2.87
C LEU F 412 -13.13 58.68 2.54
N CYS F 413 -13.55 57.80 3.44
CA CYS F 413 -14.72 57.00 3.19
C CYS F 413 -15.76 57.37 4.22
N VAL F 414 -16.81 58.04 3.78
CA VAL F 414 -17.90 58.41 4.65
C VAL F 414 -19.01 57.41 4.51
N VAL F 415 -19.30 56.69 5.60
CA VAL F 415 -20.29 55.61 5.58
C VAL F 415 -21.65 56.26 5.48
N ASP F 416 -22.47 55.75 4.57
CA ASP F 416 -23.84 56.19 4.44
C ASP F 416 -24.68 55.57 5.57
N THR F 417 -24.84 56.32 6.65
CA THR F 417 -25.54 55.88 7.84
C THR F 417 -25.97 57.11 8.62
N ASN F 418 -26.93 56.93 9.51
CA ASN F 418 -27.30 57.97 10.45
C ASN F 418 -26.90 57.58 11.89
N GLU F 419 -26.12 56.50 12.03
CA GLU F 419 -25.75 55.92 13.33
C GLU F 419 -24.67 56.80 13.97
N GLY F 420 -24.38 56.99 15.19
CA GLY F 420 -23.22 57.84 15.44
C GLY F 420 -21.94 57.04 15.55
N HIS F 421 -21.20 57.25 16.63
CA HIS F 421 -19.83 56.73 16.74
C HIS F 421 -19.73 55.21 16.58
N ASP F 422 -20.73 54.48 17.09
CA ASP F 422 -20.73 53.03 16.98
C ASP F 422 -21.23 52.51 15.62
N PHE F 423 -21.19 53.34 14.60
CA PHE F 423 -21.57 52.89 13.28
C PHE F 423 -20.66 51.76 12.81
N PHE F 424 -19.43 51.72 13.32
CA PHE F 424 -18.46 50.78 12.76
C PHE F 424 -18.84 49.38 13.22
N VAL F 425 -19.71 49.33 14.21
CA VAL F 425 -20.26 48.09 14.66
C VAL F 425 -21.68 47.89 14.13
N MET F 426 -22.50 48.94 14.13
CA MET F 426 -23.88 48.85 13.68
C MET F 426 -23.94 48.64 12.18
N GLU F 427 -22.99 49.22 11.44
CA GLU F 427 -22.92 49.07 9.97
C GLU F 427 -21.68 48.27 9.57
N ALA F 428 -21.41 47.18 10.30
CA ALA F 428 -20.20 46.37 10.10
C ALA F 428 -19.99 45.90 8.66
N ASP F 429 -21.07 45.54 7.97
CA ASP F 429 -21.00 45.11 6.58
C ASP F 429 -20.46 46.18 5.68
N LYS F 430 -20.86 47.43 5.90
CA LYS F 430 -20.38 48.54 5.08
C LYS F 430 -18.94 48.83 5.32
N VAL F 431 -18.52 48.68 6.56
CA VAL F 431 -17.13 48.81 6.91
C VAL F 431 -16.31 47.68 6.26
N ASN F 432 -16.86 46.47 6.33
CA ASN F 432 -16.23 45.34 5.74
C ASN F 432 -15.95 45.55 4.29
N ASP F 433 -16.95 46.03 3.56
CA ASP F 433 -16.80 46.21 2.14
C ASP F 433 -15.75 47.26 1.86
N ALA F 434 -15.77 48.34 2.63
CA ALA F 434 -14.78 49.39 2.40
C ALA F 434 -13.35 48.88 2.70
N VAL F 435 -13.20 48.12 3.78
CA VAL F 435 -11.88 47.62 4.13
C VAL F 435 -11.41 46.60 3.06
N ARG F 436 -12.24 45.62 2.76
CA ARG F 436 -11.90 44.64 1.75
C ARG F 436 -11.53 45.28 0.43
N GLY F 437 -12.32 46.24 -0.04
CA GLY F 437 -12.01 46.95 -1.29
C GLY F 437 -10.60 47.57 -1.29
N PHE F 438 -10.28 48.20 -0.17
CA PHE F 438 -9.01 48.89 -0.02
C PHE F 438 -7.83 47.89 -0.01
N LEU F 439 -8.00 46.80 0.73
CA LEU F 439 -6.96 45.79 0.84
C LEU F 439 -6.74 45.02 -0.47
N ASP F 440 -7.76 45.02 -1.34
CA ASP F 440 -7.68 44.35 -2.65
C ASP F 440 -6.99 45.19 -3.73
N GLN F 441 -7.09 46.54 -3.61
CA GLN F 441 -6.44 47.51 -4.53
C GLN F 441 -4.96 47.26 -4.89
N SER F 442 -4.66 46.69 -5.94
N ASN G 66 -42.57 -35.51 -59.94
CA ASN G 66 -42.52 -35.91 -58.48
C ASN G 66 -43.43 -37.11 -58.21
N ARG G 67 -42.81 -38.30 -58.12
CA ARG G 67 -43.55 -39.57 -57.98
C ARG G 67 -44.24 -39.73 -56.63
N PHE G 68 -43.72 -39.03 -55.61
CA PHE G 68 -44.28 -39.09 -54.26
C PHE G 68 -45.62 -38.37 -54.21
N GLU G 69 -45.62 -37.14 -54.75
CA GLU G 69 -46.84 -36.37 -54.93
C GLU G 69 -47.85 -37.04 -55.91
N ALA G 70 -47.32 -37.60 -57.00
CA ALA G 70 -48.11 -38.39 -57.95
C ALA G 70 -48.92 -39.55 -57.34
N SER G 71 -48.43 -40.18 -56.26
CA SER G 71 -49.09 -41.34 -55.65
C SER G 71 -50.31 -41.00 -54.77
N LEU G 72 -50.58 -39.70 -54.62
CA LEU G 72 -51.60 -39.21 -53.68
C LEU G 72 -52.97 -39.12 -54.36
N ASP G 73 -54.05 -39.10 -53.59
CA ASP G 73 -55.32 -38.66 -54.13
C ASP G 73 -55.25 -37.18 -54.56
N ALA G 74 -56.36 -36.70 -55.12
CA ALA G 74 -56.47 -35.35 -55.64
C ALA G 74 -56.37 -34.35 -54.47
N GLN G 75 -55.71 -33.23 -54.74
CA GLN G 75 -55.51 -32.18 -53.76
C GLN G 75 -55.26 -30.89 -54.51
N ASP G 76 -55.41 -29.79 -53.80
CA ASP G 76 -55.22 -28.49 -54.42
C ASP G 76 -53.79 -28.02 -54.19
N ILE G 77 -53.35 -27.10 -55.05
CA ILE G 77 -52.06 -26.44 -54.94
C ILE G 77 -52.32 -24.93 -55.05
N ALA G 78 -51.93 -24.16 -54.04
CA ALA G 78 -51.88 -22.72 -54.17
C ALA G 78 -50.46 -22.34 -54.55
N ARG G 79 -50.27 -21.31 -55.36
CA ARG G 79 -48.89 -20.91 -55.68
C ARG G 79 -48.66 -19.49 -55.21
N ILE G 80 -47.57 -19.27 -54.47
CA ILE G 80 -47.22 -17.99 -53.93
C ILE G 80 -46.06 -17.52 -54.77
N SER G 81 -46.18 -16.38 -55.44
CA SER G 81 -45.14 -16.05 -56.38
C SER G 81 -43.84 -15.67 -55.71
N LEU G 82 -43.91 -15.05 -54.54
CA LEU G 82 -42.72 -14.70 -53.76
C LEU G 82 -42.94 -14.91 -52.30
N PHE G 83 -42.03 -15.64 -51.63
CA PHE G 83 -42.14 -15.87 -50.18
C PHE G 83 -40.78 -15.78 -49.51
N THR G 84 -40.69 -14.95 -48.49
CA THR G 84 -39.41 -14.67 -47.84
C THR G 84 -39.32 -15.54 -46.58
N LEU G 85 -38.44 -16.53 -46.63
CA LEU G 85 -38.19 -17.36 -45.47
C LEU G 85 -37.60 -16.50 -44.35
N GLU G 86 -37.68 -16.94 -43.12
CA GLU G 86 -37.14 -16.10 -42.07
C GLU G 86 -35.60 -16.05 -42.04
N SER G 87 -34.94 -16.95 -42.77
CA SER G 87 -33.53 -16.81 -43.03
C SER G 87 -33.25 -15.57 -43.90
N GLY G 88 -34.26 -15.09 -44.65
CA GLY G 88 -34.09 -14.02 -45.65
C GLY G 88 -33.98 -14.57 -47.05
N VAL G 89 -33.97 -15.90 -47.22
CA VAL G 89 -33.93 -16.50 -48.54
C VAL G 89 -35.33 -16.32 -49.13
N ILE G 90 -35.37 -16.02 -50.43
CA ILE G 90 -36.62 -15.81 -51.11
C ILE G 90 -36.91 -17.01 -52.00
N LEU G 91 -38.08 -17.61 -51.78
CA LEU G 91 -38.56 -18.66 -52.64
C LEU G 91 -39.49 -18.03 -53.68
N ARG G 92 -39.43 -18.54 -54.91
CA ARG G 92 -40.29 -18.06 -56.02
C ARG G 92 -41.29 -19.11 -56.42
N ASP G 93 -42.52 -18.70 -56.72
CA ASP G 93 -43.45 -19.55 -57.43
C ASP G 93 -43.63 -20.82 -56.66
N VAL G 94 -44.01 -20.62 -55.41
CA VAL G 94 -43.96 -21.63 -54.37
C VAL G 94 -45.26 -22.42 -54.27
N PRO G 95 -45.19 -23.73 -54.58
CA PRO G 95 -46.43 -24.50 -54.43
C PRO G 95 -46.67 -24.78 -52.96
N VAL G 96 -47.93 -24.69 -52.53
CA VAL G 96 -48.34 -25.17 -51.22
C VAL G 96 -49.50 -26.16 -51.48
N ALA G 97 -49.29 -27.43 -51.17
CA ALA G 97 -50.34 -28.44 -51.37
C ALA G 97 -51.22 -28.47 -50.16
N TYR G 98 -52.50 -28.76 -50.38
CA TYR G 98 -53.38 -28.93 -49.26
C TYR G 98 -54.58 -29.77 -49.59
N LYS G 99 -55.32 -30.16 -48.57
CA LYS G 99 -56.42 -31.03 -48.74
C LYS G 99 -57.44 -30.57 -47.70
N SER G 100 -58.70 -30.45 -48.12
CA SER G 100 -59.78 -30.07 -47.21
C SER G 100 -60.95 -30.98 -47.35
N TRP G 101 -61.79 -30.91 -46.35
CA TRP G 101 -62.98 -31.69 -46.23
C TRP G 101 -64.02 -30.76 -45.63
N GLY G 102 -65.24 -30.84 -46.15
CA GLY G 102 -66.36 -30.10 -45.60
C GLY G 102 -66.39 -28.75 -46.26
N ARG G 103 -67.23 -27.88 -45.75
CA ARG G 103 -67.48 -26.62 -46.42
C ARG G 103 -67.46 -25.46 -45.44
N MET G 104 -66.93 -24.34 -45.89
CA MET G 104 -66.93 -23.13 -45.08
C MET G 104 -68.33 -22.60 -44.92
N ASN G 105 -68.68 -22.17 -43.71
CA ASN G 105 -69.94 -21.49 -43.50
C ASN G 105 -69.88 -20.06 -44.08
N VAL G 106 -70.99 -19.35 -44.02
CA VAL G 106 -71.14 -18.05 -44.70
C VAL G 106 -70.19 -17.08 -44.02
N SER G 107 -70.10 -17.29 -42.73
CA SER G 107 -69.30 -16.48 -41.89
C SER G 107 -67.80 -16.75 -42.06
N ARG G 108 -67.45 -17.88 -42.67
CA ARG G 108 -66.05 -18.22 -42.94
C ARG G 108 -65.23 -18.37 -41.69
N ASP G 109 -65.82 -18.95 -40.65
CA ASP G 109 -65.23 -18.99 -39.35
C ASP G 109 -65.33 -20.34 -38.67
N ASN G 110 -65.65 -21.36 -39.49
CA ASN G 110 -65.75 -22.74 -39.02
C ASN G 110 -64.57 -23.59 -39.53
N CYS G 111 -63.42 -22.92 -39.78
CA CYS G 111 -62.23 -23.60 -40.28
C CYS G 111 -61.44 -24.27 -39.19
N VAL G 112 -61.17 -25.57 -39.37
CA VAL G 112 -60.33 -26.36 -38.42
C VAL G 112 -59.08 -26.72 -39.15
N ILE G 113 -57.93 -26.34 -38.60
CA ILE G 113 -56.67 -26.68 -39.25
C ILE G 113 -56.06 -27.91 -38.56
N VAL G 114 -55.77 -28.93 -39.35
CA VAL G 114 -55.03 -30.09 -38.87
C VAL G 114 -53.61 -30.02 -39.34
N CYS G 115 -52.68 -30.05 -38.40
CA CYS G 115 -51.26 -30.02 -38.74
C CYS G 115 -50.67 -31.44 -38.79
N HIS G 116 -50.13 -31.85 -39.94
CA HIS G 116 -49.72 -33.25 -40.08
C HIS G 116 -48.39 -33.58 -39.38
N THR G 117 -48.06 -34.89 -39.33
CA THR G 117 -46.82 -35.35 -38.68
C THR G 117 -45.66 -35.24 -39.67
N LEU G 118 -44.46 -35.44 -39.14
CA LEU G 118 -43.21 -35.33 -39.88
C LEU G 118 -43.24 -35.95 -41.27
N THR G 119 -43.79 -37.15 -41.42
CA THR G 119 -43.60 -37.85 -42.71
C THR G 119 -44.87 -38.10 -43.48
N SER G 120 -46.00 -37.54 -43.05
CA SER G 120 -47.21 -37.74 -43.79
C SER G 120 -47.40 -36.68 -44.83
N SER G 121 -48.41 -36.88 -45.67
CA SER G 121 -48.88 -35.86 -46.58
C SER G 121 -50.00 -35.10 -45.88
N ALA G 122 -50.60 -34.17 -46.60
CA ALA G 122 -51.80 -33.49 -46.10
C ALA G 122 -53.03 -34.44 -45.94
N HIS G 123 -52.95 -35.69 -46.43
CA HIS G 123 -54.10 -36.58 -46.41
C HIS G 123 -54.25 -37.25 -45.07
N VAL G 124 -54.79 -36.50 -44.14
CA VAL G 124 -54.85 -36.90 -42.76
C VAL G 124 -55.78 -38.11 -42.58
N THR G 125 -56.75 -38.21 -43.49
CA THR G 125 -57.67 -39.34 -43.51
C THR G 125 -56.93 -40.67 -43.60
N SER G 126 -55.71 -40.68 -44.13
CA SER G 126 -55.00 -41.93 -44.30
C SER G 126 -54.35 -42.47 -43.02
N TRP G 127 -54.10 -41.61 -42.02
CA TRP G 127 -53.55 -42.09 -40.71
C TRP G 127 -54.46 -41.79 -39.52
N TRP G 128 -55.37 -40.85 -39.73
CA TRP G 128 -56.40 -40.54 -38.75
C TRP G 128 -57.84 -40.77 -39.26
N PRO G 129 -58.11 -41.89 -39.95
CA PRO G 129 -59.42 -41.99 -40.63
C PRO G 129 -60.60 -41.89 -39.69
N THR G 130 -60.49 -42.42 -38.48
CA THR G 130 -61.63 -42.42 -37.57
C THR G 130 -61.90 -41.09 -36.86
N LEU G 131 -61.09 -40.06 -37.12
CA LEU G 131 -61.36 -38.76 -36.55
C LEU G 131 -62.32 -37.98 -37.44
N PHE G 132 -62.55 -38.47 -38.66
CA PHE G 132 -63.46 -37.83 -39.63
C PHE G 132 -64.88 -38.39 -39.69
N GLY G 133 -65.84 -37.49 -39.90
CA GLY G 133 -67.22 -37.92 -40.08
C GLY G 133 -68.12 -37.25 -39.12
N GLN G 134 -69.41 -37.48 -39.29
CA GLN G 134 -70.37 -36.77 -38.49
C GLN G 134 -70.33 -37.30 -37.05
N GLY G 135 -70.42 -36.39 -36.09
CA GLY G 135 -70.26 -36.71 -34.67
C GLY G 135 -68.83 -37.05 -34.27
N ARG G 136 -67.91 -37.10 -35.24
CA ARG G 136 -66.50 -37.31 -34.95
C ARG G 136 -65.82 -35.95 -34.69
N ALA G 137 -64.55 -35.96 -34.35
CA ALA G 137 -63.84 -34.73 -34.01
C ALA G 137 -63.73 -33.81 -35.21
N PHE G 138 -63.40 -34.36 -36.37
CA PHE G 138 -63.33 -33.58 -37.57
C PHE G 138 -64.62 -33.80 -38.32
N ASP G 139 -65.66 -33.15 -37.80
CA ASP G 139 -67.04 -33.26 -38.29
C ASP G 139 -67.21 -32.43 -39.54
N THR G 140 -67.23 -33.11 -40.67
CA THR G 140 -67.37 -32.46 -41.98
C THR G 140 -68.75 -31.83 -42.23
N SER G 141 -69.68 -32.04 -41.30
CA SER G 141 -70.97 -31.36 -41.33
C SER G 141 -70.91 -29.99 -40.66
N ARG G 142 -69.99 -29.81 -39.72
CA ARG G 142 -69.94 -28.58 -38.95
C ARG G 142 -68.78 -27.70 -39.39
N TYR G 143 -67.75 -28.29 -39.97
CA TYR G 143 -66.46 -27.59 -40.12
C TYR G 143 -65.91 -27.75 -41.45
N PHE G 144 -65.07 -26.82 -41.84
CA PHE G 144 -64.23 -26.89 -43.01
C PHE G 144 -62.85 -27.26 -42.45
N ILE G 145 -62.45 -28.51 -42.70
CA ILE G 145 -61.21 -29.07 -42.19
C ILE G 145 -60.11 -28.96 -43.24
N ILE G 146 -58.99 -28.37 -42.91
CA ILE G 146 -57.95 -28.26 -43.89
C ILE G 146 -56.59 -28.64 -43.30
N CYS G 147 -55.81 -29.36 -44.09
CA CYS G 147 -54.43 -29.68 -43.78
C CYS G 147 -53.58 -29.24 -44.96
N LEU G 148 -52.58 -28.42 -44.66
CA LEU G 148 -51.62 -27.95 -45.66
C LEU G 148 -50.25 -28.64 -45.46
N ASN G 149 -49.65 -29.05 -46.57
CA ASN G 149 -48.39 -29.77 -46.56
C ASN G 149 -47.21 -28.82 -46.23
N TYR G 150 -46.33 -29.24 -45.32
CA TYR G 150 -45.19 -28.43 -44.92
C TYR G 150 -44.19 -28.21 -46.05
N LEU G 151 -43.47 -27.09 -45.99
CA LEU G 151 -42.38 -26.86 -46.91
C LEU G 151 -41.29 -27.89 -46.55
N GLY G 152 -40.58 -28.41 -47.57
CA GLY G 152 -39.57 -29.43 -47.38
C GLY G 152 -40.11 -30.84 -47.52
N SER G 153 -41.43 -31.01 -47.62
CA SER G 153 -42.03 -32.32 -47.70
C SER G 153 -42.00 -32.82 -49.15
N PRO G 154 -42.05 -34.16 -49.36
CA PRO G 154 -42.12 -34.59 -50.77
C PRO G 154 -43.54 -34.60 -51.40
N PHE G 155 -44.55 -34.21 -50.62
CA PHE G 155 -45.94 -34.44 -51.01
C PHE G 155 -46.71 -33.22 -51.58
N GLY G 156 -46.03 -32.31 -52.28
CA GLY G 156 -46.76 -31.21 -52.92
C GLY G 156 -46.30 -29.78 -52.66
N SER G 157 -46.07 -29.42 -51.39
CA SER G 157 -45.48 -28.10 -51.10
C SER G 157 -44.03 -28.02 -51.54
N ALA G 158 -43.47 -26.82 -51.62
CA ALA G 158 -42.12 -26.68 -52.06
C ALA G 158 -41.17 -27.51 -51.16
N GLY G 159 -40.29 -28.25 -51.82
CA GLY G 159 -39.22 -28.93 -51.12
C GLY G 159 -38.21 -29.47 -52.11
N PRO G 160 -37.27 -30.30 -51.61
CA PRO G 160 -36.23 -30.86 -52.45
C PRO G 160 -36.80 -31.53 -53.71
N CYS G 161 -38.02 -32.03 -53.66
CA CYS G 161 -38.59 -32.70 -54.83
C CYS G 161 -39.27 -31.80 -55.84
N SER G 162 -39.52 -30.54 -55.51
CA SER G 162 -40.28 -29.71 -56.43
C SER G 162 -39.33 -28.90 -57.35
N PRO G 163 -39.81 -28.49 -58.52
CA PRO G 163 -39.00 -27.79 -59.50
C PRO G 163 -38.35 -26.52 -58.97
N ASP G 164 -37.07 -26.34 -59.25
CA ASP G 164 -36.38 -25.10 -58.89
C ASP G 164 -36.64 -24.07 -59.97
N PRO G 165 -37.38 -22.99 -59.65
CA PRO G 165 -37.68 -21.99 -60.70
C PRO G 165 -36.46 -21.39 -61.45
N ASP G 166 -35.23 -21.68 -60.99
CA ASP G 166 -33.99 -21.40 -61.75
C ASP G 166 -33.35 -22.62 -62.51
N ALA G 167 -33.94 -23.04 -63.65
CA ALA G 167 -33.45 -24.14 -64.60
C ALA G 167 -34.33 -25.43 -64.68
N ARG G 171 -35.86 -27.68 -62.85
CA ARG G 171 -35.34 -28.97 -62.36
C ARG G 171 -35.17 -28.94 -60.84
N PRO G 172 -35.38 -30.10 -60.15
CA PRO G 172 -35.78 -29.98 -58.75
C PRO G 172 -34.73 -29.31 -57.85
N TYR G 173 -35.19 -28.69 -56.76
CA TYR G 173 -34.30 -28.08 -55.79
C TYR G 173 -33.24 -29.05 -55.28
N GLY G 174 -33.66 -30.29 -55.07
CA GLY G 174 -32.76 -31.35 -54.58
C GLY G 174 -32.11 -30.93 -53.29
N ALA G 175 -30.80 -31.11 -53.20
CA ALA G 175 -30.09 -30.83 -51.94
C ALA G 175 -30.04 -29.33 -51.64
N LYS G 176 -30.39 -28.48 -52.59
CA LYS G 176 -30.20 -27.04 -52.41
C LYS G 176 -31.43 -26.33 -51.87
N PHE G 177 -32.43 -27.09 -51.41
CA PHE G 177 -33.65 -26.50 -50.85
C PHE G 177 -33.34 -25.80 -49.56
N PRO G 178 -33.67 -24.51 -49.43
CA PRO G 178 -33.28 -23.72 -48.26
C PRO G 178 -33.82 -24.31 -46.96
N ARG G 179 -33.13 -24.02 -45.88
CA ARG G 179 -33.63 -24.35 -44.58
C ARG G 179 -34.89 -23.53 -44.27
N THR G 180 -35.93 -24.19 -43.75
CA THR G 180 -37.21 -23.55 -43.42
C THR G 180 -37.52 -23.82 -41.97
N THR G 181 -38.33 -22.95 -41.37
CA THR G 181 -38.76 -23.09 -39.98
C THR G 181 -40.24 -23.44 -39.80
N ILE G 182 -40.62 -23.82 -38.59
CA ILE G 182 -42.00 -24.04 -38.25
C ILE G 182 -42.77 -22.73 -38.54
N ARG G 183 -42.21 -21.59 -38.11
CA ARG G 183 -42.80 -20.29 -38.37
C ARG G 183 -42.94 -19.97 -39.86
N ASP G 184 -42.02 -20.42 -40.69
CA ASP G 184 -42.18 -20.27 -42.16
C ASP G 184 -43.42 -21.00 -42.66
N ASP G 185 -43.62 -22.23 -42.21
CA ASP G 185 -44.77 -23.02 -42.61
C ASP G 185 -46.07 -22.35 -42.18
N VAL G 186 -46.12 -21.89 -40.93
CA VAL G 186 -47.31 -21.23 -40.43
C VAL G 186 -47.60 -19.97 -41.24
N ARG G 187 -46.55 -19.19 -41.59
CA ARG G 187 -46.83 -17.99 -42.35
C ARG G 187 -47.25 -18.18 -43.79
N ILE G 188 -46.62 -19.08 -44.54
CA ILE G 188 -47.08 -19.32 -45.94
C ILE G 188 -48.44 -20.00 -45.92
N HIS G 189 -48.69 -20.86 -44.93
CA HIS G 189 -49.99 -21.46 -44.79
C HIS G 189 -51.08 -20.40 -44.58
N ARG G 190 -50.82 -19.43 -43.71
CA ARG G 190 -51.76 -18.35 -43.48
CA ARG G 190 -51.74 -18.32 -43.47
C ARG G 190 -52.07 -17.62 -44.78
N GLN G 191 -51.07 -17.39 -45.61
CA GLN G 191 -51.33 -16.73 -46.87
C GLN G 191 -52.36 -17.49 -47.70
N VAL G 192 -52.23 -18.82 -47.74
CA VAL G 192 -53.14 -19.63 -48.50
C VAL G 192 -54.51 -19.49 -47.87
N LEU G 193 -54.62 -19.64 -46.57
CA LEU G 193 -55.88 -19.43 -45.91
C LEU G 193 -56.54 -18.08 -46.22
N ASP G 194 -55.73 -17.04 -46.31
CA ASP G 194 -56.24 -15.72 -46.68
C ASP G 194 -56.83 -15.73 -48.09
N ARG G 195 -56.14 -16.36 -49.04
CA ARG G 195 -56.70 -16.52 -50.37
C ARG G 195 -57.97 -17.32 -50.42
N LEU G 196 -58.12 -18.29 -49.53
CA LEU G 196 -59.35 -19.06 -49.50
C LEU G 196 -60.49 -18.25 -48.86
N GLY G 197 -60.19 -17.10 -48.25
CA GLY G 197 -61.20 -16.28 -47.60
C GLY G 197 -61.52 -16.65 -46.17
N VAL G 198 -60.67 -17.46 -45.53
CA VAL G 198 -60.94 -17.86 -44.16
C VAL G 198 -60.80 -16.64 -43.29
N ARG G 199 -61.74 -16.44 -42.37
CA ARG G 199 -61.73 -15.25 -41.54
CA ARG G 199 -61.66 -15.26 -41.56
C ARG G 199 -61.32 -15.62 -40.14
N GLN G 200 -61.67 -16.82 -39.72
CA GLN G 200 -61.37 -17.22 -38.37
C GLN G 200 -61.23 -18.74 -38.31
N ILE G 201 -60.35 -19.19 -37.42
CA ILE G 201 -60.11 -20.58 -37.20
C ILE G 201 -60.70 -21.10 -35.91
N ALA G 202 -61.63 -22.04 -36.01
CA ALA G 202 -62.29 -22.58 -34.84
C ALA G 202 -61.30 -23.36 -33.94
N ALA G 203 -60.41 -24.13 -34.57
CA ALA G 203 -59.39 -24.88 -33.84
C ALA G 203 -58.22 -25.28 -34.72
N VAL G 204 -57.04 -25.34 -34.11
CA VAL G 204 -55.87 -25.92 -34.72
C VAL G 204 -55.53 -27.13 -33.89
N VAL G 205 -55.37 -28.27 -34.58
CA VAL G 205 -55.14 -29.58 -33.94
C VAL G 205 -53.92 -30.19 -34.59
N GLY G 206 -52.94 -30.66 -33.81
CA GLY G 206 -51.72 -31.23 -34.37
C GLY G 206 -50.90 -32.09 -33.41
N ALA G 207 -50.24 -33.12 -33.96
CA ALA G 207 -49.47 -34.10 -33.13
C ALA G 207 -48.04 -34.16 -33.61
N MET G 209 -44.73 -33.18 -34.81
CA MET G 209 -44.38 -31.97 -35.53
C MET G 209 -45.59 -31.06 -35.62
N GLY G 210 -46.76 -31.63 -35.88
CA GLY G 210 -47.95 -30.85 -35.99
C GLY G 210 -48.26 -30.05 -34.76
N GLY G 211 -47.90 -30.56 -33.58
CA GLY G 211 -48.14 -29.83 -32.32
C GLY G 211 -47.26 -28.60 -32.23
N MET G 212 -46.16 -28.59 -32.97
CA MET G 212 -45.24 -27.48 -32.94
C MET G 212 -45.82 -26.33 -33.81
N HIS G 213 -46.35 -26.68 -35.00
CA HIS G 213 -47.11 -25.74 -35.78
C HIS G 213 -48.34 -25.26 -35.03
N THR G 214 -49.09 -26.19 -34.43
CA THR G 214 -50.22 -25.81 -33.62
C THR G 214 -49.85 -24.71 -32.63
N LEU G 215 -48.82 -24.94 -31.82
CA LEU G 215 -48.39 -23.93 -30.84
C LEU G 215 -48.08 -22.61 -31.52
N GLU G 216 -47.46 -22.67 -32.70
CA GLU G 216 -47.10 -21.45 -33.42
C GLU G 216 -48.33 -20.72 -34.00
N TRP G 217 -49.33 -21.47 -34.46
CA TRP G 217 -50.57 -20.90 -34.94
C TRP G 217 -51.23 -20.03 -33.89
N ALA G 218 -51.16 -20.49 -32.63
CA ALA G 218 -51.77 -19.80 -31.50
C ALA G 218 -51.35 -18.32 -31.41
N PHE G 219 -50.14 -18.00 -31.88
CA PHE G 219 -49.61 -16.66 -31.74
C PHE G 219 -50.20 -15.63 -32.65
N PHE G 220 -51.10 -16.05 -33.55
CA PHE G 220 -51.93 -15.10 -34.27
C PHE G 220 -52.96 -14.45 -33.33
N GLY G 221 -53.17 -15.06 -32.17
CA GLY G 221 -54.00 -14.48 -31.14
C GLY G 221 -55.39 -15.05 -31.26
N PRO G 222 -56.21 -14.84 -30.21
CA PRO G 222 -57.55 -15.41 -30.07
C PRO G 222 -58.58 -14.81 -31.08
N GLU G 223 -58.20 -13.69 -31.70
CA GLU G 223 -58.99 -13.02 -32.75
CA GLU G 223 -59.00 -13.03 -32.73
C GLU G 223 -59.13 -13.92 -33.95
N TYR G 224 -58.01 -14.52 -34.32
CA TYR G 224 -57.92 -15.34 -35.49
C TYR G 224 -58.02 -16.85 -35.24
N VAL G 225 -57.38 -17.33 -34.18
CA VAL G 225 -57.37 -18.73 -33.81
C VAL G 225 -58.08 -18.88 -32.47
N ARG G 226 -59.21 -19.57 -32.46
CA ARG G 226 -60.04 -19.61 -31.24
C ARG G 226 -59.58 -20.60 -30.19
N LYS G 227 -59.10 -21.75 -30.64
CA LYS G 227 -58.69 -22.84 -29.76
C LYS G 227 -57.54 -23.61 -30.39
N ILE G 228 -56.72 -24.21 -29.52
CA ILE G 228 -55.65 -25.08 -29.96
C ILE G 228 -55.66 -26.44 -29.27
N VAL G 229 -55.21 -27.47 -30.00
CA VAL G 229 -55.09 -28.80 -29.44
C VAL G 229 -53.71 -29.34 -29.83
N PRO G 230 -52.67 -28.96 -29.07
CA PRO G 230 -51.34 -29.50 -29.30
C PRO G 230 -51.26 -30.91 -28.68
N ILE G 231 -50.76 -31.86 -29.46
CA ILE G 231 -50.73 -33.25 -29.06
C ILE G 231 -49.31 -33.79 -29.18
N ALA G 232 -48.81 -34.40 -28.10
CA ALA G 232 -47.58 -35.19 -28.17
C ALA G 232 -46.45 -34.43 -28.86
N THR G 233 -46.03 -33.33 -28.22
CA THR G 233 -45.19 -32.35 -28.90
C THR G 233 -44.28 -31.56 -27.92
N SER G 234 -43.52 -30.59 -28.42
CA SER G 234 -42.87 -29.65 -27.53
C SER G 234 -42.85 -28.18 -27.97
N CYS G 235 -42.50 -27.32 -27.01
CA CYS G 235 -42.35 -25.89 -27.22
C CYS G 235 -41.06 -25.45 -27.89
N ARG G 236 -40.07 -26.33 -27.91
CA ARG G 236 -38.73 -26.02 -28.39
C ARG G 236 -37.93 -27.31 -28.66
N GLN G 237 -36.99 -27.25 -29.59
CA GLN G 237 -36.07 -28.37 -29.77
C GLN G 237 -35.30 -28.71 -28.47
N SER G 238 -35.29 -30.00 -28.12
CA SER G 238 -34.50 -30.47 -26.99
C SER G 238 -33.24 -31.18 -27.47
N GLY G 239 -32.23 -31.31 -26.61
CA GLY G 239 -31.00 -32.05 -26.92
C GLY G 239 -31.33 -33.48 -27.30
N TRP G 240 -32.27 -34.08 -26.58
CA TRP G 240 -32.70 -35.45 -26.79
C TRP G 240 -33.17 -35.66 -28.21
N CYS G 241 -34.19 -34.91 -28.61
CA CYS G 241 -34.75 -35.06 -29.97
C CYS G 241 -33.76 -34.68 -31.04
N ALA G 242 -33.00 -33.60 -30.83
CA ALA G 242 -31.95 -33.25 -31.79
C ALA G 242 -31.01 -34.44 -32.04
N ALA G 243 -30.61 -35.14 -30.97
CA ALA G 243 -29.67 -36.29 -31.08
C ALA G 243 -30.31 -37.43 -31.84
N TRP G 244 -31.57 -37.74 -31.55
CA TRP G 244 -32.24 -38.82 -32.27
C TRP G 244 -32.43 -38.58 -33.74
N PHE G 245 -32.82 -37.36 -34.11
CA PHE G 245 -32.97 -37.04 -35.52
C PHE G 245 -31.67 -36.81 -36.26
N GLU G 246 -30.67 -36.23 -35.59
CA GLU G 246 -29.33 -36.14 -36.20
C GLU G 246 -28.73 -37.54 -36.46
N THR G 247 -28.77 -38.41 -35.44
CA THR G 247 -28.45 -39.82 -35.66
C THR G 247 -29.12 -40.35 -36.95
N GLN G 248 -30.43 -40.05 -37.12
CA GLN G 248 -31.19 -40.56 -38.25
C GLN G 248 -30.64 -40.02 -39.55
N ARG G 249 -30.41 -38.72 -39.60
CA ARG G 249 -29.80 -38.10 -40.77
C ARG G 249 -28.43 -38.68 -41.06
N GLN G 250 -27.66 -38.92 -40.02
CA GLN G 250 -26.34 -39.47 -40.26
C GLN G 250 -26.41 -40.81 -40.99
N CYS G 251 -27.40 -41.64 -40.66
CA CYS G 251 -27.61 -42.88 -41.41
C CYS G 251 -27.74 -42.61 -42.90
N ILE G 252 -28.41 -41.53 -43.26
CA ILE G 252 -28.52 -41.18 -44.66
C ILE G 252 -27.20 -40.57 -45.20
N TYR G 253 -26.61 -39.63 -44.47
CA TYR G 253 -25.37 -39.06 -44.92
C TYR G 253 -24.33 -40.15 -45.19
N ASP G 254 -24.30 -41.20 -44.37
CA ASP G 254 -23.27 -42.21 -44.47
C ASP G 254 -23.56 -43.29 -45.52
N ASP G 255 -24.74 -43.24 -46.12
CA ASP G 255 -25.08 -44.18 -47.20
C ASP G 255 -24.39 -43.69 -48.47
N PRO G 256 -23.52 -44.52 -49.07
CA PRO G 256 -22.70 -44.08 -50.22
C PRO G 256 -23.54 -43.73 -51.44
N LYS G 257 -24.81 -44.13 -51.45
CA LYS G 257 -25.69 -43.79 -52.57
C LYS G 257 -26.29 -42.37 -52.46
N TYR G 258 -26.09 -41.77 -51.29
CA TYR G 258 -26.55 -40.43 -51.02
C TYR G 258 -25.86 -39.39 -51.88
N LEU G 259 -24.55 -39.56 -52.10
CA LEU G 259 -23.78 -38.70 -53.00
C LEU G 259 -24.03 -37.24 -52.67
N ASP G 260 -24.07 -36.92 -51.38
CA ASP G 260 -24.19 -35.52 -50.98
C ASP G 260 -25.54 -34.85 -51.32
N GLY G 261 -26.55 -35.68 -51.55
CA GLY G 261 -27.87 -35.19 -51.88
C GLY G 261 -28.12 -35.11 -53.36
N GLU G 262 -27.12 -35.53 -54.16
CA GLU G 262 -27.18 -35.46 -55.63
C GLU G 262 -27.62 -36.79 -56.22
N TYR G 263 -27.99 -37.76 -55.38
CA TYR G 263 -28.47 -39.06 -55.88
C TYR G 263 -29.53 -38.92 -56.94
N ASP G 264 -29.53 -39.82 -57.92
CA ASP G 264 -30.60 -39.82 -58.90
C ASP G 264 -31.87 -40.32 -58.22
N VAL G 265 -32.99 -39.67 -58.49
CA VAL G 265 -34.26 -39.92 -57.79
C VAL G 265 -34.75 -41.39 -57.75
N ASP G 266 -34.28 -42.21 -58.70
CA ASP G 266 -34.67 -43.63 -58.75
C ASP G 266 -33.51 -44.53 -58.33
N ASP G 267 -32.58 -43.90 -57.62
CA ASP G 267 -31.49 -44.62 -56.97
C ASP G 267 -31.22 -43.97 -55.58
N GLN G 268 -32.25 -43.99 -54.74
CA GLN G 268 -32.21 -43.38 -53.40
C GLN G 268 -31.19 -44.08 -52.47
N PRO G 269 -30.66 -43.34 -51.46
CA PRO G 269 -29.95 -44.01 -50.40
C PRO G 269 -30.94 -44.77 -49.53
N VAL G 270 -31.41 -45.88 -50.05
CA VAL G 270 -32.46 -46.66 -49.43
C VAL G 270 -32.10 -47.32 -48.10
N ARG G 271 -30.87 -47.82 -47.95
CA ARG G 271 -30.42 -48.41 -46.65
C ARG G 271 -30.41 -47.34 -45.59
N GLY G 272 -29.80 -46.20 -45.92
CA GLY G 272 -29.79 -45.05 -45.02
C GLY G 272 -31.19 -44.70 -44.52
N LEU G 273 -32.11 -44.53 -45.48
CA LEU G 273 -33.50 -44.19 -45.16
C LEU G 273 -34.18 -45.21 -44.30
N GLU G 274 -34.09 -46.47 -44.70
CA GLU G 274 -34.58 -47.58 -43.89
C GLU G 274 -34.09 -47.51 -42.45
N THR G 275 -32.80 -47.31 -42.29
CA THR G 275 -32.20 -47.34 -40.96
C THR G 275 -32.72 -46.17 -40.13
N ALA G 276 -32.63 -44.99 -40.72
CA ALA G 276 -33.28 -43.81 -40.17
C ALA G 276 -34.68 -44.09 -39.66
N ARG G 277 -35.55 -44.72 -40.46
CA ARG G 277 -36.90 -45.00 -40.01
C ARG G 277 -37.05 -46.13 -38.99
N LYS G 278 -36.24 -47.17 -39.10
CA LYS G 278 -36.27 -48.20 -38.06
C LYS G 278 -36.03 -47.54 -36.72
N ILE G 279 -35.04 -46.66 -36.68
CA ILE G 279 -34.73 -45.92 -35.45
C ILE G 279 -35.95 -45.09 -35.02
N ALA G 280 -36.41 -44.24 -35.94
CA ALA G 280 -37.56 -43.38 -35.63
C ALA G 280 -38.72 -44.24 -35.19
N ASN G 281 -39.01 -45.32 -35.90
CA ASN G 281 -40.17 -46.12 -35.48
C ASN G 281 -40.07 -46.64 -34.05
N LEU G 282 -38.86 -46.96 -33.59
CA LEU G 282 -38.70 -47.49 -32.25
C LEU G 282 -38.75 -46.40 -31.22
N THR G 283 -38.21 -45.22 -31.54
CA THR G 283 -38.42 -44.08 -30.62
C THR G 283 -39.91 -43.73 -30.48
N TYR G 284 -40.73 -44.13 -31.45
CA TYR G 284 -42.19 -43.89 -31.31
C TYR G 284 -42.91 -44.85 -30.39
N LYS G 285 -42.22 -45.93 -30.00
CA LYS G 285 -42.85 -47.00 -29.23
C LYS G 285 -42.49 -46.88 -27.78
N SER G 286 -43.11 -47.67 -26.93
CA SER G 286 -42.72 -47.72 -25.56
C SER G 286 -42.22 -49.13 -25.30
N LYS G 287 -41.57 -49.34 -24.14
CA LYS G 287 -41.06 -50.62 -23.77
C LYS G 287 -42.25 -51.57 -23.60
N PRO G 288 -43.28 -51.18 -22.77
CA PRO G 288 -44.43 -52.09 -22.62
C PRO G 288 -45.09 -52.46 -23.93
N ALA G 289 -45.20 -51.53 -24.87
CA ALA G 289 -45.84 -51.86 -26.14
C ALA G 289 -45.05 -52.92 -26.93
N MET G 290 -43.73 -52.76 -27.03
CA MET G 290 -42.92 -53.75 -27.76
C MET G 290 -42.86 -55.09 -27.01
N ASP G 291 -42.80 -55.03 -25.69
CA ASP G 291 -42.86 -56.22 -24.86
C ASP G 291 -44.16 -57.07 -25.03
N GLU G 292 -45.31 -56.42 -25.18
CA GLU G 292 -46.55 -57.15 -25.44
C GLU G 292 -46.52 -57.74 -26.81
N ARG G 293 -45.91 -57.04 -27.74
CA ARG G 293 -45.92 -57.48 -29.13
C ARG G 293 -44.97 -58.63 -29.42
N PHE G 294 -43.83 -58.70 -28.71
CA PHE G 294 -42.80 -59.71 -28.93
C PHE G 294 -42.30 -60.21 -27.59
N HIS G 295 -42.54 -61.49 -27.28
CA HIS G 295 -41.88 -62.11 -26.09
C HIS G 295 -41.23 -63.48 -26.34
N MET G 296 -40.88 -64.14 -25.22
CA MET G 296 -40.33 -65.52 -25.21
C MET G 296 -41.36 -66.54 -24.72
N GLN G 328 -45.13 -62.40 -32.97
CA GLN G 328 -45.19 -62.45 -31.49
C GLN G 328 -43.99 -63.11 -30.77
N PRO G 329 -43.36 -64.18 -31.35
CA PRO G 329 -42.05 -64.57 -30.74
C PRO G 329 -40.87 -63.59 -31.09
N ILE G 330 -39.83 -63.60 -30.25
CA ILE G 330 -38.66 -62.73 -30.46
C ILE G 330 -37.96 -62.92 -31.84
N GLU G 331 -38.10 -64.11 -32.44
CA GLU G 331 -37.63 -64.37 -33.83
C GLU G 331 -38.19 -63.36 -34.83
N ALA G 332 -39.45 -62.97 -34.60
CA ALA G 332 -40.25 -62.15 -35.51
C ALA G 332 -39.85 -60.68 -35.53
N VAL G 333 -39.12 -60.23 -34.50
CA VAL G 333 -38.68 -58.84 -34.39
C VAL G 333 -37.94 -58.39 -35.65
N SER G 334 -37.05 -59.24 -36.10
CA SER G 334 -36.21 -58.93 -37.21
C SER G 334 -37.04 -58.43 -38.41
N SER G 335 -38.00 -59.23 -38.83
CA SER G 335 -38.72 -58.89 -40.05
C SER G 335 -39.79 -57.81 -39.77
N TYR G 336 -40.32 -57.73 -38.53
CA TYR G 336 -41.15 -56.59 -38.14
C TYR G 336 -40.44 -55.25 -38.32
N LEU G 337 -39.15 -55.21 -38.00
CA LEU G 337 -38.36 -53.99 -38.18
C LEU G 337 -38.13 -53.67 -39.65
N ARG G 338 -37.83 -54.70 -40.45
CA ARG G 338 -37.51 -54.52 -41.87
C ARG G 338 -38.79 -54.06 -42.59
N TYR G 339 -39.93 -54.56 -42.13
CA TYR G 339 -41.20 -54.46 -42.81
C TYR G 339 -41.60 -53.02 -43.08
N GLN G 340 -42.16 -52.39 -42.06
CA GLN G 340 -42.45 -50.97 -41.99
C GLN G 340 -41.45 -50.11 -42.72
N ALA G 341 -40.19 -50.23 -42.28
CA ALA G 341 -39.15 -49.37 -42.75
C ALA G 341 -38.91 -49.44 -44.26
N GLN G 342 -38.94 -50.65 -44.81
CA GLN G 342 -38.78 -50.83 -46.25
C GLN G 342 -39.86 -50.11 -47.03
N LYS G 343 -41.11 -50.26 -46.63
CA LYS G 343 -42.21 -49.67 -47.41
C LYS G 343 -42.13 -48.14 -47.39
N PHE G 344 -41.79 -47.62 -46.23
CA PHE G 344 -41.47 -46.20 -46.11
C PHE G 344 -40.28 -45.69 -46.99
N ALA G 345 -39.14 -46.38 -46.97
CA ALA G 345 -37.99 -45.94 -47.74
C ALA G 345 -38.27 -46.05 -49.23
N ALA G 346 -39.25 -46.86 -49.60
CA ALA G 346 -39.65 -46.96 -51.00
C ALA G 346 -40.51 -45.77 -51.42
N SER G 347 -41.15 -45.13 -50.45
CA SER G 347 -42.11 -44.13 -50.78
C SER G 347 -41.91 -42.80 -50.05
N PHE G 348 -40.65 -42.45 -49.78
CA PHE G 348 -40.30 -41.12 -49.23
C PHE G 348 -38.91 -40.71 -49.78
N ASP G 349 -38.59 -39.43 -49.73
CA ASP G 349 -37.36 -38.95 -50.35
C ASP G 349 -36.32 -38.56 -49.27
N ALA G 350 -35.09 -38.99 -49.49
CA ALA G 350 -34.02 -38.81 -48.53
C ALA G 350 -33.80 -37.34 -48.24
N ASN G 351 -33.57 -36.53 -49.26
CA ASN G 351 -33.43 -35.09 -49.06
C ASN G 351 -34.60 -34.46 -48.28
N CYS G 352 -35.83 -34.88 -48.54
CA CYS G 352 -36.95 -34.36 -47.77
C CYS G 352 -36.87 -34.80 -46.34
N TYR G 353 -36.38 -36.01 -46.09
CA TYR G 353 -36.28 -36.47 -44.73
C TYR G 353 -35.33 -35.58 -43.93
N ILE G 354 -34.25 -35.22 -44.59
CA ILE G 354 -33.27 -34.30 -44.00
C ILE G 354 -33.84 -32.93 -43.78
N ALA G 355 -34.48 -32.37 -44.80
CA ALA G 355 -35.04 -31.02 -44.73
C ALA G 355 -36.10 -30.96 -43.68
N MET G 356 -36.96 -31.98 -43.60
CA MET G 356 -38.05 -32.05 -42.63
C MET G 356 -37.54 -32.15 -41.19
N THR G 357 -36.61 -33.04 -40.93
CA THR G 357 -36.15 -33.23 -39.56
C THR G 357 -35.36 -32.04 -39.10
N LEU G 358 -34.70 -31.34 -40.02
CA LEU G 358 -33.98 -30.12 -39.65
C LEU G 358 -34.89 -28.99 -39.16
N LYS G 359 -36.13 -28.93 -39.66
CA LYS G 359 -37.12 -27.99 -39.15
C LYS G 359 -37.19 -28.09 -37.66
N PHE G 360 -37.02 -29.29 -37.10
CA PHE G 360 -37.16 -29.45 -35.67
C PHE G 360 -36.17 -28.58 -34.94
N ASP G 361 -35.00 -28.40 -35.53
CA ASP G 361 -33.93 -27.65 -34.86
C ASP G 361 -34.26 -26.18 -34.73
N THR G 362 -35.13 -25.67 -35.60
CA THR G 362 -35.50 -24.24 -35.62
C THR G 362 -36.61 -23.92 -34.63
N HIS G 363 -37.25 -24.96 -34.11
CA HIS G 363 -38.43 -24.78 -33.30
C HIS G 363 -38.14 -24.19 -31.94
N ASP G 364 -38.79 -23.09 -31.60
CA ASP G 364 -38.67 -22.44 -30.29
C ASP G 364 -39.74 -21.37 -30.26
N ILE G 365 -40.79 -21.59 -29.48
CA ILE G 365 -41.86 -20.62 -29.44
C ILE G 365 -41.48 -19.26 -28.82
N SER G 366 -40.43 -19.23 -27.99
CA SER G 366 -40.00 -17.99 -27.33
C SER G 366 -39.05 -17.16 -28.21
N ARG G 367 -38.43 -17.80 -29.19
CA ARG G 367 -37.53 -17.06 -30.03
C ARG G 367 -38.21 -15.76 -30.43
N GLY G 368 -37.57 -14.67 -30.05
CA GLY G 368 -37.98 -13.33 -30.44
C GLY G 368 -39.25 -12.88 -29.74
N ARG G 369 -39.72 -13.60 -28.72
CA ARG G 369 -41.04 -13.30 -28.14
C ARG G 369 -41.02 -13.16 -26.64
N ALA G 370 -40.20 -13.99 -25.97
CA ALA G 370 -40.16 -14.01 -24.52
C ALA G 370 -38.81 -14.55 -24.06
N GLY G 371 -38.50 -14.36 -22.79
CA GLY G 371 -37.17 -14.70 -22.29
C GLY G 371 -37.07 -16.17 -21.94
N SER G 372 -38.20 -16.87 -21.90
CA SER G 372 -38.23 -18.27 -21.52
C SER G 372 -39.48 -18.97 -22.07
N ILE G 373 -39.47 -20.29 -22.07
CA ILE G 373 -40.62 -21.08 -22.54
C ILE G 373 -41.87 -20.89 -21.69
N PRO G 374 -41.77 -20.93 -20.34
CA PRO G 374 -43.01 -20.62 -19.59
C PRO G 374 -43.58 -19.22 -19.85
N GLU G 375 -42.72 -18.24 -20.06
CA GLU G 375 -43.21 -16.90 -20.37
C GLU G 375 -43.88 -16.86 -21.73
N ALA G 376 -43.32 -17.56 -22.71
CA ALA G 376 -43.96 -17.69 -24.04
C ALA G 376 -45.31 -18.41 -23.97
N LEU G 377 -45.37 -19.52 -23.22
CA LEU G 377 -46.60 -20.26 -23.05
C LEU G 377 -47.71 -19.40 -22.45
N ALA G 378 -47.35 -18.54 -21.49
CA ALA G 378 -48.30 -17.62 -20.82
C ALA G 378 -48.91 -16.59 -21.76
N MET G 379 -48.27 -16.34 -22.90
CA MET G 379 -48.82 -15.51 -23.93
C MET G 379 -49.90 -16.21 -24.77
N ILE G 380 -50.14 -17.51 -24.54
CA ILE G 380 -51.20 -18.21 -25.27
C ILE G 380 -52.53 -18.08 -24.52
N THR G 381 -53.45 -17.35 -25.16
CA THR G 381 -54.74 -16.95 -24.52
C THR G 381 -55.92 -17.88 -24.76
N GLN G 382 -55.86 -18.62 -25.89
CA GLN G 382 -56.93 -19.52 -26.29
C GLN G 382 -57.09 -20.65 -25.33
N PRO G 383 -58.31 -21.19 -25.22
CA PRO G 383 -58.42 -22.52 -24.63
C PRO G 383 -57.52 -23.55 -25.34
N ALA G 384 -56.86 -24.39 -24.56
CA ALA G 384 -55.92 -25.39 -25.07
C ALA G 384 -56.19 -26.75 -24.45
N LEU G 385 -56.15 -27.77 -25.29
CA LEU G 385 -56.28 -29.11 -24.78
C LEU G 385 -54.99 -29.79 -25.14
N ILE G 386 -54.23 -30.17 -24.11
CA ILE G 386 -52.93 -30.80 -24.32
C ILE G 386 -53.08 -32.31 -24.13
N ILE G 387 -52.89 -33.07 -25.21
CA ILE G 387 -53.01 -34.50 -25.16
C ILE G 387 -51.64 -35.17 -25.21
N CYS G 388 -51.41 -36.07 -24.28
CA CYS G 388 -50.16 -36.80 -24.18
C CYS G 388 -50.33 -38.19 -23.56
N ALA G 389 -49.26 -39.01 -23.69
CA ALA G 389 -49.14 -40.33 -23.04
C ALA G 389 -47.93 -40.31 -22.14
N ARG G 390 -48.12 -40.82 -20.92
CA ARG G 390 -47.03 -40.96 -19.92
C ARG G 390 -45.76 -41.58 -20.47
N SER G 391 -45.88 -42.47 -21.44
CA SER G 391 -44.79 -43.31 -21.92
C SER G 391 -44.16 -42.84 -23.25
N ASP G 392 -44.46 -41.62 -23.67
CA ASP G 392 -43.86 -41.02 -24.84
C ASP G 392 -42.38 -40.80 -24.56
N GLY G 393 -41.54 -41.42 -25.39
CA GLY G 393 -40.12 -41.37 -25.19
C GLY G 393 -39.44 -40.23 -25.90
N LEU G 394 -40.22 -39.49 -26.69
CA LEU G 394 -39.68 -38.36 -27.40
C LEU G 394 -40.08 -37.02 -26.75
N TYR G 395 -41.38 -36.85 -26.49
CA TYR G 395 -41.87 -35.64 -25.88
C TYR G 395 -42.45 -36.00 -24.55
N SER G 396 -41.81 -35.50 -23.50
CA SER G 396 -41.96 -36.07 -22.17
C SER G 396 -43.26 -35.66 -21.54
N PHE G 397 -43.81 -36.56 -20.75
CA PHE G 397 -44.92 -36.20 -19.88
C PHE G 397 -44.71 -34.83 -19.17
N ASP G 398 -43.53 -34.64 -18.56
CA ASP G 398 -43.20 -33.40 -17.83
C ASP G 398 -43.34 -32.12 -18.64
N GLU G 399 -42.94 -32.17 -19.92
CA GLU G 399 -42.96 -30.97 -20.72
C GLU G 399 -44.38 -30.61 -21.14
N HIS G 400 -45.28 -31.60 -21.18
CA HIS G 400 -46.70 -31.34 -21.40
C HIS G 400 -47.33 -30.78 -20.11
N VAL G 401 -46.92 -31.33 -18.96
CA VAL G 401 -47.32 -30.81 -17.67
C VAL G 401 -46.91 -29.34 -17.56
N GLU G 402 -45.68 -29.02 -17.96
CA GLU G 402 -45.25 -27.63 -18.03
C GLU G 402 -46.16 -26.78 -18.92
N MET G 403 -46.51 -27.27 -20.11
CA MET G 403 -47.41 -26.55 -20.99
C MET G 403 -48.69 -26.22 -20.28
N GLY G 404 -49.34 -27.25 -19.72
CA GLY G 404 -50.58 -27.09 -18.99
C GLY G 404 -50.53 -26.12 -17.82
N ARG G 405 -49.38 -25.99 -17.16
CA ARG G 405 -49.30 -25.09 -16.04
C ARG G 405 -48.95 -23.62 -16.43
N SER G 406 -48.33 -23.39 -17.59
CA SER G 406 -48.08 -22.01 -18.04
C SER G 406 -49.08 -21.42 -19.03
N ILE G 407 -49.83 -22.27 -19.74
CA ILE G 407 -50.91 -21.80 -20.63
C ILE G 407 -52.13 -21.55 -19.73
N PRO G 408 -52.53 -20.28 -19.62
CA PRO G 408 -53.55 -19.90 -18.62
C PRO G 408 -54.89 -20.63 -18.70
N ASN G 409 -55.48 -20.81 -19.89
CA ASN G 409 -56.74 -21.57 -20.01
C ASN G 409 -56.53 -22.93 -20.67
N SER G 410 -55.94 -23.88 -19.96
CA SER G 410 -55.55 -25.13 -20.57
C SER G 410 -56.00 -26.29 -19.74
N ARG G 411 -56.39 -27.37 -20.40
CA ARG G 411 -56.64 -28.65 -19.74
C ARG G 411 -55.64 -29.68 -20.26
N LEU G 412 -55.00 -30.39 -19.35
CA LEU G 412 -54.11 -31.50 -19.72
C LEU G 412 -54.92 -32.78 -19.84
N CYS G 413 -54.76 -33.49 -20.95
CA CYS G 413 -55.48 -34.73 -21.15
C CYS G 413 -54.46 -35.86 -21.34
N VAL G 414 -54.35 -36.72 -20.33
CA VAL G 414 -53.44 -37.83 -20.38
C VAL G 414 -54.21 -39.06 -20.80
N VAL G 415 -53.86 -39.58 -21.97
CA VAL G 415 -54.53 -40.74 -22.51
C VAL G 415 -54.13 -41.98 -21.72
N ASP G 416 -55.15 -42.72 -21.30
CA ASP G 416 -54.97 -43.97 -20.56
C ASP G 416 -54.53 -45.08 -21.54
N THR G 417 -53.22 -45.25 -21.63
CA THR G 417 -52.61 -46.13 -22.61
C THR G 417 -51.22 -46.46 -22.12
N ASN G 418 -50.63 -47.54 -22.66
CA ASN G 418 -49.24 -47.88 -22.38
C ASN G 418 -48.41 -47.69 -23.64
N GLU G 419 -49.02 -47.04 -24.62
CA GLU G 419 -48.46 -46.97 -25.94
C GLU G 419 -47.26 -46.08 -26.19
N GLY G 420 -46.86 -45.06 -25.51
CA GLY G 420 -45.69 -44.39 -26.20
C GLY G 420 -46.04 -43.38 -27.31
N HIS G 421 -45.04 -42.82 -27.99
CA HIS G 421 -45.30 -41.63 -28.80
C HIS G 421 -46.41 -41.79 -29.81
N ASP G 422 -46.50 -42.94 -30.46
CA ASP G 422 -47.51 -43.09 -31.51
C ASP G 422 -48.88 -43.44 -30.95
N PHE G 423 -49.13 -43.11 -29.70
CA PHE G 423 -50.38 -43.42 -29.08
C PHE G 423 -51.48 -42.68 -29.80
N PHE G 424 -51.15 -41.57 -30.44
CA PHE G 424 -52.18 -40.71 -30.96
C PHE G 424 -52.73 -41.34 -32.23
N VAL G 425 -52.02 -42.34 -32.71
CA VAL G 425 -52.47 -43.12 -33.85
C VAL G 425 -53.04 -44.46 -33.39
N MET G 426 -52.35 -45.11 -32.44
CA MET G 426 -52.76 -46.44 -31.93
C MET G 426 -54.03 -46.34 -31.10
N GLU G 427 -54.25 -45.21 -30.44
CA GLU G 427 -55.44 -44.98 -29.60
C GLU G 427 -56.26 -43.86 -30.19
N ALA G 428 -56.47 -43.89 -31.50
CA ALA G 428 -57.09 -42.81 -32.25
C ALA G 428 -58.47 -42.45 -31.73
N ASP G 429 -59.21 -43.47 -31.26
CA ASP G 429 -60.56 -43.28 -30.79
C ASP G 429 -60.57 -42.50 -29.52
N LYS G 430 -59.55 -42.71 -28.67
CA LYS G 430 -59.48 -41.95 -27.42
C LYS G 430 -59.15 -40.51 -27.67
N VAL G 431 -58.34 -40.27 -28.70
CA VAL G 431 -57.96 -38.93 -29.06
C VAL G 431 -59.18 -38.25 -29.64
N ASN G 432 -59.91 -38.97 -30.48
CA ASN G 432 -61.10 -38.46 -31.11
C ASN G 432 -62.10 -37.95 -30.07
N ASP G 433 -62.36 -38.77 -29.06
CA ASP G 433 -63.32 -38.40 -28.01
C ASP G 433 -62.84 -37.16 -27.24
N ALA G 434 -61.55 -37.10 -26.94
CA ALA G 434 -60.96 -35.96 -26.24
C ALA G 434 -61.09 -34.69 -27.09
N VAL G 435 -60.76 -34.78 -28.38
CA VAL G 435 -60.86 -33.61 -29.24
C VAL G 435 -62.33 -33.16 -29.40
N ARG G 436 -63.22 -34.08 -29.75
CA ARG G 436 -64.62 -33.76 -29.93
C ARG G 436 -65.24 -33.14 -28.69
N GLY G 437 -64.97 -33.71 -27.52
CA GLY G 437 -65.44 -33.16 -26.25
C GLY G 437 -65.04 -31.70 -26.04
N PHE G 438 -63.79 -31.36 -26.39
CA PHE G 438 -63.21 -30.03 -26.25
C PHE G 438 -63.80 -29.06 -27.23
N LEU G 439 -63.93 -29.48 -28.49
CA LEU G 439 -64.53 -28.68 -29.52
C LEU G 439 -66.03 -28.40 -29.31
N ASP G 440 -66.69 -29.26 -28.53
CA ASP G 440 -68.13 -29.15 -28.23
C ASP G 440 -68.38 -28.15 -27.08
N GLN G 441 -67.38 -27.99 -26.20
CA GLN G 441 -67.37 -26.98 -25.13
C GLN G 441 -67.56 -25.53 -25.63
N ASN H 66 -38.24 76.55 52.64
CA ASN H 66 -37.59 76.29 51.30
C ASN H 66 -36.38 77.20 51.09
N ARG H 67 -35.19 76.63 51.33
CA ARG H 67 -33.94 77.40 51.27
C ARG H 67 -33.57 77.85 49.85
N PHE H 68 -34.08 77.15 48.84
CA PHE H 68 -33.78 77.48 47.43
C PHE H 68 -34.51 78.75 47.04
N GLU H 69 -35.81 78.78 47.34
CA GLU H 69 -36.63 79.99 47.19
C GLU H 69 -36.15 81.16 48.08
N ALA H 70 -35.79 80.85 49.33
CA ALA H 70 -35.19 81.83 50.25
C ALA H 70 -33.95 82.58 49.71
N SER H 71 -33.15 81.94 48.86
CA SER H 71 -31.91 82.54 48.34
C SER H 71 -32.12 83.58 47.23
N LEU H 72 -33.37 83.76 46.81
CA LEU H 72 -33.71 84.60 45.65
C LEU H 72 -33.94 86.06 46.06
N ASP H 73 -33.85 87.00 45.11
CA ASP H 73 -34.41 88.31 45.36
C ASP H 73 -35.94 88.25 45.53
N ALA H 74 -36.53 89.41 45.79
CA ALA H 74 -37.95 89.52 46.06
C ALA H 74 -38.73 89.17 44.77
N GLN H 75 -39.86 88.52 44.97
CA GLN H 75 -40.73 88.11 43.87
C GLN H 75 -42.12 87.93 44.44
N ASP H 76 -43.09 87.89 43.55
CA ASP H 76 -44.47 87.75 43.96
C ASP H 76 -44.89 86.29 43.89
N ILE H 77 -45.94 85.95 44.64
CA ILE H 77 -46.53 84.62 44.66
C ILE H 77 -48.03 84.81 44.45
N ALA H 78 -48.61 84.22 43.42
CA ALA H 78 -50.05 84.15 43.31
C ALA H 78 -50.45 82.81 43.86
N ARG H 79 -51.61 82.70 44.51
CA ARG H 79 -52.03 81.39 44.99
C ARG H 79 -53.35 81.00 44.34
N ILE H 80 -53.40 79.79 43.77
CA ILE H 80 -54.57 79.28 43.10
C ILE H 80 -55.14 78.26 44.04
N SER H 81 -56.37 78.46 44.50
CA SER H 81 -56.84 77.56 45.53
C SER H 81 -57.07 76.15 45.05
N LEU H 82 -57.50 75.99 43.79
CA LEU H 82 -57.68 74.66 43.18
C LEU H 82 -57.22 74.65 41.74
N PHE H 83 -56.37 73.68 41.37
CA PHE H 83 -55.90 73.55 39.98
C PHE H 83 -55.85 72.08 39.56
N THR H 84 -56.48 71.78 38.44
CA THR H 84 -56.62 70.40 37.99
C THR H 84 -55.56 70.14 36.92
N LEU H 85 -54.57 69.33 37.28
CA LEU H 85 -53.55 68.94 36.33
C LEU H 85 -54.19 68.13 35.21
N GLU H 86 -53.53 68.04 34.08
CA GLU H 86 -54.17 67.31 33.01
C GLU H 86 -54.18 65.79 33.22
N SER H 87 -53.42 65.30 34.19
CA SER H 87 -53.56 63.94 34.66
C SER H 87 -54.93 63.75 35.36
N GLY H 88 -55.55 64.84 35.82
CA GLY H 88 -56.77 64.77 36.62
C GLY H 88 -56.46 64.91 38.11
N VAL H 89 -55.17 64.99 38.48
CA VAL H 89 -54.91 65.23 39.89
C VAL H 89 -55.14 66.68 40.20
N ILE H 90 -55.67 66.93 41.40
CA ILE H 90 -56.01 68.26 41.82
C ILE H 90 -54.98 68.77 42.83
N LEU H 91 -54.37 69.90 42.51
CA LEU H 91 -53.52 70.57 43.46
C LEU H 91 -54.34 71.63 44.19
N ARG H 92 -54.08 71.77 45.50
CA ARG H 92 -54.76 72.77 46.35
CA ARG H 92 -54.75 72.78 46.34
C ARG H 92 -53.78 73.90 46.72
N ASP H 93 -54.28 75.13 46.77
CA ASP H 93 -53.55 76.21 47.40
C ASP H 93 -52.16 76.32 46.83
N VAL H 94 -52.15 76.47 45.53
CA VAL H 94 -50.98 76.29 44.70
C VAL H 94 -50.22 77.59 44.53
N PRO H 95 -48.97 77.64 45.07
CA PRO H 95 -48.21 78.87 44.83
C PRO H 95 -47.69 78.88 43.40
N VAL H 96 -47.73 80.04 42.75
CA VAL H 96 -47.05 80.27 41.49
C VAL H 96 -46.15 81.48 41.70
N ALA H 97 -44.83 81.29 41.66
CA ALA H 97 -43.90 82.41 41.84
C ALA H 97 -43.67 83.10 40.53
N TYR H 98 -43.48 84.40 40.57
CA TYR H 98 -43.13 85.11 39.36
C TYR H 98 -42.36 86.39 39.61
N LYS H 99 -41.80 86.94 38.55
CA LYS H 99 -41.03 88.12 38.67
C LYS H 99 -41.33 88.93 37.42
N SER H 100 -41.56 90.22 37.58
CA SER H 100 -41.79 91.11 36.45
C SER H 100 -40.93 92.33 36.54
N TRP H 101 -40.84 92.98 35.41
CA TRP H 101 -40.09 94.18 35.23
C TRP H 101 -40.90 95.07 34.30
N GLY H 102 -40.93 96.36 34.62
CA GLY H 102 -41.59 97.34 33.78
C GLY H 102 -43.02 97.40 34.19
N ARG H 103 -43.80 98.10 33.39
CA ARG H 103 -45.18 98.40 33.79
C ARG H 103 -46.15 98.14 32.64
N MET H 104 -47.33 97.64 32.98
CA MET H 104 -48.37 97.46 31.99
C MET H 104 -48.91 98.80 31.54
N ASN H 105 -49.13 98.92 30.23
CA ASN H 105 -49.78 100.08 29.68
C ASN H 105 -51.30 100.04 30.01
N VAL H 106 -52.00 101.11 29.67
CA VAL H 106 -53.41 101.28 30.09
C VAL H 106 -54.22 100.19 29.43
N SER H 107 -53.80 99.90 28.22
CA SER H 107 -54.45 98.95 27.40
C SER H 107 -54.19 97.50 27.86
N ARG H 108 -53.18 97.30 28.72
CA ARG H 108 -52.88 95.98 29.26
C ARG H 108 -52.47 94.97 28.21
N ASP H 109 -51.74 95.43 27.20
CA ASP H 109 -51.45 94.62 26.03
C ASP H 109 -49.99 94.72 25.60
N ASN H 110 -49.14 95.23 26.49
CA ASN H 110 -47.70 95.28 26.26
C ASN H 110 -46.93 94.24 27.10
N CYS H 111 -47.61 93.14 27.45
CA CYS H 111 -47.00 92.06 28.23
C CYS H 111 -46.12 91.14 27.40
N VAL H 112 -44.86 90.98 27.84
CA VAL H 112 -43.91 90.03 27.20
C VAL H 112 -43.65 88.94 28.21
N ILE H 113 -43.93 87.69 27.83
CA ILE H 113 -43.67 86.55 28.70
C ILE H 113 -42.33 85.91 28.34
N VAL H 114 -41.47 85.77 29.34
CA VAL H 114 -40.22 85.04 29.16
C VAL H 114 -40.35 83.73 29.86
N CYS H 115 -40.11 82.65 29.12
CA CYS H 115 -40.18 81.32 29.69
C CYS H 115 -38.77 80.84 30.08
N HIS H 116 -38.55 80.53 31.35
CA HIS H 116 -37.19 80.19 31.80
C HIS H 116 -36.73 78.79 31.39
N THR H 117 -35.42 78.51 31.62
CA THR H 117 -34.81 77.21 31.28
C THR H 117 -35.07 76.22 32.41
N LEU H 118 -34.76 74.96 32.14
CA LEU H 118 -34.96 73.84 33.06
C LEU H 118 -34.60 74.12 34.52
N THR H 119 -33.44 74.75 34.76
CA THR H 119 -32.96 74.81 36.16
C THR H 119 -32.90 76.22 36.73
N SER H 120 -33.40 77.22 36.01
CA SER H 120 -33.36 78.56 36.54
C SER H 120 -34.59 78.86 37.35
N SER H 121 -34.55 80.00 38.06
CA SER H 121 -35.72 80.55 38.69
C SER H 121 -36.37 81.51 37.67
N ALA H 122 -37.41 82.20 38.12
CA ALA H 122 -38.03 83.23 37.30
C ALA H 122 -37.13 84.48 37.09
N HIS H 123 -35.99 84.56 37.79
CA HIS H 123 -35.14 85.73 37.73
C HIS H 123 -34.24 85.69 36.52
N VAL H 124 -34.82 86.03 35.40
CA VAL H 124 -34.18 85.89 34.10
C VAL H 124 -32.97 86.81 33.99
N THR H 125 -33.06 87.93 34.69
CA THR H 125 -31.96 88.90 34.75
C THR H 125 -30.65 88.24 35.18
N SER H 126 -30.70 87.12 35.91
CA SER H 126 -29.48 86.52 36.41
C SER H 126 -28.71 85.70 35.36
N TRP H 127 -29.38 85.22 34.32
CA TRP H 127 -28.68 84.50 33.22
C TRP H 127 -28.78 85.20 31.86
N TRP H 128 -29.77 86.08 31.76
CA TRP H 128 -29.92 86.91 30.56
C TRP H 128 -29.82 88.41 30.83
N PRO H 129 -28.83 88.87 31.63
CA PRO H 129 -28.90 90.27 32.10
C PRO H 129 -28.86 91.27 30.97
N THR H 130 -28.12 91.00 29.91
CA THR H 130 -27.99 91.96 28.83
C THR H 130 -29.18 92.03 27.86
N LEU H 131 -30.21 91.23 28.08
CA LEU H 131 -31.41 91.35 27.27
C LEU H 131 -32.36 92.38 27.84
N PHE H 132 -32.10 92.84 29.07
CA PHE H 132 -32.91 93.88 29.76
C PHE H 132 -32.41 95.32 29.66
N GLY H 133 -33.33 96.27 29.55
CA GLY H 133 -32.98 97.67 29.58
C GLY H 133 -33.50 98.37 28.37
N GLN H 134 -33.35 99.68 28.36
CA GLN H 134 -33.92 100.44 27.29
C GLN H 134 -33.15 100.19 26.00
N GLY H 135 -33.89 100.06 24.90
CA GLY H 135 -33.32 99.70 23.58
C GLY H 135 -32.86 98.24 23.49
N ARG H 136 -32.97 97.50 24.59
CA ARG H 136 -32.68 96.06 24.59
C ARG H 136 -33.96 95.30 24.23
N ALA H 137 -33.85 93.98 24.11
CA ALA H 137 -34.99 93.16 23.70
C ALA H 137 -36.12 93.22 24.73
N PHE H 138 -35.77 93.11 26.00
CA PHE H 138 -36.74 93.20 27.08
C PHE H 138 -36.67 94.60 27.59
N ASP H 139 -37.25 95.51 26.82
CA ASP H 139 -37.23 96.95 27.07
C ASP H 139 -38.26 97.28 28.12
N THR H 140 -37.80 97.53 29.33
CA THR H 140 -38.67 97.86 30.46
C THR H 140 -39.37 99.22 30.36
N SER H 141 -39.01 100.00 29.34
CA SER H 141 -39.71 101.24 29.01
C SER H 141 -40.95 101.00 28.16
N ARG H 142 -40.95 99.93 27.37
CA ARG H 142 -42.03 99.68 26.44
C ARG H 142 -42.95 98.58 26.93
N TYR H 143 -42.44 97.68 27.77
CA TYR H 143 -43.11 96.40 28.02
C TYR H 143 -43.18 96.10 29.44
N PHE H 144 -44.18 95.32 29.81
CA PHE H 144 -44.29 94.66 31.09
C PHE H 144 -43.79 93.22 30.84
N ILE H 145 -42.59 92.94 31.34
CA ILE H 145 -41.92 91.65 31.16
C ILE H 145 -42.20 90.75 32.36
N ILE H 146 -42.71 89.57 32.13
CA ILE H 146 -42.96 88.69 33.24
C ILE H 146 -42.42 87.27 32.94
N CYS H 147 -41.86 86.66 33.97
CA CYS H 147 -41.47 85.27 33.97
C CYS H 147 -42.10 84.61 35.18
N LEU H 148 -42.84 83.53 34.94
CA LEU H 148 -43.43 82.72 36.01
C LEU H 148 -42.68 81.38 36.15
N ASN H 149 -42.46 80.99 37.39
CA ASN H 149 -41.71 79.80 37.71
C ASN H 149 -42.57 78.53 37.44
N TYR H 150 -41.97 77.52 36.79
CA TYR H 150 -42.70 76.31 36.44
C TYR H 150 -43.09 75.49 37.68
N LEU H 151 -44.19 74.73 37.58
CA LEU H 151 -44.54 73.79 38.61
C LEU H 151 -43.43 72.72 38.63
N GLY H 152 -43.06 72.23 39.83
CA GLY H 152 -42.03 71.24 39.97
C GLY H 152 -40.67 71.85 40.25
N SER H 153 -40.54 73.17 40.15
CA SER H 153 -39.26 73.85 40.34
C SER H 153 -39.02 74.08 41.84
N PRO H 154 -37.75 74.23 42.27
CA PRO H 154 -37.55 74.56 43.68
C PRO H 154 -37.68 76.06 44.06
N PHE H 155 -37.96 76.91 43.08
CA PHE H 155 -37.84 78.35 43.25
C PHE H 155 -39.15 79.15 43.47
N GLY H 156 -40.14 78.56 44.11
CA GLY H 156 -41.36 79.31 44.43
C GLY H 156 -42.70 78.73 44.02
N SER H 157 -42.84 78.29 42.76
CA SER H 157 -44.08 77.60 42.36
C SER H 157 -44.21 76.23 43.02
N ALA H 158 -45.39 75.63 42.98
CA ALA H 158 -45.58 74.36 43.63
C ALA H 158 -44.61 73.31 43.06
N GLY H 159 -43.98 72.56 43.97
CA GLY H 159 -43.14 71.46 43.60
C GLY H 159 -42.75 70.66 44.80
N PRO H 160 -41.84 69.69 44.63
CA PRO H 160 -41.40 68.83 45.71
C PRO H 160 -40.98 69.63 46.94
N CYS H 161 -40.49 70.86 46.78
CA CYS H 161 -40.06 71.63 47.92
C CYS H 161 -41.14 72.44 48.64
N SER H 162 -42.32 72.56 48.07
CA SER H 162 -43.31 73.41 48.69
C SER H 162 -44.24 72.61 49.61
N PRO H 163 -44.86 73.26 50.60
CA PRO H 163 -45.71 72.58 51.58
C PRO H 163 -46.86 71.80 50.95
N ASP H 164 -47.06 70.58 51.42
CA ASP H 164 -48.19 69.77 50.99
C ASP H 164 -49.41 70.15 51.82
N PRO H 165 -50.43 70.75 51.19
CA PRO H 165 -51.59 71.20 51.99
C PRO H 165 -52.29 70.07 52.83
N ASP H 166 -51.89 68.81 52.64
CA ASP H 166 -52.29 67.70 53.53
C ASP H 166 -51.21 67.28 54.59
N ALA H 167 -50.98 68.13 55.62
CA ALA H 167 -50.11 67.87 56.84
C ALA H 167 -48.88 68.79 57.02
N ARG H 171 -46.26 69.74 55.42
CA ARG H 171 -44.89 69.28 55.19
C ARG H 171 -44.70 69.09 53.70
N PRO H 172 -43.45 69.24 53.19
CA PRO H 172 -43.35 69.40 51.75
C PRO H 172 -43.81 68.19 50.95
N TYR H 173 -44.26 68.43 49.73
CA TYR H 173 -44.67 67.36 48.83
C TYR H 173 -43.61 66.26 48.70
N GLY H 174 -42.36 66.69 48.63
CA GLY H 174 -41.23 65.78 48.49
C GLY H 174 -41.39 64.90 47.27
N ALA H 175 -41.21 63.60 47.44
CA ALA H 175 -41.22 62.69 46.30
C ALA H 175 -42.62 62.52 45.74
N LYS H 176 -43.65 62.97 46.45
CA LYS H 176 -45.02 62.70 46.07
C LYS H 176 -45.66 63.78 45.21
N PHE H 177 -44.87 64.74 44.74
CA PHE H 177 -45.39 65.81 43.88
C PHE H 177 -45.85 65.25 42.56
N PRO H 178 -47.10 65.51 42.15
CA PRO H 178 -47.64 64.90 40.96
C PRO H 178 -46.86 65.22 39.70
N ARG H 179 -46.95 64.35 38.72
CA ARG H 179 -46.40 64.65 37.44
C ARG H 179 -47.18 65.83 36.80
N THR H 180 -46.47 66.78 36.21
CA THR H 180 -47.08 67.94 35.57
C THR H 180 -46.57 68.02 34.15
N THR H 181 -47.33 68.68 33.29
CA THR H 181 -46.97 68.88 31.88
C THR H 181 -46.63 70.33 31.50
N ILE H 182 -46.04 70.52 30.34
CA ILE H 182 -45.80 71.82 29.81
C ILE H 182 -47.13 72.56 29.75
N ARG H 183 -48.18 71.89 29.24
CA ARG H 183 -49.54 72.45 29.17
C ARG H 183 -50.09 72.82 30.53
N ASP H 184 -49.77 72.06 31.58
CA ASP H 184 -50.20 72.45 32.94
C ASP H 184 -49.59 73.81 33.33
N ASP H 185 -48.28 73.99 33.05
CA ASP H 185 -47.61 75.25 33.38
C ASP H 185 -48.23 76.43 32.64
N VAL H 186 -48.44 76.25 31.34
CA VAL H 186 -49.04 77.30 30.54
C VAL H 186 -50.42 77.70 31.08
N ARG H 187 -51.20 76.69 31.52
CA ARG H 187 -52.54 76.92 31.94
C ARG H 187 -52.64 77.62 33.29
N ILE H 188 -51.88 77.18 34.29
CA ILE H 188 -51.89 77.88 35.59
C ILE H 188 -51.23 79.26 35.45
N HIS H 189 -50.23 79.38 34.59
CA HIS H 189 -49.64 80.67 34.33
C HIS H 189 -50.67 81.65 33.77
N ARG H 190 -51.48 81.22 32.80
CA ARG H 190 -52.50 82.10 32.24
CA ARG H 190 -52.53 82.06 32.23
C ARG H 190 -53.45 82.55 33.33
N GLN H 191 -53.81 81.67 34.26
CA GLN H 191 -54.66 82.10 35.35
C GLN H 191 -54.06 83.27 36.09
N VAL H 192 -52.75 83.22 36.37
CA VAL H 192 -52.11 84.30 37.07
C VAL H 192 -52.17 85.54 36.21
N LEU H 193 -51.83 85.43 34.93
CA LEU H 193 -51.94 86.60 34.06
C LEU H 193 -53.33 87.22 34.02
N ASP H 194 -54.37 86.39 34.13
CA ASP H 194 -55.74 86.87 34.18
C ASP H 194 -55.97 87.68 35.45
N ARG H 195 -55.50 87.18 36.60
CA ARG H 195 -55.58 87.96 37.81
C ARG H 195 -54.81 89.27 37.75
N LEU H 196 -53.72 89.32 37.02
CA LEU H 196 -52.99 90.56 36.91
C LEU H 196 -53.69 91.54 35.96
N GLY H 197 -54.72 91.08 35.24
CA GLY H 197 -55.43 91.92 34.29
C GLY H 197 -54.84 92.03 32.90
N VAL H 198 -53.92 91.13 32.55
CA VAL H 198 -53.30 91.17 31.25
C VAL H 198 -54.36 90.84 30.24
N ARG H 199 -54.43 91.58 29.15
CA ARG H 199 -55.47 91.36 28.14
CA ARG H 199 -55.46 91.29 28.19
C ARG H 199 -54.85 90.75 26.92
N GLN H 200 -53.60 91.09 26.66
CA GLN H 200 -52.95 90.60 25.47
C GLN H 200 -51.44 90.52 25.68
N ILE H 201 -50.83 89.53 25.04
CA ILE H 201 -49.40 89.32 25.12
C ILE H 201 -48.69 89.72 23.85
N ALA H 202 -47.79 90.69 23.94
CA ALA H 202 -47.08 91.17 22.78
C ALA H 202 -46.15 90.09 22.21
N ALA H 203 -45.50 89.34 23.08
CA ALA H 203 -44.61 88.27 22.66
C ALA H 203 -44.34 87.28 23.78
N VAL H 204 -44.16 86.02 23.39
CA VAL H 204 -43.66 85.00 24.30
C VAL H 204 -42.29 84.59 23.75
N VAL H 205 -41.30 84.62 24.62
CA VAL H 205 -39.89 84.35 24.27
C VAL H 205 -39.37 83.29 25.22
N GLY H 206 -38.76 82.22 24.70
CA GLY H 206 -38.26 81.13 25.55
C GLY H 206 -37.24 80.20 24.91
N ALA H 207 -36.29 79.71 25.71
CA ALA H 207 -35.19 78.85 25.21
C ALA H 207 -35.16 77.53 25.92
N MET H 209 -36.28 74.44 27.51
CA MET H 209 -37.58 74.14 28.06
C MET H 209 -38.52 75.33 27.79
N GLY H 210 -38.01 76.53 27.91
CA GLY H 210 -38.84 77.68 27.69
C GLY H 210 -39.42 77.74 26.31
N GLY H 211 -38.72 77.19 25.33
CA GLY H 211 -39.20 77.19 23.93
C GLY H 211 -40.38 76.25 23.79
N MET H 212 -40.47 75.28 24.67
CA MET H 212 -41.56 74.31 24.65
C MET H 212 -42.84 74.97 25.21
N HIS H 213 -42.70 75.71 26.32
CA HIS H 213 -43.78 76.54 26.81
C HIS H 213 -44.16 77.61 25.79
N THR H 214 -43.18 78.31 25.22
CA THR H 214 -43.44 79.28 24.19
C THR H 214 -44.33 78.72 23.09
N LEU H 215 -43.95 77.57 22.51
CA LEU H 215 -44.76 76.93 21.48
C LEU H 215 -46.16 76.63 21.97
N GLU H 216 -46.30 76.27 23.24
CA GLU H 216 -47.61 75.94 23.78
C GLU H 216 -48.47 77.19 24.00
N TRP H 217 -47.86 78.28 24.45
CA TRP H 217 -48.53 79.56 24.59
C TRP H 217 -49.23 79.99 23.31
N ALA H 218 -48.56 79.76 22.16
CA ALA H 218 -49.05 80.13 20.85
C ALA H 218 -50.47 79.62 20.57
N PHE H 219 -50.85 78.50 21.20
CA PHE H 219 -52.14 77.87 20.93
C PHE H 219 -53.30 78.56 21.60
N PHE H 220 -53.04 79.63 22.32
CA PHE H 220 -54.12 80.51 22.75
C PHE H 220 -54.64 81.34 21.57
N GLY H 221 -53.84 81.39 20.51
CA GLY H 221 -54.25 82.02 19.28
C GLY H 221 -53.74 83.44 19.23
N PRO H 222 -53.79 84.05 18.03
CA PRO H 222 -53.21 85.37 17.75
C PRO H 222 -53.99 86.52 18.44
N GLU H 223 -55.18 86.20 18.92
CA GLU H 223 -56.04 87.11 19.65
C GLU H 223 -55.41 87.49 20.98
N TYR H 224 -54.88 86.48 21.64
CA TYR H 224 -54.25 86.61 22.94
C TYR H 224 -52.74 86.75 22.93
N VAL H 225 -52.05 85.99 22.09
CA VAL H 225 -50.59 85.98 21.98
C VAL H 225 -50.24 86.45 20.58
N ARG H 226 -49.55 87.58 20.46
CA ARG H 226 -49.35 88.20 19.16
C ARG H 226 -48.17 87.65 18.38
N LYS H 227 -47.10 87.30 19.09
CA LYS H 227 -45.88 86.79 18.49
C LYS H 227 -45.21 85.82 19.42
N ILE H 228 -44.47 84.88 18.83
CA ILE H 228 -43.66 83.94 19.58
C ILE H 228 -42.19 83.91 19.15
N VAL H 229 -41.31 83.63 20.11
CA VAL H 229 -39.88 83.50 19.80
C VAL H 229 -39.38 82.23 20.50
N PRO H 230 -39.59 81.07 19.86
CA PRO H 230 -39.08 79.82 20.41
C PRO H 230 -37.59 79.70 20.05
N ILE H 231 -36.78 79.39 21.05
CA ILE H 231 -35.33 79.37 20.92
C ILE H 231 -34.79 78.01 21.35
N ALA H 232 -34.00 77.37 20.49
CA ALA H 232 -33.20 76.20 20.89
C ALA H 232 -34.04 75.16 21.62
N THR H 233 -35.00 74.59 20.90
CA THR H 233 -36.09 73.84 21.55
C THR H 233 -36.68 72.77 20.60
N SER H 234 -37.71 72.05 21.07
CA SER H 234 -38.46 71.20 20.17
C SER H 234 -39.97 71.17 20.36
N CYS H 235 -40.65 70.66 19.34
CA CYS H 235 -42.09 70.45 19.32
C CYS H 235 -42.62 69.26 20.11
N ARG H 236 -41.72 68.33 20.45
CA ARG H 236 -42.08 67.09 21.12
C ARG H 236 -40.85 66.40 21.73
N GLN H 237 -41.04 65.64 22.79
CA GLN H 237 -39.96 64.82 23.33
C GLN H 237 -39.39 63.86 22.24
N SER H 238 -38.07 63.83 22.12
CA SER H 238 -37.41 62.90 21.23
C SER H 238 -36.76 61.76 22.04
N GLY H 239 -36.45 60.63 21.40
CA GLY H 239 -35.75 59.52 22.05
C GLY H 239 -34.40 59.96 22.58
N TRP H 240 -33.71 60.81 21.83
CA TRP H 240 -32.40 61.33 22.16
C TRP H 240 -32.45 62.06 23.50
N CYS H 241 -33.30 63.09 23.58
CA CYS H 241 -33.40 63.87 24.82
C CYS H 241 -33.93 63.05 25.97
N ALA H 242 -34.94 62.21 25.72
CA ALA H 242 -35.43 61.32 26.77
C ALA H 242 -34.26 60.50 27.38
N ALA H 243 -33.37 59.98 26.52
CA ALA H 243 -32.26 59.14 26.97
C ALA H 243 -31.27 59.93 27.81
N TRP H 244 -30.94 61.15 27.37
CA TRP H 244 -30.01 61.98 28.13
C TRP H 244 -30.52 62.38 29.49
N PHE H 245 -31.78 62.79 29.56
CA PHE H 245 -32.36 63.16 30.86
C PHE H 245 -32.68 61.98 31.77
N GLU H 246 -33.12 60.86 31.20
CA GLU H 246 -33.28 59.63 32.00
C GLU H 246 -31.93 59.12 32.59
N THR H 247 -30.89 59.06 31.75
CA THR H 247 -29.53 58.84 32.24
C THR H 247 -29.26 59.76 33.46
N GLN H 248 -29.58 61.05 33.32
CA GLN H 248 -29.31 62.02 34.38
C GLN H 248 -30.08 61.66 35.65
N ARG H 249 -31.36 61.37 35.51
CA ARG H 249 -32.16 60.94 36.66
C ARG H 249 -31.61 59.67 37.28
N GLN H 250 -31.22 58.73 36.45
CA GLN H 250 -30.66 57.50 37.02
C GLN H 250 -29.46 57.77 37.92
N CYS H 251 -28.60 58.72 37.58
CA CYS H 251 -27.51 59.11 38.47
C CYS H 251 -28.02 59.47 39.86
N ILE H 252 -29.17 60.13 39.91
CA ILE H 252 -29.74 60.47 41.20
C ILE H 252 -30.39 59.22 41.84
N TYR H 253 -31.19 58.47 41.08
CA TYR H 253 -31.82 57.30 41.62
C TYR H 253 -30.78 56.38 42.26
N ASP H 254 -29.61 56.25 41.63
CA ASP H 254 -28.60 55.30 42.08
C ASP H 254 -27.74 55.83 43.24
N ASP H 255 -27.91 57.09 43.61
CA ASP H 255 -27.17 57.65 44.74
C ASP H 255 -27.86 57.16 46.01
N PRO H 256 -27.12 56.44 46.88
CA PRO H 256 -27.73 55.80 48.06
C PRO H 256 -28.29 56.81 49.04
N LYS H 257 -27.91 58.08 48.91
CA LYS H 257 -28.46 59.13 49.77
C LYS H 257 -29.86 59.62 49.34
N TYR H 258 -30.27 59.20 48.14
CA TYR H 258 -31.54 59.55 47.57
C TYR H 258 -32.70 58.97 48.36
N LEU H 259 -32.54 57.72 48.82
CA LEU H 259 -33.52 57.07 49.69
C LEU H 259 -34.90 57.19 49.08
N ASP H 260 -34.99 57.00 47.77
CA ASP H 260 -36.30 56.98 47.12
C ASP H 260 -37.05 58.33 47.10
N GLY H 261 -36.30 59.40 47.28
CA GLY H 261 -36.87 60.73 47.30
C GLY H 261 -37.18 61.24 48.70
N GLU H 262 -36.88 60.43 49.71
CA GLU H 262 -37.22 60.70 51.12
C GLU H 262 -36.01 61.28 51.87
N TYR H 263 -34.93 61.58 51.14
CA TYR H 263 -33.74 62.19 51.74
C TYR H 263 -34.11 63.40 52.57
N ASP H 264 -33.40 63.61 53.67
CA ASP H 264 -33.59 64.82 54.43
C ASP H 264 -32.99 65.98 53.62
N VAL H 265 -33.69 67.10 53.59
CA VAL H 265 -33.36 68.25 52.74
C VAL H 265 -31.91 68.81 52.87
N ASP H 266 -31.25 68.54 54.00
CA ASP H 266 -29.87 69.01 54.20
C ASP H 266 -28.90 67.83 54.14
N ASP H 267 -29.38 66.77 53.52
CA ASP H 267 -28.54 65.62 53.19
C ASP H 267 -28.93 65.09 51.79
N GLN H 268 -28.79 65.97 50.79
CA GLN H 268 -29.15 65.67 49.40
C GLN H 268 -28.29 64.55 48.78
N PRO H 269 -28.84 63.83 47.77
CA PRO H 269 -27.98 62.98 46.96
C PRO H 269 -27.10 63.85 46.09
N VAL H 270 -26.10 64.46 46.70
CA VAL H 270 -25.25 65.43 46.05
C VAL H 270 -24.37 64.88 44.92
N ARG H 271 -23.84 63.66 45.07
CA ARG H 271 -23.01 63.05 43.99
C ARG H 271 -23.87 62.81 42.77
N GLY H 272 -25.04 62.21 43.01
CA GLY H 272 -26.00 61.99 41.93
C GLY H 272 -26.29 63.27 41.16
N LEU H 273 -26.67 64.32 41.90
CA LEU H 273 -26.97 65.62 41.31
C LEU H 273 -25.82 66.20 40.52
N GLU H 274 -24.65 66.24 41.14
CA GLU H 274 -23.43 66.62 40.46
C GLU H 274 -23.24 65.91 39.13
N THR H 275 -23.35 64.59 39.18
CA THR H 275 -23.14 63.79 38.00
C THR H 275 -24.14 64.09 36.90
N ALA H 276 -25.41 64.08 37.29
CA ALA H 276 -26.48 64.56 36.43
C ALA H 276 -26.13 65.87 35.72
N ARG H 277 -25.67 66.86 36.48
CA ARG H 277 -25.32 68.16 35.93
C ARG H 277 -24.06 68.20 35.09
N LYS H 278 -23.02 67.46 35.47
CA LYS H 278 -21.86 67.36 34.61
C LYS H 278 -22.29 66.89 33.22
N ILE H 279 -23.11 65.85 33.20
CA ILE H 279 -23.62 65.31 31.94
C ILE H 279 -24.39 66.39 31.18
N ALA H 280 -25.39 66.98 31.85
CA ALA H 280 -26.21 68.00 31.23
C ALA H 280 -25.32 69.10 30.71
N ASN H 281 -24.37 69.54 31.53
CA ASN H 281 -23.55 70.67 31.07
C ASN H 281 -22.77 70.37 29.79
N LEU H 282 -22.33 69.13 29.63
CA LEU H 282 -21.60 68.76 28.43
C LEU H 282 -22.50 68.57 27.24
N THR H 283 -23.72 68.06 27.44
CA THR H 283 -24.68 68.04 26.34
C THR H 283 -25.04 69.46 25.88
N TYR H 284 -24.84 70.45 26.74
CA TYR H 284 -25.07 71.85 26.32
C TYR H 284 -23.98 72.45 25.47
N LYS H 285 -22.84 71.77 25.36
CA LYS H 285 -21.67 72.30 24.70
C LYS H 285 -21.52 71.70 23.34
N SER H 286 -20.62 72.22 22.53
CA SER H 286 -20.31 71.60 21.28
C SER H 286 -18.87 71.13 21.35
N LYS H 287 -18.45 70.33 20.35
CA LYS H 287 -17.10 69.83 20.29
C LYS H 287 -16.16 71.01 20.08
N PRO H 288 -16.43 71.88 19.05
CA PRO H 288 -15.53 73.03 18.85
C PRO H 288 -15.40 73.89 20.08
N ALA H 289 -16.47 74.11 20.83
CA ALA H 289 -16.38 74.98 22.00
C ALA H 289 -15.47 74.38 23.07
N MET H 290 -15.63 73.09 23.39
CA MET H 290 -14.76 72.47 24.39
C MET H 290 -13.30 72.34 23.88
N ASP H 291 -13.15 72.08 22.58
CA ASP H 291 -11.83 72.06 21.99
C ASP H 291 -11.04 73.40 22.07
N GLU H 292 -11.73 74.53 21.90
CA GLU H 292 -11.09 75.83 22.06
C GLU H 292 -10.74 76.04 23.48
N ARG H 293 -11.58 75.58 24.38
CA ARG H 293 -11.38 75.84 25.79
C ARG H 293 -10.28 75.02 26.42
N PHE H 294 -10.07 73.78 25.93
CA PHE H 294 -9.09 72.84 26.51
C PHE H 294 -8.34 72.16 25.39
N HIS H 295 -7.04 72.39 25.28
CA HIS H 295 -6.22 71.58 24.37
C HIS H 295 -4.88 71.07 24.91
N MET H 296 -4.03 70.57 24.00
CA MET H 296 -2.67 70.09 24.31
C MET H 296 -1.60 71.08 23.83
N GLN H 328 -7.19 75.96 30.50
CA GLN H 328 -6.88 75.77 29.08
C GLN H 328 -6.06 74.50 28.67
N PRO H 329 -5.10 74.03 29.52
CA PRO H 329 -4.58 72.65 29.24
C PRO H 329 -5.59 71.50 29.62
N ILE H 330 -5.42 70.32 29.00
CA ILE H 330 -6.29 69.17 29.25
C ILE H 330 -6.31 68.70 30.73
N GLU H 331 -5.25 68.99 31.48
CA GLU H 331 -5.22 68.77 32.96
C GLU H 331 -6.40 69.45 33.67
N ALA H 332 -6.77 70.65 33.16
CA ALA H 332 -7.75 71.54 33.77
C ALA H 332 -9.20 71.08 33.61
N VAL H 333 -9.44 70.17 32.66
CA VAL H 333 -10.79 69.63 32.40
C VAL H 333 -11.42 69.10 33.66
N SER H 334 -10.63 68.36 34.40
CA SER H 334 -11.13 67.68 35.56
C SER H 334 -11.86 68.66 36.50
N SER H 335 -11.18 69.72 36.89
CA SER H 335 -11.73 70.61 37.90
C SER H 335 -12.78 71.58 37.27
N TYR H 336 -12.65 71.90 35.97
CA TYR H 336 -13.72 72.59 35.24
C TYR H 336 -15.05 71.85 35.31
N LEU H 337 -15.00 70.52 35.22
CA LEU H 337 -16.22 69.71 35.34
C LEU H 337 -16.77 69.70 36.75
N ARG H 338 -15.88 69.61 37.74
CA ARG H 338 -16.30 69.52 39.15
C ARG H 338 -16.92 70.87 39.55
N TYR H 339 -16.41 71.93 38.94
CA TYR H 339 -16.66 73.30 39.32
C TYR H 339 -18.13 73.70 39.19
N GLN H 340 -18.57 73.95 37.95
CA GLN H 340 -19.97 74.15 37.58
C GLN H 340 -20.88 73.30 38.46
N ALA H 341 -20.66 71.99 38.36
CA ALA H 341 -21.56 71.01 38.86
C ALA H 341 -21.73 71.04 40.36
N GLN H 342 -20.64 71.22 41.10
CA GLN H 342 -20.71 71.32 42.56
C GLN H 342 -21.58 72.47 43.01
N LYS H 343 -21.38 73.65 42.43
CA LYS H 343 -22.12 74.81 42.91
C LYS H 343 -23.62 74.66 42.66
N PHE H 344 -23.96 74.12 41.49
CA PHE H 344 -25.31 73.70 41.19
C PHE H 344 -25.94 72.65 42.17
N ALA H 345 -25.23 71.56 42.45
CA ALA H 345 -25.77 70.53 43.32
C ALA H 345 -25.94 71.07 44.75
N ALA H 346 -25.22 72.14 45.07
CA ALA H 346 -25.36 72.78 46.38
C ALA H 346 -26.62 73.64 46.44
N SER H 347 -27.09 74.06 45.27
CA SER H 347 -28.16 75.01 45.28
C SER H 347 -29.35 74.61 44.38
N PHE H 348 -29.62 73.32 44.28
CA PHE H 348 -30.81 72.81 43.59
C PHE H 348 -31.29 71.54 44.30
N ASP H 349 -32.53 71.13 44.07
CA ASP H 349 -33.10 70.00 44.79
C ASP H 349 -33.28 68.80 43.86
N ALA H 350 -32.86 67.63 44.36
CA ALA H 350 -32.85 66.42 43.58
C ALA H 350 -34.24 66.07 43.09
N ASN H 351 -35.20 65.99 44.00
CA ASN H 351 -36.59 65.74 43.60
C ASN H 351 -37.11 66.73 42.53
N CYS H 352 -36.76 68.01 42.65
CA CYS H 352 -37.17 68.96 41.61
C CYS H 352 -36.48 68.66 40.31
N TYR H 353 -35.23 68.20 40.36
CA TYR H 353 -34.55 67.88 39.12
C TYR H 353 -35.28 66.77 38.37
N ILE H 354 -35.74 65.80 39.14
CA ILE H 354 -36.50 64.70 38.60
C ILE H 354 -37.82 65.14 38.03
N ALA H 355 -38.59 65.91 38.82
CA ALA H 355 -39.91 66.39 38.44
C ALA H 355 -39.78 67.28 37.22
N MET H 356 -38.77 68.14 37.18
CA MET H 356 -38.57 69.07 36.06
C MET H 356 -38.23 68.35 34.76
N THR H 357 -37.28 67.43 34.81
CA THR H 357 -36.85 66.76 33.59
C THR H 357 -37.94 65.83 33.10
N LEU H 358 -38.78 65.32 33.99
CA LEU H 358 -39.88 64.49 33.55
C LEU H 358 -40.92 65.24 32.72
N LYS H 359 -41.14 66.54 33.01
CA LYS H 359 -41.97 67.38 32.17
C LYS H 359 -41.62 67.19 30.72
N PHE H 360 -40.35 67.04 30.41
CA PHE H 360 -39.94 66.92 29.01
C PHE H 360 -40.63 65.78 28.34
N ASP H 361 -40.89 64.72 29.10
CA ASP H 361 -41.50 63.51 28.50
C ASP H 361 -42.94 63.74 28.06
N THR H 362 -43.62 64.71 28.67
CA THR H 362 -45.04 65.01 28.39
C THR H 362 -45.20 65.93 27.16
N HIS H 363 -44.10 66.53 26.72
CA HIS H 363 -44.16 67.55 25.72
C HIS H 363 -44.49 67.00 24.33
N ASP H 364 -45.56 67.52 23.73
CA ASP H 364 -45.94 67.16 22.38
C ASP H 364 -47.00 68.17 21.97
N ILE H 365 -46.69 69.08 21.08
CA ILE H 365 -47.67 70.08 20.70
C ILE H 365 -48.88 69.54 19.92
N SER H 366 -48.74 68.37 19.28
CA SER H 366 -49.85 67.77 18.52
C SER H 366 -50.80 66.95 19.40
N ARG H 367 -50.34 66.56 20.56
CA ARG H 367 -51.21 65.79 21.40
C ARG H 367 -52.58 66.46 21.48
N GLY H 368 -53.56 65.67 21.07
CA GLY H 368 -54.96 66.06 21.13
C GLY H 368 -55.32 67.16 20.16
N ARG H 369 -54.43 67.51 19.22
CA ARG H 369 -54.65 68.69 18.38
C ARG H 369 -54.51 68.42 16.90
N ALA H 370 -53.57 67.56 16.53
CA ALA H 370 -53.30 67.26 15.13
C ALA H 370 -52.67 65.87 15.00
N GLY H 371 -52.66 65.32 13.80
CA GLY H 371 -52.18 63.97 13.58
C GLY H 371 -50.67 63.90 13.50
N SER H 372 -49.99 65.04 13.38
CA SER H 372 -48.54 65.09 13.26
C SER H 372 -47.98 66.44 13.67
N ILE H 373 -46.68 66.48 13.90
CA ILE H 373 -46.00 67.73 14.28
C ILE H 373 -46.08 68.80 13.23
N PRO H 374 -45.80 68.49 11.94
CA PRO H 374 -46.00 69.57 10.94
C PRO H 374 -47.42 70.10 10.86
N GLU H 375 -48.42 69.25 11.07
CA GLU H 375 -49.80 69.71 11.06
C GLU H 375 -50.09 70.61 12.25
N ALA H 376 -49.57 70.24 13.43
CA ALA H 376 -49.68 71.10 14.62
C ALA H 376 -48.96 72.45 14.43
N LEU H 377 -47.76 72.43 13.87
CA LEU H 377 -47.02 73.66 13.61
C LEU H 377 -47.78 74.62 12.70
N ALA H 378 -48.48 74.06 11.70
CA ALA H 378 -49.28 74.84 10.74
C ALA H 378 -50.47 75.53 11.37
N MET H 379 -50.90 75.08 12.54
CA MET H 379 -51.90 75.77 13.32
C MET H 379 -51.38 76.99 14.07
N ILE H 380 -50.07 77.25 14.00
CA ILE H 380 -49.51 78.45 14.64
C ILE H 380 -49.54 79.64 13.66
N THR H 381 -50.40 80.61 13.99
CA THR H 381 -50.72 81.76 13.11
C THR H 381 -49.85 83.00 13.32
N GLN H 382 -49.30 83.15 14.53
CA GLN H 382 -48.52 84.32 14.89
C GLN H 382 -47.23 84.40 14.11
N PRO H 383 -46.73 85.61 13.89
CA PRO H 383 -45.32 85.68 13.50
C PRO H 383 -44.43 84.97 14.52
N ALA H 384 -43.44 84.24 14.03
CA ALA H 384 -42.51 83.45 14.85
C ALA H 384 -41.08 83.67 14.42
N LEU H 385 -40.22 83.82 15.41
CA LEU H 385 -38.82 83.93 15.11
C LEU H 385 -38.20 82.74 15.79
N ILE H 386 -37.62 81.84 14.99
CA ILE H 386 -36.97 80.63 15.52
C ILE H 386 -35.45 80.84 15.56
N ILE H 387 -34.91 80.87 16.76
CA ILE H 387 -33.49 81.04 16.93
C ILE H 387 -32.82 79.73 17.33
N CYS H 388 -31.76 79.40 16.62
CA CYS H 388 -31.01 78.17 16.84
C CYS H 388 -29.53 78.30 16.44
N ALA H 389 -28.73 77.31 16.86
CA ALA H 389 -27.31 77.16 16.50
C ALA H 389 -27.15 75.81 15.83
N ARG H 390 -26.43 75.80 14.71
CA ARG H 390 -26.15 74.57 13.94
C ARG H 390 -25.57 73.43 14.79
N SER H 391 -24.86 73.76 15.85
CA SER H 391 -24.10 72.82 16.63
C SER H 391 -24.78 72.40 17.97
N ASP H 392 -26.05 72.71 18.12
CA ASP H 392 -26.82 72.30 19.28
C ASP H 392 -26.95 70.78 19.24
N GLY H 393 -26.47 70.12 20.29
CA GLY H 393 -26.46 68.68 20.31
C GLY H 393 -27.69 68.07 20.94
N LEU H 394 -28.57 68.93 21.47
CA LEU H 394 -29.79 68.46 22.04
C LEU H 394 -30.98 68.70 21.11
N TYR H 395 -31.14 69.93 20.63
CA TYR H 395 -32.22 70.25 19.74
C TYR H 395 -31.67 70.60 18.40
N SER H 396 -31.95 69.75 17.43
CA SER H 396 -31.17 69.72 16.20
C SER H 396 -31.52 70.87 15.31
N PHE H 397 -30.52 71.35 14.59
CA PHE H 397 -30.75 72.26 13.48
C PHE H 397 -31.97 71.85 12.63
N ASP H 398 -32.03 70.58 12.21
CA ASP H 398 -33.10 70.09 11.33
C ASP H 398 -34.51 70.30 11.88
N GLU H 399 -34.69 70.13 13.19
CA GLU H 399 -36.01 70.21 13.77
C GLU H 399 -36.47 71.66 13.86
N HIS H 400 -35.52 72.60 13.92
CA HIS H 400 -35.83 74.04 13.83
C HIS H 400 -36.18 74.40 12.38
N VAL H 401 -35.44 73.84 11.44
CA VAL H 401 -35.72 73.98 10.03
C VAL H 401 -37.14 73.49 9.74
N GLU H 402 -37.51 72.33 10.28
CA GLU H 402 -38.87 71.85 10.20
C GLU H 402 -39.89 72.87 10.76
N MET H 403 -39.61 73.42 11.94
CA MET H 403 -40.48 74.42 12.55
C MET H 403 -40.71 75.56 11.59
N GLY H 404 -39.62 76.15 11.11
CA GLY H 404 -39.68 77.24 10.16
C GLY H 404 -40.42 76.95 8.87
N ARG H 405 -40.45 75.71 8.42
CA ARG H 405 -41.13 75.42 7.18
C ARG H 405 -42.61 75.08 7.33
N SER H 406 -43.05 74.65 8.52
CA SER H 406 -44.47 74.40 8.78
C SER H 406 -45.25 75.52 9.49
N ILE H 407 -44.55 76.41 10.19
CA ILE H 407 -45.17 77.60 10.78
C ILE H 407 -45.27 78.64 9.66
N PRO H 408 -46.52 78.97 9.27
CA PRO H 408 -46.76 79.79 8.06
C PRO H 408 -46.08 81.16 8.04
N ASN H 409 -46.12 81.93 9.13
CA ASN H 409 -45.41 83.23 9.15
C ASN H 409 -44.16 83.20 10.05
N SER H 410 -43.12 82.52 9.63
CA SER H 410 -41.97 82.31 10.48
C SER H 410 -40.69 82.68 9.81
N ARG H 411 -39.75 83.22 10.56
CA ARG H 411 -38.39 83.43 10.08
C ARG H 411 -37.44 82.58 10.93
N LEU H 412 -36.56 81.84 10.27
CA LEU H 412 -35.53 81.07 10.95
C LEU H 412 -34.31 81.95 11.14
N CYS H 413 -33.79 82.01 12.37
CA CYS H 413 -32.61 82.81 12.65
C CYS H 413 -31.51 81.89 13.18
N VAL H 414 -30.49 81.67 12.36
CA VAL H 414 -29.38 80.83 12.75
C VAL H 414 -28.26 81.72 13.25
N VAL H 415 -27.95 81.60 14.54
CA VAL H 415 -26.90 82.40 15.14
C VAL H 415 -25.55 81.93 14.64
N ASP H 416 -24.75 82.89 14.18
CA ASP H 416 -23.41 82.65 13.70
C ASP H 416 -22.47 82.44 14.90
N THR H 417 -22.29 81.17 15.24
CA THR H 417 -21.57 80.77 16.44
C THR H 417 -21.14 79.33 16.26
N ASN H 418 -20.15 78.92 17.06
CA ASN H 418 -19.77 77.52 17.12
C ASN H 418 -20.11 76.91 18.48
N GLU H 419 -20.83 77.67 19.30
CA GLU H 419 -21.17 77.25 20.67
C GLU H 419 -22.21 76.14 20.59
N GLY H 420 -22.57 75.30 21.47
CA GLY H 420 -23.68 74.43 21.12
C GLY H 420 -24.95 74.93 21.76
N HIS H 421 -25.65 74.04 22.45
CA HIS H 421 -26.96 74.38 22.95
C HIS H 421 -26.97 75.64 23.78
N ASP H 422 -25.96 75.90 24.59
CA ASP H 422 -26.00 77.07 25.46
C ASP H 422 -25.58 78.36 24.75
N PHE H 423 -25.70 78.39 23.43
CA PHE H 423 -25.31 79.53 22.66
C PHE H 423 -26.19 80.70 23.05
N PHE H 424 -27.40 80.41 23.55
CA PHE H 424 -28.35 81.49 23.75
C PHE H 424 -27.95 82.26 24.98
N VAL H 425 -27.04 81.68 25.74
CA VAL H 425 -26.49 82.37 26.89
C VAL H 425 -25.10 82.92 26.55
N MET H 426 -24.28 82.13 25.86
CA MET H 426 -22.89 82.51 25.53
C MET H 426 -22.86 83.59 24.48
N GLU H 427 -23.86 83.63 23.61
CA GLU H 427 -23.97 84.64 22.57
C GLU H 427 -25.19 85.51 22.81
N ALA H 428 -25.38 85.93 24.06
CA ALA H 428 -26.59 86.63 24.50
C ALA H 428 -26.87 87.88 23.68
N ASP H 429 -25.81 88.57 23.27
CA ASP H 429 -25.95 89.83 22.55
C ASP H 429 -26.51 89.59 21.18
N LYS H 430 -26.13 88.47 20.56
CA LYS H 430 -26.65 88.16 19.25
C LYS H 430 -28.12 87.79 19.31
N VAL H 431 -28.51 87.15 20.40
CA VAL H 431 -29.88 86.77 20.61
C VAL H 431 -30.68 88.04 20.86
N ASN H 432 -30.13 88.93 21.68
CA ASN H 432 -30.76 90.19 21.97
C ASN H 432 -31.11 90.98 20.71
N ASP H 433 -30.14 91.14 19.82
CA ASP H 433 -30.33 91.87 18.57
C ASP H 433 -31.40 91.20 17.70
N ALA H 434 -31.38 89.87 17.64
CA ALA H 434 -32.36 89.13 16.86
C ALA H 434 -33.76 89.33 17.45
N VAL H 435 -33.90 89.20 18.78
CA VAL H 435 -35.20 89.40 19.41
C VAL H 435 -35.71 90.84 19.23
N ARG H 436 -34.89 91.83 19.59
CA ARG H 436 -35.25 93.21 19.48
C ARG H 436 -35.66 93.57 18.06
N GLY H 437 -34.89 93.14 17.06
CA GLY H 437 -35.23 93.37 15.65
C GLY H 437 -36.63 92.88 15.27
N PHE H 438 -36.99 91.69 15.76
CA PHE H 438 -38.27 91.04 15.51
C PHE H 438 -39.41 91.74 16.20
N LEU H 439 -39.22 92.09 17.46
CA LEU H 439 -40.20 92.82 18.24
C LEU H 439 -40.46 94.25 17.72
N ASP H 440 -39.49 94.82 16.99
CA ASP H 440 -39.58 96.18 16.45
C ASP H 440 -40.34 96.20 15.12
N GLN H 441 -40.36 95.06 14.43
CA GLN H 441 -40.96 94.93 13.10
C GLN H 441 -42.40 95.42 12.92
N ALA I 65 0.93 -65.42 9.15
CA ALA I 65 0.24 -64.25 8.54
C ALA I 65 1.27 -63.15 8.37
N ASN I 66 1.87 -63.07 7.18
CA ASN I 66 2.54 -61.84 6.76
C ASN I 66 1.53 -60.97 5.99
N ARG I 67 0.98 -59.95 6.64
CA ARG I 67 -0.08 -59.15 6.04
C ARG I 67 0.45 -58.26 4.95
N PHE I 68 1.76 -57.98 4.96
CA PHE I 68 2.36 -57.12 3.91
C PHE I 68 2.41 -57.84 2.56
N GLU I 69 2.93 -59.08 2.59
CA GLU I 69 2.91 -59.98 1.47
C GLU I 69 1.46 -60.29 1.04
N ALA I 70 0.57 -60.49 2.00
CA ALA I 70 -0.83 -60.79 1.72
C ALA I 70 -1.55 -59.72 0.87
N SER I 71 -1.07 -58.49 0.93
CA SER I 71 -1.75 -57.38 0.25
C SER I 71 -1.34 -57.25 -1.21
N LEU I 72 -0.42 -58.11 -1.66
CA LEU I 72 0.12 -58.11 -3.02
C LEU I 72 -0.73 -58.91 -4.02
N ASP I 73 -0.60 -58.64 -5.31
CA ASP I 73 -1.14 -59.56 -6.30
C ASP I 73 -0.36 -60.89 -6.20
N ALA I 74 -0.81 -61.87 -6.95
CA ALA I 74 -0.18 -63.19 -6.99
C ALA I 74 1.27 -63.08 -7.46
N GLN I 75 2.12 -63.91 -6.85
CA GLN I 75 3.53 -64.02 -7.24
C GLN I 75 4.08 -65.42 -6.94
N ASP I 76 5.23 -65.74 -7.51
CA ASP I 76 5.84 -67.03 -7.24
C ASP I 76 6.81 -66.93 -6.07
N ILE I 77 7.08 -68.07 -5.46
CA ILE I 77 8.02 -68.19 -4.35
C ILE I 77 8.95 -69.33 -4.67
N ALA I 78 10.22 -69.08 -4.84
CA ALA I 78 11.17 -70.19 -4.87
C ALA I 78 11.66 -70.51 -3.44
N ARG I 79 11.90 -71.79 -3.16
CA ARG I 79 12.34 -72.19 -1.87
C ARG I 79 13.78 -72.75 -1.89
N ILE I 80 14.73 -72.09 -1.24
CA ILE I 80 16.13 -72.55 -1.23
C ILE I 80 16.31 -73.17 0.13
N SER I 81 16.62 -74.46 0.19
CA SER I 81 16.61 -75.13 1.48
C SER I 81 17.77 -74.71 2.39
N LEU I 82 18.91 -74.35 1.80
CA LEU I 82 20.07 -73.84 2.55
C LEU I 82 20.76 -72.77 1.78
N PHE I 83 21.03 -71.65 2.46
CA PHE I 83 21.75 -70.53 1.85
C PHE I 83 22.72 -69.90 2.84
N THR I 84 23.99 -69.81 2.43
CA THR I 84 25.04 -69.26 3.27
C THR I 84 25.23 -67.77 2.96
N LEU I 85 24.82 -66.93 3.91
CA LEU I 85 25.10 -65.51 3.79
C LEU I 85 26.61 -65.28 3.83
N GLU I 86 27.06 -64.16 3.24
CA GLU I 86 28.49 -63.92 3.20
C GLU I 86 29.05 -63.63 4.60
N SER I 87 28.19 -63.31 5.56
CA SER I 87 28.58 -63.32 6.95
C SER I 87 29.05 -64.74 7.41
N GLY I 88 28.54 -65.78 6.75
CA GLY I 88 28.71 -67.15 7.22
C GLY I 88 27.44 -67.68 7.89
N VAL I 89 26.47 -66.81 8.15
CA VAL I 89 25.21 -67.26 8.71
C VAL I 89 24.44 -68.09 7.67
N ILE I 90 23.82 -69.16 8.12
CA ILE I 90 23.09 -70.05 7.24
C ILE I 90 21.59 -69.85 7.40
N LEU I 91 20.95 -69.43 6.32
CA LEU I 91 19.52 -69.38 6.29
C LEU I 91 19.01 -70.71 5.80
N ARG I 92 17.90 -71.13 6.38
CA ARG I 92 17.31 -72.44 6.07
C ARG I 92 15.93 -72.20 5.52
N ASP I 93 15.55 -73.04 4.56
CA ASP I 93 14.20 -73.08 4.02
C ASP I 93 13.76 -71.70 3.56
N VAL I 94 14.54 -71.15 2.62
CA VAL I 94 14.54 -69.73 2.36
C VAL I 94 13.56 -69.40 1.22
N PRO I 95 12.50 -68.64 1.53
CA PRO I 95 11.69 -68.19 0.41
C PRO I 95 12.34 -67.03 -0.35
N VAL I 96 12.22 -67.07 -1.68
CA VAL I 96 12.57 -65.96 -2.51
C VAL I 96 11.36 -65.65 -3.36
N ALA I 97 10.70 -64.52 -3.12
CA ALA I 97 9.53 -64.15 -3.90
C ALA I 97 9.95 -63.47 -5.16
N TYR I 98 9.16 -63.61 -6.22
CA TYR I 98 9.46 -62.95 -7.47
C TYR I 98 8.22 -62.84 -8.35
N LYS I 99 8.36 -62.06 -9.40
CA LYS I 99 7.27 -61.87 -10.28
C LYS I 99 7.91 -61.73 -11.66
N SER I 100 7.31 -62.36 -12.66
CA SER I 100 7.80 -62.19 -14.05
C SER I 100 6.69 -61.85 -14.98
N TRP I 101 7.08 -61.36 -16.13
CA TRP I 101 6.16 -61.04 -17.17
C TRP I 101 6.83 -61.52 -18.43
N GLY I 102 6.02 -62.05 -19.34
CA GLY I 102 6.53 -62.45 -20.65
C GLY I 102 7.01 -63.86 -20.58
N ARG I 103 7.67 -64.31 -21.63
CA ARG I 103 8.07 -65.71 -21.72
C ARG I 103 9.51 -65.80 -22.20
N MET I 104 10.21 -66.79 -21.71
CA MET I 104 11.55 -67.05 -22.16
C MET I 104 11.52 -67.57 -23.58
N ASN I 105 12.42 -67.12 -24.45
CA ASN I 105 12.59 -67.75 -25.73
C ASN I 105 13.26 -69.12 -25.58
N VAL I 106 13.46 -69.82 -26.71
CA VAL I 106 13.89 -71.23 -26.73
C VAL I 106 15.32 -71.33 -26.25
N SER I 107 16.06 -70.29 -26.58
CA SER I 107 17.45 -70.15 -26.22
C SER I 107 17.64 -69.71 -24.75
N ARG I 108 16.54 -69.30 -24.11
CA ARG I 108 16.49 -68.85 -22.71
CA ARG I 108 16.53 -68.91 -22.70
C ARG I 108 17.52 -67.78 -22.37
N ASP I 109 17.59 -66.79 -23.26
CA ASP I 109 18.59 -65.72 -23.21
C ASP I 109 18.00 -64.33 -23.46
N ASN I 110 16.69 -64.23 -23.34
CA ASN I 110 16.02 -62.96 -23.47
C ASN I 110 15.50 -62.51 -22.10
N CYS I 111 16.27 -62.84 -21.04
CA CYS I 111 15.89 -62.46 -19.69
C CYS I 111 16.35 -61.02 -19.30
N VAL I 112 15.39 -60.19 -18.90
CA VAL I 112 15.67 -58.86 -18.34
C VAL I 112 15.33 -58.86 -16.86
N ILE I 113 16.35 -58.62 -16.04
CA ILE I 113 16.15 -58.50 -14.58
C ILE I 113 15.90 -57.04 -14.24
N VAL I 114 14.82 -56.78 -13.50
CA VAL I 114 14.62 -55.46 -12.93
C VAL I 114 14.85 -55.53 -11.43
N CYS I 115 15.72 -54.69 -10.91
CA CYS I 115 15.98 -54.69 -9.46
C CYS I 115 15.16 -53.59 -8.75
N HIS I 116 14.34 -53.96 -7.76
CA HIS I 116 13.39 -52.97 -7.23
C HIS I 116 14.02 -51.94 -6.27
N THR I 117 13.23 -50.96 -5.84
CA THR I 117 13.72 -49.92 -4.92
C THR I 117 13.59 -50.39 -3.48
N LEU I 118 14.20 -49.65 -2.58
CA LEU I 118 14.21 -49.97 -1.16
C LEU I 118 12.91 -50.53 -0.57
N THR I 119 11.78 -49.82 -0.75
CA THR I 119 10.52 -50.18 -0.09
C THR I 119 9.44 -50.82 -0.96
N SER I 120 9.75 -51.15 -2.21
CA SER I 120 8.72 -51.73 -3.06
C SER I 120 8.76 -53.25 -2.97
N SER I 121 7.75 -53.88 -3.56
CA SER I 121 7.72 -55.33 -3.71
C SER I 121 8.30 -55.61 -5.07
N ALA I 122 8.28 -56.87 -5.47
CA ALA I 122 8.73 -57.24 -6.80
C ALA I 122 7.79 -56.75 -7.91
N HIS I 123 6.63 -56.19 -7.54
CA HIS I 123 5.60 -55.84 -8.53
C HIS I 123 5.88 -54.48 -9.12
N VAL I 124 6.84 -54.49 -10.04
CA VAL I 124 7.40 -53.30 -10.64
C VAL I 124 6.35 -52.46 -11.37
N THR I 125 5.36 -53.18 -11.92
CA THR I 125 4.23 -52.60 -12.62
C THR I 125 3.51 -51.59 -11.78
N SER I 126 3.63 -51.68 -10.47
CA SER I 126 2.86 -50.76 -9.61
C SER I 126 3.50 -49.39 -9.42
N TRP I 127 4.81 -49.29 -9.63
CA TRP I 127 5.47 -47.97 -9.60
C TRP I 127 6.11 -47.57 -10.94
N TRP I 128 6.30 -48.57 -11.80
CA TRP I 128 6.80 -48.34 -13.14
C TRP I 128 5.82 -48.81 -14.27
N PRO I 129 4.51 -48.52 -14.11
CA PRO I 129 3.58 -49.16 -15.05
C PRO I 129 3.86 -48.84 -16.53
N THR I 130 4.30 -47.62 -16.83
CA THR I 130 4.46 -47.25 -18.21
C THR I 130 5.73 -47.79 -18.86
N LEU I 131 6.58 -48.47 -18.10
CA LEU I 131 7.75 -49.10 -18.70
C LEU I 131 7.41 -50.44 -19.35
N PHE I 132 6.21 -50.96 -19.08
CA PHE I 132 5.75 -52.25 -19.58
C PHE I 132 4.85 -52.19 -20.79
N GLY I 133 5.00 -53.17 -21.68
CA GLY I 133 4.14 -53.27 -22.87
C GLY I 133 4.92 -53.27 -24.16
N GLN I 134 4.20 -53.49 -25.26
CA GLN I 134 4.77 -53.66 -26.60
C GLN I 134 5.41 -52.33 -26.96
N GLY I 135 6.64 -52.37 -27.48
CA GLY I 135 7.35 -51.12 -27.84
C GLY I 135 7.83 -50.30 -26.65
N ARG I 136 7.53 -50.75 -25.42
CA ARG I 136 8.04 -50.10 -24.20
C ARG I 136 9.37 -50.73 -23.82
N ALA I 137 10.01 -50.22 -22.78
CA ALA I 137 11.33 -50.74 -22.37
C ALA I 137 11.26 -52.21 -21.94
N PHE I 138 10.25 -52.52 -21.13
CA PHE I 138 10.09 -53.87 -20.67
C PHE I 138 9.05 -54.48 -21.56
N ASP I 139 9.50 -54.90 -22.73
CA ASP I 139 8.64 -55.37 -23.81
C ASP I 139 8.41 -56.87 -23.64
N THR I 140 7.23 -57.19 -23.10
CA THR I 140 6.84 -58.56 -22.79
C THR I 140 6.63 -59.44 -24.02
N SER I 141 6.71 -58.84 -25.22
CA SER I 141 6.75 -59.56 -26.50
C SER I 141 8.15 -60.01 -26.84
N ARG I 142 9.17 -59.32 -26.35
CA ARG I 142 10.55 -59.68 -26.71
C ARG I 142 11.27 -60.39 -25.58
N TYR I 143 10.85 -60.13 -24.34
CA TYR I 143 11.70 -60.44 -23.18
C TYR I 143 10.90 -61.12 -22.12
N PHE I 144 11.63 -61.90 -21.33
CA PHE I 144 11.18 -62.44 -20.07
C PHE I 144 11.70 -61.48 -18.99
N ILE I 145 10.79 -60.74 -18.39
CA ILE I 145 11.12 -59.73 -17.41
C ILE I 145 10.90 -60.32 -16.04
N ILE I 146 11.93 -60.31 -15.21
CA ILE I 146 11.77 -60.79 -13.84
C ILE I 146 12.31 -59.82 -12.77
N CYS I 147 11.60 -59.77 -11.64
CA CYS I 147 12.01 -58.98 -10.49
C CYS I 147 11.87 -59.86 -9.31
N LEU I 148 12.94 -59.98 -8.54
CA LEU I 148 12.96 -60.84 -7.33
C LEU I 148 13.02 -59.94 -6.09
N ASN I 149 12.27 -60.30 -5.06
CA ASN I 149 12.19 -59.50 -3.87
C ASN I 149 13.47 -59.68 -3.03
N TYR I 150 14.02 -58.58 -2.50
CA TYR I 150 15.29 -58.66 -1.72
C TYR I 150 15.09 -59.38 -0.42
N LEU I 151 16.15 -60.02 0.08
CA LEU I 151 16.09 -60.52 1.46
C LEU I 151 15.90 -59.31 2.41
N GLY I 152 15.09 -59.47 3.45
CA GLY I 152 14.90 -58.42 4.44
C GLY I 152 13.63 -57.63 4.20
N SER I 153 13.06 -57.78 3.00
CA SER I 153 11.83 -57.10 2.62
C SER I 153 10.59 -57.75 3.25
N PRO I 154 9.52 -56.99 3.49
CA PRO I 154 8.32 -57.64 3.98
C PRO I 154 7.45 -58.34 2.91
N PHE I 155 7.87 -58.30 1.64
CA PHE I 155 7.00 -58.71 0.53
C PHE I 155 7.27 -60.09 -0.08
N GLY I 156 7.69 -61.06 0.72
CA GLY I 156 7.78 -62.42 0.23
C GLY I 156 9.09 -63.11 0.42
N SER I 157 10.20 -62.47 0.08
CA SER I 157 11.52 -63.08 0.38
C SER I 157 11.80 -63.17 1.89
N ALA I 158 12.79 -63.97 2.28
CA ALA I 158 13.10 -64.13 3.70
C ALA I 158 13.39 -62.76 4.32
N GLY I 159 12.77 -62.50 5.47
CA GLY I 159 12.98 -61.27 6.21
C GLY I 159 12.41 -61.30 7.62
N PRO I 160 12.50 -60.17 8.32
CA PRO I 160 11.89 -60.12 9.65
C PRO I 160 10.45 -60.65 9.71
N CYS I 161 9.70 -60.54 8.61
CA CYS I 161 8.30 -60.94 8.59
C CYS I 161 8.07 -62.40 8.25
N SER I 162 9.08 -63.11 7.78
CA SER I 162 8.86 -64.47 7.34
C SER I 162 9.15 -65.49 8.45
N PRO I 163 8.54 -66.69 8.38
CA PRO I 163 8.71 -67.70 9.45
C PRO I 163 10.16 -68.08 9.73
N ASP I 164 10.53 -68.10 10.99
CA ASP I 164 11.82 -68.60 11.42
C ASP I 164 11.76 -70.11 11.50
N PRO I 165 12.54 -70.82 10.64
CA PRO I 165 12.51 -72.29 10.67
C PRO I 165 12.89 -72.93 12.02
N ASP I 166 13.34 -72.13 13.01
CA ASP I 166 13.54 -72.61 14.38
C ASP I 166 12.41 -72.19 15.34
N ALA I 167 11.22 -72.76 15.14
CA ALA I 167 9.97 -72.38 15.81
C ALA I 167 8.76 -72.96 15.07
N ARG I 171 5.94 -68.41 14.60
CA ARG I 171 6.96 -67.36 14.90
C ARG I 171 7.93 -66.97 13.75
N PRO I 172 7.82 -65.72 13.30
CA PRO I 172 8.67 -64.99 12.36
C PRO I 172 10.05 -64.66 12.93
N TYR I 173 11.02 -64.43 12.05
CA TYR I 173 12.37 -63.97 12.43
C TYR I 173 12.34 -62.75 13.35
N GLY I 174 11.42 -61.82 13.06
CA GLY I 174 11.32 -60.57 13.78
C GLY I 174 12.64 -59.84 13.84
N ALA I 175 13.02 -59.41 15.03
CA ALA I 175 14.25 -58.62 15.20
C ALA I 175 15.55 -59.43 15.01
N LYS I 176 15.41 -60.74 14.88
CA LYS I 176 16.57 -61.61 14.80
C LYS I 176 16.97 -62.01 13.37
N PHE I 177 16.36 -61.40 12.37
CA PHE I 177 16.78 -61.64 11.00
C PHE I 177 18.24 -61.19 10.77
N PRO I 178 19.10 -62.09 10.23
CA PRO I 178 20.51 -61.78 10.05
C PRO I 178 20.75 -60.62 9.12
N ARG I 179 21.91 -59.95 9.26
CA ARG I 179 22.34 -58.94 8.31
C ARG I 179 22.50 -59.62 6.95
N THR I 180 22.03 -58.97 5.90
CA THR I 180 22.23 -59.46 4.52
C THR I 180 22.80 -58.32 3.72
N THR I 181 23.55 -58.65 2.68
CA THR I 181 24.22 -57.65 1.85
C THR I 181 23.59 -57.58 0.44
N ILE I 182 23.99 -56.58 -0.36
CA ILE I 182 23.60 -56.51 -1.75
C ILE I 182 24.10 -57.75 -2.47
N ARG I 183 25.32 -58.15 -2.17
CA ARG I 183 25.90 -59.37 -2.73
C ARG I 183 25.13 -60.65 -2.37
N ASP I 184 24.55 -60.73 -1.17
CA ASP I 184 23.75 -61.88 -0.81
C ASP I 184 22.50 -61.96 -1.68
N ASP I 185 21.83 -60.82 -1.90
CA ASP I 185 20.65 -60.76 -2.73
C ASP I 185 20.96 -61.24 -4.15
N VAL I 186 22.06 -60.76 -4.70
CA VAL I 186 22.46 -61.11 -6.04
C VAL I 186 22.72 -62.61 -6.15
N ARG I 187 23.36 -63.20 -5.13
CA ARG I 187 23.68 -64.63 -5.15
CA ARG I 187 23.69 -64.62 -5.17
C ARG I 187 22.44 -65.53 -5.13
N ILE I 188 21.56 -65.29 -4.16
CA ILE I 188 20.39 -66.10 -4.02
C ILE I 188 19.47 -65.88 -5.24
N HIS I 189 19.39 -64.65 -5.75
CA HIS I 189 18.63 -64.40 -6.95
C HIS I 189 19.16 -65.14 -8.14
N ARG I 190 20.48 -65.20 -8.32
CA ARG I 190 21.01 -65.99 -9.42
CA ARG I 190 21.06 -66.00 -9.39
C ARG I 190 20.71 -67.46 -9.24
N GLN I 191 20.70 -67.98 -8.00
CA GLN I 191 20.29 -69.38 -7.82
C GLN I 191 18.88 -69.63 -8.37
N VAL I 192 17.97 -68.68 -8.11
CA VAL I 192 16.63 -68.77 -8.61
C VAL I 192 16.64 -68.72 -10.14
N LEU I 193 17.33 -67.78 -10.73
CA LEU I 193 17.42 -67.75 -12.18
C LEU I 193 17.95 -69.04 -12.77
N ASP I 194 18.84 -69.72 -12.07
CA ASP I 194 19.41 -70.97 -12.53
C ASP I 194 18.34 -72.05 -12.55
N ARG I 195 17.54 -72.12 -11.48
CA ARG I 195 16.43 -73.03 -11.46
C ARG I 195 15.41 -72.75 -12.53
N LEU I 196 15.26 -71.49 -12.93
CA LEU I 196 14.32 -71.14 -13.97
C LEU I 196 14.90 -71.43 -15.34
N GLY I 197 16.17 -71.79 -15.39
CA GLY I 197 16.82 -72.16 -16.63
C GLY I 197 17.31 -71.02 -17.47
N VAL I 198 17.47 -69.84 -16.87
CA VAL I 198 18.00 -68.68 -17.56
C VAL I 198 19.45 -68.97 -17.95
N ARG I 199 19.78 -68.82 -19.23
CA ARG I 199 21.12 -69.10 -19.71
C ARG I 199 21.91 -67.84 -19.97
N GLN I 200 21.20 -66.74 -20.13
CA GLN I 200 21.85 -65.48 -20.30
C GLN I 200 20.88 -64.37 -20.02
N ILE I 201 21.41 -63.27 -19.49
CA ILE I 201 20.62 -62.11 -19.17
C ILE I 201 20.88 -61.01 -20.18
N ALA I 202 19.83 -60.57 -20.85
CA ALA I 202 19.96 -59.52 -21.86
C ALA I 202 20.33 -58.18 -21.25
N ALA I 203 19.75 -57.90 -20.09
CA ALA I 203 20.02 -56.67 -19.37
C ALA I 203 19.55 -56.77 -17.92
N VAL I 204 20.27 -56.05 -17.07
CA VAL I 204 19.85 -55.81 -15.69
C VAL I 204 19.57 -54.32 -15.57
N VAL I 205 18.40 -53.97 -15.07
CA VAL I 205 17.98 -52.57 -14.95
C VAL I 205 17.55 -52.33 -13.52
N GLY I 206 17.99 -51.24 -12.89
CA GLY I 206 17.64 -50.96 -11.50
C GLY I 206 17.94 -49.55 -11.02
N ALA I 207 17.06 -49.04 -10.17
CA ALA I 207 17.20 -47.67 -9.67
C ALA I 207 17.36 -47.65 -8.15
N MET I 209 18.45 -48.45 -4.74
CA MET I 209 19.01 -49.71 -4.24
C MET I 209 19.18 -50.69 -5.39
N GLY I 210 18.18 -50.68 -6.28
CA GLY I 210 18.24 -51.53 -7.48
C GLY I 210 19.48 -51.33 -8.32
N GLY I 211 19.94 -50.10 -8.43
CA GLY I 211 21.15 -49.78 -9.20
C GLY I 211 22.38 -50.35 -8.55
N MET I 212 22.30 -50.62 -7.23
CA MET I 212 23.42 -51.16 -6.50
C MET I 212 23.53 -52.65 -6.84
N HIS I 213 22.40 -53.37 -6.76
CA HIS I 213 22.32 -54.76 -7.24
C HIS I 213 22.71 -54.82 -8.70
N THR I 214 22.16 -53.95 -9.53
CA THR I 214 22.54 -53.88 -10.96
C THR I 214 24.05 -53.89 -11.12
N LEU I 215 24.75 -52.97 -10.47
CA LEU I 215 26.20 -52.91 -10.57
C LEU I 215 26.84 -54.22 -10.13
N GLU I 216 26.25 -54.85 -9.11
CA GLU I 216 26.77 -56.12 -8.59
C GLU I 216 26.56 -57.29 -9.53
N TRP I 217 25.40 -57.35 -10.19
CA TRP I 217 25.13 -58.35 -11.25
C TRP I 217 26.21 -58.31 -12.32
N ALA I 218 26.65 -57.12 -12.71
CA ALA I 218 27.59 -56.94 -13.80
C ALA I 218 28.88 -57.72 -13.59
N PHE I 219 29.26 -57.97 -12.35
CA PHE I 219 30.56 -58.66 -12.13
C PHE I 219 30.55 -60.12 -12.57
N PHE I 220 29.36 -60.72 -12.78
CA PHE I 220 29.27 -62.08 -13.33
C PHE I 220 29.95 -62.15 -14.71
N GLY I 221 30.18 -60.99 -15.32
CA GLY I 221 30.85 -60.92 -16.58
C GLY I 221 29.88 -60.76 -17.75
N PRO I 222 30.40 -60.30 -18.90
CA PRO I 222 29.63 -60.05 -20.11
C PRO I 222 29.08 -61.33 -20.78
N GLU I 223 29.59 -62.50 -20.42
CA GLU I 223 29.02 -63.72 -20.96
C GLU I 223 27.66 -64.06 -20.34
N TYR I 224 27.49 -63.88 -19.03
CA TYR I 224 26.20 -64.10 -18.41
C TYR I 224 25.29 -62.85 -18.40
N VAL I 225 25.87 -61.66 -18.17
CA VAL I 225 25.11 -60.40 -18.09
C VAL I 225 25.57 -59.49 -19.21
N ARG I 226 24.74 -59.39 -20.26
CA ARG I 226 25.13 -58.69 -21.49
C ARG I 226 25.20 -57.18 -21.38
N LYS I 227 24.32 -56.57 -20.61
CA LYS I 227 24.20 -55.11 -20.51
C LYS I 227 23.68 -54.75 -19.15
N ILE I 228 24.03 -53.53 -18.70
CA ILE I 228 23.48 -53.00 -17.44
C ILE I 228 22.95 -51.60 -17.57
N VAL I 229 21.88 -51.31 -16.82
CA VAL I 229 21.32 -49.96 -16.72
C VAL I 229 21.20 -49.54 -15.25
N PRO I 230 22.32 -49.07 -14.65
CA PRO I 230 22.24 -48.53 -13.30
C PRO I 230 21.63 -47.11 -13.32
N ILE I 231 20.66 -46.87 -12.43
CA ILE I 231 19.91 -45.61 -12.43
C ILE I 231 19.91 -44.98 -11.03
N ALA I 232 20.25 -43.71 -10.95
CA ALA I 232 20.15 -42.97 -9.70
C ALA I 232 20.72 -43.80 -8.51
N THR I 233 22.01 -44.09 -8.53
CA THR I 233 22.55 -45.01 -7.57
C THR I 233 24.02 -44.69 -7.22
N SER I 234 24.69 -45.56 -6.47
CA SER I 234 26.14 -45.45 -6.26
C SER I 234 26.85 -46.75 -6.16
N CYS I 235 28.16 -46.67 -6.32
CA CYS I 235 29.10 -47.77 -6.25
C CYS I 235 29.44 -48.26 -4.86
N ARG I 236 29.13 -47.46 -3.85
CA ARG I 236 29.54 -47.71 -2.45
C ARG I 236 28.72 -46.83 -1.49
N GLN I 237 28.52 -47.27 -0.27
CA GLN I 237 27.91 -46.42 0.75
C GLN I 237 28.73 -45.14 0.97
N SER I 238 28.05 -44.01 1.06
CA SER I 238 28.72 -42.72 1.31
C SER I 238 28.34 -42.22 2.72
N GLY I 239 29.15 -41.33 3.29
CA GLY I 239 28.81 -40.80 4.60
C GLY I 239 27.45 -40.12 4.58
N TRP I 240 27.18 -39.42 3.48
CA TRP I 240 25.95 -38.67 3.32
C TRP I 240 24.74 -39.57 3.50
N CYS I 241 24.71 -40.63 2.72
CA CYS I 241 23.57 -41.56 2.73
C CYS I 241 23.53 -42.34 4.01
N ALA I 242 24.70 -42.72 4.54
CA ALA I 242 24.69 -43.44 5.80
C ALA I 242 23.99 -42.56 6.85
N ALA I 243 24.29 -41.26 6.85
CA ALA I 243 23.74 -40.35 7.84
C ALA I 243 22.24 -40.23 7.72
N TRP I 244 21.73 -39.99 6.52
CA TRP I 244 20.28 -39.91 6.29
C TRP I 244 19.52 -41.18 6.68
N PHE I 245 20.07 -42.36 6.36
CA PHE I 245 19.36 -43.57 6.72
C PHE I 245 19.47 -43.98 8.16
N GLU I 246 20.64 -43.71 8.76
CA GLU I 246 20.82 -43.88 10.22
C GLU I 246 19.90 -42.93 10.99
N THR I 247 19.81 -41.68 10.55
CA THR I 247 18.82 -40.74 11.14
C THR I 247 17.45 -41.35 11.05
N GLN I 248 17.11 -41.93 9.89
CA GLN I 248 15.76 -42.53 9.73
C GLN I 248 15.58 -43.68 10.70
N ARG I 249 16.57 -44.56 10.81
CA ARG I 249 16.45 -45.72 11.73
C ARG I 249 16.33 -45.24 13.17
N GLN I 250 17.11 -44.24 13.53
CA GLN I 250 17.01 -43.73 14.90
C GLN I 250 15.59 -43.26 15.25
N CYS I 251 14.86 -42.65 14.29
CA CYS I 251 13.43 -42.36 14.52
C CYS I 251 12.66 -43.59 15.01
N ILE I 252 13.03 -44.75 14.46
CA ILE I 252 12.36 -46.00 14.80
C ILE I 252 12.87 -46.50 16.13
N TYR I 253 14.19 -46.48 16.32
CA TYR I 253 14.77 -46.94 17.58
C TYR I 253 14.20 -46.16 18.76
N ASP I 254 13.91 -44.88 18.56
CA ASP I 254 13.51 -44.00 19.65
C ASP I 254 12.02 -44.05 19.91
N ASP I 255 11.28 -44.77 19.07
CA ASP I 255 9.84 -44.88 19.24
C ASP I 255 9.63 -45.93 20.33
N PRO I 256 8.95 -45.57 21.44
CA PRO I 256 8.82 -46.50 22.59
C PRO I 256 8.00 -47.77 22.26
N LYS I 257 7.28 -47.76 21.13
CA LYS I 257 6.54 -48.94 20.68
C LYS I 257 7.41 -49.97 19.98
N TYR I 258 8.66 -49.59 19.69
CA TYR I 258 9.61 -50.43 19.01
C TYR I 258 10.03 -51.64 19.84
N LEU I 259 10.23 -51.40 21.13
CA LEU I 259 10.49 -52.47 22.06
C LEU I 259 11.65 -53.31 21.58
N ASP I 260 12.66 -52.67 21.01
CA ASP I 260 13.90 -53.35 20.62
C ASP I 260 13.72 -54.33 19.48
N GLY I 261 12.66 -54.12 18.69
CA GLY I 261 12.33 -55.00 17.58
C GLY I 261 11.33 -56.08 17.93
N GLU I 262 10.90 -56.10 19.20
CA GLU I 262 10.04 -57.14 19.73
C GLU I 262 8.58 -56.72 19.72
N TYR I 263 8.29 -55.57 19.11
CA TYR I 263 6.92 -55.11 18.99
C TYR I 263 5.99 -56.21 18.42
N ASP I 264 4.75 -56.24 18.86
CA ASP I 264 3.80 -57.14 18.27
C ASP I 264 3.42 -56.55 16.91
N VAL I 265 3.27 -57.42 15.92
CA VAL I 265 3.10 -57.06 14.51
C VAL I 265 1.92 -56.10 14.18
N ASP I 266 0.91 -56.08 15.05
CA ASP I 266 -0.24 -55.17 14.84
C ASP I 266 -0.19 -54.03 15.87
N ASP I 267 1.01 -53.80 16.42
CA ASP I 267 1.27 -52.63 17.24
C ASP I 267 2.67 -52.07 16.91
N GLN I 268 2.84 -51.70 15.64
CA GLN I 268 4.12 -51.21 15.08
C GLN I 268 4.54 -49.87 15.70
N PRO I 269 5.87 -49.57 15.69
CA PRO I 269 6.31 -48.21 15.99
C PRO I 269 5.97 -47.27 14.82
N VAL I 270 4.69 -46.92 14.75
CA VAL I 270 4.12 -46.19 13.63
C VAL I 270 4.60 -44.75 13.49
N ARG I 271 4.85 -44.08 14.61
CA ARG I 271 5.35 -42.70 14.60
C ARG I 271 6.79 -42.65 14.10
N GLY I 272 7.60 -43.60 14.58
CA GLY I 272 8.96 -43.75 14.12
C GLY I 272 9.00 -43.96 12.63
N LEU I 273 8.20 -44.93 12.17
CA LEU I 273 8.13 -45.27 10.75
C LEU I 273 7.71 -44.11 9.91
N GLU I 274 6.63 -43.45 10.31
CA GLU I 274 6.15 -42.26 9.62
C GLU I 274 7.25 -41.26 9.44
N THR I 275 7.96 -40.99 10.53
CA THR I 275 8.95 -39.94 10.55
C THR I 275 10.11 -40.34 9.65
N ALA I 276 10.57 -41.56 9.80
CA ALA I 276 11.62 -42.06 8.93
C ALA I 276 11.26 -41.80 7.47
N ARG I 277 10.00 -42.03 7.13
CA ARG I 277 9.56 -41.87 5.75
C ARG I 277 9.28 -40.42 5.30
N LYS I 278 8.82 -39.51 6.16
CA LYS I 278 8.80 -38.09 5.80
C LYS I 278 10.17 -37.65 5.37
N ILE I 279 11.19 -37.95 6.17
CA ILE I 279 12.55 -37.55 5.89
C ILE I 279 12.97 -38.14 4.55
N ALA I 280 12.84 -39.46 4.40
CA ALA I 280 13.19 -40.14 3.13
C ALA I 280 12.51 -39.51 1.97
N ASN I 281 11.22 -39.27 2.10
CA ASN I 281 10.49 -38.66 1.00
C ASN I 281 11.05 -37.32 0.60
N LEU I 282 11.52 -36.53 1.56
CA LEU I 282 12.08 -35.21 1.18
C LEU I 282 13.41 -35.34 0.53
N THR I 283 14.26 -36.25 1.05
CA THR I 283 15.55 -36.47 0.41
C THR I 283 15.35 -36.90 -1.04
N TYR I 284 14.17 -37.45 -1.38
CA TYR I 284 13.93 -37.92 -2.75
C TYR I 284 13.53 -36.78 -3.68
N LYS I 285 13.26 -35.62 -3.09
CA LYS I 285 12.83 -34.44 -3.85
C LYS I 285 13.98 -33.48 -4.13
N SER I 286 13.69 -32.44 -4.91
CA SER I 286 14.63 -31.40 -5.20
C SER I 286 13.99 -30.08 -4.77
N LYS I 287 14.82 -29.05 -4.65
CA LYS I 287 14.35 -27.79 -4.23
C LYS I 287 13.41 -27.27 -5.30
N PRO I 288 13.84 -27.26 -6.58
CA PRO I 288 12.85 -26.81 -7.59
C PRO I 288 11.51 -27.58 -7.60
N ALA I 289 11.53 -28.88 -7.37
CA ALA I 289 10.29 -29.63 -7.43
C ALA I 289 9.38 -29.19 -6.28
N MET I 290 9.93 -29.04 -5.07
CA MET I 290 9.09 -28.66 -3.91
C MET I 290 8.64 -27.21 -4.02
N ASP I 291 9.51 -26.37 -4.60
CA ASP I 291 9.16 -24.98 -4.85
C ASP I 291 8.00 -24.79 -5.84
N GLU I 292 7.95 -25.61 -6.90
CA GLU I 292 6.83 -25.52 -7.86
C GLU I 292 5.55 -26.00 -7.24
N ARG I 293 5.66 -26.93 -6.30
CA ARG I 293 4.49 -27.57 -5.76
C ARG I 293 3.86 -26.73 -4.63
N PHE I 294 4.70 -26.02 -3.88
CA PHE I 294 4.25 -25.20 -2.76
C PHE I 294 4.91 -23.83 -2.78
N HIS I 295 4.11 -22.78 -2.80
CA HIS I 295 4.66 -21.43 -2.73
C HIS I 295 3.66 -20.42 -2.17
N MET I 296 4.08 -19.16 -2.11
CA MET I 296 3.27 -18.11 -1.51
C MET I 296 2.44 -17.33 -2.55
N ALA I 297 1.35 -16.70 -2.12
CA ALA I 297 0.69 -15.70 -2.98
C ALA I 297 1.75 -14.63 -3.36
N PRO I 298 1.77 -14.12 -4.63
CA PRO I 298 2.66 -12.95 -5.01
C PRO I 298 2.52 -11.67 -4.12
N GLY I 299 3.54 -10.79 -4.14
CA GLY I 299 3.66 -9.60 -3.26
C GLY I 299 2.43 -8.80 -2.78
N VAL I 300 1.99 -7.84 -3.58
CA VAL I 300 0.73 -7.17 -3.25
C VAL I 300 -0.32 -7.38 -4.36
N GLY I 327 -3.17 -28.56 -1.53
CA GLY I 327 -2.69 -28.54 -2.93
C GLY I 327 -1.33 -27.88 -3.24
N GLN I 328 -1.24 -26.57 -2.95
CA GLN I 328 -0.27 -25.63 -3.56
C GLN I 328 0.14 -24.37 -2.72
N PRO I 329 -0.73 -23.88 -1.80
CA PRO I 329 -0.16 -22.89 -0.83
C PRO I 329 0.74 -23.54 0.24
N ILE I 330 1.62 -22.73 0.84
CA ILE I 330 2.52 -23.23 1.89
C ILE I 330 1.79 -23.84 3.12
N GLU I 331 0.57 -23.40 3.42
CA GLU I 331 -0.32 -24.02 4.45
C GLU I 331 -0.47 -25.55 4.26
N ALA I 332 -0.45 -25.96 2.99
CA ALA I 332 -0.74 -27.34 2.56
C ALA I 332 0.42 -28.32 2.74
N VAL I 333 1.60 -27.79 3.02
CA VAL I 333 2.81 -28.59 3.18
C VAL I 333 2.64 -29.57 4.32
N SER I 334 2.11 -29.06 5.41
CA SER I 334 1.97 -29.82 6.59
C SER I 334 1.27 -31.18 6.31
N SER I 335 0.10 -31.14 5.64
CA SER I 335 -0.66 -32.36 5.50
C SER I 335 -0.12 -33.20 4.32
N TYR I 336 0.53 -32.54 3.37
CA TYR I 336 1.23 -33.28 2.32
C TYR I 336 2.29 -34.19 2.94
N LEU I 337 3.00 -33.68 3.95
CA LEU I 337 4.04 -34.47 4.60
C LEU I 337 3.47 -35.61 5.39
N ARG I 338 2.40 -35.35 6.14
CA ARG I 338 1.79 -36.36 6.98
C ARG I 338 1.18 -37.48 6.13
N TYR I 339 0.53 -37.09 5.03
CA TYR I 339 -0.41 -38.00 4.37
C TYR I 339 0.22 -39.30 3.85
N GLN I 340 1.19 -39.20 2.97
CA GLN I 340 1.83 -40.41 2.46
C GLN I 340 2.69 -41.12 3.50
N ALA I 341 3.30 -40.37 4.42
CA ALA I 341 4.07 -40.99 5.48
C ALA I 341 3.20 -41.90 6.34
N GLN I 342 1.98 -41.45 6.65
CA GLN I 342 1.01 -42.29 7.35
C GLN I 342 0.63 -43.55 6.58
N LYS I 343 0.24 -43.39 5.30
CA LYS I 343 -0.21 -44.55 4.55
C LYS I 343 0.94 -45.60 4.46
N PHE I 344 2.17 -45.11 4.35
CA PHE I 344 3.31 -46.00 4.31
C PHE I 344 3.54 -46.75 5.62
N ALA I 345 3.51 -46.03 6.75
CA ALA I 345 3.74 -46.61 8.09
C ALA I 345 2.67 -47.64 8.46
N ALA I 346 1.50 -47.50 7.83
CA ALA I 346 0.41 -48.44 7.99
C ALA I 346 0.69 -49.71 7.16
N SER I 347 1.53 -49.62 6.15
CA SER I 347 1.70 -50.75 5.24
C SER I 347 3.15 -51.14 4.98
N PHE I 348 3.99 -51.02 6.00
CA PHE I 348 5.36 -51.48 5.95
C PHE I 348 5.79 -51.91 7.35
N ASP I 349 6.82 -52.74 7.44
CA ASP I 349 7.24 -53.24 8.75
C ASP I 349 8.50 -52.52 9.25
N ALA I 350 8.51 -52.14 10.53
CA ALA I 350 9.64 -51.42 11.14
C ALA I 350 10.93 -52.17 11.02
N ASN I 351 10.92 -53.43 11.46
CA ASN I 351 12.11 -54.31 11.38
C ASN I 351 12.63 -54.47 9.97
N CYS I 352 11.74 -54.65 9.01
CA CYS I 352 12.17 -54.66 7.61
C CYS I 352 12.80 -53.33 7.18
N TYR I 353 12.24 -52.20 7.65
CA TYR I 353 12.84 -50.91 7.31
C TYR I 353 14.28 -50.83 7.80
N ILE I 354 14.50 -51.32 9.01
CA ILE I 354 15.85 -51.36 9.57
C ILE I 354 16.76 -52.30 8.77
N ALA I 355 16.32 -53.54 8.59
CA ALA I 355 17.10 -54.55 7.84
C ALA I 355 17.43 -54.07 6.42
N MET I 356 16.46 -53.47 5.71
CA MET I 356 16.65 -53.01 4.34
C MET I 356 17.65 -51.85 4.28
N THR I 357 17.50 -50.89 5.20
CA THR I 357 18.35 -49.73 5.09
C THR I 357 19.79 -50.09 5.44
N LEU I 358 19.94 -51.06 6.32
CA LEU I 358 21.28 -51.53 6.71
C LEU I 358 22.03 -52.17 5.55
N LYS I 359 21.30 -52.73 4.59
CA LYS I 359 21.92 -53.26 3.39
C LYS I 359 22.79 -52.23 2.77
N PHE I 360 22.34 -50.99 2.72
CA PHE I 360 23.11 -49.89 2.14
C PHE I 360 24.49 -49.75 2.72
N ASP I 361 24.65 -50.04 4.00
CA ASP I 361 25.97 -49.98 4.69
C ASP I 361 27.01 -50.97 4.20
N THR I 362 26.57 -52.13 3.70
CA THR I 362 27.42 -53.21 3.17
C THR I 362 27.88 -52.95 1.72
N HIS I 363 27.24 -51.99 1.05
CA HIS I 363 27.41 -51.86 -0.39
C HIS I 363 28.77 -51.31 -0.70
N ASP I 364 29.55 -52.03 -1.51
CA ASP I 364 30.83 -51.51 -2.03
C ASP I 364 31.24 -52.42 -3.14
N ILE I 365 31.17 -51.97 -4.40
CA ILE I 365 31.48 -52.90 -5.50
C ILE I 365 32.96 -53.37 -5.52
N SER I 366 33.82 -52.67 -4.79
CA SER I 366 35.28 -52.93 -4.82
C SER I 366 35.75 -53.82 -3.72
N ARG I 367 34.99 -53.90 -2.65
CA ARG I 367 35.47 -54.64 -1.50
C ARG I 367 35.75 -56.05 -1.93
N GLY I 368 36.97 -56.52 -1.61
CA GLY I 368 37.50 -57.84 -1.99
C GLY I 368 37.95 -58.00 -3.42
N ARG I 369 37.80 -56.96 -4.26
CA ARG I 369 37.96 -57.12 -5.71
C ARG I 369 38.98 -56.16 -6.27
N ALA I 370 39.03 -54.93 -5.76
CA ALA I 370 39.97 -53.96 -6.27
C ALA I 370 40.33 -53.00 -5.15
N GLY I 371 41.38 -52.22 -5.39
CA GLY I 371 41.91 -51.28 -4.42
C GLY I 371 41.13 -49.99 -4.34
N SER I 372 40.31 -49.71 -5.36
CA SER I 372 39.54 -48.49 -5.39
C SER I 372 38.28 -48.65 -6.24
N ILE I 373 37.35 -47.70 -6.12
CA ILE I 373 36.12 -47.69 -6.88
C ILE I 373 36.37 -47.59 -8.38
N PRO I 374 37.22 -46.64 -8.82
CA PRO I 374 37.48 -46.62 -10.27
C PRO I 374 38.08 -47.93 -10.83
N GLU I 375 38.94 -48.59 -10.08
CA GLU I 375 39.49 -49.86 -10.51
C GLU I 375 38.43 -50.94 -10.61
N ALA I 376 37.51 -50.96 -9.65
CA ALA I 376 36.41 -51.90 -9.68
C ALA I 376 35.46 -51.60 -10.87
N LEU I 377 35.11 -50.35 -11.09
CA LEU I 377 34.31 -49.99 -12.24
C LEU I 377 34.94 -50.40 -13.60
N ALA I 378 36.26 -50.41 -13.67
CA ALA I 378 36.96 -50.76 -14.90
C ALA I 378 36.86 -52.26 -15.18
N MET I 379 36.52 -53.04 -14.18
CA MET I 379 36.27 -54.45 -14.35
C MET I 379 34.90 -54.74 -14.96
N ILE I 380 34.08 -53.72 -15.16
CA ILE I 380 32.77 -53.90 -15.76
C ILE I 380 32.86 -53.74 -17.26
N THR I 381 32.74 -54.86 -17.97
CA THR I 381 33.01 -54.95 -19.40
C THR I 381 31.79 -54.76 -20.26
N GLN I 382 30.61 -55.03 -19.69
CA GLN I 382 29.35 -54.92 -20.43
C GLN I 382 29.12 -53.48 -20.86
N PRO I 383 28.38 -53.29 -21.96
CA PRO I 383 27.77 -51.98 -22.19
C PRO I 383 26.90 -51.57 -20.99
N ALA I 384 26.94 -50.29 -20.64
CA ALA I 384 26.27 -49.73 -19.48
C ALA I 384 25.62 -48.43 -19.85
N LEU I 385 24.36 -48.26 -19.44
CA LEU I 385 23.71 -46.98 -19.61
C LEU I 385 23.47 -46.46 -18.19
N ILE I 386 24.08 -45.32 -17.85
CA ILE I 386 23.96 -44.73 -16.51
C ILE I 386 22.98 -43.59 -16.59
N ILE I 387 21.88 -43.73 -15.88
CA ILE I 387 20.82 -42.73 -15.93
C ILE I 387 20.79 -41.99 -14.60
N CYS I 388 20.75 -40.66 -14.66
CA CYS I 388 20.74 -39.84 -13.45
C CYS I 388 20.05 -38.51 -13.67
N ALA I 389 19.83 -37.75 -12.59
CA ALA I 389 19.38 -36.37 -12.66
C ALA I 389 20.35 -35.50 -11.88
N ARG I 390 20.57 -34.29 -12.40
CA ARG I 390 21.48 -33.32 -11.81
C ARG I 390 21.09 -33.01 -10.35
N SER I 391 19.80 -32.99 -10.10
CA SER I 391 19.28 -32.51 -8.83
C SER I 391 18.98 -33.61 -7.84
N ASP I 392 19.51 -34.81 -8.09
CA ASP I 392 19.37 -35.92 -7.16
C ASP I 392 20.12 -35.52 -5.92
N GLY I 393 19.45 -35.45 -4.78
CA GLY I 393 20.14 -35.10 -3.54
C GLY I 393 20.80 -36.26 -2.78
N LEU I 394 20.58 -37.49 -3.21
CA LEU I 394 21.16 -38.63 -2.52
C LEU I 394 22.32 -39.20 -3.29
N TYR I 395 22.15 -39.40 -4.59
CA TYR I 395 23.23 -39.93 -5.41
C TYR I 395 23.59 -38.88 -6.40
N SER I 396 24.79 -38.36 -6.26
CA SER I 396 25.16 -37.10 -6.89
C SER I 396 25.43 -37.29 -8.36
N PHE I 397 25.13 -36.26 -9.11
CA PHE I 397 25.50 -36.18 -10.50
C PHE I 397 26.97 -36.59 -10.72
N ASP I 398 27.87 -36.03 -9.90
CA ASP I 398 29.30 -36.33 -10.01
C ASP I 398 29.67 -37.80 -9.90
N GLU I 399 28.99 -38.55 -9.01
CA GLU I 399 29.34 -39.96 -8.88
C GLU I 399 28.88 -40.78 -10.10
N HIS I 400 27.84 -40.30 -10.79
CA HIS I 400 27.41 -40.96 -12.02
C HIS I 400 28.38 -40.64 -13.11
N VAL I 401 28.86 -39.39 -13.12
CA VAL I 401 29.89 -38.93 -14.08
C VAL I 401 31.13 -39.80 -13.93
N GLU I 402 31.48 -40.10 -12.68
CA GLU I 402 32.61 -40.98 -12.37
C GLU I 402 32.36 -42.38 -12.92
N MET I 403 31.16 -42.91 -12.71
CA MET I 403 30.82 -44.23 -13.25
C MET I 403 31.08 -44.26 -14.75
N GLY I 404 30.50 -43.29 -15.46
CA GLY I 404 30.62 -43.20 -16.90
C GLY I 404 32.04 -43.11 -17.41
N ARG I 405 32.94 -42.69 -16.53
CA ARG I 405 34.32 -42.42 -16.87
C ARG I 405 35.20 -43.61 -16.60
N SER I 406 34.87 -44.42 -15.61
CA SER I 406 35.65 -45.62 -15.34
C SER I 406 35.10 -46.93 -15.94
N ILE I 407 33.81 -46.99 -16.24
CA ILE I 407 33.24 -48.12 -16.94
C ILE I 407 33.59 -47.90 -18.40
N PRO I 408 34.41 -48.79 -18.98
CA PRO I 408 34.94 -48.62 -20.33
C PRO I 408 33.89 -48.50 -21.44
N ASN I 409 32.81 -49.31 -21.44
CA ASN I 409 31.79 -49.14 -22.48
C ASN I 409 30.50 -48.59 -21.90
N SER I 410 30.47 -47.29 -21.62
CA SER I 410 29.34 -46.68 -20.91
C SER I 410 28.84 -45.41 -21.56
N ARG I 411 27.54 -45.18 -21.49
CA ARG I 411 26.96 -43.91 -21.89
C ARG I 411 26.25 -43.31 -20.70
N LEU I 412 26.52 -42.04 -20.46
CA LEU I 412 25.82 -41.33 -19.39
C LEU I 412 24.56 -40.68 -19.94
N CYS I 413 23.44 -40.95 -19.31
CA CYS I 413 22.21 -40.33 -19.74
C CYS I 413 21.64 -39.45 -18.62
N VAL I 414 21.63 -38.15 -18.85
CA VAL I 414 21.20 -37.18 -17.86
C VAL I 414 19.82 -36.77 -18.24
N VAL I 415 18.85 -37.17 -17.41
CA VAL I 415 17.44 -36.87 -17.73
C VAL I 415 17.19 -35.37 -17.58
N ASP I 416 16.60 -34.79 -18.61
CA ASP I 416 16.21 -33.37 -18.60
C ASP I 416 15.00 -33.21 -17.70
N THR I 417 15.26 -32.86 -16.46
CA THR I 417 14.22 -32.74 -15.44
C THR I 417 14.76 -31.83 -14.33
N ASN I 418 13.85 -31.31 -13.50
CA ASN I 418 14.25 -30.61 -12.29
C ASN I 418 13.86 -31.42 -11.06
N GLU I 419 13.42 -32.67 -11.27
CA GLU I 419 12.86 -33.50 -10.16
C GLU I 419 14.03 -33.97 -9.31
N GLY I 420 14.04 -34.48 -8.13
CA GLY I 420 15.31 -34.91 -7.58
C GLY I 420 15.36 -36.41 -7.75
N HIS I 421 15.72 -37.10 -6.68
CA HIS I 421 16.04 -38.50 -6.76
C HIS I 421 14.90 -39.33 -7.34
N ASP I 422 13.65 -39.00 -7.00
CA ASP I 422 12.52 -39.76 -7.51
C ASP I 422 12.15 -39.45 -8.98
N PHE I 423 13.03 -38.77 -9.69
CA PHE I 423 12.82 -38.49 -11.09
C PHE I 423 12.51 -39.77 -11.87
N PHE I 424 13.03 -40.91 -11.43
CA PHE I 424 12.98 -42.10 -12.29
C PHE I 424 11.57 -42.63 -12.27
N VAL I 425 10.81 -42.16 -11.28
CA VAL I 425 9.41 -42.42 -11.18
C VAL I 425 8.57 -41.26 -11.74
N MET I 426 8.96 -40.00 -11.47
CA MET I 426 8.17 -38.84 -11.90
C MET I 426 8.30 -38.60 -13.40
N GLU I 427 9.43 -39.02 -13.99
CA GLU I 427 9.71 -38.85 -15.41
C GLU I 427 9.88 -40.24 -16.01
N ALA I 428 8.98 -41.16 -15.66
CA ALA I 428 9.08 -42.58 -16.07
C ALA I 428 9.17 -42.74 -17.59
N ASP I 429 8.45 -41.90 -18.32
CA ASP I 429 8.44 -41.95 -19.77
C ASP I 429 9.80 -41.66 -20.33
N LYS I 430 10.49 -40.68 -19.78
CA LYS I 430 11.87 -40.41 -20.25
C LYS I 430 12.85 -41.53 -19.91
N VAL I 431 12.62 -42.21 -18.80
CA VAL I 431 13.47 -43.32 -18.43
C VAL I 431 13.18 -44.47 -19.38
N ASN I 432 11.89 -44.66 -19.69
CA ASN I 432 11.45 -45.70 -20.61
C ASN I 432 12.14 -45.57 -21.96
N ASP I 433 12.14 -44.36 -22.48
CA ASP I 433 12.69 -44.11 -23.79
C ASP I 433 14.18 -44.38 -23.76
N ALA I 434 14.84 -43.97 -22.70
CA ALA I 434 16.29 -44.15 -22.61
C ALA I 434 16.64 -45.63 -22.55
N VAL I 435 15.91 -46.36 -21.70
CA VAL I 435 16.09 -47.79 -21.53
C VAL I 435 15.79 -48.54 -22.82
N ARG I 436 14.63 -48.30 -23.41
CA ARG I 436 14.29 -48.97 -24.66
C ARG I 436 15.36 -48.72 -25.73
N GLY I 437 15.76 -47.45 -25.89
CA GLY I 437 16.78 -47.07 -26.89
C GLY I 437 18.07 -47.89 -26.78
N PHE I 438 18.48 -48.11 -25.54
CA PHE I 438 19.68 -48.85 -25.18
C PHE I 438 19.52 -50.36 -25.43
N LEU I 439 18.38 -50.88 -25.07
CA LEU I 439 18.10 -52.29 -25.29
C LEU I 439 17.95 -52.63 -26.78
N ASP I 440 17.55 -51.66 -27.59
CA ASP I 440 17.37 -51.85 -29.02
C ASP I 440 18.70 -51.85 -29.75
N GLN I 441 19.68 -51.23 -29.14
CA GLN I 441 21.02 -51.25 -29.63
C GLN I 441 21.57 -52.67 -29.86
N SER I 442 22.44 -52.79 -30.86
CA SER I 442 23.26 -54.01 -31.00
C SER I 442 24.25 -54.18 -29.81
N ASN J 66 44.77 41.28 74.40
CA ASN J 66 44.77 41.30 72.91
C ASN J 66 45.82 40.31 72.35
N ARG J 67 45.33 39.12 71.95
CA ARG J 67 46.21 38.04 71.44
C ARG J 67 46.85 38.34 70.09
N PHE J 68 46.25 39.22 69.29
CA PHE J 68 46.84 39.58 67.98
C PHE J 68 48.09 40.45 68.12
N GLU J 69 47.99 41.50 68.94
CA GLU J 69 49.15 42.31 69.38
C GLU J 69 50.19 41.45 70.12
N ALA J 70 49.73 40.53 70.99
CA ALA J 70 50.64 39.64 71.74
C ALA J 70 51.56 38.78 70.82
N SER J 71 51.13 38.51 69.60
CA SER J 71 51.87 37.60 68.71
C SER J 71 53.03 38.31 67.99
N LEU J 72 53.08 39.64 68.14
CA LEU J 72 54.09 40.48 67.44
C LEU J 72 55.45 40.49 68.17
N ASP J 73 56.52 40.86 67.46
CA ASP J 73 57.79 41.21 68.11
C ASP J 73 57.59 42.48 68.94
N ALA J 74 58.69 42.93 69.57
CA ALA J 74 58.60 44.06 70.50
C ALA J 74 58.35 45.32 69.68
N GLN J 75 57.62 46.24 70.29
CA GLN J 75 57.29 47.51 69.64
C GLN J 75 56.91 48.51 70.73
N ASP J 76 56.94 49.80 70.39
CA ASP J 76 56.64 50.84 71.35
C ASP J 76 55.19 51.16 71.28
N ILE J 77 54.66 51.86 72.31
CA ILE J 77 53.29 52.32 72.37
C ILE J 77 53.31 53.74 72.92
N ALA J 78 52.89 54.74 72.14
CA ALA J 78 52.67 56.08 72.69
C ALA J 78 51.23 56.15 73.20
N ARG J 79 50.97 56.94 74.26
CA ARG J 79 49.59 57.11 74.67
C ARG J 79 49.18 58.58 74.56
N ILE J 80 48.10 58.84 73.85
CA ILE J 80 47.60 60.19 73.72
C ILE J 80 46.39 60.25 74.65
N SER J 81 46.41 61.12 75.66
CA SER J 81 45.38 61.01 76.71
C SER J 81 44.04 61.47 76.17
N LEU J 82 44.04 62.37 75.18
CA LEU J 82 42.78 62.82 74.55
C LEU J 82 43.03 63.07 73.07
N PHE J 83 42.13 62.54 72.21
CA PHE J 83 42.21 62.77 70.75
C PHE J 83 40.83 62.96 70.09
N THR J 84 40.67 64.02 69.34
CA THR J 84 39.36 64.32 68.77
C THR J 84 39.27 63.87 67.30
N LEU J 85 38.47 62.82 67.08
CA LEU J 85 38.32 62.28 65.73
C LEU J 85 37.63 63.32 64.94
N GLU J 86 37.77 63.29 63.62
CA GLU J 86 37.17 64.40 62.86
C GLU J 86 35.63 64.28 62.81
N SER J 87 35.11 63.13 63.25
CA SER J 87 33.65 63.02 63.46
C SER J 87 33.25 63.94 64.62
N GLY J 88 34.22 64.23 65.51
CA GLY J 88 33.96 65.00 66.74
C GLY J 88 33.92 64.08 67.93
N VAL J 89 33.99 62.76 67.72
CA VAL J 89 34.07 61.82 68.85
C VAL J 89 35.47 61.92 69.45
N ILE J 90 35.53 61.76 70.78
CA ILE J 90 36.78 61.93 71.53
C ILE J 90 37.24 60.59 72.07
N LEU J 91 38.43 60.21 71.63
CA LEU J 91 39.04 59.03 72.19
C LEU J 91 39.91 59.46 73.33
N ARG J 92 39.96 58.62 74.36
CA ARG J 92 40.74 58.98 75.51
C ARG J 92 41.72 57.86 75.80
N ASP J 93 42.86 58.28 76.36
CA ASP J 93 43.89 57.35 76.79
C ASP J 93 44.06 56.41 75.58
N VAL J 94 44.58 56.97 74.46
CA VAL J 94 44.66 56.30 73.13
C VAL J 94 46.05 55.73 72.84
N PRO J 95 46.17 54.39 72.80
CA PRO J 95 47.49 53.81 72.42
C PRO J 95 47.71 53.97 70.89
N VAL J 96 48.95 54.29 70.49
CA VAL J 96 49.36 54.28 69.11
C VAL J 96 50.61 53.42 69.06
N ALA J 97 50.50 52.18 68.57
CA ALA J 97 51.65 51.28 68.44
C ALA J 97 52.50 51.68 67.25
N TYR J 98 53.81 51.41 67.33
CA TYR J 98 54.71 51.71 66.23
C TYR J 98 55.98 50.96 66.41
N LYS J 99 56.78 50.95 65.35
CA LYS J 99 58.00 50.23 65.30
C LYS J 99 58.90 51.10 64.47
N SER J 100 60.16 51.24 64.91
CA SER J 100 61.14 51.97 64.11
C SER J 100 62.42 51.19 64.01
N TRP J 101 63.20 51.55 62.99
CA TRP J 101 64.50 50.99 62.72
C TRP J 101 65.47 52.15 62.45
N GLY J 102 66.70 52.00 62.93
CA GLY J 102 67.74 53.00 62.70
C GLY J 102 67.60 54.13 63.69
N ARG J 103 68.39 55.20 63.47
CA ARG J 103 68.49 56.25 64.44
C ARG J 103 68.29 57.60 63.79
N MET J 104 67.69 58.53 64.53
CA MET J 104 67.54 59.90 64.02
C MET J 104 68.91 60.61 63.97
N ASN J 105 69.18 61.38 62.91
CA ASN J 105 70.38 62.21 62.90
C ASN J 105 70.18 63.42 63.84
N VAL J 106 71.24 64.22 64.03
CA VAL J 106 71.24 65.28 65.05
C VAL J 106 70.20 66.34 64.70
N SER J 107 70.01 66.49 63.40
CA SER J 107 69.09 67.42 62.80
C SER J 107 67.63 66.94 62.88
N ARG J 108 67.44 65.68 63.29
CA ARG J 108 66.11 64.99 63.36
C ARG J 108 65.24 65.17 62.08
N ASP J 109 65.88 65.00 60.93
CA ASP J 109 65.25 65.27 59.64
C ASP J 109 65.47 64.14 58.60
N ASN J 110 65.93 62.98 59.09
CA ASN J 110 66.20 61.82 58.24
C ASN J 110 65.13 60.75 58.49
N CYS J 111 63.93 61.20 58.87
CA CYS J 111 62.85 60.28 59.19
C CYS J 111 62.13 59.84 57.91
N VAL J 112 61.96 58.53 57.77
CA VAL J 112 61.18 57.96 56.65
C VAL J 112 59.98 57.23 57.26
N ILE J 113 58.79 57.62 56.88
CA ILE J 113 57.55 56.99 57.36
C ILE J 113 57.10 55.97 56.34
N VAL J 114 56.89 54.75 56.79
CA VAL J 114 56.31 53.73 55.96
C VAL J 114 54.89 53.54 56.46
N CYS J 115 53.91 53.66 55.56
CA CYS J 115 52.52 53.37 55.95
C CYS J 115 52.12 51.94 55.56
N HIS J 116 51.68 51.16 56.53
CA HIS J 116 51.43 49.74 56.26
C HIS J 116 50.14 49.46 55.48
N THR J 117 49.91 48.18 55.13
CA THR J 117 48.74 47.81 54.33
C THR J 117 47.56 47.58 55.24
N LEU J 118 46.41 47.31 54.64
CA LEU J 118 45.16 47.12 55.38
C LEU J 118 45.27 46.18 56.57
N THR J 119 45.92 45.03 56.43
CA THR J 119 45.84 43.99 57.46
C THR J 119 47.17 43.65 58.07
N SER J 120 48.22 44.38 57.71
CA SER J 120 49.47 44.10 58.37
C SER J 120 49.55 44.81 59.72
N SER J 121 50.63 44.53 60.44
CA SER J 121 50.97 45.33 61.64
C SER J 121 51.97 46.37 61.16
N ALA J 122 52.51 47.14 62.11
CA ALA J 122 53.60 48.10 61.89
C ALA J 122 54.93 47.41 61.50
N HIS J 123 55.05 46.09 61.69
CA HIS J 123 56.31 45.39 61.39
C HIS J 123 56.46 45.13 59.93
N VAL J 124 56.91 46.15 59.24
CA VAL J 124 57.00 46.20 57.80
C VAL J 124 57.99 45.17 57.29
N THR J 125 58.97 44.84 58.13
CA THR J 125 60.01 43.85 57.82
C THR J 125 59.40 42.49 57.49
N SER J 126 58.22 42.23 58.02
CA SER J 126 57.68 40.88 57.81
C SER J 126 57.07 40.65 56.37
N TRP J 127 56.66 41.72 55.69
CA TRP J 127 56.14 41.58 54.29
C TRP J 127 56.98 42.33 53.25
N TRP J 128 57.79 43.27 53.73
CA TRP J 128 58.75 43.97 52.90
C TRP J 128 60.24 43.76 53.29
N PRO J 129 60.65 42.51 53.63
CA PRO J 129 61.94 42.39 54.30
C PRO J 129 63.10 42.88 53.45
N THR J 130 63.04 42.70 52.14
CA THR J 130 64.16 43.06 51.30
C THR J 130 64.21 44.55 50.97
N LEU J 131 63.30 45.35 51.52
CA LEU J 131 63.47 46.79 51.35
C LEU J 131 64.39 47.38 52.44
N PHE J 132 64.74 46.55 53.43
CA PHE J 132 65.57 47.00 54.57
C PHE J 132 67.02 46.60 54.44
N GLY J 133 67.91 47.51 54.85
CA GLY J 133 69.34 47.19 54.92
C GLY J 133 70.23 48.16 54.19
N GLN J 134 71.53 47.97 54.37
CA GLN J 134 72.57 48.76 53.72
C GLN J 134 72.22 48.91 52.29
N GLY J 135 72.19 50.12 51.74
CA GLY J 135 72.06 50.29 50.25
C GLY J 135 70.68 49.89 49.73
N ARG J 136 69.80 49.47 50.64
CA ARG J 136 68.40 49.20 50.30
C ARG J 136 67.58 50.51 50.46
N ALA J 137 66.29 50.48 50.13
CA ALA J 137 65.48 51.69 50.15
C ALA J 137 65.36 52.20 51.58
N PHE J 138 65.05 51.32 52.52
CA PHE J 138 64.92 51.70 53.91
C PHE J 138 66.25 51.41 54.57
N ASP J 139 67.20 52.30 54.32
CA ASP J 139 68.61 52.14 54.72
C ASP J 139 68.83 52.62 56.15
N THR J 140 68.85 51.67 57.09
CA THR J 140 68.93 51.99 58.53
C THR J 140 70.25 52.69 58.94
N SER J 141 71.15 52.86 57.97
CA SER J 141 72.38 53.62 58.16
C SER J 141 72.19 55.10 57.88
N ARG J 142 71.22 55.42 57.05
CA ARG J 142 71.02 56.81 56.68
C ARG J 142 69.77 57.37 57.31
N TYR J 143 68.79 56.51 57.61
CA TYR J 143 67.45 56.99 57.98
C TYR J 143 66.92 56.39 59.27
N PHE J 144 66.00 57.14 59.87
CA PHE J 144 65.18 56.64 60.96
C PHE J 144 63.84 56.26 60.33
N ILE J 145 63.56 54.96 60.28
CA ILE J 145 62.40 54.47 59.56
C ILE J 145 61.37 54.15 60.60
N ILE J 146 60.18 54.68 60.43
CA ILE J 146 59.13 54.40 61.36
C ILE J 146 57.78 54.09 60.69
N CYS J 147 57.06 53.14 61.31
CA CYS J 147 55.72 52.75 60.84
C CYS J 147 54.86 52.73 62.08
N LEU J 148 53.77 53.47 62.02
CA LEU J 148 52.81 53.51 63.10
C LEU J 148 51.52 52.76 62.74
N ASN J 149 50.93 52.06 63.70
CA ASN J 149 49.80 51.15 63.42
C ASN J 149 48.53 52.00 63.31
N TYR J 150 47.67 51.69 62.32
CA TYR J 150 46.48 52.51 62.13
C TYR J 150 45.49 52.34 63.27
N LEU J 151 44.69 53.36 63.57
CA LEU J 151 43.59 53.14 64.48
C LEU J 151 42.64 52.10 63.83
N GLY J 152 41.98 51.27 64.61
CA GLY J 152 41.07 50.27 64.05
C GLY J 152 41.75 48.93 63.93
N SER J 153 43.09 48.92 63.99
CA SER J 153 43.83 47.69 63.67
C SER J 153 43.91 46.82 64.90
N PRO J 154 44.06 45.49 64.73
CA PRO J 154 44.18 44.69 65.97
C PRO J 154 45.56 44.72 66.59
N PHE J 155 46.51 45.42 65.97
CA PHE J 155 47.95 45.20 66.30
C PHE J 155 48.60 46.28 67.18
N GLY J 156 47.79 46.89 68.03
CA GLY J 156 48.34 47.73 69.08
C GLY J 156 47.71 49.09 69.16
N SER J 157 47.52 49.80 68.03
CA SER J 157 46.81 51.08 68.15
C SER J 157 45.36 50.85 68.57
N ALA J 158 44.68 51.95 68.89
CA ALA J 158 43.32 51.88 69.42
C ALA J 158 42.42 51.28 68.36
N GLY J 159 41.68 50.24 68.74
CA GLY J 159 40.70 49.66 67.82
C GLY J 159 39.78 48.74 68.59
N PRO J 160 38.91 48.02 67.87
CA PRO J 160 37.97 47.10 68.52
C PRO J 160 38.62 46.18 69.55
N CYS J 161 39.92 45.89 69.42
CA CYS J 161 40.55 44.92 70.31
C CYS J 161 41.18 45.54 71.58
N SER J 162 41.31 46.86 71.58
CA SER J 162 41.98 47.50 72.71
C SER J 162 40.96 47.90 73.81
N PRO J 163 41.46 48.00 75.08
CA PRO J 163 40.58 48.31 76.24
C PRO J 163 39.79 49.62 76.08
N ASP J 164 38.50 49.54 76.36
CA ASP J 164 37.65 50.72 76.35
C ASP J 164 37.85 51.40 77.69
N PRO J 165 38.40 52.65 77.68
CA PRO J 165 38.60 53.38 78.98
C PRO J 165 37.29 53.58 79.83
N ASP J 166 36.12 53.20 79.27
CA ASP J 166 34.86 53.19 80.05
C ASP J 166 34.44 51.77 80.47
N ALA J 167 35.30 51.06 81.22
CA ALA J 167 35.03 49.68 81.75
C ALA J 167 36.26 48.93 82.36
N PRO J 172 37.13 45.51 76.14
CA PRO J 172 37.58 46.09 74.85
C PRO J 172 36.48 46.83 74.19
N TYR J 173 36.84 47.77 73.31
CA TYR J 173 35.85 48.54 72.57
C TYR J 173 34.86 47.65 71.79
N GLY J 174 35.38 46.55 71.23
CA GLY J 174 34.54 45.62 70.47
C GLY J 174 33.85 46.36 69.34
N ALA J 175 32.54 46.11 69.23
CA ALA J 175 31.79 46.63 68.09
C ALA J 175 31.56 48.13 68.19
N LYS J 176 31.90 48.72 69.32
CA LYS J 176 31.58 50.13 69.56
C LYS J 176 32.72 51.10 69.25
N PHE J 177 33.81 50.58 68.66
CA PHE J 177 34.92 51.44 68.27
C PHE J 177 34.43 52.46 67.24
N PRO J 178 34.62 53.77 67.52
CA PRO J 178 34.12 54.81 66.58
C PRO J 178 34.75 54.69 65.18
N ARG J 179 34.03 55.23 64.18
CA ARG J 179 34.55 55.35 62.83
C ARG J 179 35.75 56.28 62.88
N THR J 180 36.86 55.86 62.25
CA THR J 180 38.04 56.72 62.09
C THR J 180 38.32 56.92 60.59
N THR J 181 39.06 57.97 60.23
CA THR J 181 39.36 58.25 58.85
C THR J 181 40.86 58.20 58.58
N ILE J 182 41.23 58.12 57.30
CA ILE J 182 42.63 58.27 56.92
C ILE J 182 43.23 59.49 57.65
N ARG J 183 42.58 60.65 57.50
CA ARG J 183 43.04 61.90 58.14
C ARG J 183 43.22 61.81 59.64
N ASP J 184 42.38 61.00 60.33
CA ASP J 184 42.55 60.75 61.77
C ASP J 184 43.86 60.07 62.05
N ASP J 185 44.17 59.03 61.28
CA ASP J 185 45.43 58.30 61.48
C ASP J 185 46.64 59.21 61.27
N VAL J 186 46.62 59.97 60.18
CA VAL J 186 47.75 60.85 59.86
C VAL J 186 47.94 61.85 60.99
N ARG J 187 46.81 62.36 61.51
CA ARG J 187 47.00 63.41 62.50
C ARG J 187 47.44 62.85 63.84
N ILE J 188 46.86 61.74 64.30
CA ILE J 188 47.32 61.24 65.60
C ILE J 188 48.76 60.77 65.44
N HIS J 189 49.08 60.22 64.28
CA HIS J 189 50.46 59.78 64.02
C HIS J 189 51.41 60.99 64.07
N ARG J 190 51.01 62.14 63.48
CA ARG J 190 51.82 63.37 63.53
C ARG J 190 52.12 63.70 64.99
N GLN J 191 51.09 63.57 65.86
CA GLN J 191 51.29 63.84 67.28
C GLN J 191 52.38 62.96 67.88
N VAL J 192 52.32 61.66 67.59
CA VAL J 192 53.37 60.77 68.08
C VAL J 192 54.71 61.25 67.55
N LEU J 193 54.79 61.64 66.28
CA LEU J 193 56.10 61.94 65.73
C LEU J 193 56.65 63.16 66.40
N ASP J 194 55.75 64.07 66.76
CA ASP J 194 56.10 65.30 67.49
C ASP J 194 56.70 64.94 68.87
N ARG J 195 56.06 64.03 69.61
CA ARG J 195 56.66 63.54 70.84
C ARG J 195 57.97 62.91 70.63
N LEU J 196 58.20 62.27 69.50
CA LEU J 196 59.53 61.65 69.34
C LEU J 196 60.55 62.71 68.93
N GLY J 197 60.08 63.94 68.75
CA GLY J 197 60.96 65.05 68.35
C GLY J 197 61.45 65.06 66.91
N VAL J 198 60.71 64.39 66.01
CA VAL J 198 61.00 64.40 64.58
C VAL J 198 60.74 65.82 64.12
N ARG J 199 61.62 66.47 63.35
CA ARG J 199 61.26 67.83 62.89
CA ARG J 199 61.31 67.84 62.90
C ARG J 199 61.16 67.95 61.38
N GLN J 200 61.45 66.86 60.70
CA GLN J 200 61.22 66.84 59.30
C GLN J 200 61.23 65.39 58.79
N ILE J 201 60.41 65.15 57.77
CA ILE J 201 60.27 63.81 57.22
C ILE J 201 60.89 63.78 55.87
N ALA J 202 61.92 62.93 55.72
CA ALA J 202 62.62 62.78 54.44
C ALA J 202 61.69 62.26 53.31
N ALA J 203 60.84 61.30 53.67
CA ALA J 203 59.92 60.70 52.73
C ALA J 203 58.85 59.91 53.46
N VAL J 204 57.67 59.88 52.84
CA VAL J 204 56.59 59.03 53.26
C VAL J 204 56.37 58.04 52.13
N VAL J 205 56.42 56.74 52.45
CA VAL J 205 56.29 55.66 51.46
C VAL J 205 55.16 54.76 51.88
N GLY J 206 54.20 54.46 50.99
CA GLY J 206 53.08 53.57 51.38
C GLY J 206 52.29 52.96 50.23
N ALA J 207 51.87 51.70 50.40
CA ALA J 207 51.17 51.00 49.33
C ALA J 207 49.75 50.67 49.73
N MET J 209 46.41 50.81 51.15
CA MET J 209 45.88 51.76 52.20
C MET J 209 47.00 52.75 52.61
N GLY J 210 48.21 52.21 52.72
CA GLY J 210 49.36 53.04 52.97
C GLY J 210 49.50 54.20 52.02
N GLY J 211 49.12 54.02 50.76
CA GLY J 211 49.35 55.10 49.78
C GLY J 211 48.35 56.20 49.98
N MET J 212 47.28 55.85 50.67
CA MET J 212 46.21 56.80 50.94
C MET J 212 46.69 57.71 52.09
N HIS J 213 47.20 57.10 53.18
CA HIS J 213 47.82 57.88 54.21
C HIS J 213 48.97 58.73 53.64
N THR J 214 49.81 58.13 52.79
CA THR J 214 50.91 58.83 52.19
C THR J 214 50.41 60.09 51.55
N LEU J 215 49.45 59.97 50.64
CA LEU J 215 48.87 61.18 50.01
C LEU J 215 48.39 62.22 51.05
N GLU J 216 47.79 61.76 52.15
CA GLU J 216 47.34 62.68 53.19
C GLU J 216 48.51 63.39 53.92
N TRP J 217 49.57 62.63 54.22
CA TRP J 217 50.77 63.18 54.85
C TRP J 217 51.25 64.40 54.07
N ALA J 218 51.27 64.28 52.75
CA ALA J 218 51.76 65.35 51.87
C ALA J 218 51.13 66.71 52.20
N PHE J 219 49.91 66.70 52.75
CA PHE J 219 49.15 67.94 52.96
C PHE J 219 49.66 68.82 54.13
N PHE J 220 50.68 68.27 54.83
CA PHE J 220 51.45 69.06 55.80
C PHE J 220 52.40 70.05 55.12
N GLY J 221 52.66 69.85 53.84
CA GLY J 221 53.40 70.84 53.06
C GLY J 221 54.82 70.35 52.96
N PRO J 222 55.59 70.90 51.99
CA PRO J 222 56.94 70.47 51.66
C PRO J 222 57.96 70.84 52.71
N GLU J 223 57.54 71.63 53.67
CA GLU J 223 58.46 72.03 54.70
C GLU J 223 58.59 70.85 55.70
N TYR J 224 57.47 70.21 56.04
CA TYR J 224 57.50 69.14 57.02
C TYR J 224 57.68 67.76 56.40
N VAL J 225 57.04 67.54 55.23
CA VAL J 225 57.16 66.29 54.44
C VAL J 225 57.90 66.60 53.13
N ARG J 226 59.12 66.12 52.98
CA ARG J 226 59.91 66.53 51.84
C ARG J 226 59.54 65.83 50.51
N LYS J 227 59.25 64.53 50.58
CA LYS J 227 58.95 63.69 49.39
C LYS J 227 57.91 62.67 49.77
N ILE J 228 57.13 62.24 48.77
CA ILE J 228 56.19 61.14 48.96
C ILE J 228 56.39 60.04 47.89
N VAL J 229 56.10 58.80 48.30
CA VAL J 229 56.05 57.64 47.40
C VAL J 229 54.75 56.86 47.59
N PRO J 230 53.67 57.34 46.93
CA PRO J 230 52.40 56.61 46.97
C PRO J 230 52.48 55.43 45.99
N ILE J 231 52.16 54.24 46.49
CA ILE J 231 52.26 53.05 45.70
C ILE J 231 50.90 52.33 45.62
N ALA J 232 50.46 51.98 44.40
CA ALA J 232 49.30 51.10 44.22
C ALA J 232 48.13 51.53 45.08
N THR J 233 47.58 52.71 44.78
CA THR J 233 46.64 53.36 45.71
C THR J 233 45.69 54.32 44.98
N SER J 234 44.77 54.98 45.70
CA SER J 234 43.99 56.04 45.10
C SER J 234 43.81 57.31 45.93
N CYS J 235 43.43 58.39 45.23
CA CYS J 235 43.07 59.68 45.84
C CYS J 235 41.73 59.73 46.59
N ARG J 236 40.86 58.78 46.32
CA ARG J 236 39.50 58.76 46.88
C ARG J 236 38.83 57.37 46.71
N GLN J 237 37.94 57.02 47.62
CA GLN J 237 37.13 55.82 47.47
C GLN J 237 36.41 55.80 46.11
N SER J 238 36.43 54.65 45.41
CA SER J 238 35.76 54.50 44.13
C SER J 238 34.65 53.53 44.39
N GLY J 239 33.62 53.55 43.54
CA GLY J 239 32.53 52.58 43.63
C GLY J 239 33.02 51.13 43.56
N TRP J 240 33.96 50.86 42.66
CA TRP J 240 34.57 49.55 42.51
C TRP J 240 35.08 49.01 43.85
N CYS J 241 36.05 49.68 44.45
CA CYS J 241 36.60 49.22 45.72
C CYS J 241 35.53 49.15 46.78
N ALA J 242 34.66 50.17 46.88
CA ALA J 242 33.60 50.13 47.89
C ALA J 242 32.84 48.80 47.80
N ALA J 243 32.49 48.42 46.57
CA ALA J 243 31.70 47.20 46.34
C ALA J 243 32.50 45.95 46.80
N TRP J 244 33.79 45.91 46.43
CA TRP J 244 34.58 44.76 46.82
C TRP J 244 34.72 44.62 48.29
N PHE J 245 34.93 45.71 49.01
CA PHE J 245 35.13 45.57 50.47
C PHE J 245 33.83 45.42 51.23
N GLU J 246 32.79 46.08 50.74
CA GLU J 246 31.45 45.88 51.28
C GLU J 246 31.09 44.44 51.13
N THR J 247 31.30 43.86 49.95
CA THR J 247 31.04 42.41 49.72
C THR J 247 31.74 41.61 50.75
N GLN J 248 33.03 41.89 50.95
CA GLN J 248 33.79 41.20 52.00
C GLN J 248 33.18 41.40 53.39
N ARG J 249 32.79 42.61 53.77
CA ARG J 249 32.19 42.78 55.10
C ARG J 249 30.90 42.00 55.21
N GLN J 250 30.09 42.03 54.15
CA GLN J 250 28.83 41.26 54.21
C GLN J 250 29.05 39.76 54.50
N CYS J 251 30.16 39.18 54.03
CA CYS J 251 30.48 37.77 54.39
C CYS J 251 30.59 37.60 55.88
N ILE J 252 31.11 38.63 56.56
CA ILE J 252 31.27 38.58 58.02
C ILE J 252 29.92 38.87 58.68
N TYR J 253 29.21 39.89 58.17
CA TYR J 253 27.88 40.19 58.72
C TYR J 253 26.97 38.99 58.68
N ASP J 254 27.05 38.20 57.61
CA ASP J 254 26.12 37.07 57.44
C ASP J 254 26.58 35.83 58.18
N ASP J 255 27.75 35.86 58.78
CA ASP J 255 28.20 34.67 59.49
C ASP J 255 27.48 34.66 60.85
N PRO J 256 26.69 33.60 61.15
CA PRO J 256 25.87 33.60 62.40
C PRO J 256 26.71 33.66 63.70
N LYS J 257 28.02 33.46 63.57
CA LYS J 257 28.89 33.55 64.73
C LYS J 257 29.27 35.00 65.06
N TYR J 258 28.99 35.91 64.13
CA TYR J 258 29.30 37.33 64.27
C TYR J 258 28.50 38.03 65.37
N LEU J 259 27.25 37.60 65.56
CA LEU J 259 26.41 38.10 66.64
C LEU J 259 26.50 39.62 66.70
N ASP J 260 26.46 40.30 65.56
CA ASP J 260 26.40 41.76 65.54
C ASP J 260 27.67 42.47 66.07
N GLY J 261 28.76 41.70 66.18
CA GLY J 261 30.04 42.24 66.62
C GLY J 261 30.32 41.83 68.03
N GLU J 262 29.37 41.12 68.65
CA GLU J 262 29.43 40.78 70.07
C GLU J 262 29.99 39.38 70.26
N TYR J 263 30.48 38.78 69.18
CA TYR J 263 31.09 37.47 69.33
C TYR J 263 32.14 37.48 70.45
N ASP J 264 32.27 36.36 71.15
CA ASP J 264 33.37 36.17 72.07
C ASP J 264 34.67 36.01 71.28
N VAL J 265 35.74 36.65 71.76
CA VAL J 265 37.03 36.74 71.07
C VAL J 265 37.70 35.40 70.68
N ASP J 266 37.32 34.31 71.34
CA ASP J 266 37.86 33.01 70.96
C ASP J 266 36.78 32.15 70.29
N ASP J 267 35.78 32.85 69.74
CA ASP J 267 34.78 32.20 68.89
C ASP J 267 34.41 33.16 67.74
N GLN J 268 35.43 33.53 66.94
CA GLN J 268 35.31 34.48 65.82
C GLN J 268 34.31 33.99 64.74
N PRO J 269 33.73 34.90 63.94
CA PRO J 269 33.08 34.47 62.70
C PRO J 269 34.13 34.08 61.65
N VAL J 270 34.71 32.91 61.86
CA VAL J 270 35.85 32.46 61.10
C VAL J 270 35.57 32.18 59.61
N ARG J 271 34.39 31.62 59.30
CA ARG J 271 34.00 31.38 57.89
C ARG J 271 33.83 32.68 57.14
N GLY J 272 33.16 33.64 57.75
CA GLY J 272 33.00 34.98 57.18
C GLY J 272 34.35 35.61 56.90
N LEU J 273 35.24 35.56 57.89
CA LEU J 273 36.58 36.10 57.73
C LEU J 273 37.38 35.45 56.64
N GLU J 274 37.49 34.12 56.68
CA GLU J 274 38.08 33.37 55.58
C GLU J 274 37.58 33.82 54.24
N THR J 275 36.26 33.81 54.08
CA THR J 275 35.64 34.13 52.79
C THR J 275 36.03 35.54 52.37
N ALA J 276 35.86 36.50 53.28
CA ALA J 276 36.23 37.89 53.01
C ALA J 276 37.65 37.88 52.51
N ARG J 277 38.50 37.10 53.17
CA ARG J 277 39.92 37.09 52.81
C ARG J 277 40.21 36.42 51.46
N LYS J 278 39.54 35.30 51.12
CA LYS J 278 39.71 34.65 49.79
C LYS J 278 39.42 35.64 48.69
N ILE J 279 38.34 36.39 48.86
CA ILE J 279 37.93 37.39 47.88
C ILE J 279 39.03 38.46 47.72
N ALA J 280 39.38 39.11 48.80
CA ALA J 280 40.45 40.09 48.77
C ALA J 280 41.68 39.53 48.07
N ASN J 281 42.13 38.34 48.51
CA ASN J 281 43.34 37.78 47.94
C ASN J 281 43.29 37.66 46.43
N LEU J 282 42.12 37.34 45.86
CA LEU J 282 42.00 37.25 44.43
C LEU J 282 41.98 38.58 43.76
N THR J 283 41.32 39.57 44.39
CA THR J 283 41.35 40.93 43.86
C THR J 283 42.79 41.49 43.86
N TYR J 284 43.66 40.93 44.69
CA TYR J 284 45.07 41.35 44.64
C TYR J 284 45.89 40.71 43.54
N LYS J 285 45.28 39.78 42.80
CA LYS J 285 46.01 39.06 41.75
C LYS J 285 45.60 39.55 40.40
N SER J 286 46.31 39.09 39.36
CA SER J 286 45.99 39.42 37.99
C SER J 286 45.70 38.11 37.29
N LYS J 287 45.07 38.19 36.12
CA LYS J 287 44.76 37.00 35.35
C LYS J 287 46.05 36.29 34.93
N PRO J 288 47.00 37.02 34.33
CA PRO J 288 48.27 36.34 34.01
C PRO J 288 48.97 35.67 35.20
N ALA J 289 49.00 36.30 36.37
CA ALA J 289 49.64 35.68 37.52
C ALA J 289 48.96 34.39 37.91
N MET J 290 47.62 34.37 37.95
CA MET J 290 46.94 33.14 38.37
C MET J 290 47.00 32.07 37.28
N ASP J 291 47.10 32.52 36.03
CA ASP J 291 47.22 31.62 34.91
C ASP J 291 48.55 30.89 34.90
N GLU J 292 49.63 31.58 35.26
CA GLU J 292 50.96 30.94 35.30
C GLU J 292 51.03 29.99 36.46
N ARG J 293 50.36 30.33 37.52
CA ARG J 293 50.41 29.52 38.70
C ARG J 293 49.56 28.24 38.63
N PHE J 294 48.42 28.30 37.97
CA PHE J 294 47.52 27.15 37.80
C PHE J 294 47.13 27.07 36.33
N HIS J 295 47.57 26.01 35.65
CA HIS J 295 47.12 25.76 34.29
C HIS J 295 46.78 24.28 34.11
N MET J 296 46.25 23.98 32.94
CA MET J 296 45.91 22.62 32.56
C MET J 296 47.06 21.88 31.86
N GLY J 327 50.24 25.25 44.48
CA GLY J 327 50.31 24.09 43.60
C GLY J 327 50.70 24.55 42.21
N GLN J 328 50.24 23.83 41.16
CA GLN J 328 50.33 24.21 39.73
C GLN J 328 49.27 23.63 38.77
N PRO J 329 48.75 22.38 39.00
CA PRO J 329 47.53 22.05 38.22
C PRO J 329 46.26 22.76 38.76
N ILE J 330 45.24 22.91 37.91
CA ILE J 330 43.95 23.49 38.33
C ILE J 330 43.27 22.83 39.56
N GLU J 331 43.42 21.53 39.77
CA GLU J 331 42.96 20.86 40.98
C GLU J 331 43.44 21.53 42.29
N ALA J 332 44.62 22.14 42.21
CA ALA J 332 45.34 22.68 43.37
C ALA J 332 44.78 24.03 43.88
N VAL J 333 43.99 24.69 43.02
CA VAL J 333 43.41 26.01 43.31
C VAL J 333 42.58 25.95 44.58
N SER J 334 41.82 24.89 44.69
CA SER J 334 40.94 24.76 45.81
C SER J 334 41.70 24.95 47.13
N SER J 335 42.74 24.17 47.37
CA SER J 335 43.42 24.24 48.65
C SER J 335 44.36 25.46 48.78
N TYR J 336 44.86 25.96 47.66
CA TYR J 336 45.54 27.25 47.66
C TYR J 336 44.67 28.35 48.25
N LEU J 337 43.41 28.42 47.82
CA LEU J 337 42.44 29.41 48.31
C LEU J 337 42.14 29.23 49.78
N ARG J 338 41.96 27.98 50.22
CA ARG J 338 41.62 27.70 51.62
C ARG J 338 42.77 27.99 52.58
N TYR J 339 44.00 27.58 52.23
CA TYR J 339 45.06 27.53 53.22
C TYR J 339 45.31 28.90 53.85
N GLN J 340 45.68 29.87 53.02
CA GLN J 340 46.04 31.24 53.47
C GLN J 340 44.91 31.99 54.13
N ALA J 341 43.73 31.85 53.54
CA ALA J 341 42.53 32.45 54.09
C ALA J 341 42.32 31.91 55.49
N GLN J 342 42.56 30.62 55.68
CA GLN J 342 42.36 30.01 56.99
C GLN J 342 43.40 30.52 57.98
N LYS J 343 44.67 30.53 57.58
CA LYS J 343 45.71 31.01 58.49
C LYS J 343 45.41 32.48 58.86
N PHE J 344 44.94 33.27 57.89
CA PHE J 344 44.57 34.65 58.17
C PHE J 344 43.38 34.82 59.11
N ALA J 345 42.28 34.14 58.83
CA ALA J 345 41.12 34.16 59.72
C ALA J 345 41.46 33.69 61.15
N ALA J 346 42.52 32.89 61.28
CA ALA J 346 42.91 32.40 62.60
C ALA J 346 43.64 33.50 63.38
N SER J 347 44.22 34.46 62.65
CA SER J 347 45.08 35.47 63.27
C SER J 347 44.75 36.91 62.91
N PHE J 348 43.45 37.19 62.79
CA PHE J 348 42.96 38.58 62.62
C PHE J 348 41.58 38.68 63.26
N ASP J 349 41.10 39.90 63.51
CA ASP J 349 39.84 40.07 64.23
C ASP J 349 38.73 40.58 63.29
N ALA J 350 37.57 39.94 63.39
CA ALA J 350 36.45 40.26 62.50
C ALA J 350 36.13 41.72 62.60
N ASN J 351 35.85 42.21 63.82
CA ASN J 351 35.52 43.62 64.04
C ASN J 351 36.58 44.56 63.52
N CYS J 352 37.87 44.21 63.70
CA CYS J 352 38.90 45.09 63.12
C CYS J 352 38.81 45.11 61.58
N TYR J 353 38.49 43.97 60.97
CA TYR J 353 38.41 43.95 59.50
C TYR J 353 37.33 44.88 59.03
N ILE J 354 36.23 44.87 59.77
CA ILE J 354 35.13 45.83 59.47
C ILE J 354 35.57 47.29 59.65
N ALA J 355 36.13 47.60 60.82
CA ALA J 355 36.61 48.98 61.10
C ALA J 355 37.66 49.44 60.09
N MET J 356 38.65 48.59 59.79
CA MET J 356 39.73 48.93 58.83
C MET J 356 39.19 49.18 57.43
N THR J 357 38.35 48.26 56.92
CA THR J 357 37.86 48.44 55.55
C THR J 357 36.93 49.64 55.42
N LEU J 358 36.18 49.94 56.49
CA LEU J 358 35.33 51.14 56.45
C LEU J 358 36.16 52.44 56.35
N LYS J 359 37.40 52.42 56.81
CA LYS J 359 38.25 53.60 56.65
C LYS J 359 38.29 54.01 55.23
N PHE J 360 38.35 53.02 54.32
CA PHE J 360 38.41 53.28 52.89
C PHE J 360 37.27 54.18 52.46
N ASP J 361 36.12 54.05 53.10
CA ASP J 361 34.95 54.83 52.65
C ASP J 361 35.06 56.33 52.93
N THR J 362 35.86 56.68 53.93
CA THR J 362 36.12 58.08 54.35
C THR J 362 37.22 58.75 53.52
N HIS J 363 37.94 57.99 52.71
CA HIS J 363 39.13 58.55 52.05
C HIS J 363 38.70 59.45 50.95
N ASP J 364 39.20 60.69 50.96
CA ASP J 364 39.01 61.62 49.82
C ASP J 364 39.95 62.76 50.09
N ILE J 365 40.99 62.93 49.28
CA ILE J 365 41.98 63.96 49.62
C ILE J 365 41.44 65.38 49.45
N SER J 366 40.42 65.55 48.60
CA SER J 366 39.84 66.87 48.30
C SER J 366 38.83 67.30 49.36
N ARG J 367 38.37 66.37 50.19
CA ARG J 367 37.28 66.74 51.10
C ARG J 367 37.67 67.94 51.96
N GLY J 368 36.91 69.02 51.80
CA GLY J 368 37.09 70.28 52.56
C GLY J 368 38.33 71.04 52.12
N ARG J 369 38.87 70.74 50.93
CA ARG J 369 40.16 71.33 50.51
C ARG J 369 40.08 71.84 49.09
N ALA J 370 39.37 71.13 48.22
CA ALA J 370 39.28 71.60 46.82
C ALA J 370 38.01 71.09 46.20
N GLY J 371 37.66 71.68 45.06
CA GLY J 371 36.42 71.33 44.35
C GLY J 371 36.46 69.97 43.65
N SER J 372 37.68 69.48 43.36
CA SER J 372 37.89 68.23 42.63
C SER J 372 39.25 67.58 42.98
N ILE J 373 39.37 66.29 42.65
CA ILE J 373 40.63 65.53 42.87
C ILE J 373 41.82 66.15 42.14
N PRO J 374 41.69 66.47 40.84
CA PRO J 374 42.88 67.11 40.23
C PRO J 374 43.28 68.44 40.89
N GLU J 375 42.32 69.22 41.36
CA GLU J 375 42.67 70.44 42.08
C GLU J 375 43.38 70.14 43.38
N ALA J 376 42.92 69.10 44.10
CA ALA J 376 43.56 68.71 45.37
C ALA J 376 44.97 68.17 45.12
N LEU J 377 45.15 67.37 44.07
CA LEU J 377 46.48 66.87 43.72
C LEU J 377 47.45 67.99 43.41
N ALA J 378 46.91 69.07 42.84
CA ALA J 378 47.77 70.20 42.42
C ALA J 378 48.32 70.91 43.64
N MET J 379 47.64 70.77 44.77
CA MET J 379 48.14 71.34 46.05
C MET J 379 49.30 70.54 46.64
N ILE J 380 49.68 69.42 46.02
CA ILE J 380 50.82 68.62 46.51
C ILE J 380 52.09 69.13 45.84
N THR J 381 52.91 69.80 46.66
CA THR J 381 54.12 70.50 46.19
C THR J 381 55.40 69.64 46.23
N GLN J 382 55.42 68.60 47.08
CA GLN J 382 56.60 67.77 47.26
C GLN J 382 56.91 67.01 46.00
N PRO J 383 58.18 66.69 45.77
CA PRO J 383 58.47 65.62 44.79
C PRO J 383 57.71 64.35 45.13
N ALA J 384 57.14 63.71 44.12
CA ALA J 384 56.36 62.47 44.29
C ALA J 384 56.77 61.39 43.31
N LEU J 385 56.94 60.17 43.82
CA LEU J 385 57.17 59.03 42.92
C LEU J 385 55.95 58.11 43.05
N ILE J 386 55.16 58.00 41.98
CA ILE J 386 53.95 57.19 41.99
C ILE J 386 54.29 55.81 41.43
N ILE J 387 54.12 54.76 42.23
CA ILE J 387 54.46 53.44 41.75
C ILE J 387 53.20 52.60 41.56
N CYS J 388 53.08 51.98 40.39
CA CYS J 388 51.90 51.21 40.04
C CYS J 388 52.23 50.05 39.09
N ALA J 389 51.25 49.16 38.91
CA ALA J 389 51.30 48.09 37.88
C ALA J 389 50.08 48.22 36.96
N ARG J 390 50.33 48.03 35.65
CA ARG J 390 49.27 48.09 34.62
C ARG J 390 48.10 47.19 35.01
N SER J 391 48.45 46.04 35.58
CA SER J 391 47.49 44.97 35.87
C SER J 391 46.81 44.95 37.22
N ASP J 392 46.97 46.02 37.98
CA ASP J 392 46.29 46.19 39.27
C ASP J 392 44.80 46.23 39.04
N GLY J 393 44.08 45.29 39.62
CA GLY J 393 42.63 45.22 39.48
C GLY J 393 41.83 46.03 40.49
N LEU J 394 42.50 46.59 41.49
CA LEU J 394 41.82 47.44 42.44
C LEU J 394 42.03 48.92 42.19
N TYR J 395 43.30 49.33 42.02
CA TYR J 395 43.65 50.73 41.81
C TYR J 395 44.24 50.87 40.44
N SER J 396 43.51 51.55 39.57
CA SER J 396 43.71 51.44 38.14
C SER J 396 44.93 52.18 37.66
N PHE J 397 45.54 51.67 36.60
CA PHE J 397 46.63 52.37 35.99
C PHE J 397 46.20 53.81 35.71
N ASP J 398 45.01 53.99 35.12
CA ASP J 398 44.53 55.33 34.77
C ASP J 398 44.49 56.29 35.94
N GLU J 399 44.09 55.82 37.12
CA GLU J 399 44.03 56.75 38.25
C GLU J 399 45.39 57.19 38.76
N HIS J 400 46.41 56.38 38.51
CA HIS J 400 47.79 56.75 38.82
C HIS J 400 48.27 57.73 37.77
N VAL J 401 47.85 57.51 36.54
CA VAL J 401 48.26 58.40 35.44
C VAL J 401 47.70 59.78 35.75
N GLU J 402 46.46 59.83 36.22
CA GLU J 402 45.83 61.08 36.64
C GLU J 402 46.61 61.73 37.81
N MET J 403 47.02 60.93 38.80
CA MET J 403 47.83 61.48 39.87
C MET J 403 49.04 62.20 39.29
N GLY J 404 49.80 61.48 38.46
CA GLY J 404 51.08 61.96 37.93
C GLY J 404 50.92 63.25 37.14
N ARG J 405 49.69 63.53 36.77
CA ARG J 405 49.46 64.57 35.80
C ARG J 405 49.06 65.84 36.53
N SER J 406 48.35 65.67 37.66
CA SER J 406 47.98 66.80 38.54
C SER J 406 48.95 67.12 39.71
N ILE J 407 49.77 66.16 40.15
CA ILE J 407 50.80 66.50 41.15
C ILE J 407 51.93 67.14 40.35
N PRO J 408 52.18 68.45 40.58
CA PRO J 408 53.13 69.21 39.77
C PRO J 408 54.54 68.61 39.70
N ASN J 409 55.14 68.17 40.80
CA ASN J 409 56.50 67.57 40.74
C ASN J 409 56.49 66.07 40.95
N SER J 410 55.98 65.33 39.97
CA SER J 410 55.78 63.89 40.13
C SER J 410 56.34 63.11 38.98
N ARG J 411 56.89 61.95 39.29
CA ARG J 411 57.28 60.97 38.27
C ARG J 411 56.42 59.70 38.46
N LEU J 412 55.92 59.18 37.35
CA LEU J 412 55.18 57.93 37.33
C LEU J 412 56.12 56.74 37.09
N CYS J 413 56.10 55.75 37.97
CA CYS J 413 56.96 54.58 37.81
C CYS J 413 56.08 53.33 37.64
N VAL J 414 56.08 52.79 36.42
CA VAL J 414 55.27 51.63 36.10
C VAL J 414 56.16 50.42 36.18
N VAL J 415 55.91 49.57 37.17
CA VAL J 415 56.71 48.37 37.35
C VAL J 415 56.44 47.41 36.19
N ASP J 416 57.52 46.95 35.60
CA ASP J 416 57.46 45.96 34.53
C ASP J 416 57.17 44.60 35.15
N THR J 417 55.89 44.22 35.12
CA THR J 417 55.40 43.00 35.78
C THR J 417 54.04 42.66 35.18
N ASN J 418 53.62 41.41 35.33
CA ASN J 418 52.25 41.05 34.96
C ASN J 418 51.43 40.78 36.22
N GLU J 419 51.95 41.22 37.36
CA GLU J 419 51.44 40.77 38.63
C GLU J 419 50.13 41.32 39.16
N GLY J 420 49.60 42.47 38.88
CA GLY J 420 48.38 42.76 39.68
C GLY J 420 48.64 43.41 41.04
N HIS J 421 47.61 43.63 41.82
CA HIS J 421 47.73 44.59 42.93
C HIS J 421 48.85 44.31 43.90
N ASP J 422 49.06 43.04 44.24
CA ASP J 422 50.12 42.67 45.15
C ASP J 422 51.51 42.69 44.50
N PHE J 423 51.66 43.35 43.36
CA PHE J 423 52.96 43.40 42.71
C PHE J 423 53.98 44.00 43.65
N PHE J 424 53.56 44.93 44.52
CA PHE J 424 54.51 45.65 45.38
C PHE J 424 55.15 44.70 46.39
N VAL J 425 54.52 43.55 46.58
CA VAL J 425 55.11 42.52 47.42
C VAL J 425 55.83 41.48 46.55
N MET J 426 55.22 41.09 45.43
CA MET J 426 55.74 40.03 44.60
C MET J 426 56.97 40.50 43.86
N GLU J 427 57.04 41.80 43.54
CA GLU J 427 58.19 42.39 42.84
C GLU J 427 58.90 43.39 43.78
N ALA J 428 59.07 42.99 45.04
CA ALA J 428 59.61 43.87 46.06
C ALA J 428 60.95 44.49 45.68
N ASP J 429 61.80 43.73 44.97
CA ASP J 429 63.13 44.22 44.54
C ASP J 429 63.03 45.34 43.55
N LYS J 430 62.07 45.27 42.64
CA LYS J 430 61.87 46.38 41.71
C LYS J 430 61.34 47.62 42.43
N VAL J 431 60.51 47.42 43.45
CA VAL J 431 59.94 48.53 44.17
C VAL J 431 61.09 49.15 44.98
N ASN J 432 61.91 48.29 45.59
CA ASN J 432 63.04 48.72 46.34
C ASN J 432 63.93 49.64 45.51
N ASP J 433 64.31 49.20 44.31
CA ASP J 433 65.18 49.98 43.44
C ASP J 433 64.52 51.30 43.09
N ALA J 434 63.24 51.29 42.76
CA ALA J 434 62.54 52.56 42.43
C ALA J 434 62.55 53.54 43.63
N VAL J 435 62.18 53.07 44.81
CA VAL J 435 62.18 53.89 46.00
C VAL J 435 63.59 54.40 46.35
N ARG J 436 64.58 53.51 46.47
CA ARG J 436 65.98 53.92 46.72
C ARG J 436 66.46 54.94 45.70
N GLY J 437 66.19 54.72 44.42
CA GLY J 437 66.63 55.68 43.40
C GLY J 437 66.09 57.09 43.67
N PHE J 438 64.83 57.15 44.13
CA PHE J 438 64.10 58.40 44.30
C PHE J 438 64.61 59.13 45.54
N LEU J 439 64.77 58.37 46.60
CA LEU J 439 65.31 58.87 47.85
C LEU J 439 66.77 59.33 47.74
N ASP J 440 67.51 58.81 46.74
CA ASP J 440 68.91 59.20 46.51
C ASP J 440 69.10 60.49 45.72
N GLN J 441 68.24 60.74 44.74
CA GLN J 441 68.18 62.04 44.12
C GLN J 441 67.96 63.15 45.15
N SER J 442 68.75 64.21 45.04
CA SER J 442 68.38 65.54 45.56
C SER J 442 67.70 66.22 44.41
N LEU J 443 66.65 66.97 44.71
CA LEU J 443 65.82 67.54 43.66
C LEU J 443 65.81 69.05 43.77
N ASN K 66 46.88 -2.20 -48.30
CA ASN K 66 45.99 -3.29 -47.79
C ASN K 66 44.52 -2.82 -47.70
N ARG K 67 43.75 -3.18 -48.74
CA ARG K 67 42.33 -2.80 -48.85
C ARG K 67 41.41 -3.44 -47.83
N PHE K 68 41.79 -4.61 -47.28
CA PHE K 68 40.97 -5.26 -46.22
C PHE K 68 41.03 -4.51 -44.90
N GLU K 69 42.25 -4.16 -44.46
CA GLU K 69 42.46 -3.26 -43.30
C GLU K 69 41.85 -1.87 -43.56
N ALA K 70 41.99 -1.36 -44.80
CA ALA K 70 41.43 -0.05 -45.15
C ALA K 70 39.89 0.06 -44.92
N SER K 71 39.18 -1.07 -44.98
CA SER K 71 37.72 -1.05 -44.92
C SER K 71 37.19 -0.99 -43.46
N LEU K 72 38.13 -1.11 -42.51
CA LEU K 72 37.78 -1.13 -41.06
C LEU K 72 37.57 0.28 -40.50
N ASP K 73 36.88 0.35 -39.34
CA ASP K 73 36.89 1.59 -38.54
C ASP K 73 38.29 1.80 -37.98
N ALA K 74 38.45 2.90 -37.23
CA ALA K 74 39.78 3.30 -36.74
C ALA K 74 40.22 2.28 -35.69
N GLN K 75 41.53 2.06 -35.64
CA GLN K 75 42.11 1.10 -34.70
C GLN K 75 43.57 1.45 -34.54
N ASP K 76 44.21 0.97 -33.46
CA ASP K 76 45.59 1.28 -33.20
C ASP K 76 46.45 0.22 -33.81
N ILE K 77 47.75 0.50 -33.93
CA ILE K 77 48.74 -0.43 -34.42
C ILE K 77 49.98 -0.31 -33.54
N ALA K 78 50.35 -1.36 -32.81
CA ALA K 78 51.65 -1.36 -32.14
C ALA K 78 52.70 -1.94 -33.08
N ARG K 79 53.95 -1.50 -32.98
CA ARG K 79 54.96 -2.11 -33.82
C ARG K 79 56.07 -2.73 -32.97
N ILE K 80 56.34 -4.01 -33.22
CA ILE K 80 57.37 -4.71 -32.47
C ILE K 80 58.52 -4.83 -33.45
N SER K 81 59.68 -4.22 -33.12
CA SER K 81 60.71 -4.11 -34.15
C SER K 81 61.34 -5.48 -34.43
N LEU K 82 61.32 -6.39 -33.45
CA LEU K 82 61.84 -7.76 -33.66
C LEU K 82 61.01 -8.74 -32.86
N PHE K 83 60.58 -9.82 -33.51
CA PHE K 83 59.82 -10.88 -32.83
C PHE K 83 60.19 -12.29 -33.32
N THR K 84 60.53 -13.17 -32.40
CA THR K 84 61.01 -14.50 -32.76
C THR K 84 59.88 -15.54 -32.68
N LEU K 85 59.45 -16.01 -33.86
CA LEU K 85 58.36 -16.99 -33.91
C LEU K 85 58.90 -18.24 -33.31
N GLU K 86 58.03 -19.12 -32.83
CA GLU K 86 58.58 -20.30 -32.13
C GLU K 86 59.22 -21.28 -33.12
N SER K 87 58.98 -21.07 -34.43
CA SER K 87 59.72 -21.85 -35.42
C SER K 87 61.20 -21.43 -35.37
N GLY K 88 61.45 -20.20 -34.89
CA GLY K 88 62.79 -19.60 -34.87
C GLY K 88 62.93 -18.56 -35.96
N VAL K 89 61.92 -18.42 -36.83
CA VAL K 89 61.95 -17.36 -37.82
C VAL K 89 61.72 -16.04 -37.09
N ILE K 90 62.36 -14.98 -37.59
CA ILE K 90 62.33 -13.66 -36.96
C ILE K 90 61.57 -12.70 -37.84
N LEU K 91 60.51 -12.16 -37.26
CA LEU K 91 59.77 -11.13 -37.94
C LEU K 91 60.29 -9.79 -37.47
N ARG K 92 60.34 -8.83 -38.39
CA ARG K 92 60.90 -7.56 -38.03
C ARG K 92 59.90 -6.49 -38.39
N ASP K 93 60.01 -5.37 -37.65
CA ASP K 93 59.10 -4.26 -37.78
C ASP K 93 57.75 -4.93 -38.02
N VAL K 94 57.14 -5.44 -36.93
CA VAL K 94 55.89 -6.24 -36.94
C VAL K 94 54.69 -5.45 -36.42
N PRO K 95 53.71 -5.12 -37.33
CA PRO K 95 52.49 -4.44 -36.84
C PRO K 95 51.58 -5.42 -36.10
N VAL K 96 50.97 -4.98 -34.99
CA VAL K 96 49.94 -5.74 -34.31
C VAL K 96 48.76 -4.78 -34.19
N ALA K 97 47.72 -5.00 -35.01
CA ALA K 97 46.50 -4.18 -34.94
C ALA K 97 45.65 -4.57 -33.73
N TYR K 98 44.88 -3.60 -33.19
CA TYR K 98 44.01 -3.89 -32.07
C TYR K 98 43.03 -2.78 -31.90
N LYS K 99 42.03 -3.05 -31.09
CA LYS K 99 40.95 -2.15 -30.87
C LYS K 99 40.58 -2.35 -29.42
N SER K 100 40.37 -1.24 -28.70
CA SER K 100 39.89 -1.34 -27.33
C SER K 100 38.70 -0.43 -27.11
N TRP K 101 37.97 -0.74 -26.04
CA TRP K 101 36.82 0.01 -25.61
C TRP K 101 36.94 0.18 -24.10
N GLY K 102 36.54 1.38 -23.62
CA GLY K 102 36.56 1.68 -22.20
C GLY K 102 37.96 2.10 -21.76
N ARG K 103 38.15 2.21 -20.45
CA ARG K 103 39.37 2.79 -19.94
C ARG K 103 39.94 1.92 -18.85
N MET K 104 41.27 1.91 -18.76
CA MET K 104 41.92 1.16 -17.68
C MET K 104 41.70 1.85 -16.33
N ASN K 105 41.45 1.08 -15.27
CA ASN K 105 41.43 1.68 -13.94
C ASN K 105 42.86 2.00 -13.47
N VAL K 106 42.99 2.67 -12.31
CA VAL K 106 44.27 3.21 -11.86
C VAL K 106 45.24 2.07 -11.58
N SER K 107 44.64 0.95 -11.17
CA SER K 107 45.34 -0.26 -10.84
C SER K 107 45.78 -1.05 -12.08
N ARG K 108 45.26 -0.63 -13.25
CA ARG K 108 45.50 -1.29 -14.58
C ARG K 108 45.28 -2.82 -14.56
N ASP K 109 44.17 -3.23 -13.93
CA ASP K 109 43.88 -4.65 -13.69
C ASP K 109 42.41 -5.04 -14.04
N ASN K 110 41.74 -4.15 -14.76
CA ASN K 110 40.36 -4.36 -15.18
C ASN K 110 40.34 -4.65 -16.71
N CYS K 111 41.43 -5.21 -17.22
CA CYS K 111 41.53 -5.52 -18.64
C CYS K 111 40.82 -6.83 -18.98
N VAL K 112 39.93 -6.77 -19.98
CA VAL K 112 39.28 -8.00 -20.51
C VAL K 112 39.75 -8.18 -21.95
N ILE K 113 40.34 -9.33 -22.25
CA ILE K 113 40.82 -9.63 -23.60
C ILE K 113 39.76 -10.48 -24.30
N VAL K 114 39.35 -10.03 -25.47
CA VAL K 114 38.48 -10.80 -26.31
C VAL K 114 39.33 -11.33 -27.46
N CYS K 115 39.35 -12.65 -27.65
CA CYS K 115 40.02 -13.22 -28.83
C CYS K 115 39.04 -13.46 -29.98
N HIS K 116 39.33 -12.89 -31.13
CA HIS K 116 38.37 -12.96 -32.24
C HIS K 116 38.34 -14.30 -32.98
N THR K 117 37.43 -14.43 -33.96
CA THR K 117 37.25 -15.70 -34.66
C THR K 117 38.19 -15.77 -35.82
N LEU K 118 38.21 -16.92 -36.48
CA LEU K 118 39.13 -17.14 -37.60
C LEU K 118 39.18 -15.99 -38.61
N THR K 119 38.05 -15.42 -39.00
CA THR K 119 38.05 -14.54 -40.17
C THR K 119 37.57 -13.15 -39.84
N SER K 120 37.31 -12.87 -38.57
CA SER K 120 36.92 -11.51 -38.25
C SER K 120 38.15 -10.63 -38.12
N SER K 121 37.89 -9.34 -37.92
CA SER K 121 38.94 -8.41 -37.51
C SER K 121 38.85 -8.31 -35.99
N ALA K 122 39.64 -7.39 -35.43
CA ALA K 122 39.62 -7.06 -33.99
C ALA K 122 38.32 -6.33 -33.58
N HIS K 123 37.52 -5.85 -34.54
CA HIS K 123 36.30 -5.12 -34.20
C HIS K 123 35.18 -6.05 -33.84
N VAL K 124 35.22 -6.47 -32.58
CA VAL K 124 34.34 -7.48 -32.03
C VAL K 124 32.92 -7.01 -32.05
N THR K 125 32.72 -5.70 -31.95
CA THR K 125 31.41 -5.05 -31.96
C THR K 125 30.63 -5.39 -33.23
N SER K 126 31.32 -5.74 -34.30
CA SER K 126 30.57 -5.99 -35.53
C SER K 126 29.87 -7.38 -35.61
N TRP K 127 30.34 -8.37 -34.83
CA TRP K 127 29.68 -9.70 -34.79
C TRP K 127 29.14 -10.05 -33.40
N TRP K 128 29.67 -9.37 -32.37
CA TRP K 128 29.16 -9.50 -31.02
C TRP K 128 28.56 -8.20 -30.42
N PRO K 129 27.74 -7.45 -31.21
CA PRO K 129 27.46 -6.08 -30.76
C PRO K 129 26.72 -6.06 -29.43
N THR K 130 25.84 -7.01 -29.18
CA THR K 130 25.06 -7.00 -27.95
C THR K 130 25.81 -7.50 -26.72
N LEU K 131 27.08 -7.86 -26.86
CA LEU K 131 27.83 -8.16 -25.64
C LEU K 131 28.42 -6.88 -25.01
N PHE K 132 28.31 -5.76 -25.73
CA PHE K 132 28.89 -4.49 -25.27
C PHE K 132 27.87 -3.56 -24.66
N GLY K 133 28.27 -2.89 -23.58
CA GLY K 133 27.45 -1.83 -23.00
C GLY K 133 27.20 -1.96 -21.53
N GLN K 134 26.60 -0.93 -20.97
CA GLN K 134 26.15 -0.87 -19.60
C GLN K 134 25.61 -2.21 -19.20
N GLY K 135 26.10 -2.87 -18.15
CA GLY K 135 25.39 -4.09 -17.62
C GLY K 135 25.46 -5.30 -18.54
N ARG K 136 26.14 -5.13 -19.68
CA ARG K 136 26.41 -6.24 -20.60
C ARG K 136 27.73 -6.90 -20.19
N ALA K 137 28.14 -7.98 -20.87
CA ALA K 137 29.34 -8.72 -20.47
C ALA K 137 30.58 -7.85 -20.64
N PHE K 138 30.68 -7.17 -21.77
CA PHE K 138 31.83 -6.32 -22.02
C PHE K 138 31.40 -4.92 -21.65
N ASP K 139 31.40 -4.67 -20.34
CA ASP K 139 30.87 -3.43 -19.75
C ASP K 139 31.94 -2.34 -19.72
N THR K 140 31.89 -1.46 -20.70
CA THR K 140 32.90 -0.41 -20.90
C THR K 140 32.97 0.61 -19.72
N SER K 141 32.08 0.43 -18.74
CA SER K 141 32.09 1.24 -17.52
C SER K 141 32.97 0.61 -16.46
N ARG K 142 33.14 -0.69 -16.52
CA ARG K 142 33.92 -1.36 -15.51
C ARG K 142 35.26 -1.83 -16.05
N TYR K 143 35.36 -2.04 -17.36
CA TYR K 143 36.51 -2.75 -17.92
C TYR K 143 37.13 -2.04 -19.10
N PHE K 144 38.41 -2.34 -19.28
CA PHE K 144 39.13 -1.97 -20.49
C PHE K 144 39.12 -3.23 -21.36
N ILE K 145 38.38 -3.17 -22.46
CA ILE K 145 38.20 -4.35 -23.29
C ILE K 145 39.09 -4.18 -24.48
N ILE K 146 39.89 -5.19 -24.74
CA ILE K 146 40.77 -5.11 -25.89
C ILE K 146 40.80 -6.42 -26.72
N CYS K 147 40.89 -6.25 -28.04
CA CYS K 147 41.00 -7.38 -28.96
C CYS K 147 42.12 -7.03 -29.90
N LEU K 148 43.10 -7.94 -29.98
CA LEU K 148 44.23 -7.78 -30.88
C LEU K 148 44.13 -8.73 -32.09
N ASN K 149 44.54 -8.26 -33.26
CA ASN K 149 44.33 -9.02 -34.50
C ASN K 149 45.41 -10.09 -34.60
N TYR K 150 45.04 -11.31 -35.03
CA TYR K 150 46.03 -12.39 -35.06
C TYR K 150 47.06 -12.17 -36.14
N LEU K 151 48.27 -12.69 -35.96
CA LEU K 151 49.20 -12.69 -37.08
C LEU K 151 48.61 -13.57 -38.20
N GLY K 152 48.82 -13.22 -39.46
CA GLY K 152 48.26 -14.02 -40.56
C GLY K 152 47.00 -13.38 -41.11
N SER K 153 46.39 -12.51 -40.31
CA SER K 153 45.06 -12.02 -40.67
C SER K 153 45.18 -10.88 -41.66
N PRO K 154 44.15 -10.65 -42.50
CA PRO K 154 44.33 -9.50 -43.42
C PRO K 154 44.04 -8.15 -42.78
N PHE K 155 43.67 -8.12 -41.50
CA PHE K 155 43.04 -6.90 -40.92
C PHE K 155 43.96 -6.06 -40.04
N GLY K 156 45.26 -6.10 -40.33
CA GLY K 156 46.13 -5.13 -39.71
C GLY K 156 47.39 -5.73 -39.13
N SER K 157 47.27 -6.82 -38.37
CA SER K 157 48.51 -7.45 -37.87
C SER K 157 49.31 -8.03 -39.05
N ALA K 158 50.53 -8.48 -38.75
CA ALA K 158 51.44 -8.95 -39.78
C ALA K 158 50.87 -10.19 -40.42
N GLY K 159 50.78 -10.19 -41.74
CA GLY K 159 50.29 -11.37 -42.46
C GLY K 159 50.62 -11.24 -43.92
N PRO K 160 50.13 -12.18 -44.73
CA PRO K 160 50.34 -12.13 -46.19
C PRO K 160 50.05 -10.77 -46.81
N CYS K 161 49.19 -9.95 -46.18
CA CYS K 161 48.78 -8.70 -46.80
C CYS K 161 49.64 -7.48 -46.39
N SER K 162 50.44 -7.64 -45.36
CA SER K 162 51.21 -6.52 -44.87
C SER K 162 52.62 -6.46 -45.52
N PRO K 163 53.20 -5.23 -45.57
CA PRO K 163 54.50 -5.00 -46.25
C PRO K 163 55.63 -5.89 -45.71
N ASP K 164 56.36 -6.50 -46.64
CA ASP K 164 57.51 -7.30 -46.27
C ASP K 164 58.66 -6.32 -46.08
N PRO K 165 59.19 -6.23 -44.83
CA PRO K 165 60.35 -5.30 -44.59
C PRO K 165 61.61 -5.58 -45.50
N ASP K 166 61.59 -6.66 -46.28
CA ASP K 166 62.65 -6.89 -47.30
C ASP K 166 62.15 -6.62 -48.73
N ALA K 167 61.67 -5.39 -49.00
CA ALA K 167 61.22 -4.99 -50.38
C ALA K 167 60.46 -3.64 -50.42
N PRO K 172 54.26 -6.71 -50.33
CA PRO K 172 53.65 -7.51 -49.23
C PRO K 172 54.27 -8.87 -49.12
N TYR K 173 54.18 -9.46 -47.92
CA TYR K 173 54.70 -10.81 -47.70
C TYR K 173 54.14 -11.83 -48.71
N GLY K 174 52.84 -11.69 -49.01
CA GLY K 174 52.17 -12.60 -49.94
C GLY K 174 52.31 -14.03 -49.45
N ALA K 175 52.68 -14.91 -50.38
CA ALA K 175 52.70 -16.33 -50.08
C ALA K 175 53.84 -16.70 -49.16
N LYS K 176 54.75 -15.77 -48.89
CA LYS K 176 55.97 -16.09 -48.13
C LYS K 176 55.88 -15.76 -46.63
N PHE K 177 54.68 -15.39 -46.17
CA PHE K 177 54.49 -15.15 -44.75
C PHE K 177 54.76 -16.43 -43.97
N PRO K 178 55.67 -16.37 -42.97
CA PRO K 178 56.02 -17.59 -42.20
C PRO K 178 54.81 -18.17 -41.46
N ARG K 179 54.89 -19.47 -41.15
CA ARG K 179 53.89 -20.12 -40.35
C ARG K 179 53.96 -19.51 -38.96
N THR K 180 52.80 -19.15 -38.39
CA THR K 180 52.72 -18.72 -36.99
C THR K 180 51.83 -19.69 -36.20
N THR K 181 51.96 -19.70 -34.88
CA THR K 181 51.17 -20.59 -34.04
C THR K 181 50.26 -19.80 -33.10
N ILE K 182 49.28 -20.49 -32.49
CA ILE K 182 48.49 -19.86 -31.45
C ILE K 182 49.42 -19.18 -30.43
N ARG K 183 50.41 -19.93 -29.93
CA ARG K 183 51.36 -19.43 -28.93
C ARG K 183 52.10 -18.19 -29.35
N ASP K 184 52.40 -18.07 -30.66
CA ASP K 184 53.02 -16.84 -31.22
C ASP K 184 52.10 -15.66 -31.03
N ASP K 185 50.83 -15.82 -31.41
CA ASP K 185 49.87 -14.71 -31.23
C ASP K 185 49.76 -14.27 -29.76
N VAL K 186 49.60 -15.23 -28.87
CA VAL K 186 49.48 -14.91 -27.44
C VAL K 186 50.75 -14.15 -26.99
N ARG K 187 51.91 -14.61 -27.48
CA ARG K 187 53.20 -14.07 -27.04
C ARG K 187 53.29 -12.63 -27.51
N ILE K 188 53.13 -12.40 -28.81
CA ILE K 188 53.34 -11.05 -29.32
C ILE K 188 52.25 -10.14 -28.75
N HIS K 189 51.06 -10.69 -28.57
CA HIS K 189 49.96 -9.89 -28.00
C HIS K 189 50.32 -9.49 -26.57
N ARG K 190 50.93 -10.39 -25.79
CA ARG K 190 51.38 -10.10 -24.42
CA ARG K 190 51.29 -10.02 -24.43
C ARG K 190 52.29 -8.88 -24.45
N GLN K 191 53.21 -8.90 -25.43
CA GLN K 191 54.17 -7.79 -25.56
C GLN K 191 53.43 -6.47 -25.76
N VAL K 192 52.43 -6.46 -26.64
CA VAL K 192 51.64 -5.25 -26.83
C VAL K 192 50.98 -4.86 -25.51
N LEU K 193 50.46 -5.83 -24.77
CA LEU K 193 49.72 -5.44 -23.58
C LEU K 193 50.64 -4.84 -22.59
N ASP K 194 51.89 -5.33 -22.57
CA ASP K 194 52.94 -4.84 -21.69
C ASP K 194 53.24 -3.37 -22.04
N ARG K 195 53.41 -3.06 -23.32
CA ARG K 195 53.56 -1.66 -23.72
C ARG K 195 52.41 -0.83 -23.32
N LEU K 196 51.20 -1.36 -23.32
CA LEU K 196 50.08 -0.49 -22.92
C LEU K 196 50.03 -0.36 -21.39
N GLY K 197 50.95 -1.05 -20.71
CA GLY K 197 51.01 -1.01 -19.25
C GLY K 197 49.92 -1.76 -18.48
N VAL K 198 49.32 -2.76 -19.13
CA VAL K 198 48.32 -3.61 -18.49
C VAL K 198 49.06 -4.40 -17.43
N ARG K 199 48.54 -4.48 -16.19
CA ARG K 199 49.23 -5.16 -15.07
C ARG K 199 48.67 -6.53 -14.84
N GLN K 200 47.38 -6.63 -15.14
CA GLN K 200 46.65 -7.82 -14.85
C GLN K 200 45.41 -7.89 -15.74
N ILE K 201 45.02 -9.13 -16.07
CA ILE K 201 43.88 -9.35 -16.94
C ILE K 201 42.75 -9.92 -16.13
N ALA K 202 41.63 -9.20 -16.12
CA ALA K 202 40.44 -9.68 -15.38
C ALA K 202 39.88 -11.00 -15.96
N ALA K 203 39.89 -11.08 -17.28
CA ALA K 203 39.36 -12.23 -17.98
C ALA K 203 39.80 -12.26 -19.43
N VAL K 204 39.99 -13.47 -19.94
CA VAL K 204 40.18 -13.69 -21.35
C VAL K 204 38.95 -14.45 -21.84
N VAL K 205 38.31 -13.94 -22.90
CA VAL K 205 37.06 -14.51 -23.45
C VAL K 205 37.26 -14.76 -24.92
N GLY K 206 36.98 -15.96 -25.42
CA GLY K 206 37.18 -16.23 -26.86
C GLY K 206 36.44 -17.43 -27.40
N ALA K 207 35.91 -17.33 -28.62
CA ALA K 207 35.17 -18.45 -29.19
C ALA K 207 35.88 -19.02 -30.41
N MET K 209 38.41 -20.19 -32.77
CA MET K 209 39.88 -19.94 -32.72
C MET K 209 40.22 -19.10 -31.48
N GLY K 210 39.35 -18.14 -31.20
CA GLY K 210 39.52 -17.36 -29.98
C GLY K 210 39.66 -18.20 -28.73
N GLY K 211 38.95 -19.32 -28.66
CA GLY K 211 38.96 -20.11 -27.43
C GLY K 211 40.27 -20.84 -27.28
N MET K 212 40.96 -20.98 -28.41
CA MET K 212 42.25 -21.65 -28.44
C MET K 212 43.30 -20.69 -27.85
N HIS K 213 43.32 -19.44 -28.35
CA HIS K 213 44.14 -18.42 -27.75
C HIS K 213 43.81 -18.28 -26.25
N THR K 214 42.52 -18.24 -25.91
CA THR K 214 42.09 -18.09 -24.55
C THR K 214 42.75 -19.14 -23.71
N LEU K 215 42.58 -20.41 -24.07
CA LEU K 215 43.27 -21.49 -23.32
C LEU K 215 44.80 -21.25 -23.19
N GLU K 216 45.42 -20.72 -24.24
CA GLU K 216 46.86 -20.45 -24.19
C GLU K 216 47.22 -19.30 -23.21
N TRP K 217 46.42 -18.23 -23.24
CA TRP K 217 46.58 -17.11 -22.30
C TRP K 217 46.67 -17.64 -20.87
N ALA K 218 45.79 -18.57 -20.52
CA ALA K 218 45.72 -19.08 -19.16
C ALA K 218 47.11 -19.52 -18.63
N PHE K 219 47.99 -19.91 -19.58
CA PHE K 219 49.29 -20.49 -19.19
C PHE K 219 50.31 -19.48 -18.59
N PHE K 220 49.91 -18.20 -18.62
CA PHE K 220 50.62 -17.15 -17.89
C PHE K 220 50.41 -17.25 -16.37
N GLY K 221 49.39 -17.98 -15.94
CA GLY K 221 49.20 -18.27 -14.53
C GLY K 221 48.15 -17.32 -14.01
N PRO K 222 47.56 -17.66 -12.84
CA PRO K 222 46.45 -16.93 -12.23
C PRO K 222 46.82 -15.56 -11.70
N GLU K 223 48.10 -15.30 -11.62
CA GLU K 223 48.52 -14.01 -11.13
C GLU K 223 48.33 -12.97 -12.26
N TYR K 224 48.64 -13.33 -13.51
CA TYR K 224 48.53 -12.38 -14.61
C TYR K 224 47.17 -12.43 -15.31
N VAL K 225 46.63 -13.66 -15.47
CA VAL K 225 45.30 -13.91 -16.07
C VAL K 225 44.37 -14.47 -14.97
N ARG K 226 43.40 -13.68 -14.54
CA ARG K 226 42.61 -14.09 -13.39
C ARG K 226 41.54 -15.17 -13.71
N LYS K 227 40.90 -15.05 -14.88
CA LYS K 227 39.78 -15.93 -15.28
C LYS K 227 39.84 -16.15 -16.77
N ILE K 228 39.34 -17.31 -17.22
CA ILE K 228 39.16 -17.55 -18.65
C ILE K 228 37.74 -18.00 -18.98
N VAL K 229 37.30 -17.62 -20.20
CA VAL K 229 36.02 -18.06 -20.78
C VAL K 229 36.24 -18.61 -22.20
N PRO K 230 36.67 -19.89 -22.29
CA PRO K 230 36.83 -20.52 -23.59
C PRO K 230 35.46 -20.95 -24.10
N ILE K 231 35.15 -20.59 -25.35
CA ILE K 231 33.84 -20.85 -25.90
C ILE K 231 33.96 -21.64 -27.21
N ALA K 232 33.21 -22.74 -27.33
CA ALA K 232 33.08 -23.44 -28.62
C ALA K 232 34.45 -23.65 -29.27
N THR K 233 35.28 -24.49 -28.64
CA THR K 233 36.70 -24.55 -29.01
C THR K 233 37.35 -25.89 -28.63
N SER K 234 38.64 -26.07 -28.94
CA SER K 234 39.34 -27.24 -28.43
C SER K 234 40.74 -27.00 -27.87
N CYS K 235 41.21 -27.98 -27.06
CA CYS K 235 42.59 -28.03 -26.54
C CYS K 235 43.69 -28.35 -27.54
N ARG K 236 43.32 -28.90 -28.69
CA ARG K 236 44.30 -29.37 -29.68
C ARG K 236 43.62 -29.64 -31.04
N GLN K 237 44.36 -29.49 -32.13
CA GLN K 237 43.87 -29.90 -33.44
C GLN K 237 43.37 -31.35 -33.43
N SER K 238 42.19 -31.59 -34.04
CA SER K 238 41.63 -32.96 -34.15
C SER K 238 41.70 -33.30 -35.61
N GLY K 239 41.70 -34.59 -35.94
CA GLY K 239 41.66 -35.04 -37.35
C GLY K 239 40.43 -34.48 -38.09
N TRP K 240 39.28 -34.49 -37.42
CA TRP K 240 38.05 -33.92 -37.96
C TRP K 240 38.27 -32.52 -38.51
N CYS K 241 38.63 -31.59 -37.65
CA CYS K 241 38.81 -30.20 -38.06
C CYS K 241 39.88 -30.09 -39.08
N ALA K 242 41.02 -30.78 -38.87
CA ALA K 242 42.09 -30.69 -39.86
C ALA K 242 41.54 -30.99 -41.27
N ALA K 243 40.73 -32.05 -41.38
CA ALA K 243 40.18 -32.48 -42.67
C ALA K 243 39.26 -31.38 -43.26
N TRP K 244 38.41 -30.80 -42.40
CA TRP K 244 37.52 -29.77 -42.88
C TRP K 244 38.25 -28.58 -43.40
N PHE K 245 39.26 -28.13 -42.68
CA PHE K 245 39.96 -26.91 -43.14
C PHE K 245 40.93 -27.18 -44.26
N GLU K 246 41.57 -28.35 -44.22
CA GLU K 246 42.38 -28.79 -45.36
C GLU K 246 41.53 -28.85 -46.59
N THR K 247 40.34 -29.46 -46.49
CA THR K 247 39.40 -29.49 -47.65
C THR K 247 39.16 -28.10 -48.14
N GLN K 248 38.84 -27.20 -47.22
CA GLN K 248 38.67 -25.80 -47.61
C GLN K 248 39.91 -25.22 -48.32
N ARG K 249 41.10 -25.42 -47.78
CA ARG K 249 42.29 -24.84 -48.44
C ARG K 249 42.44 -25.43 -49.82
N GLN K 250 42.25 -26.76 -49.94
CA GLN K 250 42.37 -27.36 -51.28
C GLN K 250 41.45 -26.72 -52.34
N CYS K 251 40.26 -26.24 -51.95
CA CYS K 251 39.43 -25.49 -52.91
C CYS K 251 40.17 -24.29 -53.47
N ILE K 252 40.99 -23.66 -52.62
CA ILE K 252 41.74 -22.47 -53.03
C ILE K 252 42.97 -22.91 -53.84
N TYR K 253 43.66 -23.96 -53.36
CA TYR K 253 44.82 -24.47 -54.09
C TYR K 253 44.44 -24.82 -55.52
N ASP K 254 43.27 -25.41 -55.71
CA ASP K 254 42.87 -25.92 -57.04
C ASP K 254 42.28 -24.83 -57.89
N ASP K 255 42.07 -23.64 -57.35
CA ASP K 255 41.52 -22.59 -58.18
C ASP K 255 42.67 -22.06 -59.06
N PRO K 256 42.54 -22.14 -60.43
CA PRO K 256 43.67 -21.74 -61.32
C PRO K 256 44.09 -20.26 -61.21
N LYS K 257 43.28 -19.45 -60.53
CA LYS K 257 43.62 -18.06 -60.32
C LYS K 257 44.57 -17.86 -59.15
N TYR K 258 44.76 -18.91 -58.36
CA TYR K 258 45.60 -18.88 -57.15
C TYR K 258 47.08 -18.73 -57.46
N LEU K 259 47.50 -19.31 -58.59
CA LEU K 259 48.87 -19.16 -59.06
C LEU K 259 49.86 -19.37 -57.92
N ASP K 260 49.63 -20.38 -57.08
CA ASP K 260 50.60 -20.71 -56.03
C ASP K 260 50.76 -19.66 -54.92
N GLY K 261 49.81 -18.73 -54.85
CA GLY K 261 49.83 -17.69 -53.84
C GLY K 261 50.29 -16.38 -54.45
N GLU K 262 50.64 -16.42 -55.74
CA GLU K 262 51.22 -15.27 -56.44
C GLU K 262 50.16 -14.46 -57.19
N TYR K 263 48.91 -14.80 -56.96
CA TYR K 263 47.84 -14.04 -57.60
C TYR K 263 48.01 -12.54 -57.33
N ASP K 264 47.62 -11.72 -58.30
CA ASP K 264 47.55 -10.28 -58.09
C ASP K 264 46.34 -10.00 -57.18
N VAL K 265 46.54 -9.09 -56.23
CA VAL K 265 45.58 -8.78 -55.16
C VAL K 265 44.15 -8.36 -55.62
N ASP K 266 44.02 -7.90 -56.87
CA ASP K 266 42.68 -7.56 -57.37
C ASP K 266 42.26 -8.58 -58.43
N ASP K 267 42.86 -9.77 -58.34
CA ASP K 267 42.41 -10.91 -59.14
C ASP K 267 42.53 -12.19 -58.27
N GLN K 268 41.81 -12.19 -57.14
CA GLN K 268 41.82 -13.29 -56.15
C GLN K 268 41.31 -14.62 -56.74
N PRO K 269 41.74 -15.76 -56.18
CA PRO K 269 41.01 -17.01 -56.47
C PRO K 269 39.63 -17.02 -55.79
N VAL K 270 38.72 -16.29 -56.38
CA VAL K 270 37.43 -16.01 -55.79
C VAL K 270 36.49 -17.22 -55.68
N ARG K 271 36.52 -18.12 -56.67
CA ARG K 271 35.72 -19.36 -56.63
C ARG K 271 36.19 -20.30 -55.54
N GLY K 272 37.50 -20.48 -55.44
CA GLY K 272 38.10 -21.27 -54.36
C GLY K 272 37.69 -20.72 -53.01
N LEU K 273 37.85 -19.40 -52.84
CA LEU K 273 37.46 -18.75 -51.59
C LEU K 273 36.00 -18.90 -51.23
N GLU K 274 35.12 -18.56 -52.16
CA GLU K 274 33.68 -18.80 -52.00
C GLU K 274 33.41 -20.20 -51.52
N THR K 275 33.91 -21.17 -52.29
CA THR K 275 33.67 -22.58 -51.99
C THR K 275 34.14 -22.91 -50.59
N ALA K 276 35.39 -22.55 -50.29
CA ALA K 276 35.95 -22.78 -48.97
C ALA K 276 34.98 -22.24 -47.94
N ARG K 277 34.46 -21.03 -48.18
CA ARG K 277 33.55 -20.42 -47.20
C ARG K 277 32.16 -21.07 -47.12
N LYS K 278 31.58 -21.53 -48.25
CA LYS K 278 30.28 -22.24 -48.21
C LYS K 278 30.40 -23.44 -47.28
N ILE K 279 31.51 -24.16 -47.42
CA ILE K 279 31.77 -25.35 -46.63
C ILE K 279 31.83 -24.99 -45.14
N ALA K 280 32.73 -24.09 -44.81
CA ALA K 280 32.87 -23.64 -43.44
C ALA K 280 31.51 -23.23 -42.89
N ASN K 281 30.78 -22.41 -43.65
CA ASN K 281 29.52 -21.88 -43.14
C ASN K 281 28.55 -22.98 -42.77
N LEU K 282 28.57 -24.10 -43.49
CA LEU K 282 27.69 -25.23 -43.17
C LEU K 282 28.16 -26.01 -42.02
N THR K 283 29.48 -26.17 -41.87
CA THR K 283 30.04 -26.81 -40.68
C THR K 283 29.72 -26.01 -39.42
N TYR K 284 29.44 -24.72 -39.56
CA TYR K 284 29.04 -23.93 -38.40
C TYR K 284 27.58 -24.06 -38.04
N LYS K 285 26.82 -24.80 -38.86
CA LYS K 285 25.39 -24.98 -38.61
C LYS K 285 25.10 -26.34 -38.04
N SER K 286 23.85 -26.55 -37.61
CA SER K 286 23.38 -27.83 -37.12
C SER K 286 22.24 -28.26 -38.03
N LYS K 287 21.90 -29.54 -37.99
CA LYS K 287 20.83 -30.07 -38.80
C LYS K 287 19.52 -29.41 -38.41
N PRO K 288 19.19 -29.37 -37.09
CA PRO K 288 17.94 -28.67 -36.74
C PRO K 288 17.86 -27.19 -37.19
N ALA K 289 18.95 -26.42 -37.07
CA ALA K 289 18.93 -25.05 -37.54
C ALA K 289 18.66 -24.95 -39.03
N MET K 290 19.29 -25.79 -39.84
CA MET K 290 19.08 -25.68 -41.29
C MET K 290 17.71 -26.22 -41.68
N ASP K 291 17.20 -27.16 -40.89
CA ASP K 291 15.90 -27.73 -41.14
C ASP K 291 14.78 -26.72 -40.87
N GLU K 292 14.91 -25.91 -39.82
CA GLU K 292 13.90 -24.89 -39.51
C GLU K 292 13.95 -23.79 -40.54
N ARG K 293 15.14 -23.51 -41.03
CA ARG K 293 15.29 -22.45 -41.98
C ARG K 293 14.82 -22.78 -43.40
N PHE K 294 14.96 -24.03 -43.81
CA PHE K 294 14.56 -24.48 -45.14
C PHE K 294 13.82 -25.79 -44.97
N HIS K 295 12.52 -25.79 -45.25
CA HIS K 295 11.76 -27.03 -45.27
C HIS K 295 10.83 -27.10 -46.48
N MET K 296 10.22 -28.25 -46.66
CA MET K 296 9.30 -28.47 -47.76
C MET K 296 7.86 -28.09 -47.41
N GLY K 327 16.03 -17.48 -46.98
CA GLY K 327 14.76 -17.83 -47.60
C GLY K 327 13.97 -18.68 -46.61
N GLN K 328 13.15 -19.62 -47.10
CA GLN K 328 12.49 -20.67 -46.28
C GLN K 328 12.03 -21.94 -47.03
N PRO K 329 11.62 -21.86 -48.33
CA PRO K 329 11.53 -23.15 -49.06
C PRO K 329 12.91 -23.72 -49.48
N ILE K 330 12.98 -25.03 -49.71
CA ILE K 330 14.22 -25.66 -50.18
C ILE K 330 14.86 -25.07 -51.46
N GLU K 331 14.07 -24.55 -52.37
CA GLU K 331 14.57 -23.85 -53.55
C GLU K 331 15.55 -22.72 -53.19
N ALA K 332 15.35 -22.13 -52.01
CA ALA K 332 16.05 -20.92 -51.58
C ALA K 332 17.47 -21.18 -51.08
N VAL K 333 17.77 -22.45 -50.78
CA VAL K 333 19.08 -22.88 -50.26
C VAL K 333 20.17 -22.45 -51.20
N SER K 334 19.92 -22.64 -52.47
CA SER K 334 20.93 -22.38 -53.46
C SER K 334 21.49 -20.96 -53.31
N SER K 335 20.63 -19.96 -53.31
CA SER K 335 21.13 -18.58 -53.27
C SER K 335 21.54 -18.14 -51.86
N TYR K 336 20.95 -18.75 -50.83
CA TYR K 336 21.46 -18.54 -49.48
C TYR K 336 22.95 -18.91 -49.37
N LEU K 337 23.34 -20.05 -49.96
CA LEU K 337 24.73 -20.51 -49.97
C LEU K 337 25.63 -19.58 -50.76
N ARG K 338 25.16 -19.14 -51.91
CA ARG K 338 25.97 -18.27 -52.77
C ARG K 338 26.19 -16.89 -52.14
N TYR K 339 25.13 -16.28 -51.59
CA TYR K 339 25.16 -14.85 -51.32
C TYR K 339 26.29 -14.52 -50.34
N GLN K 340 26.23 -15.11 -49.15
CA GLN K 340 27.23 -14.89 -48.07
C GLN K 340 28.64 -15.20 -48.47
N ALA K 341 28.80 -16.37 -49.09
CA ALA K 341 30.09 -16.82 -49.53
C ALA K 341 30.67 -15.83 -50.52
N GLN K 342 29.84 -15.29 -51.39
CA GLN K 342 30.30 -14.31 -52.37
C GLN K 342 30.74 -13.03 -51.70
N LYS K 343 29.92 -12.50 -50.79
CA LYS K 343 30.29 -11.26 -50.11
C LYS K 343 31.61 -11.48 -49.32
N PHE K 344 31.77 -12.65 -48.72
CA PHE K 344 33.01 -12.95 -48.01
C PHE K 344 34.24 -13.07 -48.90
N ALA K 345 34.14 -13.86 -49.96
CA ALA K 345 35.24 -13.94 -50.94
C ALA K 345 35.60 -12.58 -51.55
N ALA K 346 34.66 -11.64 -51.54
CA ALA K 346 34.96 -10.32 -52.10
C ALA K 346 35.78 -9.50 -51.09
N SER K 347 35.68 -9.86 -49.81
CA SER K 347 36.29 -9.05 -48.77
C SER K 347 37.17 -9.80 -47.78
N PHE K 348 37.90 -10.80 -48.29
CA PHE K 348 38.95 -11.51 -47.53
C PHE K 348 40.04 -11.95 -48.50
N ASP K 349 41.21 -12.31 -47.98
CA ASP K 349 42.33 -12.65 -48.83
C ASP K 349 42.63 -14.17 -48.81
N ALA K 350 42.87 -14.72 -50.00
CA ALA K 350 43.06 -16.15 -50.14
C ALA K 350 44.22 -16.57 -49.28
N ASN K 351 45.37 -15.94 -49.47
CA ASN K 351 46.59 -16.29 -48.71
C ASN K 351 46.40 -16.19 -47.22
N CYS K 352 45.67 -15.17 -46.77
CA CYS K 352 45.39 -15.10 -45.31
C CYS K 352 44.54 -16.30 -44.87
N TYR K 353 43.58 -16.71 -45.73
CA TYR K 353 42.72 -17.83 -45.32
C TYR K 353 43.55 -19.06 -45.12
N ILE K 354 44.50 -19.26 -46.02
CA ILE K 354 45.46 -20.37 -45.85
C ILE K 354 46.29 -20.24 -44.56
N ALA K 355 46.93 -19.09 -44.40
CA ALA K 355 47.78 -18.84 -43.20
C ALA K 355 47.00 -18.99 -41.91
N MET K 356 45.78 -18.42 -41.85
CA MET K 356 44.93 -18.49 -40.63
C MET K 356 44.53 -19.93 -40.31
N THR K 357 44.00 -20.65 -41.31
CA THR K 357 43.53 -22.02 -41.04
C THR K 357 44.69 -22.95 -40.67
N LEU K 358 45.88 -22.70 -41.22
CA LEU K 358 47.05 -23.51 -40.84
C LEU K 358 47.42 -23.32 -39.36
N LYS K 359 47.09 -22.17 -38.79
CA LYS K 359 47.35 -21.98 -37.37
C LYS K 359 46.75 -23.09 -36.58
N PHE K 360 45.53 -23.50 -36.95
CA PHE K 360 44.83 -24.59 -36.27
C PHE K 360 45.71 -25.82 -36.15
N ASP K 361 46.54 -26.07 -37.16
CA ASP K 361 47.34 -27.31 -37.13
C ASP K 361 48.41 -27.34 -36.05
N THR K 362 48.86 -26.14 -35.65
CA THR K 362 49.90 -25.95 -34.60
C THR K 362 49.32 -25.98 -33.18
N HIS K 363 47.99 -25.96 -33.05
CA HIS K 363 47.40 -25.80 -31.72
C HIS K 363 47.54 -27.08 -30.96
N ASP K 364 48.09 -27.00 -29.75
CA ASP K 364 48.09 -28.14 -28.80
C ASP K 364 48.57 -27.57 -27.49
N ILE K 365 47.71 -27.50 -26.48
CA ILE K 365 48.10 -26.80 -25.25
C ILE K 365 49.16 -27.58 -24.46
N SER K 366 49.28 -28.89 -24.68
CA SER K 366 50.21 -29.77 -23.95
C SER K 366 51.61 -29.73 -24.58
N ARG K 367 51.71 -29.19 -25.79
CA ARG K 367 52.99 -29.27 -26.51
C ARG K 367 54.13 -28.63 -25.72
N GLY K 368 55.07 -29.48 -25.28
CA GLY K 368 56.26 -29.06 -24.53
C GLY K 368 55.91 -28.76 -23.08
N ARG K 369 54.74 -29.18 -22.60
CA ARG K 369 54.29 -28.82 -21.25
C ARG K 369 53.80 -30.02 -20.48
N ALA K 370 53.16 -30.97 -21.13
CA ALA K 370 52.68 -32.15 -20.38
C ALA K 370 52.59 -33.33 -21.31
N GLY K 371 52.45 -34.51 -20.71
CA GLY K 371 52.38 -35.78 -21.47
C GLY K 371 51.06 -35.99 -22.22
N SER K 372 49.99 -35.31 -21.77
CA SER K 372 48.64 -35.46 -22.31
C SER K 372 47.80 -34.20 -22.09
N ILE K 373 46.69 -34.10 -22.83
CA ILE K 373 45.75 -32.96 -22.74
C ILE K 373 45.15 -32.85 -21.33
N PRO K 374 44.64 -33.95 -20.75
CA PRO K 374 44.13 -33.75 -19.37
C PRO K 374 45.20 -33.29 -18.36
N GLU K 375 46.46 -33.69 -18.55
CA GLU K 375 47.51 -33.20 -17.68
C GLU K 375 47.75 -31.74 -17.88
N ALA K 376 47.75 -31.30 -19.15
CA ALA K 376 47.92 -29.87 -19.48
C ALA K 376 46.74 -29.03 -18.94
N LEU K 377 45.51 -29.54 -19.06
CA LEU K 377 44.34 -28.82 -18.55
C LEU K 377 44.43 -28.66 -17.04
N ALA K 378 45.03 -29.64 -16.36
CA ALA K 378 45.12 -29.59 -14.91
C ALA K 378 46.06 -28.48 -14.45
N MET K 379 46.98 -28.07 -15.33
CA MET K 379 47.87 -26.94 -15.03
C MET K 379 47.15 -25.59 -15.13
N ILE K 380 45.87 -25.59 -15.52
CA ILE K 380 45.09 -24.32 -15.57
C ILE K 380 44.43 -24.09 -14.22
N THR K 381 44.97 -23.10 -13.52
CA THR K 381 44.56 -22.80 -12.13
C THR K 381 43.41 -21.79 -12.01
N GLN K 382 43.22 -20.94 -13.04
CA GLN K 382 42.23 -19.86 -13.00
C GLN K 382 40.85 -20.43 -12.97
N PRO K 383 39.91 -19.69 -12.35
CA PRO K 383 38.49 -20.03 -12.66
C PRO K 383 38.24 -20.00 -14.15
N ALA K 384 37.49 -20.99 -14.64
CA ALA K 384 37.16 -21.10 -16.07
C ALA K 384 35.68 -21.34 -16.29
N LEU K 385 35.10 -20.63 -17.24
CA LEU K 385 33.73 -20.92 -17.66
C LEU K 385 33.79 -21.43 -19.10
N ILE K 386 33.47 -22.71 -19.30
CA ILE K 386 33.50 -23.31 -20.62
C ILE K 386 32.10 -23.24 -21.25
N ILE K 387 31.97 -22.54 -22.37
CA ILE K 387 30.66 -22.40 -22.99
C ILE K 387 30.60 -23.20 -24.29
N CYS K 388 29.57 -24.03 -24.41
CA CYS K 388 29.41 -24.89 -25.58
C CYS K 388 27.93 -25.12 -25.93
N ALA K 389 27.71 -25.70 -27.13
CA ALA K 389 26.39 -26.22 -27.56
C ALA K 389 26.49 -27.71 -27.88
N ARG K 390 25.44 -28.45 -27.48
CA ARG K 390 25.40 -29.91 -27.70
C ARG K 390 25.61 -30.18 -29.19
N SER K 391 25.05 -29.29 -30.01
CA SER K 391 24.97 -29.49 -31.45
C SER K 391 26.10 -28.96 -32.31
N ASP K 392 27.17 -28.53 -31.67
CA ASP K 392 28.37 -28.04 -32.36
C ASP K 392 28.97 -29.18 -33.16
N GLY K 393 29.07 -29.02 -34.47
CA GLY K 393 29.61 -30.06 -35.34
C GLY K 393 31.11 -30.02 -35.54
N LEU K 394 31.76 -28.96 -35.07
CA LEU K 394 33.20 -28.85 -35.17
C LEU K 394 33.90 -29.19 -33.85
N TYR K 395 33.47 -28.56 -32.75
CA TYR K 395 34.08 -28.79 -31.46
C TYR K 395 33.07 -29.45 -30.54
N SER K 396 33.34 -30.71 -30.21
CA SER K 396 32.31 -31.61 -29.71
C SER K 396 31.95 -31.31 -28.28
N PHE K 397 30.68 -31.53 -27.95
CA PHE K 397 30.26 -31.49 -26.58
C PHE K 397 31.23 -32.25 -25.68
N ASP K 398 31.58 -33.48 -26.07
CA ASP K 398 32.47 -34.33 -25.26
C ASP K 398 33.80 -33.69 -24.97
N GLU K 399 34.38 -32.99 -25.93
CA GLU K 399 35.69 -32.38 -25.66
C GLU K 399 35.63 -31.22 -24.65
N HIS K 400 34.46 -30.58 -24.58
CA HIS K 400 34.26 -29.53 -23.59
C HIS K 400 34.02 -30.18 -22.23
N VAL K 401 33.33 -31.33 -22.24
CA VAL K 401 33.08 -32.04 -20.99
C VAL K 401 34.41 -32.44 -20.43
N GLU K 402 35.32 -32.90 -21.30
CA GLU K 402 36.69 -33.24 -20.89
C GLU K 402 37.42 -32.03 -20.29
N MET K 403 37.31 -30.86 -20.95
CA MET K 403 37.94 -29.67 -20.43
C MET K 403 37.47 -29.46 -18.99
N GLY K 404 36.15 -29.46 -18.79
CA GLY K 404 35.57 -29.16 -17.48
C GLY K 404 36.03 -30.17 -16.42
N ARG K 405 36.42 -31.37 -16.87
CA ARG K 405 36.75 -32.50 -15.99
C ARG K 405 38.16 -32.27 -15.45
N SER K 406 39.05 -31.81 -16.32
CA SER K 406 40.48 -31.64 -16.00
C SER K 406 40.93 -30.23 -15.59
N ILE K 407 40.17 -29.17 -15.94
CA ILE K 407 40.51 -27.83 -15.40
C ILE K 407 39.91 -27.80 -14.00
N PRO K 408 40.78 -27.74 -12.97
CA PRO K 408 40.34 -27.88 -11.57
C PRO K 408 39.24 -26.91 -11.15
N ASN K 409 39.32 -25.61 -11.50
CA ASN K 409 38.26 -24.66 -11.09
C ASN K 409 37.40 -24.21 -12.27
N SER K 410 36.62 -25.13 -12.81
CA SER K 410 35.86 -24.84 -14.04
C SER K 410 34.39 -25.15 -13.89
N ARG K 411 33.58 -24.32 -14.51
CA ARG K 411 32.15 -24.62 -14.68
C ARG K 411 31.85 -24.78 -16.18
N LEU K 412 31.08 -25.81 -16.50
CA LEU K 412 30.62 -26.06 -17.86
C LEU K 412 29.26 -25.41 -18.10
N CYS K 413 29.15 -24.57 -19.11
CA CYS K 413 27.88 -23.89 -19.40
C CYS K 413 27.39 -24.34 -20.78
N VAL K 414 26.31 -25.12 -20.79
CA VAL K 414 25.77 -25.65 -22.03
C VAL K 414 24.61 -24.78 -22.41
N VAL K 415 24.77 -24.01 -23.49
CA VAL K 415 23.70 -23.14 -23.95
C VAL K 415 22.52 -23.97 -24.45
N ASP K 416 21.35 -23.62 -23.93
CA ASP K 416 20.11 -24.25 -24.37
C ASP K 416 19.75 -23.71 -25.75
N THR K 417 20.08 -24.48 -26.79
CA THR K 417 19.92 -24.06 -28.18
C THR K 417 19.97 -25.31 -29.05
N ASN K 418 19.43 -25.22 -30.26
CA ASN K 418 19.64 -26.32 -31.21
C ASN K 418 20.63 -25.87 -32.31
N GLU K 419 21.35 -24.79 -32.04
CA GLU K 419 22.05 -24.08 -33.08
C GLU K 419 23.34 -24.66 -33.64
N GLY K 420 24.16 -25.45 -33.04
CA GLY K 420 25.41 -25.71 -33.80
C GLY K 420 26.52 -24.67 -33.59
N HIS K 421 27.63 -24.80 -34.31
CA HIS K 421 28.84 -24.09 -33.89
C HIS K 421 28.69 -22.59 -33.74
N ASP K 422 27.97 -21.96 -34.67
CA ASP K 422 27.78 -20.53 -34.61
C ASP K 422 26.74 -20.11 -33.55
N PHE K 423 26.45 -20.98 -32.59
CA PHE K 423 25.48 -20.63 -31.59
C PHE K 423 25.94 -19.38 -30.87
N PHE K 424 27.27 -19.23 -30.71
CA PHE K 424 27.79 -18.13 -29.88
C PHE K 424 27.46 -16.78 -30.51
N VAL K 425 27.11 -16.80 -31.79
CA VAL K 425 26.69 -15.58 -32.46
C VAL K 425 25.16 -15.55 -32.51
N MET K 426 24.54 -16.70 -32.83
CA MET K 426 23.09 -16.76 -33.02
C MET K 426 22.38 -16.59 -31.69
N GLU K 427 22.98 -17.06 -30.60
CA GLU K 427 22.41 -16.93 -29.25
C GLU K 427 23.28 -15.99 -28.39
N ALA K 428 23.70 -14.87 -29.00
CA ALA K 428 24.61 -13.94 -28.36
C ALA K 428 24.16 -13.49 -26.98
N ASP K 429 22.83 -13.29 -26.80
CA ASP K 429 22.27 -12.85 -25.51
C ASP K 429 22.46 -13.88 -24.44
N LYS K 430 22.33 -15.16 -24.77
CA LYS K 430 22.59 -16.20 -23.78
C LYS K 430 24.07 -16.28 -23.39
N VAL K 431 24.94 -16.03 -24.38
CA VAL K 431 26.36 -16.07 -24.12
C VAL K 431 26.69 -14.85 -23.24
N ASN K 432 26.11 -13.71 -23.58
CA ASN K 432 26.30 -12.51 -22.84
C ASN K 432 25.97 -12.72 -21.36
N ASP K 433 24.78 -13.25 -21.08
CA ASP K 433 24.36 -13.50 -19.72
C ASP K 433 25.30 -14.46 -19.01
N ALA K 434 25.72 -15.53 -19.67
CA ALA K 434 26.67 -16.47 -19.04
C ALA K 434 28.01 -15.78 -18.72
N VAL K 435 28.59 -15.05 -19.67
CA VAL K 435 29.84 -14.35 -19.45
C VAL K 435 29.71 -13.30 -18.34
N ARG K 436 28.75 -12.38 -18.45
CA ARG K 436 28.50 -11.38 -17.39
C ARG K 436 28.33 -12.01 -16.01
N GLY K 437 27.52 -13.05 -15.93
CA GLY K 437 27.35 -13.75 -14.65
C GLY K 437 28.68 -14.17 -14.02
N PHE K 438 29.59 -14.67 -14.87
CA PHE K 438 30.85 -15.26 -14.44
C PHE K 438 31.84 -14.17 -14.02
N LEU K 439 31.90 -13.13 -14.81
CA LEU K 439 32.72 -11.96 -14.52
C LEU K 439 32.24 -11.18 -13.28
N ASP K 440 30.97 -11.31 -12.92
CA ASP K 440 30.41 -10.68 -11.72
C ASP K 440 30.68 -11.39 -10.41
N GLN K 441 30.64 -12.73 -10.42
CA GLN K 441 31.11 -13.49 -9.28
C GLN K 441 32.55 -13.11 -8.92
N SER K 442 32.81 -12.99 -7.63
CA SER K 442 34.17 -13.07 -7.07
C SER K 442 34.25 -14.45 -6.50
N LEU K 443 35.46 -15.02 -6.48
CA LEU K 443 35.65 -16.41 -6.12
C LEU K 443 36.74 -16.52 -5.05
N ASN L 66 -4.95 -61.45 -33.38
CA ASN L 66 -6.10 -60.68 -32.80
C ASN L 66 -5.65 -59.31 -32.28
N ARG L 67 -5.83 -58.27 -33.11
CA ARG L 67 -5.37 -56.91 -32.75
C ARG L 67 -6.16 -56.26 -31.61
N PHE L 68 -7.37 -56.75 -31.37
CA PHE L 68 -8.21 -56.20 -30.28
C PHE L 68 -7.69 -56.65 -28.92
N GLU L 69 -7.47 -57.97 -28.80
CA GLU L 69 -6.83 -58.53 -27.62
C GLU L 69 -5.38 -57.99 -27.43
N ALA L 70 -4.64 -57.84 -28.53
CA ALA L 70 -3.28 -57.28 -28.49
C ALA L 70 -3.19 -55.89 -27.84
N SER L 71 -4.24 -55.07 -27.99
CA SER L 71 -4.25 -53.68 -27.44
C SER L 71 -4.44 -53.61 -25.88
N LEU L 72 -4.75 -54.75 -25.26
CA LEU L 72 -5.05 -54.84 -23.82
C LEU L 72 -3.82 -54.89 -22.94
N ASP L 73 -3.97 -54.55 -21.66
CA ASP L 73 -2.88 -54.85 -20.72
C ASP L 73 -2.80 -56.35 -20.59
N ALA L 74 -1.85 -56.81 -19.77
CA ALA L 74 -1.58 -58.23 -19.64
C ALA L 74 -2.75 -58.84 -18.92
N GLN L 75 -3.04 -60.08 -19.29
CA GLN L 75 -4.10 -60.85 -18.68
C GLN L 75 -3.80 -62.33 -18.81
N ASP L 76 -4.50 -63.15 -18.02
CA ASP L 76 -4.32 -64.58 -18.10
C ASP L 76 -5.33 -65.17 -19.08
N ILE L 77 -5.04 -66.37 -19.58
CA ILE L 77 -5.88 -67.14 -20.49
C ILE L 77 -5.90 -68.56 -19.97
N ALA L 78 -7.06 -69.08 -19.59
CA ALA L 78 -7.21 -70.52 -19.31
C ALA L 78 -7.67 -71.23 -20.61
N ARG L 79 -7.30 -72.51 -20.78
CA ARG L 79 -7.68 -73.18 -21.99
C ARG L 79 -8.43 -74.40 -21.60
N ILE L 80 -9.68 -74.49 -22.06
CA ILE L 80 -10.56 -75.62 -21.84
C ILE L 80 -10.50 -76.45 -23.14
N SER L 81 -10.11 -77.71 -23.02
CA SER L 81 -9.80 -78.43 -24.26
C SER L 81 -11.10 -78.80 -24.92
N LEU L 82 -12.12 -79.14 -24.14
CA LEU L 82 -13.42 -79.42 -24.74
C LEU L 82 -14.52 -78.80 -23.92
N PHE L 83 -15.46 -78.10 -24.60
CA PHE L 83 -16.61 -77.47 -23.92
C PHE L 83 -17.87 -77.59 -24.75
N THR L 84 -18.92 -78.14 -24.14
CA THR L 84 -20.17 -78.38 -24.84
C THR L 84 -21.15 -77.24 -24.57
N LEU L 85 -21.33 -76.39 -25.59
CA LEU L 85 -22.39 -75.32 -25.54
C LEU L 85 -23.74 -75.96 -25.29
N GLU L 86 -24.69 -75.18 -24.78
CA GLU L 86 -25.99 -75.82 -24.48
C GLU L 86 -26.78 -76.06 -25.75
N SER L 87 -26.27 -75.53 -26.87
CA SER L 87 -26.83 -75.88 -28.16
C SER L 87 -26.48 -77.35 -28.45
N GLY L 88 -25.38 -77.81 -27.86
CA GLY L 88 -24.80 -79.15 -28.13
C GLY L 88 -23.57 -79.04 -29.02
N VAL L 89 -23.27 -77.85 -29.53
CA VAL L 89 -22.07 -77.66 -30.30
C VAL L 89 -20.88 -77.79 -29.33
N ILE L 90 -19.79 -78.38 -29.81
CA ILE L 90 -18.62 -78.60 -28.99
C ILE L 90 -17.50 -77.68 -29.45
N LEU L 91 -17.05 -76.83 -28.53
CA LEU L 91 -15.88 -76.02 -28.77
C LEU L 91 -14.63 -76.77 -28.27
N ARG L 92 -13.56 -76.62 -29.02
CA ARG L 92 -12.34 -77.34 -28.79
C ARG L 92 -11.30 -76.29 -28.47
N ASP L 93 -10.30 -76.63 -27.65
CA ASP L 93 -9.17 -75.73 -27.35
CA ASP L 93 -9.17 -75.71 -27.39
C ASP L 93 -9.67 -74.33 -27.03
N VAL L 94 -10.56 -74.25 -26.04
CA VAL L 94 -11.27 -72.99 -25.75
C VAL L 94 -10.50 -72.02 -24.83
N PRO L 95 -10.02 -70.91 -25.38
CA PRO L 95 -9.40 -69.93 -24.48
C PRO L 95 -10.45 -69.13 -23.72
N VAL L 96 -10.21 -68.86 -22.42
CA VAL L 96 -11.05 -68.02 -21.57
C VAL L 96 -10.11 -67.01 -20.95
N ALA L 97 -10.10 -65.78 -21.46
CA ALA L 97 -9.29 -64.71 -20.89
C ALA L 97 -9.87 -64.20 -19.59
N TYR L 98 -9.00 -63.74 -18.69
CA TYR L 98 -9.47 -63.13 -17.46
C TYR L 98 -8.41 -62.26 -16.85
N LYS L 99 -8.85 -61.45 -15.92
CA LYS L 99 -7.99 -60.54 -15.25
C LYS L 99 -8.40 -60.58 -13.81
N SER L 100 -7.41 -60.65 -12.91
CA SER L 100 -7.71 -60.56 -11.48
C SER L 100 -6.84 -59.56 -10.79
N TRP L 101 -7.29 -59.19 -9.60
CA TRP L 101 -6.62 -58.23 -8.77
C TRP L 101 -6.71 -58.78 -7.35
N GLY L 102 -5.60 -58.64 -6.60
CA GLY L 102 -5.58 -58.99 -5.20
C GLY L 102 -5.29 -60.46 -5.10
N ARG L 103 -5.51 -61.02 -3.92
CA ARG L 103 -5.06 -62.35 -3.67
C ARG L 103 -6.12 -63.12 -2.89
N MET L 104 -6.20 -64.40 -3.15
CA MET L 104 -7.14 -65.24 -2.43
C MET L 104 -6.67 -65.49 -1.02
N ASN L 105 -7.57 -65.49 -0.04
CA ASN L 105 -7.19 -65.82 1.33
C ASN L 105 -7.00 -67.33 1.46
N VAL L 106 -6.67 -67.79 2.66
CA VAL L 106 -6.24 -69.18 2.86
C VAL L 106 -7.41 -70.11 2.59
N SER L 107 -8.57 -69.55 2.91
CA SER L 107 -9.82 -70.25 2.86
C SER L 107 -10.41 -70.22 1.42
N ARG L 108 -9.78 -69.41 0.55
CA ARG L 108 -10.14 -69.25 -0.85
C ARG L 108 -11.66 -68.98 -1.02
N ASP L 109 -12.19 -68.07 -0.19
CA ASP L 109 -13.61 -67.77 -0.15
C ASP L 109 -13.87 -66.23 -0.09
N ASN L 110 -12.85 -65.45 -0.46
CA ASN L 110 -12.99 -64.01 -0.56
C ASN L 110 -12.98 -63.57 -2.04
N CYS L 111 -13.47 -64.45 -2.91
CA CYS L 111 -13.53 -64.16 -4.34
C CYS L 111 -14.74 -63.29 -4.68
N VAL L 112 -14.47 -62.21 -5.40
CA VAL L 112 -15.51 -61.33 -5.96
C VAL L 112 -15.45 -61.35 -7.47
N ILE L 113 -16.54 -61.76 -8.10
CA ILE L 113 -16.58 -61.84 -9.55
C ILE L 113 -17.27 -60.61 -10.07
N VAL L 114 -16.63 -59.93 -11.01
CA VAL L 114 -17.26 -58.81 -11.69
C VAL L 114 -17.55 -59.29 -13.10
N CYS L 115 -18.80 -59.16 -13.54
CA CYS L 115 -19.16 -59.49 -14.90
C CYS L 115 -19.20 -58.25 -15.78
N HIS L 116 -18.43 -58.23 -16.86
CA HIS L 116 -18.28 -57.01 -17.61
C HIS L 116 -19.48 -56.64 -18.52
N THR L 117 -19.37 -55.52 -19.26
CA THR L 117 -20.47 -55.08 -20.10
C THR L 117 -20.29 -55.63 -21.50
N LEU L 118 -21.33 -55.45 -22.31
CA LEU L 118 -21.39 -55.96 -23.67
C LEU L 118 -20.11 -55.77 -24.45
N THR L 119 -19.56 -54.56 -24.44
CA THR L 119 -18.44 -54.27 -25.30
C THR L 119 -17.11 -54.07 -24.58
N SER L 120 -17.07 -54.32 -23.28
CA SER L 120 -15.80 -54.09 -22.60
C SER L 120 -14.94 -55.34 -22.66
N SER L 121 -13.68 -55.21 -22.25
CA SER L 121 -12.82 -56.36 -21.97
C SER L 121 -12.98 -56.70 -20.52
N ALA L 122 -12.19 -57.68 -20.06
CA ALA L 122 -12.14 -58.08 -18.65
C ALA L 122 -11.54 -56.98 -17.77
N HIS L 123 -10.93 -55.95 -18.38
CA HIS L 123 -10.22 -54.92 -17.61
C HIS L 123 -11.10 -53.86 -17.02
N VAL L 124 -11.75 -54.24 -15.94
CA VAL L 124 -12.84 -53.49 -15.31
C VAL L 124 -12.35 -52.15 -14.83
N THR L 125 -11.08 -52.11 -14.45
CA THR L 125 -10.41 -50.89 -14.05
C THR L 125 -10.49 -49.79 -15.12
N SER L 126 -10.67 -50.15 -16.38
CA SER L 126 -10.68 -49.10 -17.37
C SER L 126 -12.03 -48.35 -17.51
N TRP L 127 -13.13 -48.91 -17.02
CA TRP L 127 -14.43 -48.19 -17.05
C TRP L 127 -15.04 -48.02 -15.67
N TRP L 128 -14.57 -48.83 -14.74
CA TRP L 128 -14.93 -48.68 -13.32
C TRP L 128 -13.73 -48.37 -12.39
N PRO L 129 -12.80 -47.45 -12.78
CA PRO L 129 -11.55 -47.34 -12.00
C PRO L 129 -11.80 -46.99 -10.54
N THR L 130 -12.78 -46.15 -10.25
CA THR L 130 -12.99 -45.72 -8.87
C THR L 130 -13.64 -46.74 -7.98
N LEU L 131 -14.00 -47.90 -8.51
CA LEU L 131 -14.54 -48.95 -7.67
C LEU L 131 -13.43 -49.78 -7.01
N PHE L 132 -12.19 -49.59 -7.49
CA PHE L 132 -11.01 -50.32 -7.00
C PHE L 132 -10.21 -49.57 -5.97
N GLY L 133 -9.71 -50.28 -4.95
CA GLY L 133 -8.76 -49.67 -4.01
C GLY L 133 -9.18 -49.88 -2.58
N GLN L 134 -8.30 -49.47 -1.66
CA GLN L 134 -8.55 -49.66 -0.22
C GLN L 134 -9.82 -48.92 0.18
N GLY L 135 -10.73 -49.57 0.91
CA GLY L 135 -11.95 -48.91 1.35
C GLY L 135 -12.98 -48.72 0.22
N ARG L 136 -12.60 -49.07 -1.01
CA ARG L 136 -13.53 -49.04 -2.13
C ARG L 136 -14.28 -50.38 -2.22
N ALA L 137 -15.27 -50.47 -3.10
CA ALA L 137 -16.10 -51.69 -3.23
C ALA L 137 -15.25 -52.94 -3.57
N PHE L 138 -14.38 -52.78 -4.58
CA PHE L 138 -13.48 -53.83 -5.00
C PHE L 138 -12.15 -53.59 -4.27
N ASP L 139 -12.13 -54.00 -3.02
CA ASP L 139 -11.01 -53.73 -2.13
C ASP L 139 -10.00 -54.87 -2.25
N THR L 140 -8.93 -54.59 -2.97
CA THR L 140 -7.87 -55.57 -3.25
C THR L 140 -7.09 -55.98 -2.01
N SER L 141 -7.41 -55.39 -0.85
CA SER L 141 -6.88 -55.82 0.46
C SER L 141 -7.75 -56.87 1.09
N ARG L 142 -9.01 -56.94 0.71
CA ARG L 142 -9.88 -57.91 1.36
C ARG L 142 -10.23 -59.06 0.44
N TYR L 143 -10.19 -58.81 -0.86
CA TYR L 143 -10.81 -59.71 -1.82
C TYR L 143 -9.92 -60.02 -2.97
N PHE L 144 -10.15 -61.21 -3.54
CA PHE L 144 -9.62 -61.58 -4.82
C PHE L 144 -10.73 -61.27 -5.84
N ILE L 145 -10.45 -60.27 -6.68
CA ILE L 145 -11.43 -59.78 -7.61
C ILE L 145 -11.08 -60.35 -8.95
N ILE L 146 -12.03 -61.05 -9.57
CA ILE L 146 -11.77 -61.54 -10.93
C ILE L 146 -12.87 -61.20 -11.94
N CYS L 147 -12.46 -60.90 -13.16
CA CYS L 147 -13.38 -60.69 -14.27
C CYS L 147 -12.93 -61.55 -15.42
N LEU L 148 -13.84 -62.39 -15.93
CA LEU L 148 -13.54 -63.26 -17.07
C LEU L 148 -14.27 -62.80 -18.36
N ASN L 149 -13.57 -62.80 -19.49
CA ASN L 149 -14.11 -62.28 -20.74
C ASN L 149 -15.14 -63.26 -21.30
N TYR L 150 -16.24 -62.73 -21.84
CA TYR L 150 -17.31 -63.58 -22.35
C TYR L 150 -16.91 -64.24 -23.66
N LEU L 151 -17.45 -65.45 -23.89
CA LEU L 151 -17.37 -66.09 -25.20
C LEU L 151 -18.06 -65.15 -26.24
N GLY L 152 -17.47 -64.98 -27.41
CA GLY L 152 -18.04 -64.13 -28.43
C GLY L 152 -17.36 -62.79 -28.47
N SER L 153 -16.61 -62.49 -27.41
CA SER L 153 -15.95 -61.18 -27.27
C SER L 153 -14.64 -61.06 -28.05
N PRO L 154 -14.28 -59.86 -28.49
CA PRO L 154 -12.98 -59.84 -29.19
C PRO L 154 -11.73 -59.78 -28.27
N PHE L 155 -11.91 -59.83 -26.96
CA PHE L 155 -10.81 -59.48 -26.07
C PHE L 155 -10.16 -60.64 -25.33
N GLY L 156 -10.07 -61.81 -25.98
CA GLY L 156 -9.40 -62.93 -25.38
C GLY L 156 -10.12 -64.25 -25.36
N SER L 157 -11.29 -64.33 -24.74
CA SER L 157 -12.04 -65.58 -24.78
C SER L 157 -12.43 -66.01 -26.21
N ALA L 158 -12.88 -67.26 -26.35
CA ALA L 158 -13.21 -67.78 -27.66
C ALA L 158 -14.30 -66.88 -28.29
N GLY L 159 -14.11 -66.54 -29.57
CA GLY L 159 -15.12 -65.85 -30.34
C GLY L 159 -14.68 -65.67 -31.77
N PRO L 160 -15.46 -64.91 -32.55
CA PRO L 160 -15.16 -64.74 -33.96
C PRO L 160 -13.70 -64.38 -34.24
N CYS L 161 -13.06 -63.73 -33.29
CA CYS L 161 -11.69 -63.29 -33.50
C CYS L 161 -10.60 -64.35 -33.21
N SER L 162 -10.96 -65.41 -32.51
CA SER L 162 -9.95 -66.31 -32.06
C SER L 162 -9.75 -67.47 -33.06
N PRO L 163 -8.56 -68.11 -33.05
CA PRO L 163 -8.26 -69.21 -33.97
C PRO L 163 -9.29 -70.36 -33.95
N ASP L 164 -9.75 -70.73 -35.13
CA ASP L 164 -10.57 -71.93 -35.26
C ASP L 164 -9.66 -73.16 -35.22
N PRO L 165 -9.84 -74.04 -34.18
CA PRO L 165 -8.97 -75.25 -34.10
C PRO L 165 -9.10 -76.20 -35.34
N ASP L 166 -10.03 -75.91 -36.26
CA ASP L 166 -10.08 -76.61 -37.55
C ASP L 166 -9.47 -75.80 -38.69
N PRO L 172 -9.17 -67.75 -38.02
CA PRO L 172 -10.14 -67.39 -36.96
C PRO L 172 -11.54 -67.91 -37.26
N TYR L 173 -12.34 -68.15 -36.22
CA TYR L 173 -13.71 -68.62 -36.40
C TYR L 173 -14.48 -67.73 -37.37
N GLY L 174 -14.22 -66.42 -37.31
CA GLY L 174 -14.98 -65.41 -38.08
C GLY L 174 -16.50 -65.53 -37.91
N ALA L 175 -17.19 -65.63 -39.03
CA ALA L 175 -18.66 -65.66 -39.02
C ALA L 175 -19.23 -66.95 -38.50
N LYS L 176 -18.36 -67.96 -38.30
CA LYS L 176 -18.85 -69.30 -38.03
C LYS L 176 -18.82 -69.62 -36.56
N PHE L 177 -18.54 -68.63 -35.72
CA PHE L 177 -18.51 -68.85 -34.27
C PHE L 177 -19.89 -69.22 -33.75
N PRO L 178 -20.01 -70.37 -33.04
CA PRO L 178 -21.32 -70.86 -32.62
C PRO L 178 -22.04 -69.89 -31.70
N ARG L 179 -23.36 -69.95 -31.69
CA ARG L 179 -24.11 -69.10 -30.78
C ARG L 179 -23.83 -69.61 -29.37
N THR L 180 -23.62 -68.69 -28.43
CA THR L 180 -23.40 -69.03 -27.02
C THR L 180 -24.45 -68.35 -26.21
N THR L 181 -24.71 -68.84 -24.99
CA THR L 181 -25.72 -68.27 -24.11
C THR L 181 -25.09 -67.70 -22.84
N ILE L 182 -25.89 -66.98 -22.06
CA ILE L 182 -25.42 -66.43 -20.82
C ILE L 182 -24.94 -67.59 -19.95
N ARG L 183 -25.78 -68.62 -19.85
CA ARG L 183 -25.47 -69.85 -19.11
C ARG L 183 -24.18 -70.54 -19.57
N ASP L 184 -23.85 -70.50 -20.86
CA ASP L 184 -22.59 -71.03 -21.34
C ASP L 184 -21.44 -70.25 -20.73
N ASP L 185 -21.53 -68.92 -20.73
CA ASP L 185 -20.45 -68.13 -20.16
C ASP L 185 -20.24 -68.52 -18.68
N VAL L 186 -21.33 -68.67 -17.96
CA VAL L 186 -21.25 -68.85 -16.55
C VAL L 186 -20.59 -70.19 -16.31
N ARG L 187 -20.95 -71.19 -17.13
CA ARG L 187 -20.47 -72.57 -16.91
C ARG L 187 -19.03 -72.64 -17.23
N ILE L 188 -18.64 -72.01 -18.32
CA ILE L 188 -17.24 -72.12 -18.63
C ILE L 188 -16.38 -71.29 -17.68
N HIS L 189 -16.88 -70.12 -17.26
CA HIS L 189 -16.19 -69.34 -16.25
C HIS L 189 -16.04 -70.12 -14.95
N ARG L 190 -17.09 -70.76 -14.48
CA ARG L 190 -16.93 -71.51 -13.27
C ARG L 190 -15.80 -72.57 -13.44
N GLN L 191 -15.73 -73.20 -14.60
CA GLN L 191 -14.69 -74.19 -14.77
C GLN L 191 -13.33 -73.59 -14.54
N VAL L 192 -13.09 -72.41 -15.10
CA VAL L 192 -11.83 -71.72 -14.86
C VAL L 192 -11.65 -71.45 -13.37
N LEU L 193 -12.65 -70.91 -12.68
CA LEU L 193 -12.51 -70.66 -11.27
C LEU L 193 -12.10 -71.93 -10.54
N ASP L 194 -12.70 -73.06 -10.91
CA ASP L 194 -12.39 -74.36 -10.29
C ASP L 194 -10.91 -74.76 -10.46
N ARG L 195 -10.38 -74.56 -11.66
CA ARG L 195 -8.97 -74.74 -11.88
C ARG L 195 -8.11 -73.79 -11.06
N LEU L 196 -8.60 -72.56 -10.78
CA LEU L 196 -7.78 -71.60 -10.03
C LEU L 196 -7.83 -71.95 -8.55
N GLY L 197 -8.73 -72.85 -8.17
CA GLY L 197 -8.82 -73.26 -6.81
C GLY L 197 -9.73 -72.44 -5.95
N VAL L 198 -10.55 -71.60 -6.56
CA VAL L 198 -11.58 -70.83 -5.79
C VAL L 198 -12.58 -71.78 -5.11
N ARG L 199 -12.96 -71.47 -3.85
CA ARG L 199 -13.82 -72.33 -2.97
C ARG L 199 -15.22 -71.76 -2.73
N GLN L 200 -15.32 -70.44 -2.75
CA GLN L 200 -16.59 -69.80 -2.50
C GLN L 200 -16.46 -68.38 -2.99
N ILE L 201 -17.57 -67.85 -3.47
CA ILE L 201 -17.66 -66.49 -3.99
C ILE L 201 -18.39 -65.58 -3.03
N ALA L 202 -17.70 -64.54 -2.58
CA ALA L 202 -18.26 -63.60 -1.61
C ALA L 202 -19.40 -62.81 -2.23
N ALA L 203 -19.26 -62.43 -3.50
CA ALA L 203 -20.25 -61.64 -4.24
C ALA L 203 -19.98 -61.72 -5.71
N VAL L 204 -21.05 -61.67 -6.48
CA VAL L 204 -20.99 -61.46 -7.93
C VAL L 204 -21.70 -60.13 -8.23
N VAL L 205 -21.04 -59.29 -9.00
CA VAL L 205 -21.46 -57.93 -9.23
C VAL L 205 -21.39 -57.71 -10.75
N GLY L 206 -22.45 -57.14 -11.33
CA GLY L 206 -22.46 -56.92 -12.77
C GLY L 206 -23.56 -56.03 -13.27
N ALA L 207 -23.25 -55.22 -14.29
CA ALA L 207 -24.23 -54.28 -14.88
C ALA L 207 -24.51 -54.61 -16.33
N MET L 209 -25.28 -56.38 -19.44
CA MET L 209 -25.07 -57.82 -19.72
C MET L 209 -24.50 -58.53 -18.50
N GLY L 210 -23.56 -57.88 -17.82
CA GLY L 210 -23.03 -58.41 -16.57
C GLY L 210 -24.07 -58.82 -15.53
N GLY L 211 -25.22 -58.12 -15.53
CA GLY L 211 -26.25 -58.35 -14.50
C GLY L 211 -27.04 -59.60 -14.83
N MET L 212 -26.99 -59.98 -16.11
CA MET L 212 -27.64 -61.16 -16.60
C MET L 212 -26.83 -62.41 -16.21
N HIS L 213 -25.51 -62.35 -16.43
CA HIS L 213 -24.63 -63.33 -15.84
C HIS L 213 -24.73 -63.38 -14.32
N THR L 214 -24.75 -62.21 -13.69
CA THR L 214 -24.86 -62.14 -12.24
C THR L 214 -26.05 -62.97 -11.76
N LEU L 215 -27.23 -62.68 -12.31
CA LEU L 215 -28.43 -63.46 -11.97
C LEU L 215 -28.21 -64.99 -12.22
N GLU L 216 -27.58 -65.34 -13.31
CA GLU L 216 -27.29 -66.76 -13.57
C GLU L 216 -26.31 -67.40 -12.56
N TRP L 217 -25.28 -66.65 -12.13
CA TRP L 217 -24.37 -67.13 -11.12
C TRP L 217 -25.09 -67.51 -9.86
N ALA L 218 -26.11 -66.74 -9.50
CA ALA L 218 -26.86 -67.01 -8.28
C ALA L 218 -27.41 -68.43 -8.27
N PHE L 219 -27.52 -69.04 -9.44
CA PHE L 219 -28.16 -70.35 -9.53
C PHE L 219 -27.33 -71.55 -9.08
N PHE L 220 -26.04 -71.30 -8.81
CA PHE L 220 -25.19 -72.27 -8.11
C PHE L 220 -25.54 -72.40 -6.61
N GLY L 221 -26.41 -71.54 -6.08
CA GLY L 221 -26.87 -71.70 -4.70
C GLY L 221 -26.00 -70.89 -3.76
N PRO L 222 -26.52 -70.62 -2.56
CA PRO L 222 -25.91 -69.72 -1.54
C PRO L 222 -24.64 -70.32 -0.91
N GLU L 223 -24.42 -71.60 -1.18
CA GLU L 223 -23.25 -72.29 -0.73
C GLU L 223 -22.03 -71.80 -1.51
N TYR L 224 -22.17 -71.67 -2.81
CA TYR L 224 -21.03 -71.32 -3.63
C TYR L 224 -20.99 -69.81 -3.91
N VAL L 225 -22.16 -69.21 -4.09
CA VAL L 225 -22.26 -67.76 -4.34
C VAL L 225 -23.01 -67.16 -3.18
N ARG L 226 -22.31 -66.42 -2.33
CA ARG L 226 -22.91 -65.91 -1.12
C ARG L 226 -23.84 -64.70 -1.31
N LYS L 227 -23.51 -63.82 -2.25
CA LYS L 227 -24.28 -62.58 -2.49
C LYS L 227 -24.23 -62.21 -3.98
N ILE L 228 -25.28 -61.53 -4.44
CA ILE L 228 -25.30 -60.95 -5.78
C ILE L 228 -25.67 -59.45 -5.84
N VAL L 229 -25.10 -58.76 -6.82
CA VAL L 229 -25.38 -57.35 -7.02
C VAL L 229 -25.65 -57.16 -8.53
N PRO L 230 -26.87 -57.52 -8.98
CA PRO L 230 -27.27 -57.26 -10.34
C PRO L 230 -27.59 -55.74 -10.51
N ILE L 231 -27.00 -55.14 -11.53
CA ILE L 231 -27.10 -53.72 -11.76
C ILE L 231 -27.62 -53.45 -13.18
N ALA L 232 -28.67 -52.63 -13.29
CA ALA L 232 -29.14 -52.14 -14.58
C ALA L 232 -29.30 -53.25 -15.61
N THR L 233 -30.23 -54.16 -15.36
CA THR L 233 -30.23 -55.40 -16.11
C THR L 233 -31.62 -56.02 -16.16
N SER L 234 -31.77 -57.18 -16.81
CA SER L 234 -33.02 -57.93 -16.69
C SER L 234 -32.93 -59.42 -16.48
N CYS L 235 -34.04 -60.02 -16.10
CA CYS L 235 -34.20 -61.46 -15.95
C CYS L 235 -34.39 -62.24 -17.22
N ARG L 236 -34.71 -61.57 -18.32
CA ARG L 236 -35.01 -62.22 -19.58
C ARG L 236 -34.98 -61.21 -20.74
N GLN L 237 -34.65 -61.65 -21.95
CA GLN L 237 -34.80 -60.80 -23.12
C GLN L 237 -36.22 -60.18 -23.21
N SER L 238 -36.28 -58.89 -23.51
CA SER L 238 -37.57 -58.22 -23.72
C SER L 238 -37.70 -57.88 -25.22
N GLY L 239 -38.93 -57.74 -25.71
CA GLY L 239 -39.18 -57.29 -27.10
C GLY L 239 -38.46 -56.01 -27.38
N TRP L 240 -38.53 -55.08 -26.41
CA TRP L 240 -37.88 -53.75 -26.50
C TRP L 240 -36.39 -53.87 -26.79
N CYS L 241 -35.68 -54.58 -25.92
CA CYS L 241 -34.21 -54.76 -26.13
C CYS L 241 -33.88 -55.55 -27.36
N ALA L 242 -34.64 -56.59 -27.63
CA ALA L 242 -34.40 -57.33 -28.86
C ALA L 242 -34.43 -56.44 -30.09
N ALA L 243 -35.40 -55.51 -30.10
CA ALA L 243 -35.64 -54.63 -31.25
C ALA L 243 -34.50 -53.67 -31.41
N TRP L 244 -34.06 -53.10 -30.28
CA TRP L 244 -32.91 -52.19 -30.35
C TRP L 244 -31.61 -52.83 -30.83
N PHE L 245 -31.29 -54.02 -30.33
CA PHE L 245 -30.05 -54.68 -30.77
C PHE L 245 -30.11 -55.32 -32.13
N GLU L 246 -31.31 -55.81 -32.48
CA GLU L 246 -31.55 -56.26 -33.86
C GLU L 246 -31.40 -55.10 -34.83
N THR L 247 -31.99 -53.97 -34.49
CA THR L 247 -31.77 -52.75 -35.33
C THR L 247 -30.29 -52.52 -35.52
N GLN L 248 -29.54 -52.56 -34.42
CA GLN L 248 -28.10 -52.33 -34.49
C GLN L 248 -27.39 -53.38 -35.33
N ARG L 249 -27.73 -54.65 -35.18
CA ARG L 249 -27.13 -55.65 -36.05
C ARG L 249 -27.45 -55.42 -37.52
N GLN L 250 -28.71 -55.06 -37.81
CA GLN L 250 -29.09 -54.82 -39.21
C GLN L 250 -28.28 -53.69 -39.83
N CYS L 251 -27.85 -52.71 -39.04
CA CYS L 251 -26.92 -51.71 -39.58
C CYS L 251 -25.69 -52.35 -40.14
N ILE L 252 -25.23 -53.41 -39.46
CA ILE L 252 -24.00 -54.07 -39.85
C ILE L 252 -24.29 -55.00 -41.05
N TYR L 253 -25.37 -55.77 -40.95
CA TYR L 253 -25.78 -56.64 -42.06
C TYR L 253 -25.90 -55.89 -43.38
N ASP L 254 -26.41 -54.66 -43.33
CA ASP L 254 -26.66 -53.91 -44.54
C ASP L 254 -25.41 -53.22 -45.05
N ASP L 255 -24.32 -53.23 -44.29
CA ASP L 255 -23.12 -52.54 -44.74
C ASP L 255 -22.49 -53.45 -45.80
N PRO L 256 -22.33 -52.96 -47.05
CA PRO L 256 -21.82 -53.83 -48.12
C PRO L 256 -20.40 -54.35 -47.89
N LYS L 257 -19.66 -53.77 -46.93
CA LYS L 257 -18.32 -54.28 -46.57
C LYS L 257 -18.37 -55.49 -45.64
N TYR L 258 -19.54 -55.78 -45.09
CA TYR L 258 -19.73 -56.90 -44.19
C TYR L 258 -19.49 -58.22 -44.90
N LEU L 259 -20.00 -58.35 -46.12
CA LEU L 259 -19.75 -59.53 -46.94
C LEU L 259 -20.17 -60.79 -46.20
N ASP L 260 -21.27 -60.72 -45.47
CA ASP L 260 -21.81 -61.91 -44.83
C ASP L 260 -20.97 -62.43 -43.68
N GLY L 261 -20.11 -61.56 -43.17
CA GLY L 261 -19.26 -61.94 -42.06
C GLY L 261 -17.86 -62.29 -42.51
N GLU L 262 -17.62 -62.26 -43.82
CA GLU L 262 -16.38 -62.76 -44.41
C GLU L 262 -15.44 -61.61 -44.70
N TYR L 263 -15.78 -60.42 -44.26
CA TYR L 263 -14.93 -59.25 -44.43
C TYR L 263 -13.51 -59.56 -43.95
N ASP L 264 -12.53 -58.92 -44.60
CA ASP L 264 -11.15 -59.07 -44.18
C ASP L 264 -11.00 -58.19 -42.92
N VAL L 265 -10.27 -58.70 -41.93
CA VAL L 265 -10.15 -58.06 -40.61
C VAL L 265 -9.67 -56.59 -40.59
N ASP L 266 -8.97 -56.14 -41.63
CA ASP L 266 -8.55 -54.73 -41.69
C ASP L 266 -9.35 -53.96 -42.76
N ASP L 267 -10.55 -54.47 -43.06
CA ASP L 267 -11.51 -53.77 -43.90
C ASP L 267 -12.91 -54.05 -43.35
N GLN L 268 -13.11 -53.67 -42.09
CA GLN L 268 -14.36 -53.92 -41.34
C GLN L 268 -15.53 -53.19 -41.99
N PRO L 269 -16.77 -53.65 -41.73
CA PRO L 269 -17.95 -52.81 -42.00
C PRO L 269 -18.05 -51.65 -40.99
N VAL L 270 -17.19 -50.65 -41.19
CA VAL L 270 -17.01 -49.58 -40.25
C VAL L 270 -18.22 -48.67 -40.09
N ARG L 271 -18.89 -48.34 -41.21
CA ARG L 271 -20.11 -47.50 -41.17
C ARG L 271 -21.19 -48.17 -40.41
N GLY L 272 -21.40 -49.46 -40.68
CA GLY L 272 -22.40 -50.24 -39.96
C GLY L 272 -22.13 -50.24 -38.47
N LEU L 273 -20.87 -50.50 -38.10
CA LEU L 273 -20.48 -50.57 -36.72
C LEU L 273 -20.70 -49.26 -36.01
N GLU L 274 -20.18 -48.17 -36.59
CA GLU L 274 -20.45 -46.80 -36.13
C GLU L 274 -21.91 -46.58 -35.83
N THR L 275 -22.73 -46.85 -36.84
CA THR L 275 -24.14 -46.60 -36.74
C THR L 275 -24.74 -47.42 -35.63
N ALA L 276 -24.41 -48.71 -35.58
CA ALA L 276 -24.86 -49.56 -34.46
C ALA L 276 -24.52 -48.90 -33.15
N ARG L 277 -23.31 -48.35 -33.07
CA ARG L 277 -22.80 -47.79 -31.81
C ARG L 277 -23.43 -46.44 -31.40
N LYS L 278 -23.67 -45.51 -32.37
CA LYS L 278 -24.46 -44.28 -32.11
C LYS L 278 -25.82 -44.60 -31.50
N ILE L 279 -26.54 -45.56 -32.10
CA ILE L 279 -27.85 -45.95 -31.62
C ILE L 279 -27.70 -46.45 -30.21
N ALA L 280 -26.79 -47.41 -30.00
CA ALA L 280 -26.63 -47.98 -28.64
C ALA L 280 -26.27 -46.90 -27.65
N ASN L 281 -25.33 -46.01 -28.01
CA ASN L 281 -24.96 -44.92 -27.11
C ASN L 281 -26.14 -44.04 -26.67
N LEU L 282 -27.07 -43.77 -27.58
CA LEU L 282 -28.22 -42.97 -27.24
C LEU L 282 -29.19 -43.73 -26.38
N THR L 283 -29.40 -45.02 -26.64
CA THR L 283 -30.28 -45.81 -25.78
C THR L 283 -29.75 -45.84 -24.36
N TYR L 284 -28.46 -45.53 -24.18
CA TYR L 284 -27.87 -45.57 -22.86
C TYR L 284 -28.07 -44.27 -22.10
N LYS L 285 -28.58 -43.25 -22.77
CA LYS L 285 -28.75 -41.94 -22.21
C LYS L 285 -30.19 -41.72 -21.81
N SER L 286 -30.47 -40.59 -21.17
CA SER L 286 -31.83 -40.22 -20.80
C SER L 286 -32.13 -38.89 -21.45
N LYS L 287 -33.42 -38.55 -21.49
CA LYS L 287 -33.83 -37.26 -22.02
C LYS L 287 -33.20 -36.14 -21.20
N PRO L 288 -33.36 -36.14 -19.87
CA PRO L 288 -32.73 -35.07 -19.08
C PRO L 288 -31.22 -34.97 -19.26
N ALA L 289 -30.51 -36.09 -19.31
CA ALA L 289 -29.07 -36.03 -19.52
C ALA L 289 -28.68 -35.37 -20.84
N MET L 290 -29.30 -35.77 -21.93
CA MET L 290 -29.01 -35.14 -23.22
C MET L 290 -29.47 -33.67 -23.30
N ASP L 291 -30.57 -33.36 -22.62
CA ASP L 291 -31.05 -31.99 -22.58
C ASP L 291 -30.12 -31.06 -21.82
N GLU L 292 -29.47 -31.53 -20.74
CA GLU L 292 -28.51 -30.70 -20.01
C GLU L 292 -27.27 -30.50 -20.82
N ARG L 293 -26.92 -31.49 -21.62
CA ARG L 293 -25.67 -31.44 -22.32
C ARG L 293 -25.74 -30.62 -23.59
N PHE L 294 -26.91 -30.59 -24.23
CA PHE L 294 -27.13 -29.83 -25.47
C PHE L 294 -28.45 -29.07 -25.42
N HIS L 295 -28.39 -27.74 -25.54
CA HIS L 295 -29.62 -26.92 -25.68
C HIS L 295 -29.43 -25.65 -26.52
N MET L 296 -30.52 -24.93 -26.80
CA MET L 296 -30.49 -23.70 -27.60
C MET L 296 -30.17 -22.45 -26.76
N GLY L 327 -20.47 -31.26 -26.27
CA GLY L 327 -20.21 -29.80 -26.38
C GLY L 327 -21.21 -29.02 -25.52
N GLN L 328 -21.96 -28.07 -26.12
CA GLN L 328 -23.21 -27.56 -25.45
C GLN L 328 -24.31 -26.88 -26.32
N PRO L 329 -23.95 -26.18 -27.42
CA PRO L 329 -25.03 -25.82 -28.37
C PRO L 329 -25.51 -27.01 -29.23
N ILE L 330 -26.72 -26.91 -29.79
CA ILE L 330 -27.29 -27.99 -30.64
C ILE L 330 -26.45 -28.34 -31.89
N GLU L 331 -25.72 -27.36 -32.43
CA GLU L 331 -24.71 -27.58 -33.51
C GLU L 331 -23.72 -28.75 -33.20
N ALA L 332 -23.39 -28.91 -31.91
CA ALA L 332 -22.34 -29.80 -31.38
C ALA L 332 -22.75 -31.27 -31.27
N VAL L 333 -24.05 -31.53 -31.35
CA VAL L 333 -24.59 -32.89 -31.29
C VAL L 333 -23.99 -33.76 -32.39
N SER L 334 -23.91 -33.20 -33.58
CA SER L 334 -23.46 -33.95 -34.69
C SER L 334 -22.11 -34.60 -34.38
N SER L 335 -21.12 -33.79 -34.04
CA SER L 335 -19.80 -34.34 -33.82
C SER L 335 -19.67 -35.10 -32.48
N TYR L 336 -20.50 -34.78 -31.49
CA TYR L 336 -20.59 -35.63 -30.30
C TYR L 336 -21.00 -37.07 -30.66
N LEU L 337 -21.95 -37.24 -31.57
CA LEU L 337 -22.40 -38.57 -31.97
C LEU L 337 -21.32 -39.30 -32.79
N ARG L 338 -20.63 -38.60 -33.68
CA ARG L 338 -19.62 -39.21 -34.54
C ARG L 338 -18.35 -39.69 -33.83
N TYR L 339 -17.69 -38.80 -33.10
CA TYR L 339 -16.37 -39.02 -32.49
C TYR L 339 -16.28 -40.35 -31.72
N GLN L 340 -17.14 -40.49 -30.73
CA GLN L 340 -17.35 -41.70 -29.91
C GLN L 340 -17.55 -43.01 -30.69
N ALA L 341 -18.54 -42.97 -31.58
CA ALA L 341 -18.87 -44.10 -32.46
C ALA L 341 -17.71 -44.47 -33.40
N GLN L 342 -17.02 -43.49 -33.98
CA GLN L 342 -15.86 -43.75 -34.82
C GLN L 342 -14.74 -44.43 -34.09
N LYS L 343 -14.35 -43.92 -32.92
CA LYS L 343 -13.26 -44.54 -32.16
C LYS L 343 -13.61 -45.99 -31.77
N PHE L 344 -14.88 -46.24 -31.45
CA PHE L 344 -15.34 -47.59 -31.15
C PHE L 344 -15.28 -48.55 -32.36
N ALA L 345 -15.73 -48.09 -33.53
CA ALA L 345 -15.79 -48.91 -34.73
C ALA L 345 -14.38 -49.23 -35.25
N ALA L 346 -13.43 -48.39 -34.88
CA ALA L 346 -12.03 -48.60 -35.22
C ALA L 346 -11.40 -49.64 -34.29
N SER L 347 -12.02 -49.93 -33.15
CA SER L 347 -11.38 -50.78 -32.19
C SER L 347 -12.33 -51.85 -31.63
N PHE L 348 -13.27 -52.31 -32.44
CA PHE L 348 -14.12 -53.46 -32.06
C PHE L 348 -14.40 -54.23 -33.33
N ASP L 349 -14.84 -55.48 -33.20
CA ASP L 349 -15.04 -56.32 -34.38
C ASP L 349 -16.54 -56.53 -34.67
N ALA L 350 -16.90 -56.44 -35.95
CA ALA L 350 -18.30 -56.50 -36.38
C ALA L 350 -18.92 -57.83 -36.01
N ASN L 351 -18.25 -58.93 -36.40
CA ASN L 351 -18.72 -60.27 -36.04
C ASN L 351 -18.89 -60.49 -34.54
N CYS L 352 -17.99 -59.94 -33.71
CA CYS L 352 -18.15 -60.05 -32.27
C CYS L 352 -19.35 -59.25 -31.80
N TYR L 353 -19.62 -58.13 -32.47
CA TYR L 353 -20.76 -57.31 -32.08
C TYR L 353 -22.03 -58.11 -32.28
N ILE L 354 -22.08 -58.79 -33.41
CA ILE L 354 -23.22 -59.62 -33.70
C ILE L 354 -23.34 -60.75 -32.71
N ALA L 355 -22.24 -61.49 -32.49
CA ALA L 355 -22.24 -62.63 -31.56
C ALA L 355 -22.61 -62.23 -30.13
N MET L 356 -22.06 -61.09 -29.66
CA MET L 356 -22.28 -60.60 -28.30
C MET L 356 -23.73 -60.20 -28.09
N THR L 357 -24.28 -59.39 -29.01
CA THR L 357 -25.66 -58.93 -28.87
C THR L 357 -26.66 -60.08 -29.00
N LEU L 358 -26.36 -61.08 -29.83
CA LEU L 358 -27.23 -62.28 -29.92
C LEU L 358 -27.32 -63.02 -28.62
N LYS L 359 -26.26 -63.03 -27.82
CA LYS L 359 -26.34 -63.59 -26.44
C LYS L 359 -27.55 -63.11 -25.69
N PHE L 360 -27.90 -61.83 -25.86
CA PHE L 360 -29.05 -61.25 -25.17
C PHE L 360 -30.30 -62.08 -25.44
N ASP L 361 -30.44 -62.57 -26.68
CA ASP L 361 -31.68 -63.29 -27.09
C ASP L 361 -31.89 -64.61 -26.37
N THR L 362 -30.79 -65.17 -25.84
CA THR L 362 -30.80 -66.43 -25.12
C THR L 362 -31.12 -66.25 -23.65
N HIS L 363 -31.12 -65.01 -23.19
CA HIS L 363 -31.19 -64.79 -21.74
C HIS L 363 -32.56 -65.03 -21.23
N ASP L 364 -32.67 -65.89 -20.23
CA ASP L 364 -33.96 -66.13 -19.53
C ASP L 364 -33.61 -66.93 -18.32
N ILE L 365 -33.73 -66.37 -17.14
CA ILE L 365 -33.32 -67.12 -15.97
C ILE L 365 -34.26 -68.28 -15.62
N SER L 366 -35.48 -68.25 -16.17
CA SER L 366 -36.51 -69.29 -15.88
C SER L 366 -36.51 -70.50 -16.82
N ARG L 367 -35.87 -70.39 -17.98
CA ARG L 367 -35.83 -71.50 -18.92
C ARG L 367 -35.29 -72.71 -18.21
N GLY L 368 -36.07 -73.78 -18.31
CA GLY L 368 -35.72 -75.08 -17.78
C GLY L 368 -35.77 -75.14 -16.27
N ARG L 369 -36.25 -74.07 -15.63
CA ARG L 369 -36.16 -74.02 -14.14
C ARG L 369 -37.48 -73.73 -13.45
N ALA L 370 -38.29 -72.85 -14.04
CA ALA L 370 -39.57 -72.49 -13.42
C ALA L 370 -40.56 -72.10 -14.48
N GLY L 371 -41.83 -72.00 -14.10
CA GLY L 371 -42.90 -71.66 -15.05
C GLY L 371 -42.98 -70.18 -15.41
N SER L 372 -42.36 -69.33 -14.60
CA SER L 372 -42.42 -67.88 -14.81
C SER L 372 -41.20 -67.20 -14.19
N ILE L 373 -40.96 -65.96 -14.60
CA ILE L 373 -39.86 -65.17 -14.04
C ILE L 373 -40.00 -64.99 -12.52
N PRO L 374 -41.20 -64.60 -12.01
CA PRO L 374 -41.24 -64.47 -10.54
C PRO L 374 -40.91 -65.75 -9.80
N GLU L 375 -41.25 -66.89 -10.39
CA GLU L 375 -41.00 -68.18 -9.74
C GLU L 375 -39.53 -68.47 -9.74
N ALA L 376 -38.89 -68.18 -10.86
CA ALA L 376 -37.45 -68.33 -10.97
C ALA L 376 -36.73 -67.39 -9.99
N LEU L 377 -37.13 -66.13 -9.92
CA LEU L 377 -36.51 -65.21 -8.97
C LEU L 377 -36.61 -65.71 -7.54
N ALA L 378 -37.73 -66.33 -7.19
CA ALA L 378 -37.93 -66.80 -5.80
C ALA L 378 -36.94 -67.91 -5.41
N MET L 379 -36.37 -68.58 -6.40
CA MET L 379 -35.36 -69.59 -6.19
C MET L 379 -33.98 -68.98 -5.87
N ILE L 380 -33.89 -67.64 -5.86
CA ILE L 380 -32.61 -67.00 -5.53
C ILE L 380 -32.59 -66.71 -4.05
N THR L 381 -31.71 -67.40 -3.32
CA THR L 381 -31.73 -67.39 -1.85
C THR L 381 -30.72 -66.43 -1.24
N GLN L 382 -29.69 -66.09 -2.02
CA GLN L 382 -28.66 -65.17 -1.54
C GLN L 382 -29.25 -63.80 -1.25
N PRO L 383 -28.63 -63.06 -0.31
CA PRO L 383 -28.87 -61.60 -0.29
C PRO L 383 -28.55 -60.99 -1.66
N ALA L 384 -29.46 -60.14 -2.14
CA ALA L 384 -29.28 -59.45 -3.41
C ALA L 384 -29.45 -57.94 -3.23
N LEU L 385 -28.60 -57.17 -3.90
CA LEU L 385 -28.75 -55.72 -3.97
C LEU L 385 -28.96 -55.41 -5.42
N ILE L 386 -30.15 -54.93 -5.75
CA ILE L 386 -30.49 -54.56 -7.12
C ILE L 386 -30.31 -53.04 -7.26
N ILE L 387 -29.44 -52.66 -8.17
CA ILE L 387 -29.15 -51.27 -8.40
C ILE L 387 -29.70 -50.85 -9.76
N CYS L 388 -30.50 -49.77 -9.77
CA CYS L 388 -31.08 -49.21 -11.00
C CYS L 388 -31.21 -47.67 -11.02
N ALA L 389 -31.60 -47.17 -12.17
CA ALA L 389 -31.97 -45.78 -12.31
C ALA L 389 -33.36 -45.65 -12.94
N ARG L 390 -34.10 -44.65 -12.46
CA ARG L 390 -35.47 -44.41 -12.85
C ARG L 390 -35.59 -44.21 -14.34
N SER L 391 -34.55 -43.69 -14.95
CA SER L 391 -34.57 -43.19 -16.33
C SER L 391 -33.80 -44.04 -17.31
N ASP L 392 -33.53 -45.28 -16.93
CA ASP L 392 -32.94 -46.29 -17.79
C ASP L 392 -33.92 -46.62 -18.90
N GLY L 393 -33.54 -46.35 -20.15
CA GLY L 393 -34.42 -46.60 -21.25
C GLY L 393 -34.34 -47.99 -21.81
N LEU L 394 -33.43 -48.81 -21.30
CA LEU L 394 -33.28 -50.17 -21.79
C LEU L 394 -33.84 -51.13 -20.80
N TYR L 395 -33.40 -51.07 -19.54
CA TYR L 395 -33.89 -51.98 -18.53
C TYR L 395 -34.71 -51.20 -17.53
N SER L 396 -36.00 -51.49 -17.48
CA SER L 396 -36.94 -50.55 -16.88
C SER L 396 -36.88 -50.59 -15.38
N PHE L 397 -37.15 -49.45 -14.79
CA PHE L 397 -37.42 -49.39 -13.36
C PHE L 397 -38.35 -50.52 -12.89
N ASP L 398 -39.42 -50.74 -13.62
CA ASP L 398 -40.44 -51.72 -13.21
C ASP L 398 -39.91 -53.13 -13.13
N GLU L 399 -39.04 -53.49 -14.07
CA GLU L 399 -38.50 -54.84 -14.04
C GLU L 399 -37.52 -55.04 -12.89
N HIS L 400 -36.90 -53.96 -12.41
CA HIS L 400 -36.04 -54.06 -11.22
C HIS L 400 -36.89 -54.16 -9.98
N VAL L 401 -38.00 -53.41 -9.98
CA VAL L 401 -38.99 -53.50 -8.89
C VAL L 401 -39.49 -54.93 -8.80
N GLU L 402 -39.81 -55.54 -9.94
CA GLU L 402 -40.18 -56.95 -9.95
C GLU L 402 -39.09 -57.85 -9.35
N MET L 403 -37.83 -57.65 -9.75
CA MET L 403 -36.74 -58.46 -9.20
C MET L 403 -36.74 -58.36 -7.70
N GLY L 404 -36.76 -57.13 -7.19
CA GLY L 404 -36.71 -56.93 -5.76
C GLY L 404 -37.87 -57.52 -4.99
N ARG L 405 -39.01 -57.65 -5.62
CA ARG L 405 -40.14 -58.18 -4.91
C ARG L 405 -40.09 -59.72 -4.84
N SER L 406 -39.70 -60.39 -5.92
CA SER L 406 -39.68 -61.86 -5.96
C SER L 406 -38.40 -62.54 -5.46
N ILE L 407 -37.29 -61.81 -5.37
CA ILE L 407 -36.07 -62.36 -4.75
C ILE L 407 -36.26 -62.16 -3.24
N PRO L 408 -36.38 -63.27 -2.47
CA PRO L 408 -36.80 -63.18 -1.06
C PRO L 408 -35.92 -62.29 -0.18
N ASN L 409 -34.59 -62.38 -0.27
CA ASN L 409 -33.72 -61.50 0.54
C ASN L 409 -33.06 -60.41 -0.30
N SER L 410 -33.83 -59.41 -0.74
CA SER L 410 -33.31 -58.41 -1.68
C SER L 410 -33.57 -57.00 -1.22
N ARG L 411 -32.62 -56.12 -1.50
CA ARG L 411 -32.86 -54.70 -1.30
C ARG L 411 -32.79 -54.01 -2.67
N LEU L 412 -33.75 -53.14 -2.97
CA LEU L 412 -33.70 -52.33 -4.18
C LEU L 412 -33.01 -51.00 -3.94
N CYS L 413 -32.00 -50.69 -4.75
CA CYS L 413 -31.30 -49.45 -4.58
C CYS L 413 -31.50 -48.63 -5.83
N VAL L 414 -32.25 -47.55 -5.68
CA VAL L 414 -32.47 -46.64 -6.78
C VAL L 414 -31.51 -45.47 -6.68
N VAL L 415 -30.63 -45.35 -7.67
CA VAL L 415 -29.61 -44.30 -7.64
C VAL L 415 -30.28 -42.97 -7.87
N ASP L 416 -29.94 -41.98 -7.05
CA ASP L 416 -30.44 -40.64 -7.23
C ASP L 416 -29.65 -39.98 -8.36
N THR L 417 -30.22 -40.03 -9.56
CA THR L 417 -29.59 -39.52 -10.77
C THR L 417 -30.67 -39.29 -11.80
N ASN L 418 -30.38 -38.46 -12.80
CA ASN L 418 -31.26 -38.30 -13.94
C ASN L 418 -30.60 -38.95 -15.18
N GLU L 419 -29.58 -39.78 -14.95
CA GLU L 419 -28.75 -40.27 -16.02
C GLU L 419 -29.26 -41.35 -16.97
N GLY L 420 -30.12 -42.27 -16.69
CA GLY L 420 -30.29 -43.20 -17.82
C GLY L 420 -29.34 -44.39 -17.75
N HIS L 421 -29.34 -45.27 -18.76
CA HIS L 421 -28.77 -46.62 -18.58
C HIS L 421 -27.30 -46.64 -18.14
N ASP L 422 -26.52 -45.71 -18.67
CA ASP L 422 -25.11 -45.64 -18.34
C ASP L 422 -24.83 -44.92 -17.01
N PHE L 423 -25.83 -44.80 -16.15
CA PHE L 423 -25.63 -44.18 -14.88
C PHE L 423 -24.58 -44.93 -14.07
N PHE L 424 -24.46 -46.24 -14.31
CA PHE L 424 -23.59 -47.04 -13.46
C PHE L 424 -22.14 -46.66 -13.74
N VAL L 425 -21.93 -45.99 -14.87
CA VAL L 425 -20.64 -45.46 -15.19
C VAL L 425 -20.55 -43.97 -14.86
N MET L 426 -21.60 -43.21 -15.20
CA MET L 426 -21.63 -41.76 -14.99
C MET L 426 -21.68 -41.43 -13.51
N GLU L 427 -22.36 -42.27 -12.73
CA GLU L 427 -22.46 -42.10 -11.26
C GLU L 427 -21.72 -43.25 -10.54
N ALA L 428 -20.51 -43.57 -11.01
CA ALA L 428 -19.73 -44.69 -10.45
C ALA L 428 -19.53 -44.62 -8.93
N ASP L 429 -19.31 -43.43 -8.38
CA ASP L 429 -19.14 -43.25 -6.96
C ASP L 429 -20.33 -43.69 -6.17
N LYS L 430 -21.53 -43.40 -6.65
CA LYS L 430 -22.74 -43.79 -5.97
C LYS L 430 -22.95 -45.27 -6.01
N VAL L 431 -22.55 -45.87 -7.11
CA VAL L 431 -22.61 -47.31 -7.25
C VAL L 431 -21.59 -47.94 -6.30
N ASN L 432 -20.39 -47.36 -6.27
CA ASN L 432 -19.37 -47.82 -5.38
C ASN L 432 -19.84 -47.88 -3.96
N ASP L 433 -20.45 -46.80 -3.49
CA ASP L 433 -20.87 -46.71 -2.11
C ASP L 433 -21.92 -47.76 -1.84
N ALA L 434 -22.86 -47.91 -2.77
CA ALA L 434 -23.92 -48.90 -2.57
C ALA L 434 -23.33 -50.33 -2.51
N VAL L 435 -22.40 -50.63 -3.41
CA VAL L 435 -21.81 -51.95 -3.45
C VAL L 435 -20.98 -52.20 -2.16
N ARG L 436 -20.06 -51.28 -1.84
CA ARG L 436 -19.28 -51.40 -0.63
C ARG L 436 -20.14 -51.57 0.60
N GLY L 437 -21.19 -50.77 0.74
CA GLY L 437 -22.08 -50.89 1.90
C GLY L 437 -22.66 -52.31 2.06
N PHE L 438 -23.11 -52.85 0.92
CA PHE L 438 -23.72 -54.15 0.87
C PHE L 438 -22.71 -55.26 1.20
N LEU L 439 -21.52 -55.18 0.63
CA LEU L 439 -20.49 -56.15 0.89
C LEU L 439 -19.98 -56.11 2.34
N ASP L 440 -20.15 -54.96 3.00
CA ASP L 440 -19.70 -54.78 4.41
C ASP L 440 -20.68 -55.34 5.45
N GLN L 441 -21.99 -55.35 5.13
CA GLN L 441 -23.02 -55.90 6.04
C GLN L 441 -22.60 -57.15 6.85
#